data_6LCI
#
_entry.id   6LCI
#
_entity_poly.entity_id   1
_entity_poly.type   'polypeptide(L)'
_entity_poly.pdbx_seq_one_letter_code
;MAAAMFEKSEKFPEGWFFIKNNSNGYVLMVDNESQESGSPIVLATLRTKDYASQLWRHDPSGYLVNKKSGQVMDIAKGTP
KAGVDIVQQTQAGSNVKDDLNFQKFGLSPYGHIYLANKPSLILGIKESFFARREGLHVHLQLVDKRHLDRKEQRWDFVLP
VVKEASAEPLKRSASSSTVKSTTASIKVPAVAQIKEDDLEHHHHHH
;
_entity_poly.pdbx_strand_id   A
#
# COMPACT_ATOMS: atom_id res chain seq x y z
N MET A 1 -9.24 13.66 17.88
CA MET A 1 -7.98 13.72 17.08
C MET A 1 -8.00 12.75 15.93
N ALA A 2 -9.02 11.88 15.89
CA ALA A 2 -9.11 10.91 14.82
C ALA A 2 -10.56 10.58 14.66
N ALA A 3 -10.95 10.17 13.44
CA ALA A 3 -12.32 9.82 13.18
C ALA A 3 -12.31 8.81 12.09
N ALA A 4 -13.38 7.99 12.01
CA ALA A 4 -13.44 6.98 10.98
C ALA A 4 -14.88 6.85 10.58
N MET A 5 -15.11 6.63 9.27
CA MET A 5 -16.46 6.49 8.77
C MET A 5 -16.47 5.32 7.83
N PHE A 6 -15.34 4.58 7.76
CA PHE A 6 -15.26 3.46 6.87
C PHE A 6 -15.42 2.21 7.70
N GLU A 7 -16.65 2.00 8.22
CA GLU A 7 -16.91 0.83 9.03
C GLU A 7 -16.99 -0.37 8.13
N LYS A 8 -17.31 -0.14 6.84
CA LYS A 8 -17.41 -1.22 5.90
C LYS A 8 -16.06 -1.46 5.30
N SER A 9 -15.76 -2.72 4.95
CA SER A 9 -14.47 -3.04 4.37
C SER A 9 -14.72 -4.16 3.40
N GLU A 10 -14.05 -4.08 2.22
CA GLU A 10 -14.20 -5.10 1.21
C GLU A 10 -12.84 -5.73 1.04
N LYS A 11 -12.80 -6.84 0.29
CA LYS A 11 -11.56 -7.53 0.08
C LYS A 11 -10.91 -7.00 -1.15
N PHE A 12 -9.59 -7.25 -1.25
CA PHE A 12 -8.84 -6.81 -2.39
C PHE A 12 -9.01 -7.84 -3.47
N PRO A 13 -8.74 -7.46 -4.70
CA PRO A 13 -8.88 -8.37 -5.83
C PRO A 13 -8.06 -9.61 -5.67
N GLU A 14 -8.63 -10.77 -6.09
CA GLU A 14 -7.94 -12.02 -5.94
C GLU A 14 -7.01 -12.19 -7.10
N GLY A 15 -5.95 -13.00 -6.86
CA GLY A 15 -4.98 -13.26 -7.89
C GLY A 15 -3.95 -12.17 -7.83
N TRP A 16 -3.15 -12.06 -8.91
CA TRP A 16 -2.12 -11.06 -8.97
C TRP A 16 -2.79 -9.77 -9.37
N PHE A 17 -2.30 -8.62 -8.87
CA PHE A 17 -2.90 -7.37 -9.21
C PHE A 17 -1.88 -6.31 -9.02
N PHE A 18 -2.12 -5.14 -9.63
CA PHE A 18 -1.18 -4.04 -9.55
C PHE A 18 -1.88 -2.90 -8.86
N ILE A 19 -1.19 -2.24 -7.91
CA ILE A 19 -1.78 -1.11 -7.23
C ILE A 19 -1.18 0.09 -7.89
N LYS A 20 -1.98 0.79 -8.72
CA LYS A 20 -1.48 1.91 -9.45
C LYS A 20 -1.99 3.17 -8.82
N ASN A 21 -1.05 4.11 -8.56
CA ASN A 21 -1.41 5.39 -8.00
C ASN A 21 -1.88 6.19 -9.19
N ASN A 22 -3.15 6.64 -9.16
CA ASN A 22 -3.73 7.35 -10.29
C ASN A 22 -2.99 8.65 -10.57
N SER A 23 -2.45 9.31 -9.52
CA SER A 23 -1.80 10.59 -9.74
C SER A 23 -0.57 10.45 -10.58
N ASN A 24 0.24 9.41 -10.33
CA ASN A 24 1.47 9.27 -11.08
C ASN A 24 1.30 8.25 -12.17
N GLY A 25 0.31 7.34 -12.03
CA GLY A 25 0.11 6.33 -13.05
C GLY A 25 1.18 5.28 -12.87
N TYR A 26 1.79 5.24 -11.66
CA TYR A 26 2.84 4.29 -11.37
C TYR A 26 2.29 3.28 -10.41
N VAL A 27 2.97 2.12 -10.29
CA VAL A 27 2.48 1.07 -9.41
C VAL A 27 3.50 0.86 -8.33
N LEU A 28 3.02 0.36 -7.17
CA LEU A 28 3.86 0.12 -6.02
C LEU A 28 4.92 -0.89 -6.37
N MET A 29 6.16 -0.55 -5.96
CA MET A 29 7.28 -1.41 -6.22
C MET A 29 8.16 -1.23 -5.01
N VAL A 30 9.16 -2.11 -4.80
CA VAL A 30 10.05 -1.90 -3.68
C VAL A 30 10.88 -0.69 -4.03
N ASP A 31 11.78 -0.25 -3.14
CA ASP A 31 12.56 0.95 -3.40
C ASP A 31 13.29 0.86 -4.73
N ASN A 32 13.98 -0.26 -4.99
CA ASN A 32 14.71 -0.37 -6.23
C ASN A 32 15.27 -1.76 -6.35
N GLU A 33 14.39 -2.75 -6.65
CA GLU A 33 14.82 -4.13 -6.80
C GLU A 33 15.61 -4.55 -5.59
N SER A 34 15.10 -4.20 -4.39
CA SER A 34 15.79 -4.53 -3.17
C SER A 34 15.08 -5.69 -2.57
N GLN A 35 15.81 -6.82 -2.43
CA GLN A 35 15.23 -7.99 -1.85
C GLN A 35 15.54 -7.97 -0.38
N GLU A 36 16.28 -6.92 0.06
CA GLU A 36 16.62 -6.83 1.46
C GLU A 36 15.43 -6.28 2.19
N SER A 37 15.19 -6.80 3.41
CA SER A 37 14.06 -6.38 4.20
C SER A 37 14.37 -5.03 4.79
N GLY A 38 13.32 -4.21 4.98
CA GLY A 38 13.51 -2.89 5.55
C GLY A 38 13.60 -1.89 4.45
N SER A 39 13.38 -2.33 3.19
CA SER A 39 13.47 -1.40 2.09
C SER A 39 12.13 -0.73 1.97
N PRO A 40 12.15 0.57 1.74
CA PRO A 40 10.92 1.34 1.61
C PRO A 40 10.17 1.01 0.35
N ILE A 41 8.85 1.24 0.36
CA ILE A 41 8.05 0.94 -0.80
C ILE A 41 7.94 2.22 -1.59
N VAL A 42 8.18 2.16 -2.93
CA VAL A 42 8.14 3.37 -3.73
C VAL A 42 7.35 3.07 -4.98
N LEU A 43 7.00 4.15 -5.73
CA LEU A 43 6.23 3.98 -6.93
C LEU A 43 7.16 3.94 -8.10
N ALA A 44 6.82 3.09 -9.10
CA ALA A 44 7.65 2.96 -10.26
C ALA A 44 6.73 2.69 -11.43
N THR A 45 7.14 3.11 -12.64
CA THR A 45 6.32 2.87 -13.82
C THR A 45 6.23 1.40 -14.05
N LEU A 46 5.13 0.98 -14.69
CA LEU A 46 4.90 -0.41 -14.97
C LEU A 46 6.02 -0.93 -15.84
N ARG A 47 6.47 -2.16 -15.55
CA ARG A 47 7.54 -2.77 -16.30
C ARG A 47 6.94 -3.83 -17.16
N THR A 48 7.41 -3.91 -18.41
CA THR A 48 6.93 -4.89 -19.34
C THR A 48 7.35 -6.24 -18.83
N LYS A 49 8.54 -6.29 -18.20
CA LYS A 49 9.05 -7.55 -17.71
C LYS A 49 9.61 -7.31 -16.34
N ASP A 50 9.77 -8.41 -15.55
CA ASP A 50 10.30 -8.30 -14.22
C ASP A 50 9.40 -7.41 -13.40
N TYR A 51 8.07 -7.59 -13.58
CA TYR A 51 7.11 -6.78 -12.87
C TYR A 51 6.60 -7.57 -11.70
N ALA A 52 7.31 -8.66 -11.34
CA ALA A 52 6.89 -9.48 -10.21
C ALA A 52 6.96 -8.66 -8.96
N SER A 53 7.94 -7.73 -8.89
CA SER A 53 8.12 -6.89 -7.74
C SER A 53 7.01 -5.88 -7.69
N GLN A 54 6.26 -5.74 -8.80
CA GLN A 54 5.17 -4.80 -8.83
C GLN A 54 3.90 -5.58 -8.65
N LEU A 55 4.02 -6.91 -8.44
CA LEU A 55 2.85 -7.73 -8.24
C LEU A 55 2.66 -7.94 -6.78
N TRP A 56 1.41 -7.75 -6.34
CA TRP A 56 1.07 -7.90 -4.96
C TRP A 56 -0.08 -8.86 -4.91
N ARG A 57 -0.24 -9.60 -3.79
CA ARG A 57 -1.31 -10.54 -3.70
C ARG A 57 -1.93 -10.36 -2.36
N HIS A 58 -3.24 -10.63 -2.26
CA HIS A 58 -3.95 -10.46 -1.04
C HIS A 58 -4.06 -11.81 -0.38
N ASP A 59 -3.41 -11.96 0.80
CA ASP A 59 -3.48 -13.22 1.48
C ASP A 59 -4.77 -13.22 2.27
N PRO A 60 -5.28 -14.41 2.55
CA PRO A 60 -6.52 -14.56 3.32
C PRO A 60 -6.46 -13.96 4.68
N SER A 61 -5.24 -13.72 5.20
CA SER A 61 -5.08 -13.16 6.51
C SER A 61 -5.46 -11.70 6.45
N GLY A 62 -5.51 -11.13 5.21
CA GLY A 62 -5.89 -9.74 5.08
C GLY A 62 -4.68 -8.90 4.81
N TYR A 63 -3.54 -9.52 4.43
CA TYR A 63 -2.35 -8.73 4.17
C TYR A 63 -2.00 -8.82 2.71
N LEU A 64 -1.22 -7.81 2.23
CA LEU A 64 -0.81 -7.79 0.84
C LEU A 64 0.64 -8.17 0.83
N VAL A 65 0.97 -9.21 0.05
CA VAL A 65 2.33 -9.71 0.01
C VAL A 65 2.90 -9.47 -1.36
N ASN A 66 4.18 -9.03 -1.41
CA ASN A 66 4.83 -8.78 -2.67
C ASN A 66 5.17 -10.12 -3.23
N LYS A 67 4.85 -10.35 -4.52
CA LYS A 67 5.10 -11.64 -5.15
C LYS A 67 6.58 -11.95 -5.18
N LYS A 68 7.42 -10.97 -5.52
CA LYS A 68 8.83 -11.22 -5.66
C LYS A 68 9.50 -11.29 -4.31
N SER A 69 9.30 -10.25 -3.48
CA SER A 69 9.96 -10.22 -2.20
C SER A 69 9.39 -11.29 -1.33
N GLY A 70 8.06 -11.50 -1.38
CA GLY A 70 7.45 -12.48 -0.54
C GLY A 70 7.27 -11.83 0.80
N GLN A 71 7.61 -10.51 0.84
CA GLN A 71 7.50 -9.76 2.05
C GLN A 71 6.22 -9.00 1.98
N VAL A 72 5.77 -8.49 3.15
CA VAL A 72 4.51 -7.80 3.22
C VAL A 72 4.77 -6.38 3.59
N MET A 73 3.83 -5.49 3.20
CA MET A 73 3.95 -4.08 3.49
C MET A 73 3.83 -3.93 4.97
N ASP A 74 4.68 -3.08 5.59
CA ASP A 74 4.61 -2.91 7.01
C ASP A 74 5.12 -1.54 7.33
N ILE A 75 4.98 -1.13 8.60
CA ILE A 75 5.42 0.18 9.00
C ILE A 75 6.86 0.08 9.40
N ALA A 76 7.64 1.13 9.06
CA ALA A 76 9.04 1.16 9.38
C ALA A 76 9.22 1.27 10.86
N LYS A 77 8.39 2.14 11.49
CA LYS A 77 8.47 2.34 12.92
C LYS A 77 7.94 1.15 13.63
N GLY A 78 6.94 0.49 13.03
CA GLY A 78 6.34 -0.65 13.66
C GLY A 78 5.20 -0.12 14.47
N THR A 79 5.15 1.23 14.57
CA THR A 79 4.10 1.89 15.31
C THR A 79 3.39 2.75 14.31
N PRO A 80 2.09 2.58 14.19
CA PRO A 80 1.32 3.36 13.23
C PRO A 80 1.17 4.79 13.63
N LYS A 81 1.73 5.70 12.81
CA LYS A 81 1.64 7.10 13.09
C LYS A 81 1.32 7.76 11.81
N ALA A 82 0.82 9.00 11.90
CA ALA A 82 0.50 9.72 10.69
C ALA A 82 1.80 10.16 10.09
N GLY A 83 1.95 9.90 8.78
CA GLY A 83 3.17 10.29 8.10
C GLY A 83 4.22 9.22 8.28
N VAL A 84 3.85 8.05 8.86
CA VAL A 84 4.84 7.00 9.05
C VAL A 84 5.15 6.39 7.70
N ASP A 85 6.44 6.02 7.48
CA ASP A 85 6.85 5.45 6.22
C ASP A 85 6.48 3.99 6.18
N ILE A 86 6.30 3.45 4.95
CA ILE A 86 5.95 2.07 4.77
C ILE A 86 7.12 1.37 4.14
N VAL A 87 7.56 0.26 4.78
CA VAL A 87 8.68 -0.50 4.28
C VAL A 87 8.26 -1.95 4.24
N GLN A 88 8.98 -2.79 3.47
CA GLN A 88 8.63 -4.18 3.40
C GLN A 88 9.27 -4.90 4.56
N GLN A 89 8.52 -5.84 5.19
CA GLN A 89 9.06 -6.57 6.31
C GLN A 89 8.58 -7.99 6.21
N THR A 90 9.18 -8.88 7.04
CA THR A 90 8.83 -10.28 7.05
C THR A 90 7.39 -10.41 7.46
N GLN A 91 6.73 -11.46 6.95
CA GLN A 91 5.33 -11.69 7.25
C GLN A 91 5.22 -12.10 8.70
N ALA A 92 4.06 -11.77 9.32
CA ALA A 92 3.85 -12.11 10.71
C ALA A 92 3.55 -13.58 10.78
N GLY A 93 3.80 -14.18 11.96
CA GLY A 93 3.55 -15.59 12.15
C GLY A 93 2.12 -15.75 12.54
N SER A 94 1.76 -16.96 13.02
CA SER A 94 0.41 -17.24 13.41
C SER A 94 0.23 -16.84 14.85
N ASN A 95 1.25 -16.18 15.45
CA ASN A 95 1.16 -15.78 16.83
C ASN A 95 0.66 -14.38 16.89
N VAL A 96 0.26 -13.83 15.72
CA VAL A 96 -0.26 -12.49 15.68
C VAL A 96 -1.66 -12.56 15.17
N LYS A 97 -2.62 -12.03 15.96
CA LYS A 97 -3.98 -12.02 15.57
C LYS A 97 -4.10 -11.10 14.38
N ASP A 98 -4.98 -11.45 13.42
CA ASP A 98 -5.15 -10.64 12.25
C ASP A 98 -5.73 -9.30 12.65
N ASP A 99 -6.39 -9.24 13.83
CA ASP A 99 -7.00 -8.01 14.26
C ASP A 99 -6.02 -7.24 15.08
N LEU A 100 -4.84 -7.82 15.30
CA LEU A 100 -3.82 -7.16 16.07
C LEU A 100 -2.65 -6.98 15.16
N ASN A 101 -2.88 -7.26 13.86
CA ASN A 101 -1.82 -7.14 12.89
C ASN A 101 -2.00 -5.82 12.19
N PHE A 102 -0.88 -5.14 11.94
CA PHE A 102 -0.92 -3.86 11.28
C PHE A 102 -0.77 -4.08 9.80
N GLN A 103 -0.47 -5.34 9.39
CA GLN A 103 -0.28 -5.63 7.99
C GLN A 103 -1.65 -5.82 7.36
N LYS A 104 -2.71 -5.84 8.20
CA LYS A 104 -4.04 -6.00 7.69
C LYS A 104 -4.51 -4.68 7.13
N PHE A 105 -5.03 -4.70 5.88
CA PHE A 105 -5.50 -3.49 5.26
C PHE A 105 -6.93 -3.69 4.86
N GLY A 106 -7.68 -2.58 4.75
CA GLY A 106 -9.07 -2.65 4.37
C GLY A 106 -9.21 -1.93 3.07
N LEU A 107 -10.22 -2.30 2.27
CA LEU A 107 -10.41 -1.68 0.98
C LEU A 107 -11.85 -1.28 0.87
N SER A 108 -12.11 0.01 0.58
CA SER A 108 -13.47 0.47 0.42
C SER A 108 -13.82 0.34 -1.05
N PRO A 109 -15.11 0.31 -1.34
CA PRO A 109 -15.59 0.22 -2.72
C PRO A 109 -15.15 1.37 -3.57
N TYR A 110 -14.77 2.49 -2.92
CA TYR A 110 -14.33 3.67 -3.63
C TYR A 110 -12.93 3.44 -4.14
N GLY A 111 -12.25 2.39 -3.64
CA GLY A 111 -10.91 2.10 -4.09
C GLY A 111 -9.91 2.70 -3.14
N HIS A 112 -10.38 3.23 -1.99
CA HIS A 112 -9.46 3.80 -1.03
C HIS A 112 -8.92 2.68 -0.20
N ILE A 113 -7.61 2.72 0.10
CA ILE A 113 -6.98 1.69 0.89
C ILE A 113 -6.66 2.29 2.21
N TYR A 114 -7.14 1.67 3.30
CA TYR A 114 -6.90 2.18 4.63
C TYR A 114 -6.54 1.01 5.48
N LEU A 115 -6.18 1.29 6.75
CA LEU A 115 -5.82 0.21 7.64
C LEU A 115 -7.11 -0.29 8.21
N ALA A 116 -7.17 -1.60 8.49
CA ALA A 116 -8.38 -2.18 9.02
C ALA A 116 -8.53 -1.75 10.46
N ASN A 117 -7.42 -1.37 11.13
CA ASN A 117 -7.50 -0.98 12.52
C ASN A 117 -7.45 0.52 12.63
N LYS A 118 -6.94 1.21 11.59
CA LYS A 118 -6.87 2.64 11.63
C LYS A 118 -7.36 3.15 10.31
N PRO A 119 -8.67 3.26 10.21
CA PRO A 119 -9.31 3.73 8.99
C PRO A 119 -9.02 5.16 8.68
N SER A 120 -8.39 5.88 9.63
CA SER A 120 -8.10 7.27 9.40
C SER A 120 -6.80 7.34 8.67
N LEU A 121 -6.03 6.22 8.65
CA LEU A 121 -4.75 6.21 7.98
C LEU A 121 -4.96 5.50 6.67
N ILE A 122 -4.47 6.13 5.59
CA ILE A 122 -4.61 5.55 4.27
C ILE A 122 -3.30 5.66 3.59
N LEU A 123 -3.15 4.94 2.45
CA LEU A 123 -1.91 4.98 1.72
C LEU A 123 -1.91 6.23 0.88
N GLY A 124 -0.76 6.92 0.84
CA GLY A 124 -0.66 8.13 0.07
C GLY A 124 0.79 8.35 -0.24
N ILE A 125 1.09 9.40 -1.02
CA ILE A 125 2.44 9.69 -1.40
C ILE A 125 2.68 11.15 -1.15
N LYS A 126 3.97 11.54 -1.04
CA LYS A 126 4.30 12.92 -0.81
C LYS A 126 5.19 13.34 -1.93
N GLU A 127 5.08 14.62 -2.33
CA GLU A 127 5.89 15.13 -3.42
C GLU A 127 7.32 15.18 -2.97
N SER A 128 8.26 15.15 -3.95
CA SER A 128 9.66 15.19 -3.62
C SER A 128 10.13 16.58 -3.94
N PHE A 129 11.32 16.95 -3.42
CA PHE A 129 11.86 18.28 -3.65
C PHE A 129 12.14 18.44 -5.11
N PHE A 130 12.61 17.37 -5.78
CA PHE A 130 12.91 17.45 -7.19
C PHE A 130 11.73 16.90 -7.93
N ALA A 131 10.66 16.60 -7.19
CA ALA A 131 9.44 16.06 -7.76
C ALA A 131 9.76 14.87 -8.62
N ARG A 132 10.58 13.94 -8.10
CA ARG A 132 10.94 12.76 -8.85
C ARG A 132 9.82 11.77 -8.66
N ARG A 133 9.03 11.54 -9.74
CA ARG A 133 7.92 10.62 -9.67
C ARG A 133 8.43 9.20 -9.64
N GLU A 134 9.67 8.98 -10.10
CA GLU A 134 10.22 7.65 -10.12
C GLU A 134 10.94 7.48 -8.83
N GLY A 135 10.21 6.98 -7.83
CA GLY A 135 10.81 6.77 -6.54
C GLY A 135 9.95 7.39 -5.48
N LEU A 136 8.73 7.88 -5.83
CA LEU A 136 7.88 8.45 -4.80
C LEU A 136 7.52 7.32 -3.86
N HIS A 137 7.75 7.54 -2.56
CA HIS A 137 7.49 6.53 -1.57
C HIS A 137 6.09 6.66 -1.08
N VAL A 138 5.53 5.54 -0.58
CA VAL A 138 4.22 5.54 -0.05
C VAL A 138 4.37 5.61 1.44
N HIS A 139 3.43 6.31 2.07
CA HIS A 139 3.47 6.48 3.51
C HIS A 139 2.06 6.55 3.96
N LEU A 140 1.83 6.41 5.29
CA LEU A 140 0.49 6.47 5.78
C LEU A 140 0.15 7.92 5.94
N GLN A 141 -1.00 8.31 5.37
CA GLN A 141 -1.42 9.67 5.40
C GLN A 141 -2.83 9.65 5.90
N LEU A 142 -3.21 10.64 6.73
CA LEU A 142 -4.56 10.65 7.23
C LEU A 142 -5.48 11.05 6.11
N VAL A 143 -6.73 10.55 6.18
CA VAL A 143 -7.71 10.82 5.15
C VAL A 143 -7.97 12.29 5.06
N ASP A 144 -8.06 12.79 3.81
CA ASP A 144 -8.34 14.19 3.58
C ASP A 144 -9.67 14.23 2.90
N LYS A 145 -10.74 14.07 3.70
CA LYS A 145 -12.09 14.06 3.16
C LYS A 145 -12.40 15.40 2.56
N ARG A 146 -11.63 16.43 2.94
CA ARG A 146 -11.85 17.76 2.42
C ARG A 146 -11.51 17.77 0.95
N HIS A 147 -10.62 16.85 0.52
CA HIS A 147 -10.22 16.82 -0.87
C HIS A 147 -10.14 15.38 -1.28
N LEU A 148 -11.28 14.81 -1.72
CA LEU A 148 -11.30 13.43 -2.15
C LEU A 148 -11.27 13.40 -3.65
N ASP A 149 -11.14 14.60 -4.28
CA ASP A 149 -11.12 14.66 -5.73
C ASP A 149 -9.70 14.67 -6.20
N ARG A 150 -8.76 14.35 -5.29
CA ARG A 150 -7.37 14.33 -5.65
C ARG A 150 -7.05 12.97 -6.17
N LYS A 151 -6.25 12.92 -7.26
CA LYS A 151 -5.86 11.67 -7.85
C LYS A 151 -4.93 10.97 -6.92
N GLU A 152 -4.28 11.76 -6.04
CA GLU A 152 -3.33 11.22 -5.08
C GLU A 152 -4.08 10.42 -4.06
N GLN A 153 -5.35 10.80 -3.80
CA GLN A 153 -6.13 10.10 -2.82
C GLN A 153 -6.88 8.99 -3.50
N ARG A 154 -6.68 8.81 -4.83
CA ARG A 154 -7.38 7.77 -5.53
C ARG A 154 -6.39 6.73 -6.01
N TRP A 155 -6.77 5.44 -5.84
CA TRP A 155 -5.92 4.35 -6.24
C TRP A 155 -6.66 3.57 -7.28
N ASP A 156 -5.92 3.05 -8.29
CA ASP A 156 -6.53 2.28 -9.34
C ASP A 156 -5.93 0.90 -9.26
N PHE A 157 -6.76 -0.12 -9.53
CA PHE A 157 -6.29 -1.49 -9.48
C PHE A 157 -6.31 -2.01 -10.88
N VAL A 158 -5.23 -2.69 -11.28
CA VAL A 158 -5.14 -3.23 -12.62
C VAL A 158 -4.80 -4.67 -12.47
N LEU A 159 -5.34 -5.50 -13.38
CA LEU A 159 -5.08 -6.92 -13.35
C LEU A 159 -4.20 -7.22 -14.53
N PRO A 160 -3.40 -8.26 -14.41
CA PRO A 160 -2.49 -8.65 -15.48
C PRO A 160 -3.20 -9.20 -16.68
N VAL A 161 -2.57 -9.02 -17.87
CA VAL A 161 -3.14 -9.50 -19.11
C VAL A 161 -4.43 -8.79 -19.35
N VAL A 162 -4.35 -7.50 -19.72
CA VAL A 162 -5.55 -6.73 -19.97
C VAL A 162 -6.01 -7.02 -21.41
N MET A 1 -19.88 13.03 12.49
CA MET A 1 -19.84 11.95 11.48
C MET A 1 -21.22 11.56 11.05
N ALA A 2 -21.72 12.21 9.97
CA ALA A 2 -23.05 11.92 9.46
C ALA A 2 -23.08 10.49 9.00
N ALA A 3 -21.99 10.05 8.34
CA ALA A 3 -21.93 8.69 7.85
C ALA A 3 -20.49 8.31 7.82
N ALA A 4 -20.21 7.00 7.91
CA ALA A 4 -18.85 6.54 7.88
C ALA A 4 -18.57 6.04 6.48
N MET A 5 -17.44 6.50 5.91
CA MET A 5 -17.09 6.10 4.57
C MET A 5 -16.36 4.80 4.67
N PHE A 6 -15.84 4.50 5.87
CA PHE A 6 -15.10 3.29 6.08
C PHE A 6 -15.98 2.37 6.89
N GLU A 7 -17.31 2.45 6.66
CA GLU A 7 -18.25 1.63 7.39
C GLU A 7 -18.14 0.21 6.92
N LYS A 8 -17.62 -0.01 5.70
CA LYS A 8 -17.50 -1.35 5.18
C LYS A 8 -16.27 -1.41 4.34
N SER A 9 -15.81 -2.65 4.05
CA SER A 9 -14.63 -2.82 3.25
C SER A 9 -14.95 -3.82 2.18
N GLU A 10 -14.18 -3.80 1.07
CA GLU A 10 -14.43 -4.71 -0.02
C GLU A 10 -13.18 -5.51 -0.25
N LYS A 11 -13.34 -6.73 -0.78
CA LYS A 11 -12.23 -7.60 -1.06
C LYS A 11 -11.73 -7.28 -2.44
N PHE A 12 -10.48 -7.69 -2.73
CA PHE A 12 -9.89 -7.44 -4.02
C PHE A 12 -10.57 -8.36 -5.01
N PRO A 13 -10.71 -7.90 -6.23
CA PRO A 13 -11.37 -8.68 -7.28
C PRO A 13 -10.61 -9.91 -7.69
N GLU A 14 -9.27 -9.86 -7.62
CA GLU A 14 -8.47 -11.00 -8.01
C GLU A 14 -7.31 -11.10 -7.08
N GLY A 15 -6.72 -12.31 -7.01
CA GLY A 15 -5.59 -12.53 -6.15
C GLY A 15 -4.43 -11.70 -6.63
N TRP A 16 -4.22 -11.67 -7.97
CA TRP A 16 -3.13 -10.89 -8.52
C TRP A 16 -3.71 -9.55 -8.89
N PHE A 17 -3.00 -8.45 -8.53
CA PHE A 17 -3.49 -7.15 -8.86
C PHE A 17 -2.36 -6.19 -8.74
N PHE A 18 -2.53 -5.01 -9.36
CA PHE A 18 -1.51 -4.00 -9.31
C PHE A 18 -2.13 -2.83 -8.63
N ILE A 19 -1.40 -2.22 -7.67
CA ILE A 19 -1.92 -1.06 -6.98
C ILE A 19 -1.32 0.12 -7.66
N LYS A 20 -2.17 0.95 -8.30
CA LYS A 20 -1.69 2.09 -9.02
C LYS A 20 -2.14 3.35 -8.33
N ASN A 21 -1.19 4.29 -8.11
CA ASN A 21 -1.53 5.54 -7.50
C ASN A 21 -1.98 6.42 -8.63
N ASN A 22 -3.23 6.92 -8.55
CA ASN A 22 -3.81 7.71 -9.62
C ASN A 22 -3.03 8.99 -9.87
N SER A 23 -2.37 9.55 -8.83
CA SER A 23 -1.67 10.81 -9.00
C SER A 23 -0.53 10.66 -9.99
N ASN A 24 0.24 9.57 -9.89
CA ASN A 24 1.38 9.42 -10.77
C ASN A 24 1.08 8.40 -11.83
N GLY A 25 0.09 7.51 -11.60
CA GLY A 25 -0.24 6.50 -12.59
C GLY A 25 0.82 5.44 -12.52
N TYR A 26 1.54 5.37 -11.37
CA TYR A 26 2.59 4.39 -11.20
C TYR A 26 2.09 3.37 -10.22
N VAL A 27 2.78 2.20 -10.13
CA VAL A 27 2.34 1.15 -9.25
C VAL A 27 3.39 0.92 -8.20
N LEU A 28 2.98 0.27 -7.08
CA LEU A 28 3.89 0.01 -5.99
C LEU A 28 4.89 -1.04 -6.40
N MET A 29 6.17 -0.77 -6.08
CA MET A 29 7.24 -1.68 -6.38
C MET A 29 8.23 -1.54 -5.27
N VAL A 30 9.18 -2.50 -5.12
CA VAL A 30 10.18 -2.38 -4.10
C VAL A 30 11.08 -1.23 -4.54
N ASP A 31 11.91 -0.70 -3.62
CA ASP A 31 12.77 0.44 -3.94
C ASP A 31 13.53 0.18 -5.22
N ASN A 32 14.06 -1.04 -5.38
CA ASN A 32 14.82 -1.33 -6.58
C ASN A 32 14.96 -2.82 -6.69
N GLU A 33 13.82 -3.56 -6.71
CA GLU A 33 13.84 -5.01 -6.82
C GLU A 33 14.72 -5.57 -5.73
N SER A 34 14.50 -5.10 -4.49
CA SER A 34 15.30 -5.57 -3.39
C SER A 34 14.66 -6.79 -2.84
N GLN A 35 15.46 -7.88 -2.72
CA GLN A 35 14.95 -9.11 -2.18
C GLN A 35 15.25 -9.08 -0.71
N GLU A 36 15.93 -8.00 -0.25
CA GLU A 36 16.27 -7.90 1.14
C GLU A 36 15.16 -7.15 1.83
N SER A 37 14.93 -7.49 3.11
CA SER A 37 13.88 -6.85 3.87
C SER A 37 14.39 -5.54 4.39
N GLY A 38 13.46 -4.60 4.69
CA GLY A 38 13.86 -3.32 5.22
C GLY A 38 13.94 -2.31 4.11
N SER A 39 13.73 -2.74 2.84
CA SER A 39 13.81 -1.78 1.76
C SER A 39 12.48 -1.09 1.67
N PRO A 40 12.51 0.19 1.36
CA PRO A 40 11.30 0.97 1.25
C PRO A 40 10.51 0.63 0.02
N ILE A 41 9.18 0.90 0.09
CA ILE A 41 8.32 0.61 -1.04
C ILE A 41 8.26 1.89 -1.84
N VAL A 42 8.46 1.79 -3.18
CA VAL A 42 8.45 2.99 -3.99
C VAL A 42 7.57 2.77 -5.18
N LEU A 43 7.18 3.86 -5.86
CA LEU A 43 6.32 3.76 -7.00
C LEU A 43 7.17 3.68 -8.24
N ALA A 44 6.71 2.87 -9.21
CA ALA A 44 7.43 2.71 -10.44
C ALA A 44 6.40 2.54 -11.52
N THR A 45 6.73 2.95 -12.76
CA THR A 45 5.79 2.82 -13.85
C THR A 45 5.59 1.36 -14.12
N LEU A 46 4.41 1.04 -14.69
CA LEU A 46 4.10 -0.33 -15.01
C LEU A 46 5.02 -0.81 -16.07
N ARG A 47 5.48 -2.06 -15.93
CA ARG A 47 6.39 -2.64 -16.88
C ARG A 47 5.85 -3.97 -17.28
N THR A 48 6.08 -4.36 -18.55
CA THR A 48 5.61 -5.63 -19.06
C THR A 48 6.60 -6.69 -18.66
N LYS A 49 7.77 -6.26 -18.15
CA LYS A 49 8.79 -7.20 -17.75
C LYS A 49 9.11 -6.92 -16.30
N ASP A 50 9.45 -7.99 -15.54
CA ASP A 50 9.76 -7.84 -14.13
C ASP A 50 8.59 -7.21 -13.44
N TYR A 51 7.36 -7.67 -13.79
CA TYR A 51 6.18 -7.12 -13.20
C TYR A 51 5.82 -7.92 -11.97
N ALA A 52 6.60 -8.97 -11.67
CA ALA A 52 6.33 -9.79 -10.51
C ALA A 52 6.50 -8.94 -9.27
N SER A 53 7.52 -8.05 -9.28
CA SER A 53 7.80 -7.22 -8.14
C SER A 53 6.76 -6.13 -8.07
N GLN A 54 5.98 -5.96 -9.15
CA GLN A 54 4.95 -4.96 -9.18
C GLN A 54 3.65 -5.65 -8.92
N LEU A 55 3.69 -6.99 -8.72
CA LEU A 55 2.47 -7.73 -8.47
C LEU A 55 2.31 -7.89 -6.99
N TRP A 56 1.06 -7.67 -6.54
CA TRP A 56 0.75 -7.76 -5.15
C TRP A 56 -0.41 -8.69 -5.01
N ARG A 57 -0.57 -9.29 -3.82
CA ARG A 57 -1.64 -10.22 -3.62
C ARG A 57 -1.98 -10.10 -2.17
N HIS A 58 -3.14 -10.64 -1.76
CA HIS A 58 -3.51 -10.53 -0.38
C HIS A 58 -3.65 -11.91 0.18
N ASP A 59 -3.07 -12.11 1.37
CA ASP A 59 -3.16 -13.39 2.05
C ASP A 59 -4.55 -13.45 2.60
N PRO A 60 -5.01 -14.64 2.95
CA PRO A 60 -6.35 -14.81 3.51
C PRO A 60 -6.56 -14.02 4.77
N SER A 61 -5.45 -13.60 5.42
CA SER A 61 -5.57 -12.82 6.64
C SER A 61 -5.75 -11.38 6.23
N GLY A 62 -5.59 -11.07 4.92
CA GLY A 62 -5.77 -9.72 4.44
C GLY A 62 -4.46 -8.98 4.49
N TYR A 63 -3.33 -9.70 4.31
CA TYR A 63 -2.05 -9.03 4.34
C TYR A 63 -1.56 -8.91 2.92
N LEU A 64 -1.04 -7.71 2.56
CA LEU A 64 -0.54 -7.48 1.21
C LEU A 64 0.81 -8.12 1.12
N VAL A 65 1.01 -8.93 0.06
CA VAL A 65 2.26 -9.63 -0.11
C VAL A 65 2.76 -9.35 -1.50
N ASN A 66 4.08 -9.10 -1.62
CA ASN A 66 4.67 -8.87 -2.90
C ASN A 66 4.87 -10.22 -3.51
N LYS A 67 4.45 -10.41 -4.77
CA LYS A 67 4.54 -11.71 -5.40
C LYS A 67 5.98 -12.15 -5.52
N LYS A 68 6.90 -11.24 -5.90
CA LYS A 68 8.27 -11.63 -6.11
C LYS A 68 9.00 -11.74 -4.80
N SER A 69 8.92 -10.70 -3.95
CA SER A 69 9.65 -10.73 -2.71
C SER A 69 9.05 -11.75 -1.81
N GLY A 70 7.70 -11.87 -1.79
CA GLY A 70 7.07 -12.81 -0.91
C GLY A 70 7.01 -12.15 0.43
N GLN A 71 7.43 -10.87 0.46
CA GLN A 71 7.42 -10.11 1.68
C GLN A 71 6.16 -9.31 1.70
N VAL A 72 5.83 -8.73 2.88
CA VAL A 72 4.59 -7.99 2.99
C VAL A 72 4.91 -6.56 3.30
N MET A 73 3.92 -5.67 3.05
CA MET A 73 4.09 -4.27 3.31
C MET A 73 4.05 -4.12 4.81
N ASP A 74 4.92 -3.25 5.36
CA ASP A 74 4.92 -3.08 6.79
C ASP A 74 5.46 -1.70 7.08
N ILE A 75 5.32 -1.27 8.35
CA ILE A 75 5.79 0.03 8.73
C ILE A 75 7.20 -0.13 9.22
N ALA A 76 8.06 0.87 8.89
CA ALA A 76 9.44 0.82 9.29
C ALA A 76 9.54 0.94 10.78
N LYS A 77 8.72 1.84 11.37
CA LYS A 77 8.73 2.06 12.79
C LYS A 77 8.14 0.87 13.48
N GLY A 78 7.15 0.24 12.84
CA GLY A 78 6.51 -0.91 13.44
C GLY A 78 5.38 -0.37 14.27
N THR A 79 5.33 0.99 14.37
CA THR A 79 4.30 1.64 15.14
C THR A 79 3.60 2.57 14.19
N PRO A 80 2.32 2.34 13.96
CA PRO A 80 1.55 3.18 13.06
C PRO A 80 1.47 4.60 13.51
N LYS A 81 2.00 5.53 12.70
CA LYS A 81 1.96 6.91 13.04
C LYS A 81 1.92 7.64 11.74
N ALA A 82 1.50 8.91 11.77
CA ALA A 82 1.46 9.67 10.56
C ALA A 82 2.88 10.02 10.22
N GLY A 83 3.25 9.82 8.94
CA GLY A 83 4.59 10.15 8.52
C GLY A 83 5.49 8.95 8.67
N VAL A 84 4.94 7.77 9.00
CA VAL A 84 5.80 6.60 9.12
C VAL A 84 6.04 6.05 7.73
N ASP A 85 7.34 5.77 7.43
CA ASP A 85 7.71 5.25 6.12
C ASP A 85 7.26 3.81 6.03
N ILE A 86 6.91 3.38 4.79
CA ILE A 86 6.47 2.02 4.58
C ILE A 86 7.61 1.26 3.95
N VAL A 87 7.95 0.09 4.55
CA VAL A 87 9.04 -0.72 4.06
C VAL A 87 8.55 -2.14 4.00
N GLN A 88 9.26 -3.02 3.26
CA GLN A 88 8.82 -4.40 3.15
C GLN A 88 9.48 -5.19 4.25
N GLN A 89 8.72 -6.13 4.84
CA GLN A 89 9.25 -6.97 5.91
C GLN A 89 8.59 -8.31 5.78
N THR A 90 8.96 -9.25 6.67
CA THR A 90 8.37 -10.58 6.64
C THR A 90 6.96 -10.49 7.13
N GLN A 91 6.20 -11.58 6.94
CA GLN A 91 4.82 -11.61 7.35
C GLN A 91 4.76 -11.92 8.82
N ALA A 92 3.73 -11.37 9.50
CA ALA A 92 3.55 -11.59 10.92
C ALA A 92 4.71 -10.98 11.65
N GLY A 93 5.15 -11.65 12.72
CA GLY A 93 6.26 -11.16 13.50
C GLY A 93 6.66 -12.26 14.42
N SER A 94 7.62 -11.98 15.31
CA SER A 94 8.10 -13.00 16.24
C SER A 94 6.97 -13.41 17.13
N ASN A 95 6.15 -12.43 17.57
CA ASN A 95 5.05 -12.75 18.43
C ASN A 95 4.04 -11.67 18.25
N VAL A 96 3.40 -11.63 17.06
CA VAL A 96 2.40 -10.62 16.80
C VAL A 96 1.11 -11.33 16.52
N LYS A 97 0.06 -10.97 17.29
CA LYS A 97 -1.23 -11.55 17.11
C LYS A 97 -1.75 -11.10 15.77
N ASP A 98 -2.50 -11.97 15.08
CA ASP A 98 -3.02 -11.62 13.78
C ASP A 98 -4.06 -10.54 13.92
N ASP A 99 -4.61 -10.38 15.13
CA ASP A 99 -5.63 -9.37 15.36
C ASP A 99 -4.95 -8.09 15.76
N LEU A 100 -3.63 -8.15 15.96
CA LEU A 100 -2.89 -6.98 16.34
C LEU A 100 -1.91 -6.70 15.25
N ASN A 101 -2.09 -7.41 14.12
CA ASN A 101 -1.21 -7.22 13.00
C ASN A 101 -1.70 -6.02 12.23
N PHE A 102 -0.76 -5.11 11.92
CA PHE A 102 -1.09 -3.89 11.21
C PHE A 102 -0.93 -4.13 9.74
N GLN A 103 -0.41 -5.32 9.34
CA GLN A 103 -0.18 -5.61 7.95
C GLN A 103 -1.52 -5.84 7.28
N LYS A 104 -2.60 -5.94 8.08
CA LYS A 104 -3.92 -6.17 7.52
C LYS A 104 -4.40 -4.88 6.92
N PHE A 105 -4.80 -4.94 5.62
CA PHE A 105 -5.27 -3.75 4.94
C PHE A 105 -6.69 -3.98 4.53
N GLY A 106 -7.48 -2.88 4.49
CA GLY A 106 -8.86 -2.96 4.08
C GLY A 106 -9.07 -1.82 3.14
N LEU A 107 -10.17 -1.83 2.36
CA LEU A 107 -10.38 -0.76 1.43
C LEU A 107 -11.85 -0.52 1.32
N SER A 108 -12.24 0.77 1.32
CA SER A 108 -13.63 1.14 1.19
C SER A 108 -13.95 1.17 -0.28
N PRO A 109 -15.22 1.13 -0.62
CA PRO A 109 -15.68 1.17 -2.00
C PRO A 109 -15.25 2.40 -2.74
N TYR A 110 -14.82 3.44 -1.98
CA TYR A 110 -14.40 4.68 -2.58
C TYR A 110 -13.05 4.47 -3.23
N GLY A 111 -12.34 3.37 -2.88
CA GLY A 111 -11.05 3.13 -3.48
C GLY A 111 -9.98 3.62 -2.55
N HIS A 112 -10.29 3.76 -1.25
CA HIS A 112 -9.30 4.23 -0.32
C HIS A 112 -8.78 3.02 0.41
N ILE A 113 -7.44 2.88 0.48
CA ILE A 113 -6.85 1.75 1.15
C ILE A 113 -6.39 2.25 2.50
N TYR A 114 -6.82 1.54 3.56
CA TYR A 114 -6.48 1.93 4.90
C TYR A 114 -6.19 0.68 5.65
N LEU A 115 -5.68 0.82 6.89
CA LEU A 115 -5.38 -0.38 7.66
C LEU A 115 -6.67 -0.78 8.30
N ALA A 116 -6.86 -2.09 8.44
CA ALA A 116 -8.06 -2.61 9.05
C ALA A 116 -8.14 -2.16 10.48
N ASN A 117 -6.98 -2.09 11.17
CA ASN A 117 -7.01 -1.72 12.57
C ASN A 117 -6.73 -0.24 12.73
N LYS A 118 -6.22 0.43 11.67
CA LYS A 118 -5.96 1.84 11.77
C LYS A 118 -6.49 2.48 10.53
N PRO A 119 -7.77 2.77 10.56
CA PRO A 119 -8.45 3.41 9.44
C PRO A 119 -8.01 4.82 9.23
N SER A 120 -7.22 5.38 10.18
CA SER A 120 -6.79 6.73 10.05
C SER A 120 -5.50 6.75 9.29
N LEU A 121 -4.83 5.57 9.16
CA LEU A 121 -3.58 5.53 8.45
C LEU A 121 -3.86 5.02 7.07
N ILE A 122 -3.35 5.74 6.04
CA ILE A 122 -3.57 5.34 4.67
C ILE A 122 -2.31 5.60 3.92
N LEU A 123 -2.20 5.00 2.73
CA LEU A 123 -1.02 5.17 1.92
C LEU A 123 -1.11 6.50 1.22
N GLY A 124 0.06 7.14 1.04
CA GLY A 124 0.13 8.42 0.39
C GLY A 124 1.54 8.60 -0.05
N ILE A 125 1.91 9.83 -0.49
CA ILE A 125 3.27 10.06 -0.94
C ILE A 125 3.69 11.41 -0.45
N LYS A 126 4.98 11.74 -0.66
CA LYS A 126 5.47 13.03 -0.26
C LYS A 126 5.95 13.73 -1.50
N GLU A 127 5.23 14.79 -1.89
CA GLU A 127 5.60 15.54 -3.07
C GLU A 127 6.71 16.48 -2.69
N SER A 128 7.72 16.58 -3.57
CA SER A 128 8.84 17.45 -3.31
C SER A 128 9.34 17.90 -4.64
N PHE A 129 10.32 18.82 -4.65
CA PHE A 129 10.87 19.31 -5.89
C PHE A 129 11.69 18.22 -6.52
N PHE A 130 12.29 17.36 -5.67
CA PHE A 130 13.11 16.28 -6.16
C PHE A 130 12.34 15.02 -5.98
N ALA A 131 10.99 15.10 -6.12
CA ALA A 131 10.17 13.94 -5.95
C ALA A 131 10.02 13.28 -7.29
N ARG A 132 11.07 12.53 -7.68
CA ARG A 132 11.05 11.82 -8.93
C ARG A 132 9.95 10.80 -8.82
N ARG A 133 9.09 10.73 -9.86
CA ARG A 133 7.98 9.80 -9.85
C ARG A 133 8.54 8.42 -9.77
N GLU A 134 9.69 8.20 -10.41
CA GLU A 134 10.31 6.91 -10.41
C GLU A 134 11.12 6.84 -9.17
N GLY A 135 10.45 6.47 -8.06
CA GLY A 135 11.13 6.38 -6.80
C GLY A 135 10.30 7.01 -5.73
N LEU A 136 9.08 7.50 -6.04
CA LEU A 136 8.25 8.09 -5.01
C LEU A 136 7.86 6.99 -4.07
N HIS A 137 8.28 7.13 -2.80
CA HIS A 137 8.00 6.14 -1.81
C HIS A 137 6.65 6.39 -1.23
N VAL A 138 6.03 5.33 -0.68
CA VAL A 138 4.74 5.48 -0.06
C VAL A 138 5.00 5.88 1.35
N HIS A 139 4.20 6.86 1.80
CA HIS A 139 4.33 7.40 3.12
C HIS A 139 3.03 7.16 3.80
N LEU A 140 3.04 6.80 5.11
CA LEU A 140 1.80 6.57 5.79
C LEU A 140 1.27 7.93 6.16
N GLN A 141 0.12 8.29 5.56
CA GLN A 141 -0.45 9.59 5.78
C GLN A 141 -1.76 9.39 6.47
N LEU A 142 -2.19 10.38 7.28
CA LEU A 142 -3.44 10.24 7.96
C LEU A 142 -4.51 10.79 7.06
N VAL A 143 -5.75 10.24 7.21
CA VAL A 143 -6.85 10.67 6.39
C VAL A 143 -7.18 12.11 6.72
N ASP A 144 -7.69 12.82 5.68
CA ASP A 144 -8.07 14.18 5.85
C ASP A 144 -9.22 14.35 4.91
N LYS A 145 -10.44 14.35 5.47
CA LYS A 145 -11.64 14.45 4.68
C LYS A 145 -11.72 15.80 4.02
N ARG A 146 -10.98 16.79 4.56
CA ARG A 146 -11.01 18.11 3.99
C ARG A 146 -10.11 18.14 2.78
N HIS A 147 -9.29 17.09 2.61
CA HIS A 147 -8.36 17.04 1.50
C HIS A 147 -8.58 15.77 0.73
N LEU A 148 -9.84 15.51 0.31
CA LEU A 148 -10.13 14.30 -0.43
C LEU A 148 -10.00 14.60 -1.91
N ASP A 149 -9.56 15.82 -2.26
CA ASP A 149 -9.42 16.18 -3.66
C ASP A 149 -8.02 15.90 -4.10
N ARG A 150 -7.25 15.16 -3.27
CA ARG A 150 -5.90 14.84 -3.60
C ARG A 150 -5.91 13.55 -4.35
N LYS A 151 -5.30 13.56 -5.56
CA LYS A 151 -5.24 12.38 -6.39
C LYS A 151 -4.32 11.38 -5.75
N GLU A 152 -3.42 11.86 -4.87
CA GLU A 152 -2.49 10.97 -4.22
C GLU A 152 -3.22 10.09 -3.26
N GLN A 153 -4.44 10.50 -2.84
CA GLN A 153 -5.21 9.70 -1.93
C GLN A 153 -6.11 8.82 -2.75
N ARG A 154 -6.07 8.99 -4.09
CA ARG A 154 -6.89 8.17 -4.95
C ARG A 154 -6.07 7.00 -5.37
N TRP A 155 -6.64 5.78 -5.26
CA TRP A 155 -5.91 4.60 -5.63
C TRP A 155 -6.73 3.86 -6.63
N ASP A 156 -6.06 3.30 -7.65
CA ASP A 156 -6.75 2.56 -8.68
C ASP A 156 -6.14 1.19 -8.68
N PHE A 157 -6.92 0.18 -9.12
CA PHE A 157 -6.41 -1.16 -9.14
C PHE A 157 -6.44 -1.62 -10.57
N VAL A 158 -5.37 -2.33 -10.97
CA VAL A 158 -5.30 -2.80 -12.33
C VAL A 158 -5.10 -4.28 -12.24
N LEU A 159 -5.69 -5.02 -13.19
CA LEU A 159 -5.57 -6.46 -13.18
C LEU A 159 -4.69 -6.83 -14.34
N PRO A 160 -4.05 -7.98 -14.25
CA PRO A 160 -3.16 -8.46 -15.30
C PRO A 160 -3.83 -8.58 -16.63
N VAL A 161 -3.12 -8.21 -17.71
CA VAL A 161 -3.68 -8.28 -19.03
C VAL A 161 -2.55 -8.61 -19.96
N VAL A 162 -2.84 -9.40 -21.02
CA VAL A 162 -1.83 -9.79 -21.99
C VAL A 162 -0.76 -10.63 -21.25
N MET A 1 -7.88 11.52 17.63
CA MET A 1 -6.63 10.92 17.06
C MET A 1 -6.96 10.09 15.84
N ALA A 2 -7.94 9.17 15.98
CA ALA A 2 -8.31 8.34 14.87
C ALA A 2 -9.73 7.93 15.10
N ALA A 3 -10.46 7.60 14.00
CA ALA A 3 -11.82 7.20 14.11
C ALA A 3 -12.09 6.23 13.00
N ALA A 4 -13.04 5.29 13.23
CA ALA A 4 -13.36 4.32 12.23
C ALA A 4 -14.57 4.81 11.49
N MET A 5 -14.34 5.59 10.42
CA MET A 5 -15.44 6.12 9.64
C MET A 5 -15.76 5.12 8.56
N PHE A 6 -14.84 4.17 8.34
CA PHE A 6 -15.04 3.16 7.33
C PHE A 6 -15.10 1.84 8.02
N GLU A 7 -16.24 1.54 8.66
CA GLU A 7 -16.39 0.28 9.35
C GLU A 7 -16.56 -0.81 8.33
N LYS A 8 -17.02 -0.45 7.11
CA LYS A 8 -17.22 -1.42 6.07
C LYS A 8 -15.91 -1.56 5.34
N SER A 9 -15.68 -2.75 4.75
CA SER A 9 -14.46 -2.97 4.02
C SER A 9 -14.79 -3.89 2.89
N GLU A 10 -14.21 -3.61 1.70
CA GLU A 10 -14.44 -4.43 0.55
C GLU A 10 -13.31 -5.42 0.50
N LYS A 11 -13.41 -6.43 -0.39
CA LYS A 11 -12.37 -7.42 -0.50
C LYS A 11 -11.64 -7.16 -1.78
N PHE A 12 -10.41 -7.71 -1.88
CA PHE A 12 -9.60 -7.53 -3.05
C PHE A 12 -9.93 -8.64 -4.01
N PRO A 13 -9.71 -8.39 -5.29
CA PRO A 13 -9.98 -9.38 -6.32
C PRO A 13 -9.02 -10.52 -6.30
N GLU A 14 -9.43 -11.66 -6.90
CA GLU A 14 -8.59 -12.83 -6.93
C GLU A 14 -7.52 -12.64 -7.96
N GLY A 15 -6.42 -13.40 -7.79
CA GLY A 15 -5.31 -13.30 -8.71
C GLY A 15 -4.43 -12.20 -8.22
N TRP A 16 -3.47 -11.77 -9.06
CA TRP A 16 -2.59 -10.70 -8.66
C TRP A 16 -3.23 -9.43 -9.10
N PHE A 17 -2.60 -8.29 -8.79
CA PHE A 17 -3.17 -7.03 -9.16
C PHE A 17 -2.10 -5.99 -9.07
N PHE A 18 -2.35 -4.84 -9.70
CA PHE A 18 -1.39 -3.78 -9.70
C PHE A 18 -2.04 -2.60 -9.04
N ILE A 19 -1.31 -1.93 -8.12
CA ILE A 19 -1.86 -0.79 -7.45
C ILE A 19 -1.23 0.39 -8.12
N LYS A 20 -2.03 1.18 -8.87
CA LYS A 20 -1.49 2.30 -9.60
C LYS A 20 -1.96 3.58 -8.96
N ASN A 21 -1.01 4.51 -8.72
CA ASN A 21 -1.36 5.79 -8.15
C ASN A 21 -1.74 6.65 -9.33
N ASN A 22 -2.95 7.24 -9.28
CA ASN A 22 -3.44 8.06 -10.38
C ASN A 22 -2.62 9.32 -10.57
N SER A 23 -1.87 9.77 -9.55
CA SER A 23 -1.11 11.01 -9.67
C SER A 23 -0.06 10.88 -10.73
N ASN A 24 0.69 9.76 -10.78
CA ASN A 24 1.75 9.62 -11.75
C ASN A 24 1.52 8.42 -12.63
N GLY A 25 0.50 7.59 -12.32
CA GLY A 25 0.24 6.44 -13.15
C GLY A 25 1.30 5.40 -12.93
N TYR A 26 1.94 5.43 -11.74
CA TYR A 26 2.98 4.47 -11.43
C TYR A 26 2.41 3.49 -10.46
N VAL A 27 3.09 2.32 -10.29
CA VAL A 27 2.59 1.30 -9.40
C VAL A 27 3.57 1.10 -8.28
N LEU A 28 3.07 0.49 -7.17
CA LEU A 28 3.89 0.24 -6.01
C LEU A 28 4.94 -0.77 -6.31
N MET A 29 6.19 -0.45 -5.92
CA MET A 29 7.30 -1.34 -6.13
C MET A 29 8.21 -1.12 -4.95
N VAL A 30 9.19 -2.03 -4.73
CA VAL A 30 10.14 -1.84 -3.65
C VAL A 30 11.00 -0.67 -4.06
N ASP A 31 11.65 0.01 -3.09
CA ASP A 31 12.47 1.18 -3.39
C ASP A 31 13.50 0.84 -4.46
N ASN A 32 14.10 -0.35 -4.39
CA ASN A 32 15.10 -0.71 -5.36
C ASN A 32 15.19 -2.21 -5.44
N GLU A 33 14.09 -2.92 -5.12
CA GLU A 33 14.07 -4.37 -5.17
C GLU A 33 15.09 -4.91 -4.20
N SER A 34 15.11 -4.36 -2.98
CA SER A 34 16.05 -4.83 -1.98
C SER A 34 15.41 -5.99 -1.29
N GLN A 35 16.05 -7.18 -1.42
CA GLN A 35 15.53 -8.36 -0.80
C GLN A 35 16.10 -8.41 0.59
N GLU A 36 16.95 -7.42 0.92
CA GLU A 36 17.56 -7.38 2.23
C GLU A 36 16.59 -6.74 3.18
N SER A 37 15.48 -6.22 2.61
CA SER A 37 14.44 -5.58 3.40
C SER A 37 14.96 -4.27 3.92
N GLY A 38 14.14 -3.59 4.74
CA GLY A 38 14.53 -2.34 5.32
C GLY A 38 14.47 -1.25 4.28
N SER A 39 13.62 -1.41 3.24
CA SER A 39 13.53 -0.39 2.23
C SER A 39 12.08 0.01 2.13
N PRO A 40 11.86 1.28 1.83
CA PRO A 40 10.52 1.81 1.70
C PRO A 40 9.85 1.40 0.44
N ILE A 41 8.50 1.45 0.42
CA ILE A 41 7.76 1.10 -0.76
C ILE A 41 7.70 2.36 -1.59
N VAL A 42 8.03 2.27 -2.90
CA VAL A 42 8.01 3.45 -3.73
C VAL A 42 7.25 3.16 -4.98
N LEU A 43 6.90 4.23 -5.73
CA LEU A 43 6.15 4.08 -6.96
C LEU A 43 7.12 4.03 -8.09
N ALA A 44 6.82 3.18 -9.09
CA ALA A 44 7.68 3.05 -10.24
C ALA A 44 6.82 2.81 -11.45
N THR A 45 7.29 3.28 -12.63
CA THR A 45 6.54 3.09 -13.87
C THR A 45 6.40 1.62 -14.10
N LEU A 46 5.26 1.20 -14.67
CA LEU A 46 5.01 -0.21 -14.92
C LEU A 46 6.07 -0.73 -15.87
N ARG A 47 6.54 -1.95 -15.59
CA ARG A 47 7.56 -2.57 -16.41
C ARG A 47 6.89 -3.63 -17.23
N THR A 48 7.33 -3.72 -18.50
CA THR A 48 6.81 -4.69 -19.42
C THR A 48 7.20 -6.05 -18.92
N LYS A 49 8.41 -6.14 -18.32
CA LYS A 49 8.90 -7.41 -17.84
C LYS A 49 9.48 -7.19 -16.47
N ASP A 50 9.62 -8.29 -15.70
CA ASP A 50 10.15 -8.21 -14.35
C ASP A 50 9.25 -7.30 -13.54
N TYR A 51 7.92 -7.46 -13.72
CA TYR A 51 6.98 -6.64 -13.00
C TYR A 51 6.46 -7.43 -11.83
N ALA A 52 7.17 -8.52 -11.46
CA ALA A 52 6.76 -9.34 -10.35
C ALA A 52 6.82 -8.52 -9.09
N SER A 53 7.82 -7.62 -8.99
CA SER A 53 7.99 -6.79 -7.81
C SER A 53 6.89 -5.77 -7.80
N GLN A 54 6.21 -5.58 -8.94
CA GLN A 54 5.15 -4.62 -9.01
C GLN A 54 3.85 -5.36 -8.84
N LEU A 55 3.94 -6.69 -8.63
CA LEU A 55 2.74 -7.47 -8.44
C LEU A 55 2.54 -7.69 -6.98
N TRP A 56 1.28 -7.52 -6.53
CA TRP A 56 0.95 -7.66 -5.15
C TRP A 56 -0.21 -8.61 -5.07
N ARG A 57 -0.36 -9.30 -3.91
CA ARG A 57 -1.44 -10.23 -3.75
C ARG A 57 -1.94 -10.02 -2.38
N HIS A 58 -3.23 -10.35 -2.11
CA HIS A 58 -3.76 -10.17 -0.79
C HIS A 58 -3.94 -11.53 -0.19
N ASP A 59 -3.52 -11.68 1.07
CA ASP A 59 -3.67 -12.94 1.76
C ASP A 59 -5.07 -12.96 2.31
N PRO A 60 -5.55 -14.14 2.67
CA PRO A 60 -6.89 -14.26 3.24
C PRO A 60 -7.07 -13.41 4.46
N SER A 61 -5.95 -13.05 5.12
CA SER A 61 -5.99 -12.22 6.29
C SER A 61 -6.05 -10.77 5.87
N GLY A 62 -5.96 -10.52 4.53
CA GLY A 62 -6.02 -9.17 4.03
C GLY A 62 -4.65 -8.54 4.07
N TYR A 63 -3.58 -9.36 4.07
CA TYR A 63 -2.24 -8.81 4.10
C TYR A 63 -1.76 -8.78 2.68
N LEU A 64 -1.17 -7.64 2.24
CA LEU A 64 -0.69 -7.55 0.89
C LEU A 64 0.73 -8.02 0.88
N VAL A 65 1.01 -8.98 -0.03
CA VAL A 65 2.32 -9.58 -0.11
C VAL A 65 2.87 -9.30 -1.48
N ASN A 66 4.18 -8.96 -1.53
CA ASN A 66 4.81 -8.70 -2.80
C ASN A 66 4.99 -10.04 -3.44
N LYS A 67 4.62 -10.16 -4.72
CA LYS A 67 4.70 -11.43 -5.42
C LYS A 67 6.13 -11.91 -5.48
N LYS A 68 7.09 -11.02 -5.75
CA LYS A 68 8.46 -11.45 -5.91
C LYS A 68 9.15 -11.56 -4.58
N SER A 69 9.10 -10.49 -3.76
CA SER A 69 9.80 -10.49 -2.51
C SER A 69 9.17 -11.48 -1.58
N GLY A 70 7.82 -11.57 -1.58
CA GLY A 70 7.16 -12.48 -0.67
C GLY A 70 7.06 -11.76 0.63
N GLN A 71 7.48 -10.47 0.63
CA GLN A 71 7.44 -9.67 1.82
C GLN A 71 6.13 -8.95 1.81
N VAL A 72 5.69 -8.44 2.98
CA VAL A 72 4.41 -7.77 3.04
C VAL A 72 4.64 -6.33 3.39
N MET A 73 3.62 -5.49 3.10
CA MET A 73 3.70 -4.08 3.41
C MET A 73 3.57 -3.95 4.89
N ASP A 74 4.36 -3.04 5.50
CA ASP A 74 4.26 -2.86 6.93
C ASP A 74 4.77 -1.48 7.25
N ILE A 75 4.54 -1.03 8.50
CA ILE A 75 4.99 0.27 8.89
C ILE A 75 6.42 0.17 9.34
N ALA A 76 7.21 1.20 9.01
CA ALA A 76 8.62 1.22 9.37
C ALA A 76 8.74 1.33 10.87
N LYS A 77 7.90 2.21 11.47
CA LYS A 77 7.95 2.42 12.90
C LYS A 77 7.41 1.21 13.59
N GLY A 78 6.42 0.55 12.96
CA GLY A 78 5.80 -0.60 13.56
C GLY A 78 4.67 -0.08 14.38
N THR A 79 4.59 1.27 14.46
CA THR A 79 3.55 1.91 15.21
C THR A 79 2.88 2.85 14.24
N PRO A 80 1.57 2.79 14.14
CA PRO A 80 0.84 3.64 13.21
C PRO A 80 0.82 5.07 13.63
N LYS A 81 1.50 5.93 12.84
CA LYS A 81 1.54 7.33 13.13
C LYS A 81 1.17 8.01 11.86
N ALA A 82 0.70 9.26 11.96
CA ALA A 82 0.34 9.99 10.77
C ALA A 82 1.61 10.37 10.10
N GLY A 83 1.71 10.08 8.79
CA GLY A 83 2.90 10.42 8.06
C GLY A 83 3.92 9.32 8.22
N VAL A 84 3.55 8.17 8.84
CA VAL A 84 4.51 7.09 9.00
C VAL A 84 4.80 6.50 7.63
N ASP A 85 6.07 6.08 7.41
CA ASP A 85 6.45 5.53 6.13
C ASP A 85 6.13 4.06 6.09
N ILE A 86 5.95 3.52 4.87
CA ILE A 86 5.63 2.12 4.69
C ILE A 86 6.85 1.46 4.10
N VAL A 87 7.27 0.34 4.74
CA VAL A 87 8.44 -0.40 4.29
C VAL A 87 8.02 -1.83 4.18
N GLN A 88 8.90 -2.68 3.58
CA GLN A 88 8.57 -4.08 3.43
C GLN A 88 9.07 -4.78 4.66
N GLN A 89 8.28 -5.77 5.16
CA GLN A 89 8.68 -6.51 6.33
C GLN A 89 8.24 -7.93 6.12
N THR A 90 8.73 -8.83 7.01
CA THR A 90 8.38 -10.22 6.94
C THR A 90 6.96 -10.36 7.40
N GLN A 91 6.24 -11.35 6.83
CA GLN A 91 4.86 -11.56 7.20
C GLN A 91 4.80 -12.04 8.62
N ALA A 92 3.67 -11.76 9.31
CA ALA A 92 3.52 -12.16 10.68
C ALA A 92 2.19 -12.83 10.81
N GLY A 93 1.62 -12.82 12.03
CA GLY A 93 0.34 -13.43 12.26
C GLY A 93 0.59 -14.73 12.96
N SER A 94 1.86 -15.21 12.95
CA SER A 94 2.17 -16.45 13.61
C SER A 94 2.09 -16.25 15.10
N ASN A 95 2.53 -15.05 15.59
CA ASN A 95 2.47 -14.78 17.00
C ASN A 95 1.82 -13.44 17.21
N VAL A 96 1.11 -12.96 16.18
CA VAL A 96 0.45 -11.68 16.28
C VAL A 96 -0.99 -11.90 15.92
N LYS A 97 -1.91 -11.40 16.76
CA LYS A 97 -3.30 -11.54 16.48
C LYS A 97 -3.57 -10.83 15.19
N ASP A 98 -4.42 -11.43 14.33
CA ASP A 98 -4.72 -10.84 13.04
C ASP A 98 -5.50 -9.57 13.26
N ASP A 99 -6.10 -9.39 14.44
CA ASP A 99 -6.89 -8.22 14.69
C ASP A 99 -6.01 -7.16 15.27
N LEU A 100 -4.74 -7.52 15.54
CA LEU A 100 -3.81 -6.57 16.09
C LEU A 100 -2.68 -6.45 15.12
N ASN A 101 -2.87 -7.02 13.92
CA ASN A 101 -1.84 -6.98 12.92
C ASN A 101 -2.12 -5.79 12.04
N PHE A 102 -1.09 -4.93 11.85
CA PHE A 102 -1.24 -3.74 11.06
C PHE A 102 -1.05 -4.09 9.61
N GLN A 103 -0.65 -5.34 9.30
CA GLN A 103 -0.43 -5.72 7.93
C GLN A 103 -1.77 -5.93 7.27
N LYS A 104 -2.87 -5.87 8.07
CA LYS A 104 -4.19 -6.05 7.52
C LYS A 104 -4.63 -4.73 6.95
N PHE A 105 -5.03 -4.74 5.65
CA PHE A 105 -5.46 -3.53 5.00
C PHE A 105 -6.90 -3.70 4.61
N GLY A 106 -7.63 -2.57 4.55
CA GLY A 106 -9.03 -2.61 4.19
C GLY A 106 -9.14 -1.97 2.85
N LEU A 107 -10.18 -2.35 2.08
CA LEU A 107 -10.34 -1.80 0.76
C LEU A 107 -11.59 -0.98 0.75
N SER A 108 -11.45 0.32 0.43
CA SER A 108 -12.58 1.19 0.35
C SER A 108 -13.24 0.97 -0.99
N PRO A 109 -14.54 0.91 -1.00
CA PRO A 109 -15.29 0.71 -2.24
C PRO A 109 -15.22 1.89 -3.16
N TYR A 110 -14.66 3.02 -2.67
CA TYR A 110 -14.57 4.20 -3.48
C TYR A 110 -13.25 4.18 -4.21
N GLY A 111 -12.40 3.15 -3.94
CA GLY A 111 -11.12 3.07 -4.62
C GLY A 111 -10.06 3.68 -3.75
N HIS A 112 -10.09 3.37 -2.44
CA HIS A 112 -9.09 3.89 -1.54
C HIS A 112 -8.63 2.75 -0.69
N ILE A 113 -7.39 2.83 -0.17
CA ILE A 113 -6.86 1.77 0.65
C ILE A 113 -6.61 2.36 2.00
N TYR A 114 -7.16 1.73 3.06
CA TYR A 114 -6.98 2.23 4.40
C TYR A 114 -6.60 1.07 5.26
N LEU A 115 -6.23 1.34 6.52
CA LEU A 115 -5.86 0.26 7.40
C LEU A 115 -7.13 -0.27 7.98
N ALA A 116 -7.15 -1.57 8.31
CA ALA A 116 -8.33 -2.15 8.88
C ALA A 116 -8.42 -1.76 10.32
N ASN A 117 -7.28 -1.33 10.93
CA ASN A 117 -7.29 -0.95 12.32
C ASN A 117 -7.33 0.54 12.44
N LYS A 118 -6.78 1.27 11.44
CA LYS A 118 -6.76 2.70 11.48
C LYS A 118 -7.24 3.20 10.17
N PRO A 119 -8.54 3.30 10.03
CA PRO A 119 -9.17 3.77 8.81
C PRO A 119 -8.89 5.22 8.56
N SER A 120 -8.23 5.89 9.53
CA SER A 120 -7.92 7.27 9.39
C SER A 120 -6.62 7.36 8.67
N LEU A 121 -5.90 6.22 8.53
CA LEU A 121 -4.64 6.22 7.84
C LEU A 121 -4.87 5.55 6.53
N ILE A 122 -4.41 6.20 5.44
CA ILE A 122 -4.59 5.64 4.13
C ILE A 122 -3.29 5.77 3.41
N LEU A 123 -3.15 5.03 2.29
CA LEU A 123 -1.91 5.06 1.55
C LEU A 123 -1.89 6.31 0.71
N GLY A 124 -0.72 6.96 0.64
CA GLY A 124 -0.59 8.16 -0.13
C GLY A 124 0.88 8.39 -0.35
N ILE A 125 1.22 9.42 -1.15
CA ILE A 125 2.61 9.71 -1.42
C ILE A 125 2.79 11.19 -1.28
N LYS A 126 4.05 11.63 -1.07
CA LYS A 126 4.33 13.03 -0.95
C LYS A 126 4.76 13.48 -2.30
N GLU A 127 3.99 14.40 -2.92
CA GLU A 127 4.35 14.87 -4.23
C GLU A 127 5.46 15.87 -4.10
N SER A 128 6.56 15.62 -4.82
CA SER A 128 7.68 16.52 -4.80
C SER A 128 8.32 16.38 -6.15
N PHE A 129 8.92 17.48 -6.66
CA PHE A 129 9.54 17.43 -7.96
C PHE A 129 11.00 17.10 -7.76
N PHE A 130 11.46 17.05 -6.49
CA PHE A 130 12.84 16.75 -6.23
C PHE A 130 12.93 15.39 -5.60
N ALA A 131 11.82 14.65 -5.61
CA ALA A 131 11.82 13.33 -5.01
C ALA A 131 11.81 12.30 -6.10
N ARG A 132 11.66 12.77 -7.35
CA ARG A 132 11.62 11.90 -8.49
C ARG A 132 10.33 11.13 -8.49
N ARG A 133 9.62 11.14 -9.65
CA ARG A 133 8.38 10.41 -9.77
C ARG A 133 8.70 8.96 -9.61
N GLU A 134 9.86 8.55 -10.15
CA GLU A 134 10.28 7.18 -10.05
C GLU A 134 11.02 7.08 -8.78
N GLY A 135 10.26 6.86 -7.71
CA GLY A 135 10.86 6.76 -6.40
C GLY A 135 9.95 7.39 -5.38
N LEU A 136 8.74 7.86 -5.79
CA LEU A 136 7.85 8.44 -4.81
C LEU A 136 7.50 7.35 -3.83
N HIS A 137 7.79 7.59 -2.54
CA HIS A 137 7.56 6.60 -1.52
C HIS A 137 6.15 6.68 -1.04
N VAL A 138 5.65 5.54 -0.54
CA VAL A 138 4.32 5.46 -0.02
C VAL A 138 4.42 5.63 1.46
N HIS A 139 3.47 6.38 2.03
CA HIS A 139 3.45 6.63 3.44
C HIS A 139 2.01 6.71 3.83
N LEU A 140 1.72 6.68 5.14
CA LEU A 140 0.34 6.74 5.56
C LEU A 140 -0.01 8.18 5.77
N GLN A 141 -1.02 8.64 5.02
CA GLN A 141 -1.46 10.00 5.14
C GLN A 141 -2.78 9.91 5.82
N LEU A 142 -3.07 10.84 6.74
CA LEU A 142 -4.34 10.77 7.42
C LEU A 142 -5.42 11.12 6.44
N VAL A 143 -6.50 10.31 6.47
CA VAL A 143 -7.61 10.47 5.58
C VAL A 143 -8.24 11.83 5.81
N ASP A 144 -8.71 12.46 4.71
CA ASP A 144 -9.31 13.75 4.81
C ASP A 144 -10.35 13.78 3.72
N LYS A 145 -11.63 13.64 4.13
CA LYS A 145 -12.72 13.61 3.20
C LYS A 145 -12.87 14.95 2.54
N ARG A 146 -12.31 16.00 3.15
CA ARG A 146 -12.40 17.32 2.59
C ARG A 146 -11.61 17.38 1.31
N HIS A 147 -10.61 16.48 1.16
CA HIS A 147 -9.80 16.50 -0.03
C HIS A 147 -9.69 15.10 -0.56
N LEU A 148 -10.75 14.64 -1.27
CA LEU A 148 -10.74 13.32 -1.84
C LEU A 148 -10.51 13.45 -3.33
N ASP A 149 -10.27 14.70 -3.80
CA ASP A 149 -10.07 14.92 -5.21
C ASP A 149 -8.60 14.94 -5.51
N ARG A 150 -7.77 14.48 -4.55
CA ARG A 150 -6.36 14.46 -4.76
C ARG A 150 -6.06 13.20 -5.52
N LYS A 151 -5.36 13.35 -6.66
CA LYS A 151 -5.03 12.21 -7.48
C LYS A 151 -4.02 11.38 -6.75
N GLU A 152 -3.25 12.03 -5.85
CA GLU A 152 -2.21 11.32 -5.13
C GLU A 152 -2.84 10.43 -4.11
N GLN A 153 -4.10 10.72 -3.72
CA GLN A 153 -4.78 9.89 -2.77
C GLN A 153 -5.76 9.04 -3.51
N ARG A 154 -5.78 9.17 -4.86
CA ARG A 154 -6.69 8.39 -5.64
C ARG A 154 -5.92 7.18 -6.08
N TRP A 155 -6.50 5.97 -5.92
CA TRP A 155 -5.78 4.78 -6.29
C TRP A 155 -6.57 4.05 -7.34
N ASP A 156 -5.87 3.56 -8.37
CA ASP A 156 -6.51 2.83 -9.43
C ASP A 156 -5.99 1.41 -9.34
N PHE A 157 -6.87 0.42 -9.63
CA PHE A 157 -6.47 -0.96 -9.55
C PHE A 157 -6.52 -1.51 -10.93
N VAL A 158 -5.49 -2.29 -11.31
CA VAL A 158 -5.44 -2.87 -12.63
C VAL A 158 -5.15 -4.32 -12.42
N LEU A 159 -5.77 -5.17 -13.26
CA LEU A 159 -5.58 -6.60 -13.14
C LEU A 159 -4.74 -7.02 -14.31
N PRO A 160 -3.98 -8.08 -14.14
CA PRO A 160 -3.12 -8.60 -15.18
C PRO A 160 -3.87 -9.22 -16.32
N VAL A 161 -3.31 -9.12 -17.54
CA VAL A 161 -3.94 -9.67 -18.69
C VAL A 161 -2.91 -10.49 -19.41
N VAL A 162 -3.37 -11.44 -20.25
CA VAL A 162 -2.46 -12.29 -21.00
C VAL A 162 -1.57 -13.07 -20.02
N MET A 1 -7.34 10.05 18.14
CA MET A 1 -6.21 9.47 17.38
C MET A 1 -6.67 8.94 16.05
N ALA A 2 -7.81 8.21 16.05
CA ALA A 2 -8.31 7.66 14.82
C ALA A 2 -9.79 7.49 14.99
N ALA A 3 -10.52 7.47 13.86
CA ALA A 3 -11.94 7.31 13.90
C ALA A 3 -12.33 6.57 12.66
N ALA A 4 -13.48 5.84 12.73
CA ALA A 4 -13.92 5.08 11.59
C ALA A 4 -15.00 5.89 10.92
N MET A 5 -14.86 6.11 9.60
CA MET A 5 -15.84 6.86 8.86
C MET A 5 -16.20 6.09 7.63
N PHE A 6 -15.71 4.84 7.52
CA PHE A 6 -15.99 4.03 6.37
C PHE A 6 -16.54 2.73 6.88
N GLU A 7 -17.87 2.68 7.08
CA GLU A 7 -18.50 1.47 7.56
C GLU A 7 -18.55 0.45 6.44
N LYS A 8 -18.49 0.92 5.19
CA LYS A 8 -18.54 0.02 4.07
C LYS A 8 -17.16 -0.54 3.85
N SER A 9 -17.09 -1.86 3.56
CA SER A 9 -15.82 -2.49 3.33
C SER A 9 -15.97 -3.35 2.11
N GLU A 10 -14.88 -3.44 1.32
CA GLU A 10 -14.88 -4.24 0.13
C GLU A 10 -13.70 -5.15 0.20
N LYS A 11 -13.63 -6.12 -0.72
CA LYS A 11 -12.53 -7.05 -0.71
C LYS A 11 -11.57 -6.65 -1.78
N PHE A 12 -10.32 -7.10 -1.58
CA PHE A 12 -9.27 -6.81 -2.53
C PHE A 12 -9.25 -7.94 -3.52
N PRO A 13 -8.71 -7.69 -4.69
CA PRO A 13 -8.61 -8.71 -5.72
C PRO A 13 -7.68 -9.81 -5.33
N GLU A 14 -7.87 -11.01 -5.92
CA GLU A 14 -7.03 -12.13 -5.60
C GLU A 14 -6.22 -12.46 -6.81
N GLY A 15 -5.16 -13.27 -6.61
CA GLY A 15 -4.32 -13.65 -7.71
C GLY A 15 -3.29 -12.58 -7.87
N TRP A 16 -2.65 -12.53 -9.06
CA TRP A 16 -1.64 -11.53 -9.32
C TRP A 16 -2.37 -10.27 -9.68
N PHE A 17 -1.90 -9.11 -9.17
CA PHE A 17 -2.56 -7.87 -9.50
C PHE A 17 -1.59 -6.77 -9.23
N PHE A 18 -1.89 -5.58 -9.77
CA PHE A 18 -1.02 -4.45 -9.60
C PHE A 18 -1.80 -3.37 -8.93
N ILE A 19 -1.14 -2.66 -7.98
CA ILE A 19 -1.79 -1.57 -7.29
C ILE A 19 -1.14 -0.34 -7.82
N LYS A 20 -1.94 0.57 -8.43
CA LYS A 20 -1.35 1.77 -8.98
C LYS A 20 -2.00 2.96 -8.35
N ASN A 21 -1.19 4.03 -8.20
CA ASN A 21 -1.70 5.26 -7.65
C ASN A 21 -2.11 6.08 -8.85
N ASN A 22 -3.40 6.47 -8.89
CA ASN A 22 -3.93 7.21 -10.03
C ASN A 22 -3.20 8.50 -10.28
N SER A 23 -2.57 9.11 -9.25
CA SER A 23 -1.89 10.39 -9.45
C SER A 23 -0.75 10.23 -10.42
N ASN A 24 0.05 9.15 -10.28
CA ASN A 24 1.19 8.99 -11.15
C ASN A 24 0.94 7.91 -12.15
N GLY A 25 0.00 6.98 -11.86
CA GLY A 25 -0.27 5.91 -12.78
C GLY A 25 0.83 4.89 -12.65
N TYR A 26 1.58 4.95 -11.54
CA TYR A 26 2.67 4.04 -11.30
C TYR A 26 2.19 3.03 -10.31
N VAL A 27 2.93 1.89 -10.19
CA VAL A 27 2.50 0.83 -9.30
C VAL A 27 3.52 0.70 -8.20
N LEU A 28 3.07 0.08 -7.07
CA LEU A 28 3.93 -0.11 -5.93
C LEU A 28 5.01 -1.10 -6.25
N MET A 29 6.26 -0.73 -5.90
CA MET A 29 7.38 -1.58 -6.13
C MET A 29 8.32 -1.33 -4.97
N VAL A 30 9.35 -2.20 -4.80
CA VAL A 30 10.30 -1.98 -3.72
C VAL A 30 11.10 -0.76 -4.13
N ASP A 31 11.81 -0.12 -3.16
CA ASP A 31 12.56 1.09 -3.46
C ASP A 31 13.52 0.85 -4.60
N ASN A 32 14.17 -0.32 -4.63
CA ASN A 32 15.11 -0.59 -5.69
C ASN A 32 15.35 -2.07 -5.75
N GLU A 33 14.25 -2.87 -5.69
CA GLU A 33 14.36 -4.32 -5.75
C GLU A 33 15.30 -4.79 -4.67
N SER A 34 15.10 -4.29 -3.43
CA SER A 34 15.96 -4.67 -2.35
C SER A 34 15.40 -5.92 -1.74
N GLN A 35 15.96 -7.08 -2.12
CA GLN A 35 15.50 -8.34 -1.59
C GLN A 35 16.04 -8.46 -0.19
N GLU A 36 16.99 -7.55 0.17
CA GLU A 36 17.58 -7.58 1.48
C GLU A 36 16.66 -6.93 2.46
N SER A 37 15.57 -6.34 1.95
CA SER A 37 14.59 -5.68 2.79
C SER A 37 15.20 -4.42 3.33
N GLY A 38 14.50 -3.80 4.31
CA GLY A 38 15.01 -2.59 4.93
C GLY A 38 14.88 -1.45 3.96
N SER A 39 13.93 -1.54 3.01
CA SER A 39 13.78 -0.47 2.06
C SER A 39 12.31 -0.13 1.99
N PRO A 40 12.03 1.13 1.73
CA PRO A 40 10.66 1.61 1.63
C PRO A 40 9.99 1.19 0.35
N ILE A 41 8.65 1.26 0.34
CA ILE A 41 7.90 0.90 -0.83
C ILE A 41 7.78 2.15 -1.66
N VAL A 42 8.10 2.06 -2.98
CA VAL A 42 8.04 3.24 -3.81
C VAL A 42 7.25 2.92 -5.04
N LEU A 43 6.86 3.97 -5.80
CA LEU A 43 6.09 3.79 -6.99
C LEU A 43 7.03 3.74 -8.17
N ALA A 44 6.70 2.89 -9.16
CA ALA A 44 7.53 2.76 -10.32
C ALA A 44 6.63 2.52 -11.50
N THR A 45 7.06 2.99 -12.70
CA THR A 45 6.28 2.78 -13.91
C THR A 45 6.16 1.31 -14.14
N LEU A 46 5.00 0.88 -14.66
CA LEU A 46 4.78 -0.52 -14.92
C LEU A 46 5.82 -1.01 -15.90
N ARG A 47 6.34 -2.24 -15.64
CA ARG A 47 7.35 -2.81 -16.49
C ARG A 47 6.79 -4.05 -17.10
N THR A 48 7.23 -4.34 -18.34
CA THR A 48 6.77 -5.52 -19.03
C THR A 48 7.63 -6.68 -18.58
N LYS A 49 8.81 -6.37 -18.01
CA LYS A 49 9.72 -7.40 -17.56
C LYS A 49 10.05 -7.11 -16.12
N ASP A 50 10.31 -8.19 -15.34
CA ASP A 50 10.65 -8.04 -13.94
C ASP A 50 9.52 -7.33 -13.24
N TYR A 51 8.27 -7.73 -13.57
CA TYR A 51 7.11 -7.09 -12.99
C TYR A 51 6.69 -7.86 -11.77
N ALA A 52 7.48 -8.90 -11.39
CA ALA A 52 7.16 -9.70 -10.22
C ALA A 52 7.20 -8.81 -9.00
N SER A 53 8.17 -7.88 -8.97
CA SER A 53 8.33 -6.99 -7.84
C SER A 53 7.22 -5.98 -7.84
N GLN A 54 6.47 -5.90 -8.96
CA GLN A 54 5.38 -4.97 -9.05
C GLN A 54 4.11 -5.75 -8.85
N LEU A 55 4.24 -7.08 -8.60
CA LEU A 55 3.07 -7.91 -8.39
C LEU A 55 2.85 -8.07 -6.93
N TRP A 56 1.56 -7.99 -6.53
CA TRP A 56 1.20 -8.11 -5.16
C TRP A 56 0.15 -9.17 -5.06
N ARG A 57 0.10 -9.84 -3.89
CA ARG A 57 -0.84 -10.90 -3.68
C ARG A 57 -1.54 -10.60 -2.39
N HIS A 58 -2.89 -10.68 -2.42
CA HIS A 58 -3.65 -10.40 -1.23
C HIS A 58 -3.88 -11.70 -0.51
N ASP A 59 -3.28 -11.84 0.69
CA ASP A 59 -3.46 -13.04 1.46
C ASP A 59 -4.82 -12.96 2.08
N PRO A 60 -5.40 -14.10 2.39
CA PRO A 60 -6.71 -14.17 3.00
C PRO A 60 -6.76 -13.53 4.35
N SER A 61 -5.56 -13.35 4.98
CA SER A 61 -5.50 -12.73 6.27
C SER A 61 -5.76 -11.27 6.10
N GLY A 62 -5.61 -10.75 4.85
CA GLY A 62 -5.87 -9.35 4.61
C GLY A 62 -4.58 -8.62 4.39
N TYR A 63 -3.46 -9.34 4.15
CA TYR A 63 -2.19 -8.68 3.96
C TYR A 63 -1.82 -8.75 2.50
N LEU A 64 -0.90 -7.86 2.07
CA LEU A 64 -0.44 -7.85 0.70
C LEU A 64 0.97 -8.33 0.72
N VAL A 65 1.28 -9.32 -0.13
CA VAL A 65 2.62 -9.87 -0.18
C VAL A 65 3.19 -9.58 -1.53
N ASN A 66 4.47 -9.15 -1.57
CA ASN A 66 5.11 -8.86 -2.82
C ASN A 66 5.56 -10.19 -3.35
N LYS A 67 5.22 -10.49 -4.62
CA LYS A 67 5.57 -11.77 -5.20
C LYS A 67 7.06 -11.95 -5.26
N LYS A 68 7.80 -10.90 -5.66
CA LYS A 68 9.23 -11.00 -5.85
C LYS A 68 9.95 -11.27 -4.56
N SER A 69 9.68 -10.47 -3.52
CA SER A 69 10.39 -10.63 -2.28
C SER A 69 9.69 -11.63 -1.39
N GLY A 70 8.35 -11.75 -1.50
CA GLY A 70 7.64 -12.67 -0.65
C GLY A 70 7.45 -11.99 0.67
N GLN A 71 7.83 -10.71 0.73
CA GLN A 71 7.70 -9.95 1.95
C GLN A 71 6.43 -9.18 1.85
N VAL A 72 5.94 -8.62 2.99
CA VAL A 72 4.70 -7.90 2.98
C VAL A 72 4.98 -6.46 3.25
N MET A 73 4.05 -5.59 2.81
CA MET A 73 4.22 -4.17 3.04
C MET A 73 3.64 -3.87 4.39
N ASP A 74 4.31 -2.98 5.16
CA ASP A 74 3.82 -2.65 6.47
C ASP A 74 4.45 -1.35 6.91
N ILE A 75 4.15 -0.91 8.15
CA ILE A 75 4.70 0.33 8.65
C ILE A 75 6.12 0.09 9.07
N ALA A 76 6.99 1.10 8.80
CA ALA A 76 8.39 1.01 9.14
C ALA A 76 8.54 1.09 10.63
N LYS A 77 7.77 1.99 11.27
CA LYS A 77 7.86 2.18 12.70
C LYS A 77 7.27 1.00 13.38
N GLY A 78 6.24 0.40 12.76
CA GLY A 78 5.58 -0.73 13.37
C GLY A 78 4.50 -0.15 14.23
N THR A 79 4.49 1.20 14.32
CA THR A 79 3.52 1.90 15.10
C THR A 79 2.86 2.85 14.14
N PRO A 80 1.54 2.82 14.07
CA PRO A 80 0.81 3.69 13.15
C PRO A 80 0.84 5.13 13.57
N LYS A 81 1.43 5.97 12.70
CA LYS A 81 1.51 7.38 12.98
C LYS A 81 1.17 8.06 11.71
N ALA A 82 0.82 9.35 11.81
CA ALA A 82 0.48 10.10 10.64
C ALA A 82 1.76 10.43 9.95
N GLY A 83 1.84 10.13 8.65
CA GLY A 83 3.02 10.41 7.88
C GLY A 83 4.03 9.31 8.08
N VAL A 84 3.62 8.16 8.70
CA VAL A 84 4.57 7.07 8.89
C VAL A 84 4.89 6.47 7.54
N ASP A 85 6.17 6.05 7.36
CA ASP A 85 6.61 5.48 6.09
C ASP A 85 6.22 4.03 6.04
N ILE A 86 6.12 3.50 4.79
CA ILE A 86 5.76 2.12 4.58
C ILE A 86 6.95 1.42 4.00
N VAL A 87 7.34 0.29 4.64
CA VAL A 87 8.48 -0.49 4.20
C VAL A 87 8.03 -1.93 4.15
N GLN A 88 8.87 -2.82 3.57
CA GLN A 88 8.49 -4.21 3.50
C GLN A 88 9.19 -4.94 4.60
N GLN A 89 8.49 -5.94 5.21
CA GLN A 89 9.07 -6.72 6.28
C GLN A 89 8.52 -8.11 6.13
N THR A 90 8.89 -9.01 7.08
CA THR A 90 8.42 -10.38 7.01
C THR A 90 6.95 -10.41 7.36
N GLN A 91 6.33 -11.57 7.10
CA GLN A 91 4.92 -11.75 7.36
C GLN A 91 4.75 -12.11 8.80
N ALA A 92 3.77 -11.47 9.49
CA ALA A 92 3.54 -11.77 10.88
C ALA A 92 2.34 -12.67 10.96
N GLY A 93 1.70 -12.71 12.14
CA GLY A 93 0.55 -13.55 12.34
C GLY A 93 0.99 -14.78 13.06
N SER A 94 2.32 -15.01 13.12
CA SER A 94 2.84 -16.16 13.81
C SER A 94 2.59 -15.99 15.28
N ASN A 95 2.72 -14.75 15.79
CA ASN A 95 2.48 -14.50 17.18
C ASN A 95 1.86 -13.13 17.29
N VAL A 96 1.13 -12.71 16.24
CA VAL A 96 0.48 -11.43 16.26
C VAL A 96 -0.96 -11.66 15.95
N LYS A 97 -1.86 -11.11 16.79
CA LYS A 97 -3.26 -11.26 16.58
C LYS A 97 -3.59 -10.57 15.28
N ASP A 98 -4.51 -11.15 14.49
CA ASP A 98 -4.88 -10.58 13.22
C ASP A 98 -5.58 -9.26 13.45
N ASP A 99 -6.10 -9.03 14.68
CA ASP A 99 -6.81 -7.81 14.96
C ASP A 99 -5.83 -6.80 15.47
N LEU A 100 -4.58 -7.23 15.65
CA LEU A 100 -3.55 -6.34 16.13
C LEU A 100 -2.51 -6.25 15.06
N ASN A 101 -2.83 -6.82 13.88
CA ASN A 101 -1.90 -6.79 12.78
C ASN A 101 -2.20 -5.57 11.97
N PHE A 102 -1.14 -4.81 11.63
CA PHE A 102 -1.30 -3.59 10.89
C PHE A 102 -1.17 -3.89 9.42
N GLN A 103 -0.78 -5.15 9.06
CA GLN A 103 -0.63 -5.51 7.68
C GLN A 103 -2.00 -5.58 7.05
N LYS A 104 -3.05 -5.74 7.89
CA LYS A 104 -4.41 -5.84 7.39
C LYS A 104 -4.83 -4.47 6.88
N PHE A 105 -5.36 -4.45 5.65
CA PHE A 105 -5.81 -3.20 5.06
C PHE A 105 -7.28 -3.34 4.76
N GLY A 106 -7.98 -2.19 4.66
CA GLY A 106 -9.40 -2.19 4.37
C GLY A 106 -9.56 -1.55 3.03
N LEU A 107 -10.71 -1.79 2.37
CA LEU A 107 -10.92 -1.22 1.06
C LEU A 107 -12.32 -0.68 1.03
N SER A 108 -12.47 0.58 0.59
CA SER A 108 -13.78 1.18 0.50
C SER A 108 -14.20 1.14 -0.94
N PRO A 109 -15.49 1.24 -1.17
CA PRO A 109 -16.05 1.25 -2.52
C PRO A 109 -15.55 2.41 -3.35
N TYR A 110 -15.06 3.46 -2.67
CA TYR A 110 -14.57 4.63 -3.36
C TYR A 110 -13.22 4.32 -3.94
N GLY A 111 -12.60 3.20 -3.51
CA GLY A 111 -11.31 2.82 -4.04
C GLY A 111 -10.23 3.33 -3.13
N HIS A 112 -10.60 3.91 -1.97
CA HIS A 112 -9.60 4.39 -1.05
C HIS A 112 -9.14 3.22 -0.24
N ILE A 113 -7.80 3.14 -0.01
CA ILE A 113 -7.25 2.06 0.75
C ILE A 113 -6.83 2.62 2.07
N TYR A 114 -7.34 2.03 3.17
CA TYR A 114 -7.02 2.50 4.49
C TYR A 114 -6.65 1.32 5.32
N LEU A 115 -6.29 1.55 6.58
CA LEU A 115 -5.96 0.44 7.45
C LEU A 115 -7.26 -0.05 8.01
N ALA A 116 -7.33 -1.35 8.28
CA ALA A 116 -8.55 -1.91 8.83
C ALA A 116 -8.69 -1.47 10.26
N ASN A 117 -7.57 -1.11 10.92
CA ASN A 117 -7.64 -0.71 12.31
C ASN A 117 -7.50 0.79 12.42
N LYS A 118 -7.00 1.46 11.36
CA LYS A 118 -6.85 2.89 11.40
C LYS A 118 -7.37 3.44 10.11
N PRO A 119 -8.67 3.63 10.05
CA PRO A 119 -9.32 4.17 8.87
C PRO A 119 -8.95 5.61 8.63
N SER A 120 -8.22 6.21 9.59
CA SER A 120 -7.84 7.59 9.44
C SER A 120 -6.54 7.61 8.71
N LEU A 121 -5.87 6.44 8.57
CA LEU A 121 -4.62 6.39 7.86
C LEU A 121 -4.90 5.73 6.55
N ILE A 122 -4.43 6.36 5.45
CA ILE A 122 -4.65 5.82 4.15
C ILE A 122 -3.37 5.88 3.40
N LEU A 123 -3.29 5.14 2.28
CA LEU A 123 -2.07 5.12 1.51
C LEU A 123 -2.03 6.35 0.64
N GLY A 124 -0.85 6.97 0.54
CA GLY A 124 -0.70 8.15 -0.26
C GLY A 124 0.76 8.34 -0.52
N ILE A 125 1.11 9.36 -1.32
CA ILE A 125 2.50 9.61 -1.63
C ILE A 125 2.77 11.07 -1.40
N LYS A 126 4.06 11.42 -1.21
CA LYS A 126 4.43 12.79 -0.97
C LYS A 126 5.28 13.22 -2.12
N GLU A 127 5.15 14.50 -2.54
CA GLU A 127 5.92 15.00 -3.66
C GLU A 127 7.36 15.08 -3.23
N SER A 128 8.28 14.85 -4.18
CA SER A 128 9.69 14.89 -3.88
C SER A 128 10.19 16.25 -4.29
N PHE A 129 11.39 16.63 -3.79
CA PHE A 129 11.94 17.93 -4.10
C PHE A 129 12.23 17.99 -5.57
N PHE A 130 12.70 16.86 -6.16
CA PHE A 130 13.00 16.84 -7.57
C PHE A 130 11.81 16.27 -8.28
N ALA A 131 10.73 16.03 -7.51
CA ALA A 131 9.50 15.48 -8.04
C ALA A 131 9.80 14.24 -8.85
N ARG A 132 10.65 13.35 -8.31
CA ARG A 132 10.97 12.14 -9.01
C ARG A 132 9.83 11.21 -8.84
N ARG A 133 9.01 11.05 -9.92
CA ARG A 133 7.87 10.16 -9.88
C ARG A 133 8.36 8.76 -9.71
N GLU A 134 9.50 8.44 -10.36
CA GLU A 134 10.03 7.12 -10.27
C GLU A 134 10.81 7.05 -9.01
N GLY A 135 10.11 6.68 -7.94
CA GLY A 135 10.75 6.57 -6.65
C GLY A 135 9.89 7.22 -5.62
N LEU A 136 8.66 7.67 -5.96
CA LEU A 136 7.81 8.27 -4.96
C LEU A 136 7.44 7.17 -4.00
N HIS A 137 7.70 7.40 -2.71
CA HIS A 137 7.43 6.40 -1.70
C HIS A 137 6.03 6.57 -1.20
N VAL A 138 5.46 5.46 -0.70
CA VAL A 138 4.13 5.51 -0.15
C VAL A 138 4.28 5.64 1.33
N HIS A 139 3.34 6.39 1.92
CA HIS A 139 3.37 6.62 3.34
C HIS A 139 1.94 6.71 3.75
N LEU A 140 1.66 6.65 5.07
CA LEU A 140 0.31 6.73 5.51
C LEU A 140 -0.02 8.17 5.71
N GLN A 141 -0.98 8.66 4.91
CA GLN A 141 -1.39 10.03 4.99
C GLN A 141 -2.67 10.00 5.75
N LEU A 142 -2.87 10.96 6.67
CA LEU A 142 -4.09 10.94 7.43
C LEU A 142 -5.21 11.39 6.52
N VAL A 143 -6.35 10.68 6.64
CA VAL A 143 -7.52 10.93 5.83
C VAL A 143 -7.99 12.35 6.10
N ASP A 144 -8.56 12.98 5.05
CA ASP A 144 -9.04 14.33 5.17
C ASP A 144 -10.26 14.39 4.29
N LYS A 145 -11.43 14.45 4.93
CA LYS A 145 -12.69 14.47 4.20
C LYS A 145 -12.79 15.75 3.39
N ARG A 146 -12.05 16.77 3.81
CA ARG A 146 -12.08 18.05 3.12
C ARG A 146 -11.54 17.85 1.73
N HIS A 147 -10.63 16.87 1.54
CA HIS A 147 -10.05 16.67 0.23
C HIS A 147 -9.93 15.19 -0.02
N LEU A 148 -11.02 14.58 -0.54
CA LEU A 148 -10.99 13.17 -0.85
C LEU A 148 -10.92 13.02 -2.34
N ASP A 149 -10.81 14.16 -3.06
CA ASP A 149 -10.79 14.11 -4.51
C ASP A 149 -9.36 14.18 -4.99
N ARG A 150 -8.40 13.94 -4.08
CA ARG A 150 -7.01 13.98 -4.47
C ARG A 150 -6.71 12.72 -5.22
N LYS A 151 -5.99 12.84 -6.36
CA LYS A 151 -5.65 11.70 -7.15
C LYS A 151 -4.63 10.90 -6.40
N GLU A 152 -3.91 11.55 -5.48
CA GLU A 152 -2.87 10.88 -4.72
C GLU A 152 -3.51 9.95 -3.73
N GLN A 153 -4.80 10.21 -3.39
CA GLN A 153 -5.49 9.36 -2.46
C GLN A 153 -6.37 8.45 -3.27
N ARG A 154 -6.32 8.59 -4.61
CA ARG A 154 -7.12 7.76 -5.46
C ARG A 154 -6.28 6.57 -5.84
N TRP A 155 -6.84 5.36 -5.72
CA TRP A 155 -6.10 4.17 -6.02
C TRP A 155 -6.88 3.36 -7.00
N ASP A 156 -6.16 2.70 -7.93
CA ASP A 156 -6.80 1.88 -8.92
C ASP A 156 -6.09 0.56 -8.91
N PHE A 157 -6.78 -0.51 -9.37
CA PHE A 157 -6.19 -1.82 -9.39
C PHE A 157 -6.15 -2.26 -10.81
N VAL A 158 -5.07 -2.96 -11.21
CA VAL A 158 -4.95 -3.42 -12.57
C VAL A 158 -4.61 -4.87 -12.49
N LEU A 159 -5.14 -5.65 -13.46
CA LEU A 159 -4.89 -7.07 -13.48
C LEU A 159 -3.98 -7.33 -14.64
N PRO A 160 -3.25 -8.40 -14.59
CA PRO A 160 -2.31 -8.76 -15.65
C PRO A 160 -2.97 -8.94 -16.99
N VAL A 161 -2.27 -8.48 -18.06
CA VAL A 161 -2.79 -8.60 -19.41
C VAL A 161 -4.08 -7.83 -19.51
N VAL A 162 -4.01 -6.49 -19.31
CA VAL A 162 -5.19 -5.67 -19.40
C VAL A 162 -4.79 -4.38 -20.12
N MET A 1 -7.97 5.23 20.25
CA MET A 1 -8.79 6.47 20.13
C MET A 1 -8.97 6.82 18.67
N ALA A 2 -9.87 6.08 17.99
CA ALA A 2 -10.12 6.35 16.60
C ALA A 2 -11.51 5.89 16.31
N ALA A 3 -12.14 6.47 15.26
CA ALA A 3 -13.47 6.10 14.89
C ALA A 3 -13.40 5.43 13.56
N ALA A 4 -14.13 4.32 13.39
CA ALA A 4 -14.12 3.62 12.13
C ALA A 4 -15.32 4.06 11.34
N MET A 5 -15.12 5.06 10.46
CA MET A 5 -16.21 5.55 9.65
C MET A 5 -16.38 4.62 8.48
N PHE A 6 -15.33 3.80 8.19
CA PHE A 6 -15.39 2.88 7.11
C PHE A 6 -15.44 1.51 7.71
N GLU A 7 -16.66 1.06 8.03
CA GLU A 7 -16.81 -0.25 8.63
C GLU A 7 -16.85 -1.26 7.53
N LYS A 8 -17.46 -0.88 6.38
CA LYS A 8 -17.56 -1.78 5.27
C LYS A 8 -16.24 -1.80 4.56
N SER A 9 -15.84 -3.00 4.08
CA SER A 9 -14.59 -3.14 3.37
C SER A 9 -14.87 -3.94 2.14
N GLU A 10 -14.15 -3.62 1.04
CA GLU A 10 -14.35 -4.34 -0.20
C GLU A 10 -13.22 -5.33 -0.35
N LYS A 11 -13.35 -6.22 -1.35
CA LYS A 11 -12.34 -7.22 -1.59
C LYS A 11 -11.92 -7.10 -3.02
N PHE A 12 -10.75 -7.67 -3.35
CA PHE A 12 -10.26 -7.60 -4.70
C PHE A 12 -10.79 -8.79 -5.45
N PRO A 13 -11.05 -8.60 -6.73
CA PRO A 13 -11.57 -9.66 -7.59
C PRO A 13 -10.57 -10.74 -7.90
N GLU A 14 -9.28 -10.39 -7.85
CA GLU A 14 -8.25 -11.36 -8.14
C GLU A 14 -7.18 -11.24 -7.12
N GLY A 15 -6.50 -12.36 -6.84
CA GLY A 15 -5.43 -12.37 -5.86
C GLY A 15 -4.30 -11.53 -6.36
N TRP A 16 -3.95 -11.66 -7.65
CA TRP A 16 -2.86 -10.89 -8.21
C TRP A 16 -3.43 -9.62 -8.76
N PHE A 17 -2.77 -8.48 -8.48
CA PHE A 17 -3.27 -7.23 -8.98
C PHE A 17 -2.18 -6.22 -8.84
N PHE A 18 -2.33 -5.09 -9.55
CA PHE A 18 -1.34 -4.05 -9.50
C PHE A 18 -2.01 -2.85 -8.90
N ILE A 19 -1.30 -2.15 -7.99
CA ILE A 19 -1.84 -0.99 -7.36
C ILE A 19 -1.08 0.18 -7.91
N LYS A 20 -1.80 1.13 -8.55
CA LYS A 20 -1.11 2.27 -9.11
C LYS A 20 -1.75 3.50 -8.56
N ASN A 21 -0.95 4.56 -8.36
CA ASN A 21 -1.47 5.80 -7.85
C ASN A 21 -1.91 6.58 -9.05
N ASN A 22 -3.15 7.12 -9.02
CA ASN A 22 -3.68 7.87 -10.15
C ASN A 22 -2.88 9.12 -10.41
N SER A 23 -2.24 9.69 -9.37
CA SER A 23 -1.50 10.93 -9.55
C SER A 23 -0.34 10.72 -10.47
N ASN A 24 0.39 9.60 -10.31
CA ASN A 24 1.57 9.39 -11.10
C ASN A 24 1.30 8.37 -12.18
N GLY A 25 0.30 7.49 -11.98
CA GLY A 25 0.03 6.47 -12.98
C GLY A 25 1.11 5.43 -12.85
N TYR A 26 1.81 5.44 -11.70
CA TYR A 26 2.88 4.50 -11.45
C TYR A 26 2.40 3.52 -10.43
N VAL A 27 3.05 2.34 -10.37
CA VAL A 27 2.66 1.33 -9.43
C VAL A 27 3.71 1.29 -8.37
N LEU A 28 3.37 0.75 -7.19
CA LEU A 28 4.34 0.73 -6.10
C LEU A 28 5.09 -0.57 -6.15
N MET A 29 6.41 -0.47 -5.90
CA MET A 29 7.29 -1.61 -5.90
C MET A 29 8.36 -1.31 -4.88
N VAL A 30 9.29 -2.27 -4.68
CA VAL A 30 10.36 -2.08 -3.73
C VAL A 30 11.20 -0.94 -4.24
N ASP A 31 11.94 -0.25 -3.34
CA ASP A 31 12.75 0.90 -3.75
C ASP A 31 13.72 0.51 -4.83
N ASN A 32 14.33 -0.68 -4.73
CA ASN A 32 15.29 -1.06 -5.74
C ASN A 32 15.49 -2.56 -5.72
N GLU A 33 14.38 -3.33 -5.74
CA GLU A 33 14.48 -4.79 -5.76
C GLU A 33 15.33 -5.26 -4.62
N SER A 34 15.00 -4.82 -3.38
CA SER A 34 15.78 -5.22 -2.24
C SER A 34 15.16 -6.47 -1.71
N GLN A 35 15.90 -7.59 -1.80
CA GLN A 35 15.42 -8.85 -1.30
C GLN A 35 15.91 -8.98 0.11
N GLU A 36 16.74 -8.01 0.56
CA GLU A 36 17.28 -8.08 1.90
C GLU A 36 16.38 -7.35 2.84
N SER A 37 15.27 -6.80 2.30
CA SER A 37 14.31 -6.07 3.11
C SER A 37 14.94 -4.78 3.56
N GLY A 38 14.23 -4.04 4.46
CA GLY A 38 14.76 -2.80 4.98
C GLY A 38 14.77 -1.79 3.87
N SER A 39 13.84 -1.91 2.90
CA SER A 39 13.82 -0.98 1.80
C SER A 39 12.41 -0.45 1.67
N PRO A 40 12.29 0.87 1.62
CA PRO A 40 10.99 1.53 1.46
C PRO A 40 10.28 1.17 0.20
N ILE A 41 8.94 1.29 0.20
CA ILE A 41 8.16 0.99 -0.98
C ILE A 41 8.12 2.25 -1.78
N VAL A 42 8.45 2.19 -3.10
CA VAL A 42 8.45 3.40 -3.91
C VAL A 42 7.68 3.16 -5.18
N LEU A 43 7.30 4.27 -5.84
CA LEU A 43 6.55 4.21 -7.07
C LEU A 43 7.50 3.98 -8.22
N ALA A 44 7.03 3.20 -9.21
CA ALA A 44 7.82 2.91 -10.38
C ALA A 44 6.85 2.74 -11.51
N THR A 45 7.26 3.11 -12.74
CA THR A 45 6.38 2.95 -13.88
C THR A 45 6.18 1.48 -14.11
N LEU A 46 5.05 1.15 -14.73
CA LEU A 46 4.73 -0.23 -15.01
C LEU A 46 5.75 -0.77 -15.98
N ARG A 47 6.19 -2.02 -15.74
CA ARG A 47 7.18 -2.62 -16.58
C ARG A 47 6.70 -4.01 -16.91
N THR A 48 7.03 -4.49 -18.12
CA THR A 48 6.63 -5.81 -18.55
C THR A 48 7.67 -6.78 -18.05
N LYS A 49 8.75 -6.25 -17.46
CA LYS A 49 9.81 -7.08 -16.96
C LYS A 49 9.90 -6.85 -15.48
N ASP A 50 10.10 -7.96 -14.71
CA ASP A 50 10.19 -7.87 -13.27
C ASP A 50 8.93 -7.22 -12.76
N TYR A 51 7.78 -7.66 -13.28
CA TYR A 51 6.52 -7.10 -12.87
C TYR A 51 6.07 -7.80 -11.62
N ALA A 52 6.82 -8.86 -11.20
CA ALA A 52 6.50 -9.58 -10.00
C ALA A 52 6.64 -8.66 -8.82
N SER A 53 7.64 -7.76 -8.88
CA SER A 53 7.90 -6.84 -7.81
C SER A 53 6.78 -5.84 -7.76
N GLN A 54 6.04 -5.70 -8.88
CA GLN A 54 4.96 -4.76 -8.94
C GLN A 54 3.67 -5.52 -8.72
N LEU A 55 3.78 -6.83 -8.43
CA LEU A 55 2.60 -7.64 -8.21
C LEU A 55 2.41 -7.78 -6.73
N TRP A 56 1.14 -7.62 -6.30
CA TRP A 56 0.81 -7.73 -4.91
C TRP A 56 -0.27 -8.74 -4.79
N ARG A 57 -0.28 -9.45 -3.64
CA ARG A 57 -1.27 -10.47 -3.43
C ARG A 57 -1.97 -10.16 -2.15
N HIS A 58 -3.31 -10.14 -2.20
CA HIS A 58 -4.08 -9.81 -1.03
C HIS A 58 -4.38 -11.11 -0.33
N ASP A 59 -3.74 -11.33 0.84
CA ASP A 59 -3.98 -12.54 1.59
C ASP A 59 -5.33 -12.41 2.24
N PRO A 60 -5.94 -13.53 2.53
CA PRO A 60 -7.26 -13.54 3.19
C PRO A 60 -7.28 -12.84 4.51
N SER A 61 -6.09 -12.73 5.15
CA SER A 61 -6.02 -12.07 6.43
C SER A 61 -6.14 -10.59 6.21
N GLY A 62 -5.95 -10.14 4.94
CA GLY A 62 -6.08 -8.73 4.65
C GLY A 62 -4.73 -8.11 4.45
N TYR A 63 -3.66 -8.94 4.34
CA TYR A 63 -2.33 -8.38 4.16
C TYR A 63 -1.99 -8.42 2.70
N LEU A 64 -1.08 -7.51 2.27
CA LEU A 64 -0.65 -7.48 0.89
C LEU A 64 0.74 -8.01 0.86
N VAL A 65 0.97 -9.06 0.05
CA VAL A 65 2.27 -9.68 -0.03
C VAL A 65 2.86 -9.36 -1.37
N ASN A 66 4.16 -9.01 -1.38
CA ASN A 66 4.83 -8.71 -2.62
C ASN A 66 5.18 -10.04 -3.20
N LYS A 67 4.77 -10.30 -4.45
CA LYS A 67 5.03 -11.59 -5.05
C LYS A 67 6.51 -11.85 -5.19
N LYS A 68 7.29 -10.81 -5.56
CA LYS A 68 8.70 -10.99 -5.79
C LYS A 68 9.45 -11.34 -4.54
N SER A 69 9.26 -10.58 -3.45
CA SER A 69 10.01 -10.84 -2.25
C SER A 69 9.26 -11.78 -1.36
N GLY A 70 7.91 -11.81 -1.42
CA GLY A 70 7.17 -12.71 -0.57
C GLY A 70 7.02 -12.03 0.76
N GLN A 71 7.50 -10.76 0.84
CA GLN A 71 7.41 -10.01 2.07
C GLN A 71 6.16 -9.19 1.97
N VAL A 72 5.72 -8.59 3.09
CA VAL A 72 4.50 -7.83 3.08
C VAL A 72 4.85 -6.41 3.35
N MET A 73 4.01 -5.48 2.85
CA MET A 73 4.25 -4.07 3.09
C MET A 73 3.83 -3.80 4.51
N ASP A 74 4.56 -2.91 5.20
CA ASP A 74 4.23 -2.63 6.58
C ASP A 74 4.78 -1.27 6.93
N ILE A 75 4.47 -0.80 8.16
CA ILE A 75 4.96 0.47 8.61
C ILE A 75 6.38 0.29 9.04
N ALA A 76 7.22 1.31 8.76
CA ALA A 76 8.62 1.25 9.12
C ALA A 76 8.77 1.32 10.62
N LYS A 77 8.00 2.22 11.25
CA LYS A 77 8.08 2.39 12.68
C LYS A 77 7.45 1.22 13.35
N GLY A 78 6.42 0.66 12.71
CA GLY A 78 5.71 -0.45 13.30
C GLY A 78 4.61 0.15 14.11
N THR A 79 4.64 1.50 14.21
CA THR A 79 3.63 2.22 14.95
C THR A 79 2.89 3.04 13.92
N PRO A 80 1.61 2.80 13.77
CA PRO A 80 0.82 3.53 12.80
C PRO A 80 0.56 4.95 13.19
N LYS A 81 1.13 5.90 12.43
CA LYS A 81 0.94 7.27 12.71
C LYS A 81 0.94 7.97 11.39
N ALA A 82 0.48 9.24 11.38
CA ALA A 82 0.47 9.98 10.15
C ALA A 82 1.88 10.36 9.86
N GLY A 83 2.28 10.25 8.58
CA GLY A 83 3.62 10.61 8.20
C GLY A 83 4.55 9.45 8.42
N VAL A 84 4.04 8.25 8.77
CA VAL A 84 4.94 7.11 8.95
C VAL A 84 5.20 6.52 7.58
N ASP A 85 6.50 6.24 7.29
CA ASP A 85 6.88 5.69 6.00
C ASP A 85 6.49 4.23 5.94
N ILE A 86 6.33 3.72 4.70
CA ILE A 86 5.95 2.33 4.50
C ILE A 86 7.13 1.60 3.92
N VAL A 87 7.50 0.47 4.57
CA VAL A 87 8.61 -0.32 4.11
C VAL A 87 8.16 -1.76 4.12
N GLN A 88 8.88 -2.65 3.40
CA GLN A 88 8.48 -4.04 3.38
C GLN A 88 9.02 -4.69 4.62
N GLN A 89 8.27 -5.69 5.16
CA GLN A 89 8.68 -6.38 6.36
C GLN A 89 8.28 -7.81 6.24
N THR A 90 8.78 -8.65 7.17
CA THR A 90 8.46 -10.05 7.16
C THR A 90 7.00 -10.20 7.52
N GLN A 91 6.36 -11.25 6.96
CA GLN A 91 4.96 -11.48 7.22
C GLN A 91 4.80 -11.92 8.64
N ALA A 92 3.59 -11.72 9.21
CA ALA A 92 3.35 -12.11 10.57
C ALA A 92 2.00 -12.76 10.64
N GLY A 93 1.41 -12.80 11.85
CA GLY A 93 0.12 -13.40 12.03
C GLY A 93 0.33 -14.75 12.64
N SER A 94 1.56 -15.29 12.53
CA SER A 94 1.85 -16.59 13.11
C SER A 94 1.79 -16.47 14.60
N ASN A 95 2.35 -15.37 15.14
CA ASN A 95 2.34 -15.17 16.57
C ASN A 95 1.87 -13.77 16.85
N VAL A 96 1.10 -13.19 15.91
CA VAL A 96 0.61 -11.85 16.11
C VAL A 96 -0.88 -11.90 15.96
N LYS A 97 -1.61 -11.35 16.96
CA LYS A 97 -3.03 -11.33 16.94
C LYS A 97 -3.49 -10.58 15.71
N ASP A 98 -4.62 -11.00 15.12
CA ASP A 98 -5.14 -10.36 13.93
C ASP A 98 -5.51 -8.92 14.25
N ASP A 99 -5.74 -8.62 15.55
CA ASP A 99 -6.12 -7.28 15.93
C ASP A 99 -4.89 -6.48 16.21
N LEU A 100 -3.72 -7.14 16.13
CA LEU A 100 -2.47 -6.47 16.38
C LEU A 100 -1.69 -6.47 15.11
N ASN A 101 -2.33 -6.93 14.03
CA ASN A 101 -1.67 -6.97 12.74
C ASN A 101 -1.89 -5.64 12.09
N PHE A 102 -0.77 -4.99 11.70
CA PHE A 102 -0.84 -3.68 11.09
C PHE A 102 -0.79 -3.82 9.59
N GLN A 103 -0.52 -5.04 9.09
CA GLN A 103 -0.42 -5.24 7.66
C GLN A 103 -1.80 -5.42 7.10
N LYS A 104 -2.83 -5.48 7.97
CA LYS A 104 -4.18 -5.65 7.50
C LYS A 104 -4.65 -4.34 6.92
N PHE A 105 -5.10 -4.37 5.64
CA PHE A 105 -5.55 -3.18 4.97
C PHE A 105 -6.98 -3.39 4.59
N GLY A 106 -7.74 -2.27 4.47
CA GLY A 106 -9.13 -2.35 4.09
C GLY A 106 -9.24 -1.64 2.78
N LEU A 107 -10.22 -2.06 1.94
CA LEU A 107 -10.38 -1.45 0.64
C LEU A 107 -11.66 -0.67 0.66
N SER A 108 -11.57 0.65 0.43
CA SER A 108 -12.74 1.49 0.39
C SER A 108 -13.40 1.28 -0.94
N PRO A 109 -14.72 1.31 -0.96
CA PRO A 109 -15.48 1.15 -2.19
C PRO A 109 -15.15 2.20 -3.23
N TYR A 110 -14.58 3.33 -2.76
CA TYR A 110 -14.23 4.41 -3.65
C TYR A 110 -12.86 4.15 -4.25
N GLY A 111 -12.20 3.05 -3.82
CA GLY A 111 -10.90 2.72 -4.37
C GLY A 111 -9.82 3.24 -3.47
N HIS A 112 -10.19 3.78 -2.29
CA HIS A 112 -9.19 4.30 -1.37
C HIS A 112 -8.70 3.14 -0.56
N ILE A 113 -7.41 3.17 -0.17
CA ILE A 113 -6.85 2.10 0.61
C ILE A 113 -6.56 2.67 1.97
N TYR A 114 -7.12 2.03 3.02
CA TYR A 114 -6.91 2.52 4.36
C TYR A 114 -6.55 1.33 5.19
N LEU A 115 -6.13 1.58 6.45
CA LEU A 115 -5.78 0.46 7.30
C LEU A 115 -7.04 0.03 7.96
N ALA A 116 -7.15 -1.27 8.22
CA ALA A 116 -8.32 -1.82 8.86
C ALA A 116 -8.42 -1.28 10.27
N ASN A 117 -7.26 -1.10 10.95
CA ASN A 117 -7.30 -0.66 12.32
C ASN A 117 -7.16 0.84 12.39
N LYS A 118 -6.68 1.49 11.31
CA LYS A 118 -6.51 2.91 11.33
C LYS A 118 -7.07 3.44 10.04
N PRO A 119 -8.36 3.60 9.99
CA PRO A 119 -9.05 4.11 8.81
C PRO A 119 -8.68 5.52 8.47
N SER A 120 -8.03 6.23 9.43
CA SER A 120 -7.65 7.58 9.19
C SER A 120 -6.34 7.57 8.45
N LEU A 121 -5.63 6.43 8.46
CA LEU A 121 -4.37 6.37 7.75
C LEU A 121 -4.63 5.71 6.43
N ILE A 122 -4.13 6.34 5.36
CA ILE A 122 -4.32 5.81 4.03
C ILE A 122 -3.01 5.91 3.33
N LEU A 123 -2.87 5.18 2.21
CA LEU A 123 -1.64 5.18 1.47
C LEU A 123 -1.63 6.38 0.58
N GLY A 124 -0.45 7.01 0.43
CA GLY A 124 -0.31 8.17 -0.41
C GLY A 124 1.15 8.35 -0.66
N ILE A 125 1.53 9.47 -1.32
CA ILE A 125 2.93 9.71 -1.60
C ILE A 125 3.22 11.14 -1.29
N LYS A 126 4.51 11.48 -1.12
CA LYS A 126 4.90 12.84 -0.84
C LYS A 126 5.59 13.36 -2.06
N GLU A 127 5.38 14.66 -2.37
CA GLU A 127 5.99 15.24 -3.53
C GLU A 127 7.46 15.39 -3.28
N SER A 128 8.27 15.29 -4.35
CA SER A 128 9.70 15.41 -4.21
C SER A 128 10.09 16.74 -4.78
N PHE A 129 11.26 17.26 -4.33
CA PHE A 129 11.73 18.55 -4.80
C PHE A 129 11.92 18.49 -6.29
N PHE A 130 12.57 17.41 -6.79
CA PHE A 130 12.81 17.30 -8.21
C PHE A 130 11.62 16.62 -8.83
N ALA A 131 10.62 16.30 -7.98
CA ALA A 131 9.41 15.64 -8.43
C ALA A 131 9.74 14.42 -9.23
N ARG A 132 10.68 13.59 -8.73
CA ARG A 132 11.05 12.40 -9.45
C ARG A 132 10.02 11.36 -9.12
N ARG A 133 9.22 10.97 -10.14
CA ARG A 133 8.18 9.98 -9.94
C ARG A 133 8.80 8.66 -9.64
N GLU A 134 9.97 8.38 -10.27
CA GLU A 134 10.63 7.12 -10.06
C GLU A 134 11.42 7.26 -8.81
N GLY A 135 10.76 7.01 -7.68
CA GLY A 135 11.42 7.11 -6.42
C GLY A 135 10.47 7.65 -5.39
N LEU A 136 9.23 8.01 -5.79
CA LEU A 136 8.30 8.52 -4.79
C LEU A 136 7.95 7.36 -3.91
N HIS A 137 8.14 7.54 -2.59
CA HIS A 137 7.89 6.49 -1.65
C HIS A 137 6.49 6.61 -1.13
N VAL A 138 5.96 5.48 -0.62
CA VAL A 138 4.63 5.48 -0.08
C VAL A 138 4.75 6.06 1.29
N HIS A 139 3.83 6.97 1.61
CA HIS A 139 3.84 7.64 2.88
C HIS A 139 2.45 7.59 3.41
N LEU A 140 2.27 7.41 4.73
CA LEU A 140 0.94 7.37 5.27
C LEU A 140 0.44 8.77 5.40
N GLN A 141 -0.76 9.02 4.84
CA GLN A 141 -1.36 10.32 4.89
C GLN A 141 -2.64 10.14 5.62
N LEU A 142 -3.12 11.19 6.31
CA LEU A 142 -4.34 11.06 7.03
C LEU A 142 -5.49 11.39 6.13
N VAL A 143 -6.56 10.58 6.26
CA VAL A 143 -7.75 10.74 5.45
C VAL A 143 -8.36 12.09 5.73
N ASP A 144 -8.92 12.72 4.68
CA ASP A 144 -9.51 14.02 4.83
C ASP A 144 -10.62 14.07 3.82
N LYS A 145 -11.87 13.92 4.30
CA LYS A 145 -13.03 13.92 3.43
C LYS A 145 -13.22 15.28 2.83
N ARG A 146 -12.62 16.31 3.45
CA ARG A 146 -12.76 17.66 2.94
C ARG A 146 -12.05 17.76 1.62
N HIS A 147 -11.05 16.88 1.39
CA HIS A 147 -10.31 16.93 0.15
C HIS A 147 -10.19 15.55 -0.39
N LEU A 148 -11.25 15.07 -1.09
CA LEU A 148 -11.24 13.74 -1.66
C LEU A 148 -10.99 13.87 -3.14
N ASP A 149 -10.73 15.11 -3.61
CA ASP A 149 -10.52 15.33 -5.03
C ASP A 149 -9.04 15.27 -5.31
N ARG A 150 -8.27 14.73 -4.36
CA ARG A 150 -6.85 14.63 -4.54
C ARG A 150 -6.60 13.34 -5.24
N LYS A 151 -6.07 13.42 -6.48
CA LYS A 151 -5.80 12.25 -7.28
C LYS A 151 -4.71 11.45 -6.63
N GLU A 152 -3.90 12.07 -5.76
CA GLU A 152 -2.82 11.37 -5.10
C GLU A 152 -3.40 10.48 -4.04
N GLN A 153 -4.65 10.75 -3.62
CA GLN A 153 -5.28 9.93 -2.62
C GLN A 153 -6.15 8.93 -3.33
N ARG A 154 -6.20 9.01 -4.69
CA ARG A 154 -7.00 8.08 -5.42
C ARG A 154 -6.10 7.01 -5.95
N TRP A 155 -6.52 5.74 -5.79
CA TRP A 155 -5.70 4.64 -6.24
C TRP A 155 -6.47 3.89 -7.27
N ASP A 156 -5.76 3.45 -8.33
CA ASP A 156 -6.38 2.69 -9.38
C ASP A 156 -5.82 1.32 -9.29
N PHE A 157 -6.56 0.31 -9.82
CA PHE A 157 -6.08 -1.04 -9.73
C PHE A 157 -6.12 -1.62 -11.11
N VAL A 158 -5.11 -2.47 -11.42
CA VAL A 158 -5.04 -3.08 -12.72
C VAL A 158 -4.87 -4.54 -12.48
N LEU A 159 -5.45 -5.38 -13.36
CA LEU A 159 -5.35 -6.80 -13.21
C LEU A 159 -4.43 -7.29 -14.29
N PRO A 160 -3.74 -8.39 -14.03
CA PRO A 160 -2.81 -8.96 -14.98
C PRO A 160 -3.49 -9.53 -16.19
N VAL A 161 -2.78 -9.48 -17.34
CA VAL A 161 -3.34 -10.00 -18.57
C VAL A 161 -2.41 -11.08 -19.03
N VAL A 162 -2.98 -12.30 -19.25
CA VAL A 162 -2.20 -13.43 -19.70
C VAL A 162 -1.11 -13.73 -18.64
N MET A 1 -22.16 11.58 13.84
CA MET A 1 -23.41 10.92 14.27
C MET A 1 -23.52 9.54 13.68
N ALA A 2 -23.45 9.46 12.33
CA ALA A 2 -23.53 8.18 11.66
C ALA A 2 -22.36 7.34 12.08
N ALA A 3 -21.18 7.97 12.21
CA ALA A 3 -19.98 7.27 12.61
C ALA A 3 -19.58 6.34 11.50
N ALA A 4 -19.83 6.74 10.23
CA ALA A 4 -19.49 5.91 9.11
C ALA A 4 -18.13 6.33 8.63
N MET A 5 -17.13 6.26 9.53
CA MET A 5 -15.80 6.64 9.15
C MET A 5 -15.10 5.39 8.72
N PHE A 6 -15.63 4.75 7.65
CA PHE A 6 -15.06 3.55 7.11
C PHE A 6 -15.20 2.45 8.13
N GLU A 7 -16.43 2.26 8.65
CA GLU A 7 -16.67 1.23 9.64
C GLU A 7 -16.60 -0.12 8.98
N LYS A 8 -16.74 -0.16 7.64
CA LYS A 8 -16.70 -1.40 6.93
C LYS A 8 -15.56 -1.33 5.96
N SER A 9 -15.09 -2.52 5.51
CA SER A 9 -13.99 -2.57 4.58
C SER A 9 -14.40 -3.47 3.45
N GLU A 10 -13.94 -3.14 2.22
CA GLU A 10 -14.27 -3.94 1.07
C GLU A 10 -13.21 -4.97 0.92
N LYS A 11 -13.45 -5.94 0.02
CA LYS A 11 -12.51 -7.00 -0.20
C LYS A 11 -11.63 -6.62 -1.35
N PHE A 12 -10.32 -6.89 -1.17
CA PHE A 12 -9.35 -6.61 -2.21
C PHE A 12 -9.45 -7.71 -3.22
N PRO A 13 -9.02 -7.44 -4.44
CA PRO A 13 -9.06 -8.43 -5.51
C PRO A 13 -8.13 -9.57 -5.24
N GLU A 14 -8.50 -10.77 -5.73
CA GLU A 14 -7.70 -11.94 -5.51
C GLU A 14 -6.86 -12.16 -6.73
N GLY A 15 -5.81 -13.00 -6.58
CA GLY A 15 -4.94 -13.30 -7.70
C GLY A 15 -3.91 -12.21 -7.77
N TRP A 16 -3.19 -12.16 -8.91
CA TRP A 16 -2.17 -11.17 -9.10
C TRP A 16 -2.86 -9.88 -9.43
N PHE A 17 -2.34 -8.74 -8.91
CA PHE A 17 -2.97 -7.48 -9.20
C PHE A 17 -1.93 -6.42 -9.03
N PHE A 18 -2.21 -5.23 -9.61
CA PHE A 18 -1.28 -4.14 -9.55
C PHE A 18 -1.98 -3.02 -8.84
N ILE A 19 -1.24 -2.30 -7.98
CA ILE A 19 -1.82 -1.17 -7.28
C ILE A 19 -1.30 0.04 -7.99
N LYS A 20 -2.20 0.82 -8.61
CA LYS A 20 -1.77 1.97 -9.38
C LYS A 20 -2.20 3.21 -8.67
N ASN A 21 -1.27 4.17 -8.51
CA ASN A 21 -1.58 5.43 -7.89
C ASN A 21 -2.04 6.32 -9.01
N ASN A 22 -3.28 6.84 -8.90
CA ASN A 22 -3.86 7.67 -9.95
C ASN A 22 -3.09 8.95 -10.18
N SER A 23 -2.26 9.40 -9.22
CA SER A 23 -1.56 10.66 -9.41
C SER A 23 -0.59 10.57 -10.56
N ASN A 24 0.19 9.48 -10.65
CA ASN A 24 1.16 9.38 -11.71
C ASN A 24 0.84 8.21 -12.60
N GLY A 25 -0.07 7.31 -12.17
CA GLY A 25 -0.38 6.16 -13.00
C GLY A 25 0.72 5.15 -12.82
N TYR A 26 1.49 5.28 -11.72
CA TYR A 26 2.56 4.37 -11.44
C TYR A 26 2.06 3.35 -10.49
N VAL A 27 2.78 2.22 -10.35
CA VAL A 27 2.34 1.16 -9.47
C VAL A 27 3.37 0.94 -8.41
N LEU A 28 2.93 0.31 -7.29
CA LEU A 28 3.82 0.04 -6.19
C LEU A 28 4.85 -0.98 -6.60
N MET A 29 6.12 -0.68 -6.27
CA MET A 29 7.20 -1.57 -6.60
C MET A 29 8.17 -1.45 -5.45
N VAL A 30 9.11 -2.39 -5.33
CA VAL A 30 10.10 -2.30 -4.28
C VAL A 30 11.00 -1.15 -4.66
N ASP A 31 11.76 -0.59 -3.69
CA ASP A 31 12.62 0.56 -3.94
C ASP A 31 13.48 0.33 -5.17
N ASN A 32 13.96 -0.91 -5.36
CA ASN A 32 14.81 -1.17 -6.51
C ASN A 32 14.83 -2.65 -6.77
N GLU A 33 13.64 -3.29 -6.79
CA GLU A 33 13.55 -4.72 -7.05
C GLU A 33 14.42 -5.46 -6.05
N SER A 34 14.29 -5.08 -4.77
CA SER A 34 15.08 -5.69 -3.73
C SER A 34 14.25 -6.78 -3.11
N GLN A 35 14.85 -7.98 -3.00
CA GLN A 35 14.14 -9.08 -2.40
C GLN A 35 14.49 -9.08 -0.94
N GLU A 36 15.38 -8.15 -0.52
CA GLU A 36 15.77 -8.09 0.86
C GLU A 36 14.76 -7.24 1.58
N SER A 37 14.43 -7.64 2.83
CA SER A 37 13.47 -6.91 3.61
C SER A 37 14.08 -5.62 4.07
N GLY A 38 13.22 -4.66 4.47
CA GLY A 38 13.71 -3.38 4.94
C GLY A 38 13.83 -2.45 3.77
N SER A 39 13.35 -2.88 2.59
CA SER A 39 13.45 -2.04 1.42
C SER A 39 12.18 -1.23 1.32
N PRO A 40 12.32 0.07 1.17
CA PRO A 40 11.16 0.96 1.04
C PRO A 40 10.31 0.64 -0.15
N ILE A 41 9.00 0.97 -0.06
CA ILE A 41 8.10 0.70 -1.15
C ILE A 41 8.05 1.97 -1.95
N VAL A 42 8.26 1.89 -3.29
CA VAL A 42 8.25 3.10 -4.10
C VAL A 42 7.37 2.87 -5.30
N LEU A 43 6.99 3.98 -5.97
CA LEU A 43 6.13 3.88 -7.13
C LEU A 43 7.02 3.85 -8.34
N ALA A 44 6.62 3.05 -9.35
CA ALA A 44 7.40 2.94 -10.55
C ALA A 44 6.46 2.74 -11.70
N THR A 45 6.86 3.23 -12.90
CA THR A 45 6.05 3.07 -14.10
C THR A 45 5.88 1.60 -14.34
N LEU A 46 4.69 1.20 -14.86
CA LEU A 46 4.42 -0.19 -15.13
C LEU A 46 5.42 -0.71 -16.11
N ARG A 47 5.89 -1.95 -15.88
CA ARG A 47 6.86 -2.55 -16.74
C ARG A 47 6.29 -3.83 -17.27
N THR A 48 6.63 -4.17 -18.52
CA THR A 48 6.14 -5.38 -19.13
C THR A 48 7.06 -6.50 -18.71
N LYS A 49 8.25 -6.15 -18.20
CA LYS A 49 9.21 -7.15 -17.80
C LYS A 49 9.54 -6.89 -16.35
N ASP A 50 9.82 -7.98 -15.60
CA ASP A 50 10.15 -7.87 -14.19
C ASP A 50 9.02 -7.17 -13.48
N TYR A 51 7.78 -7.57 -13.83
CA TYR A 51 6.62 -6.94 -13.24
C TYR A 51 6.23 -7.71 -12.00
N ALA A 52 7.02 -8.75 -11.64
CA ALA A 52 6.73 -9.54 -10.46
C ALA A 52 6.83 -8.65 -9.25
N SER A 53 7.81 -7.72 -9.29
CA SER A 53 8.02 -6.82 -8.18
C SER A 53 6.87 -5.86 -8.10
N GLN A 54 6.12 -5.73 -9.21
CA GLN A 54 5.01 -4.82 -9.23
C GLN A 54 3.76 -5.61 -8.97
N LEU A 55 3.90 -6.93 -8.71
CA LEU A 55 2.74 -7.75 -8.45
C LEU A 55 2.60 -7.92 -6.97
N TRP A 56 1.34 -7.79 -6.50
CA TRP A 56 1.07 -7.90 -5.11
C TRP A 56 -0.01 -8.94 -4.97
N ARG A 57 -0.01 -9.66 -3.82
CA ARG A 57 -0.98 -10.69 -3.60
C ARG A 57 -1.62 -10.44 -2.27
N HIS A 58 -2.96 -10.48 -2.25
CA HIS A 58 -3.69 -10.22 -1.04
C HIS A 58 -3.89 -11.53 -0.32
N ASP A 59 -3.33 -11.65 0.91
CA ASP A 59 -3.48 -12.86 1.68
C ASP A 59 -4.84 -12.81 2.31
N PRO A 60 -5.37 -13.96 2.68
CA PRO A 60 -6.67 -14.03 3.33
C PRO A 60 -6.68 -13.29 4.65
N SER A 61 -5.49 -13.02 5.20
CA SER A 61 -5.39 -12.31 6.45
C SER A 61 -5.43 -10.83 6.15
N GLY A 62 -5.50 -10.46 4.84
CA GLY A 62 -5.56 -9.07 4.47
C GLY A 62 -4.18 -8.51 4.37
N TYR A 63 -3.15 -9.37 4.16
CA TYR A 63 -1.80 -8.88 4.07
C TYR A 63 -1.41 -8.91 2.63
N LEU A 64 -0.77 -7.83 2.14
CA LEU A 64 -0.36 -7.77 0.75
C LEU A 64 1.06 -8.25 0.69
N VAL A 65 1.29 -9.30 -0.11
CA VAL A 65 2.63 -9.86 -0.22
C VAL A 65 3.16 -9.55 -1.59
N ASN A 66 4.43 -9.12 -1.66
CA ASN A 66 5.03 -8.82 -2.93
C ASN A 66 5.42 -10.14 -3.51
N LYS A 67 5.02 -10.43 -4.75
CA LYS A 67 5.31 -11.70 -5.36
C LYS A 67 6.80 -11.90 -5.53
N LYS A 68 7.53 -10.83 -5.92
CA LYS A 68 8.95 -10.96 -6.18
C LYS A 68 9.73 -11.18 -4.92
N SER A 69 9.52 -10.33 -3.89
CA SER A 69 10.30 -10.45 -2.69
C SER A 69 9.68 -11.43 -1.73
N GLY A 70 8.34 -11.58 -1.76
CA GLY A 70 7.71 -12.51 -0.85
C GLY A 70 7.56 -11.81 0.46
N GLN A 71 7.94 -10.51 0.50
CA GLN A 71 7.85 -9.75 1.71
C GLN A 71 6.50 -9.10 1.70
N VAL A 72 6.04 -8.58 2.86
CA VAL A 72 4.74 -7.97 2.92
C VAL A 72 4.92 -6.52 3.26
N MET A 73 3.89 -5.71 2.96
CA MET A 73 3.96 -4.29 3.25
C MET A 73 3.90 -4.12 4.74
N ASP A 74 4.71 -3.19 5.29
CA ASP A 74 4.69 -3.00 6.72
C ASP A 74 5.25 -1.63 7.00
N ILE A 75 5.15 -1.19 8.28
CA ILE A 75 5.67 0.10 8.65
C ILE A 75 7.11 -0.07 9.00
N ALA A 76 7.93 0.94 8.64
CA ALA A 76 9.35 0.89 8.91
C ALA A 76 9.59 0.93 10.40
N LYS A 77 8.88 1.83 11.10
CA LYS A 77 9.05 1.96 12.53
C LYS A 77 8.42 0.80 13.20
N GLY A 78 7.33 0.29 12.61
CA GLY A 78 6.62 -0.80 13.22
C GLY A 78 5.57 -0.18 14.10
N THR A 79 5.68 1.17 14.23
CA THR A 79 4.74 1.92 15.04
C THR A 79 3.98 2.78 14.08
N PRO A 80 2.67 2.61 14.04
CA PRO A 80 1.85 3.39 13.13
C PRO A 80 1.67 4.80 13.56
N LYS A 81 2.15 5.76 12.74
CA LYS A 81 2.02 7.13 13.05
C LYS A 81 1.95 7.82 11.73
N ALA A 82 1.45 9.07 11.71
CA ALA A 82 1.38 9.78 10.47
C ALA A 82 2.78 10.16 10.10
N GLY A 83 3.11 10.04 8.81
CA GLY A 83 4.43 10.39 8.35
C GLY A 83 5.36 9.22 8.51
N VAL A 84 4.86 8.01 8.86
CA VAL A 84 5.75 6.87 8.98
C VAL A 84 5.90 6.27 7.61
N ASP A 85 7.17 5.97 7.22
CA ASP A 85 7.45 5.40 5.92
C ASP A 85 7.02 3.96 5.89
N ILE A 86 6.69 3.47 4.66
CA ILE A 86 6.27 2.10 4.49
C ILE A 86 7.38 1.35 3.82
N VAL A 87 7.76 0.20 4.42
CA VAL A 87 8.83 -0.60 3.87
C VAL A 87 8.36 -2.02 3.88
N GLN A 88 9.01 -2.91 3.09
CA GLN A 88 8.59 -4.29 3.05
C GLN A 88 9.31 -5.01 4.16
N GLN A 89 8.56 -5.89 4.87
CA GLN A 89 9.14 -6.65 5.95
C GLN A 89 8.59 -8.03 5.87
N THR A 90 9.10 -8.95 6.73
CA THR A 90 8.63 -10.31 6.72
C THR A 90 7.24 -10.35 7.30
N GLN A 91 6.55 -11.49 7.09
CA GLN A 91 5.20 -11.64 7.57
C GLN A 91 5.26 -11.98 9.03
N ALA A 92 4.15 -11.71 9.75
CA ALA A 92 4.11 -12.00 11.16
C ALA A 92 2.79 -12.65 11.43
N GLY A 93 2.68 -13.34 12.58
CA GLY A 93 1.45 -14.01 12.92
C GLY A 93 1.77 -15.09 13.89
N SER A 94 3.05 -15.52 13.92
CA SER A 94 3.45 -16.56 14.83
C SER A 94 3.32 -16.06 16.25
N ASN A 95 3.70 -14.80 16.49
CA ASN A 95 3.61 -14.26 17.83
C ASN A 95 2.88 -12.95 17.79
N VAL A 96 2.15 -12.69 16.68
CA VAL A 96 1.40 -11.46 16.57
C VAL A 96 0.00 -11.83 16.21
N LYS A 97 -0.98 -11.31 16.99
CA LYS A 97 -2.35 -11.57 16.71
C LYS A 97 -2.66 -10.94 15.38
N ASP A 98 -3.45 -11.63 14.55
CA ASP A 98 -3.80 -11.11 13.25
C ASP A 98 -4.65 -9.89 13.41
N ASP A 99 -5.27 -9.71 14.59
CA ASP A 99 -6.14 -8.57 14.80
C ASP A 99 -5.31 -7.43 15.31
N LEU A 100 -4.03 -7.70 15.60
CA LEU A 100 -3.15 -6.68 16.09
C LEU A 100 -2.04 -6.53 15.10
N ASN A 101 -2.22 -7.17 13.93
CA ASN A 101 -1.20 -7.11 12.91
C ASN A 101 -1.57 -5.96 12.01
N PHE A 102 -0.62 -5.02 11.86
CA PHE A 102 -0.84 -3.84 11.06
C PHE A 102 -0.72 -4.18 9.60
N GLN A 103 -0.29 -5.42 9.26
CA GLN A 103 -0.13 -5.80 7.88
C GLN A 103 -1.50 -5.96 7.27
N LYS A 104 -2.56 -5.98 8.13
CA LYS A 104 -3.92 -6.11 7.66
C LYS A 104 -4.33 -4.77 7.11
N PHE A 105 -4.82 -4.74 5.86
CA PHE A 105 -5.23 -3.50 5.24
C PHE A 105 -6.69 -3.59 4.94
N GLY A 106 -7.37 -2.41 4.86
CA GLY A 106 -8.78 -2.37 4.57
C GLY A 106 -8.93 -1.65 3.27
N LEU A 107 -10.01 -1.99 2.52
CA LEU A 107 -10.21 -1.36 1.23
C LEU A 107 -11.42 -0.48 1.32
N SER A 108 -11.23 0.83 1.03
CA SER A 108 -12.33 1.76 1.05
C SER A 108 -13.04 1.63 -0.27
N PRO A 109 -14.36 1.66 -0.23
CA PRO A 109 -15.16 1.55 -1.45
C PRO A 109 -15.06 2.77 -2.33
N TYR A 110 -14.40 3.83 -1.82
CA TYR A 110 -14.26 5.05 -2.59
C TYR A 110 -12.97 4.99 -3.38
N GLY A 111 -12.20 3.88 -3.24
CA GLY A 111 -10.96 3.76 -3.97
C GLY A 111 -9.83 4.27 -3.14
N HIS A 112 -9.84 3.93 -1.83
CA HIS A 112 -8.78 4.37 -0.95
C HIS A 112 -8.34 3.15 -0.18
N ILE A 113 -7.06 3.12 0.23
CA ILE A 113 -6.56 1.99 0.98
C ILE A 113 -6.17 2.51 2.33
N TYR A 114 -6.69 1.88 3.41
CA TYR A 114 -6.39 2.33 4.74
C TYR A 114 -6.02 1.12 5.53
N LEU A 115 -5.55 1.34 6.78
CA LEU A 115 -5.19 0.22 7.61
C LEU A 115 -6.44 -0.24 8.27
N ALA A 116 -6.53 -1.55 8.54
CA ALA A 116 -7.70 -2.09 9.19
C ALA A 116 -7.70 -1.69 10.64
N ASN A 117 -6.51 -1.34 11.20
CA ASN A 117 -6.43 -0.98 12.59
C ASN A 117 -6.35 0.52 12.71
N LYS A 118 -5.84 1.20 11.67
CA LYS A 118 -5.72 2.63 11.72
C LYS A 118 -6.26 3.18 10.44
N PRO A 119 -7.56 3.36 10.41
CA PRO A 119 -8.24 3.90 9.24
C PRO A 119 -7.86 5.32 8.96
N SER A 120 -7.12 5.95 9.90
CA SER A 120 -6.73 7.32 9.72
C SER A 120 -5.51 7.33 8.85
N LEU A 121 -4.73 6.23 8.87
CA LEU A 121 -3.52 6.16 8.09
C LEU A 121 -3.86 5.52 6.78
N ILE A 122 -3.42 6.16 5.67
CA ILE A 122 -3.66 5.63 4.36
C ILE A 122 -2.40 5.75 3.58
N LEU A 123 -2.32 5.00 2.47
CA LEU A 123 -1.13 5.03 1.65
C LEU A 123 -1.15 6.31 0.86
N GLY A 124 0.00 7.00 0.82
CA GLY A 124 0.09 8.24 0.10
C GLY A 124 1.53 8.43 -0.27
N ILE A 125 1.88 9.63 -0.75
CA ILE A 125 3.24 9.91 -1.15
C ILE A 125 3.59 11.28 -0.69
N LYS A 126 4.88 11.67 -0.84
CA LYS A 126 5.31 12.97 -0.46
C LYS A 126 5.78 13.65 -1.71
N GLU A 127 5.04 14.69 -2.15
CA GLU A 127 5.41 15.41 -3.34
C GLU A 127 6.43 16.45 -2.96
N SER A 128 7.53 16.50 -3.72
CA SER A 128 8.56 17.46 -3.47
C SER A 128 9.20 17.76 -4.79
N PHE A 129 9.90 18.91 -4.89
CA PHE A 129 10.55 19.27 -6.12
C PHE A 129 11.69 18.34 -6.36
N PHE A 130 12.32 17.85 -5.26
CA PHE A 130 13.43 16.94 -5.40
C PHE A 130 12.93 15.54 -5.17
N ALA A 131 11.68 15.26 -5.59
CA ALA A 131 11.12 13.95 -5.40
C ALA A 131 10.81 13.42 -6.76
N ARG A 132 11.72 12.56 -7.26
CA ARG A 132 11.55 11.94 -8.55
C ARG A 132 10.31 11.09 -8.49
N ARG A 133 9.43 11.25 -9.51
CA ARG A 133 8.20 10.50 -9.56
C ARG A 133 8.52 9.05 -9.65
N GLU A 134 9.61 8.73 -10.37
CA GLU A 134 10.03 7.36 -10.52
C GLU A 134 10.83 7.05 -9.31
N GLY A 135 10.13 6.65 -8.25
CA GLY A 135 10.79 6.32 -7.02
C GLY A 135 10.05 6.97 -5.88
N LEU A 136 8.83 7.52 -6.13
CA LEU A 136 8.08 8.11 -5.04
C LEU A 136 7.76 7.02 -4.07
N HIS A 137 8.21 7.18 -2.83
CA HIS A 137 8.01 6.19 -1.81
C HIS A 137 6.66 6.37 -1.21
N VAL A 138 6.13 5.26 -0.65
CA VAL A 138 4.84 5.32 0.00
C VAL A 138 5.08 5.90 1.35
N HIS A 139 4.22 6.85 1.72
CA HIS A 139 4.35 7.52 2.97
C HIS A 139 2.99 7.47 3.60
N LEU A 140 2.91 7.24 4.92
CA LEU A 140 1.61 7.20 5.55
C LEU A 140 1.12 8.60 5.66
N GLN A 141 -0.08 8.83 5.12
CA GLN A 141 -0.67 10.14 5.14
C GLN A 141 -2.00 9.99 5.81
N LEU A 142 -2.41 10.99 6.61
CA LEU A 142 -3.67 10.89 7.29
C LEU A 142 -4.74 11.35 6.35
N VAL A 143 -5.94 10.77 6.49
CA VAL A 143 -7.06 11.12 5.63
C VAL A 143 -7.40 12.56 5.84
N ASP A 144 -7.95 13.19 4.77
CA ASP A 144 -8.33 14.56 4.83
C ASP A 144 -9.53 14.69 3.94
N LYS A 145 -10.72 14.71 4.56
CA LYS A 145 -11.96 14.80 3.82
C LYS A 145 -12.08 16.15 3.17
N ARG A 146 -11.33 17.12 3.69
CA ARG A 146 -11.37 18.47 3.14
C ARG A 146 -10.77 18.44 1.77
N HIS A 147 -9.89 17.45 1.50
CA HIS A 147 -9.26 17.39 0.21
C HIS A 147 -9.29 15.97 -0.27
N LEU A 148 -10.44 15.58 -0.88
CA LEU A 148 -10.59 14.24 -1.40
C LEU A 148 -10.37 14.27 -2.88
N ASP A 149 -9.99 15.46 -3.41
CA ASP A 149 -9.78 15.60 -4.84
C ASP A 149 -8.32 15.42 -5.14
N ARG A 150 -7.58 14.77 -4.21
CA ARG A 150 -6.18 14.55 -4.42
C ARG A 150 -6.04 13.21 -5.07
N LYS A 151 -5.45 13.19 -6.28
CA LYS A 151 -5.28 11.96 -7.02
C LYS A 151 -4.28 11.09 -6.30
N GLU A 152 -3.42 11.72 -5.49
CA GLU A 152 -2.39 10.98 -4.79
C GLU A 152 -3.03 10.15 -3.71
N GLN A 153 -4.25 10.51 -3.30
CA GLN A 153 -4.93 9.77 -2.28
C GLN A 153 -5.87 8.81 -2.95
N ARG A 154 -5.93 8.85 -4.31
CA ARG A 154 -6.82 7.96 -5.01
C ARG A 154 -6.01 6.80 -5.50
N TRP A 155 -6.53 5.57 -5.28
CA TRP A 155 -5.81 4.39 -5.69
C TRP A 155 -6.69 3.60 -6.60
N ASP A 156 -6.08 3.03 -7.67
CA ASP A 156 -6.82 2.22 -8.60
C ASP A 156 -6.14 0.88 -8.63
N PHE A 157 -6.90 -0.17 -9.03
CA PHE A 157 -6.35 -1.50 -9.09
C PHE A 157 -6.42 -1.95 -10.51
N VAL A 158 -5.38 -2.66 -10.97
CA VAL A 158 -5.35 -3.13 -12.32
C VAL A 158 -5.02 -4.59 -12.26
N LEU A 159 -5.62 -5.38 -13.18
CA LEU A 159 -5.37 -6.79 -13.20
C LEU A 159 -4.53 -7.06 -14.42
N PRO A 160 -3.75 -8.12 -14.36
CA PRO A 160 -2.87 -8.48 -15.46
C PRO A 160 -3.61 -8.94 -16.68
N VAL A 161 -3.03 -8.68 -17.86
CA VAL A 161 -3.66 -9.08 -19.10
C VAL A 161 -2.71 -10.01 -19.79
N VAL A 162 -3.19 -11.24 -20.12
CA VAL A 162 -2.37 -12.22 -20.78
C VAL A 162 -1.18 -12.56 -19.87
N MET A 1 -11.13 8.44 19.47
CA MET A 1 -12.59 8.63 19.72
C MET A 1 -13.26 9.25 18.52
N ALA A 2 -13.53 8.41 17.50
CA ALA A 2 -14.17 8.91 16.32
C ALA A 2 -14.94 7.77 15.72
N ALA A 3 -16.04 8.10 15.00
CA ALA A 3 -16.84 7.07 14.39
C ALA A 3 -16.12 6.58 13.18
N ALA A 4 -16.25 5.26 12.89
CA ALA A 4 -15.59 4.70 11.74
C ALA A 4 -16.53 4.82 10.59
N MET A 5 -16.23 5.76 9.67
CA MET A 5 -17.06 5.97 8.51
C MET A 5 -16.95 4.74 7.64
N PHE A 6 -15.73 4.18 7.56
CA PHE A 6 -15.51 3.02 6.75
C PHE A 6 -15.62 1.81 7.64
N GLU A 7 -16.84 1.59 8.19
CA GLU A 7 -17.08 0.47 9.04
C GLU A 7 -16.94 -0.80 8.24
N LYS A 8 -17.50 -0.81 7.03
CA LYS A 8 -17.44 -1.98 6.19
C LYS A 8 -16.17 -1.94 5.39
N SER A 9 -15.75 -3.10 4.86
CA SER A 9 -14.56 -3.17 4.08
C SER A 9 -14.79 -4.21 3.01
N GLU A 10 -14.25 -3.96 1.81
CA GLU A 10 -14.41 -4.88 0.71
C GLU A 10 -13.14 -5.68 0.59
N LYS A 11 -13.18 -6.73 -0.25
CA LYS A 11 -12.03 -7.57 -0.44
C LYS A 11 -11.60 -7.42 -1.86
N PHE A 12 -10.35 -7.84 -2.14
CA PHE A 12 -9.82 -7.75 -3.47
C PHE A 12 -10.40 -8.90 -4.26
N PRO A 13 -11.01 -8.60 -5.39
CA PRO A 13 -11.63 -9.62 -6.23
C PRO A 13 -10.65 -10.51 -6.93
N GLU A 14 -9.41 -10.02 -7.14
CA GLU A 14 -8.42 -10.80 -7.81
C GLU A 14 -7.28 -11.05 -6.89
N GLY A 15 -6.46 -12.06 -7.23
CA GLY A 15 -5.31 -12.39 -6.42
C GLY A 15 -4.17 -11.55 -6.89
N TRP A 16 -3.84 -11.66 -8.19
CA TRP A 16 -2.75 -10.88 -8.74
C TRP A 16 -3.35 -9.58 -9.22
N PHE A 17 -2.72 -8.44 -8.86
CA PHE A 17 -3.25 -7.18 -9.30
C PHE A 17 -2.16 -6.17 -9.13
N PHE A 18 -2.33 -5.02 -9.81
CA PHE A 18 -1.36 -3.97 -9.75
C PHE A 18 -2.04 -2.78 -9.13
N ILE A 19 -1.35 -2.09 -8.22
CA ILE A 19 -1.94 -0.93 -7.59
C ILE A 19 -1.26 0.25 -8.22
N LYS A 20 -2.03 1.08 -8.94
CA LYS A 20 -1.48 2.21 -9.64
C LYS A 20 -1.93 3.47 -8.96
N ASN A 21 -0.98 4.40 -8.68
CA ASN A 21 -1.34 5.65 -8.06
C ASN A 21 -1.73 6.56 -9.19
N ASN A 22 -2.96 7.11 -9.12
CA ASN A 22 -3.47 7.95 -10.18
C ASN A 22 -2.69 9.25 -10.28
N SER A 23 -1.91 9.62 -9.24
CA SER A 23 -1.18 10.87 -9.27
C SER A 23 -0.17 10.88 -10.39
N ASN A 24 0.57 9.77 -10.58
CA ASN A 24 1.59 9.75 -11.61
C ASN A 24 1.35 8.60 -12.55
N GLY A 25 0.36 7.73 -12.27
CA GLY A 25 0.08 6.62 -13.17
C GLY A 25 1.14 5.57 -13.01
N TYR A 26 1.84 5.55 -11.85
CA TYR A 26 2.88 4.57 -11.64
C TYR A 26 2.35 3.59 -10.63
N VAL A 27 2.99 2.41 -10.53
CA VAL A 27 2.55 1.39 -9.61
C VAL A 27 3.60 1.31 -8.55
N LEU A 28 3.26 0.76 -7.38
CA LEU A 28 4.23 0.68 -6.31
C LEU A 28 5.08 -0.53 -6.52
N MET A 29 6.37 -0.38 -6.16
CA MET A 29 7.35 -1.41 -6.31
C MET A 29 8.26 -1.25 -5.13
N VAL A 30 9.23 -2.17 -4.96
CA VAL A 30 10.17 -2.03 -3.88
C VAL A 30 11.01 -0.83 -4.25
N ASP A 31 11.86 -0.34 -3.33
CA ASP A 31 12.66 0.85 -3.61
C ASP A 31 13.50 0.62 -4.84
N ASN A 32 14.08 -0.57 -5.00
CA ASN A 32 14.90 -0.82 -6.15
C ASN A 32 15.16 -2.30 -6.25
N GLU A 33 14.07 -3.10 -6.37
CA GLU A 33 14.19 -4.54 -6.50
C GLU A 33 15.03 -5.07 -5.37
N SER A 34 14.71 -4.64 -4.13
CA SER A 34 15.47 -5.08 -2.99
C SER A 34 14.86 -6.35 -2.50
N GLN A 35 15.71 -7.38 -2.33
CA GLN A 35 15.23 -8.64 -1.82
C GLN A 35 15.43 -8.59 -0.33
N GLU A 36 16.02 -7.48 0.17
CA GLU A 36 16.25 -7.36 1.58
C GLU A 36 15.09 -6.61 2.17
N SER A 37 14.75 -6.93 3.43
CA SER A 37 13.65 -6.28 4.10
C SER A 37 14.08 -4.93 4.57
N GLY A 38 13.10 -4.06 4.89
CA GLY A 38 13.42 -2.73 5.37
C GLY A 38 13.59 -1.82 4.19
N SER A 39 13.26 -2.30 2.97
CA SER A 39 13.42 -1.48 1.81
C SER A 39 12.12 -0.73 1.61
N PRO A 40 12.19 0.59 1.54
CA PRO A 40 11.00 1.43 1.34
C PRO A 40 10.25 1.11 0.08
N ILE A 41 8.92 1.32 0.10
CA ILE A 41 8.12 1.04 -1.06
C ILE A 41 8.09 2.31 -1.87
N VAL A 42 8.40 2.23 -3.18
CA VAL A 42 8.41 3.43 -4.01
C VAL A 42 7.62 3.15 -5.26
N LEU A 43 7.21 4.24 -5.95
CA LEU A 43 6.42 4.09 -7.16
C LEU A 43 7.35 3.98 -8.33
N ALA A 44 6.94 3.17 -9.34
CA ALA A 44 7.74 2.98 -10.52
C ALA A 44 6.77 2.79 -11.66
N THR A 45 7.17 3.23 -12.88
CA THR A 45 6.30 3.07 -14.03
C THR A 45 6.09 1.61 -14.27
N LEU A 46 4.98 1.30 -14.96
CA LEU A 46 4.65 -0.08 -15.26
C LEU A 46 5.67 -0.62 -16.21
N ARG A 47 6.12 -1.86 -15.95
CA ARG A 47 7.09 -2.48 -16.79
C ARG A 47 6.75 -3.94 -16.80
N THR A 48 6.65 -4.52 -18.02
CA THR A 48 6.32 -5.93 -18.15
C THR A 48 7.38 -6.73 -17.47
N LYS A 49 8.64 -6.24 -17.56
CA LYS A 49 9.74 -6.95 -16.95
C LYS A 49 9.68 -6.70 -15.48
N ASP A 50 10.00 -7.74 -14.66
CA ASP A 50 9.94 -7.61 -13.22
C ASP A 50 8.53 -7.26 -12.83
N TYR A 51 7.56 -7.93 -13.48
CA TYR A 51 6.16 -7.70 -13.20
C TYR A 51 5.84 -8.26 -11.85
N ALA A 52 6.59 -9.30 -11.43
CA ALA A 52 6.36 -9.94 -10.16
C ALA A 52 6.59 -8.93 -9.05
N SER A 53 7.62 -8.08 -9.22
CA SER A 53 7.95 -7.09 -8.21
C SER A 53 6.85 -6.07 -8.14
N GLN A 54 6.09 -5.92 -9.23
CA GLN A 54 5.02 -4.96 -9.26
C GLN A 54 3.72 -5.67 -9.00
N LEU A 55 3.79 -6.99 -8.73
CA LEU A 55 2.57 -7.74 -8.47
C LEU A 55 2.41 -7.90 -6.99
N TRP A 56 1.17 -7.68 -6.53
CA TRP A 56 0.85 -7.77 -5.15
C TRP A 56 -0.32 -8.69 -5.04
N ARG A 57 -0.49 -9.32 -3.87
CA ARG A 57 -1.59 -10.24 -3.69
C ARG A 57 -2.02 -10.12 -2.27
N HIS A 58 -3.25 -10.55 -1.97
CA HIS A 58 -3.73 -10.44 -0.63
C HIS A 58 -3.86 -11.82 -0.05
N ASP A 59 -3.39 -11.95 1.21
CA ASP A 59 -3.49 -13.20 1.91
C ASP A 59 -4.86 -13.22 2.52
N PRO A 60 -5.34 -14.38 2.89
CA PRO A 60 -6.66 -14.51 3.50
C PRO A 60 -6.78 -13.74 4.78
N SER A 61 -5.63 -13.38 5.39
CA SER A 61 -5.66 -12.62 6.61
C SER A 61 -5.83 -11.17 6.25
N GLY A 62 -5.70 -10.82 4.95
CA GLY A 62 -5.89 -9.45 4.52
C GLY A 62 -4.57 -8.75 4.41
N TYR A 63 -3.44 -9.49 4.42
CA TYR A 63 -2.16 -8.84 4.31
C TYR A 63 -1.77 -8.79 2.86
N LEU A 64 -1.06 -7.70 2.45
CA LEU A 64 -0.62 -7.56 1.08
C LEU A 64 0.77 -8.14 1.01
N VAL A 65 1.01 -8.99 0.00
CA VAL A 65 2.29 -9.64 -0.15
C VAL A 65 2.82 -9.34 -1.52
N ASN A 66 4.14 -9.04 -1.59
CA ASN A 66 4.76 -8.76 -2.85
C ASN A 66 5.06 -10.11 -3.44
N LYS A 67 4.66 -10.33 -4.71
CA LYS A 67 4.87 -11.62 -5.33
C LYS A 67 6.35 -11.92 -5.45
N LYS A 68 7.17 -10.92 -5.78
CA LYS A 68 8.58 -11.16 -5.97
C LYS A 68 9.29 -11.32 -4.66
N SER A 69 9.16 -10.32 -3.77
CA SER A 69 9.85 -10.37 -2.50
C SER A 69 9.28 -11.46 -1.66
N GLY A 70 7.94 -11.63 -1.68
CA GLY A 70 7.33 -12.63 -0.84
C GLY A 70 7.19 -12.00 0.52
N GLN A 71 7.53 -10.69 0.59
CA GLN A 71 7.46 -9.96 1.83
C GLN A 71 6.17 -9.21 1.81
N VAL A 72 5.79 -8.63 2.97
CA VAL A 72 4.53 -7.93 3.04
C VAL A 72 4.79 -6.48 3.32
N MET A 73 3.78 -5.63 3.02
CA MET A 73 3.91 -4.21 3.26
C MET A 73 3.83 -4.02 4.75
N ASP A 74 4.65 -3.10 5.31
CA ASP A 74 4.59 -2.90 6.72
C ASP A 74 5.11 -1.51 7.01
N ILE A 75 4.91 -1.04 8.25
CA ILE A 75 5.36 0.28 8.62
C ILE A 75 6.80 0.17 9.01
N ALA A 76 7.60 1.20 8.66
CA ALA A 76 9.00 1.20 8.95
C ALA A 76 9.21 1.26 10.43
N LYS A 77 8.44 2.13 11.12
CA LYS A 77 8.57 2.28 12.54
C LYS A 77 8.00 1.08 13.22
N GLY A 78 6.96 0.49 12.63
CA GLY A 78 6.31 -0.64 13.22
C GLY A 78 5.23 -0.08 14.09
N THR A 79 5.21 1.27 14.19
CA THR A 79 4.23 1.95 14.99
C THR A 79 3.46 2.81 14.02
N PRO A 80 2.16 2.63 13.97
CA PRO A 80 1.33 3.39 13.05
C PRO A 80 1.16 4.82 13.47
N LYS A 81 1.66 5.76 12.63
CA LYS A 81 1.54 7.13 12.92
C LYS A 81 1.39 7.82 11.60
N ALA A 82 0.98 9.10 11.62
CA ALA A 82 0.82 9.81 10.39
C ALA A 82 2.18 10.17 9.90
N GLY A 83 2.42 9.98 8.59
CA GLY A 83 3.69 10.32 8.01
C GLY A 83 4.67 9.18 8.14
N VAL A 84 4.23 8.01 8.67
CA VAL A 84 5.17 6.90 8.79
C VAL A 84 5.36 6.27 7.42
N ASP A 85 6.64 6.07 7.03
CA ASP A 85 6.96 5.49 5.75
C ASP A 85 6.63 4.02 5.76
N ILE A 86 6.36 3.47 4.55
CA ILE A 86 6.04 2.07 4.41
C ILE A 86 7.20 1.36 3.80
N VAL A 87 7.62 0.24 4.45
CA VAL A 87 8.74 -0.53 3.96
C VAL A 87 8.29 -1.97 3.93
N GLN A 88 8.99 -2.83 3.17
CA GLN A 88 8.60 -4.22 3.10
C GLN A 88 9.26 -4.94 4.24
N GLN A 89 8.51 -5.88 4.88
CA GLN A 89 9.05 -6.63 5.98
C GLN A 89 8.49 -8.02 5.91
N THR A 90 9.06 -8.93 6.74
CA THR A 90 8.61 -10.31 6.76
C THR A 90 7.21 -10.34 7.30
N GLN A 91 6.41 -11.34 6.86
CA GLN A 91 5.04 -11.47 7.30
C GLN A 91 5.05 -11.87 8.75
N ALA A 92 3.94 -11.58 9.45
CA ALA A 92 3.84 -11.93 10.85
C ALA A 92 2.57 -12.70 11.03
N GLY A 93 2.02 -12.67 12.26
CA GLY A 93 0.80 -13.38 12.56
C GLY A 93 1.18 -14.63 13.28
N SER A 94 2.48 -15.00 13.24
CA SER A 94 2.93 -16.19 13.91
C SER A 94 2.86 -15.96 15.39
N ASN A 95 3.17 -14.71 15.83
CA ASN A 95 3.11 -14.39 17.23
C ASN A 95 2.62 -12.98 17.35
N VAL A 96 1.76 -12.56 16.40
CA VAL A 96 1.22 -11.22 16.43
C VAL A 96 -0.27 -11.36 16.40
N LYS A 97 -0.97 -10.69 17.35
CA LYS A 97 -2.39 -10.72 17.41
C LYS A 97 -2.93 -10.12 16.14
N ASP A 98 -4.06 -10.66 15.65
CA ASP A 98 -4.67 -10.16 14.43
C ASP A 98 -5.13 -8.74 14.64
N ASP A 99 -5.31 -8.33 15.91
CA ASP A 99 -5.78 -7.00 16.18
C ASP A 99 -4.59 -6.09 16.31
N LEU A 100 -3.38 -6.68 16.24
CA LEU A 100 -2.18 -5.90 16.34
C LEU A 100 -1.47 -6.01 15.03
N ASN A 101 -2.14 -6.62 14.04
CA ASN A 101 -1.55 -6.76 12.74
C ASN A 101 -1.83 -5.50 11.98
N PHE A 102 -0.75 -4.83 11.54
CA PHE A 102 -0.88 -3.59 10.82
C PHE A 102 -0.77 -3.85 9.35
N GLN A 103 -0.43 -5.11 8.96
CA GLN A 103 -0.27 -5.41 7.56
C GLN A 103 -1.63 -5.65 6.96
N LYS A 104 -2.69 -5.71 7.81
CA LYS A 104 -4.02 -5.94 7.30
C LYS A 104 -4.52 -4.64 6.73
N PHE A 105 -4.97 -4.67 5.45
CA PHE A 105 -5.44 -3.47 4.80
C PHE A 105 -6.90 -3.65 4.49
N GLY A 106 -7.63 -2.53 4.39
CA GLY A 106 -9.03 -2.57 4.09
C GLY A 106 -9.19 -1.99 2.73
N LEU A 107 -10.34 -2.25 2.08
CA LEU A 107 -10.57 -1.75 0.75
C LEU A 107 -11.93 -1.13 0.71
N SER A 108 -12.02 0.09 0.15
CA SER A 108 -13.29 0.77 0.03
C SER A 108 -13.60 0.87 -1.44
N PRO A 109 -14.88 0.97 -1.74
CA PRO A 109 -15.34 1.09 -3.12
C PRO A 109 -15.00 2.41 -3.73
N TYR A 110 -14.49 3.36 -2.91
CA TYR A 110 -14.15 4.66 -3.40
C TYR A 110 -12.77 4.59 -4.03
N GLY A 111 -12.11 3.41 -3.95
CA GLY A 111 -10.80 3.27 -4.55
C GLY A 111 -9.76 3.76 -3.59
N HIS A 112 -10.10 3.78 -2.28
CA HIS A 112 -9.15 4.23 -1.28
C HIS A 112 -8.73 3.03 -0.50
N ILE A 113 -7.40 2.92 -0.23
CA ILE A 113 -6.89 1.82 0.51
C ILE A 113 -6.49 2.34 1.85
N TYR A 114 -7.05 1.75 2.94
CA TYR A 114 -6.75 2.20 4.26
C TYR A 114 -6.38 0.99 5.06
N LEU A 115 -6.00 1.19 6.34
CA LEU A 115 -5.66 0.05 7.15
C LEU A 115 -6.93 -0.44 7.74
N ALA A 116 -7.00 -1.75 8.01
CA ALA A 116 -8.18 -2.32 8.59
C ALA A 116 -8.40 -1.78 9.98
N ASN A 117 -7.31 -1.56 10.74
CA ASN A 117 -7.44 -1.09 12.09
C ASN A 117 -7.26 0.41 12.16
N LYS A 118 -6.77 1.04 11.07
CA LYS A 118 -6.58 2.48 11.10
C LYS A 118 -7.12 3.03 9.82
N PRO A 119 -8.40 3.27 9.80
CA PRO A 119 -9.06 3.85 8.64
C PRO A 119 -8.66 5.27 8.40
N SER A 120 -7.92 5.87 9.37
CA SER A 120 -7.51 7.24 9.23
C SER A 120 -6.24 7.24 8.45
N LEU A 121 -5.45 6.14 8.55
CA LEU A 121 -4.19 6.07 7.86
C LEU A 121 -4.45 5.42 6.53
N ILE A 122 -3.94 6.05 5.45
CA ILE A 122 -4.13 5.51 4.12
C ILE A 122 -2.83 5.60 3.39
N LEU A 123 -2.73 4.87 2.26
CA LEU A 123 -1.52 4.87 1.48
C LEU A 123 -1.52 6.08 0.61
N GLY A 124 -0.34 6.70 0.45
CA GLY A 124 -0.23 7.88 -0.37
C GLY A 124 1.24 8.14 -0.58
N ILE A 125 1.56 9.19 -1.37
CA ILE A 125 2.94 9.52 -1.63
C ILE A 125 3.13 10.98 -1.35
N LYS A 126 4.40 11.39 -1.10
CA LYS A 126 4.67 12.78 -0.83
C LYS A 126 5.30 13.37 -2.05
N GLU A 127 4.84 14.58 -2.43
CA GLU A 127 5.38 15.23 -3.60
C GLU A 127 6.40 16.21 -3.13
N SER A 128 7.56 16.22 -3.82
CA SER A 128 8.62 17.13 -3.45
C SER A 128 9.36 17.45 -4.71
N PHE A 129 10.04 18.61 -4.74
CA PHE A 129 10.78 19.01 -5.92
C PHE A 129 11.97 18.10 -6.05
N PHE A 130 12.45 17.55 -4.92
CA PHE A 130 13.59 16.67 -4.95
C PHE A 130 13.10 15.25 -4.85
N ALA A 131 11.89 14.99 -5.36
CA ALA A 131 11.35 13.67 -5.31
C ALA A 131 10.86 13.34 -6.68
N ARG A 132 11.69 12.59 -7.42
CA ARG A 132 11.36 12.17 -8.76
C ARG A 132 10.14 11.30 -8.70
N ARG A 133 9.28 11.41 -9.76
CA ARG A 133 8.07 10.63 -9.84
C ARG A 133 8.46 9.19 -9.82
N GLU A 134 9.62 8.89 -10.44
CA GLU A 134 10.10 7.57 -10.50
C GLU A 134 10.92 7.40 -9.26
N GLY A 135 10.23 7.05 -8.15
CA GLY A 135 10.92 6.88 -6.90
C GLY A 135 10.10 7.47 -5.79
N LEU A 136 8.85 7.94 -6.08
CA LEU A 136 8.03 8.48 -5.01
C LEU A 136 7.77 7.36 -4.06
N HIS A 137 8.05 7.59 -2.76
CA HIS A 137 7.87 6.57 -1.77
C HIS A 137 6.48 6.61 -1.24
N VAL A 138 6.01 5.44 -0.77
CA VAL A 138 4.68 5.35 -0.23
C VAL A 138 4.81 5.54 1.26
N HIS A 139 3.88 6.30 1.82
CA HIS A 139 3.92 6.57 3.23
C HIS A 139 2.50 6.64 3.69
N LEU A 140 2.29 6.55 5.01
CA LEU A 140 0.94 6.60 5.52
C LEU A 140 0.60 8.02 5.82
N GLN A 141 -0.53 8.49 5.26
CA GLN A 141 -0.95 9.83 5.49
C GLN A 141 -2.36 9.73 5.96
N LEU A 142 -2.87 10.81 6.60
CA LEU A 142 -4.21 10.76 7.11
C LEU A 142 -5.16 11.27 6.07
N VAL A 143 -6.42 10.78 6.15
CA VAL A 143 -7.44 11.17 5.21
C VAL A 143 -7.72 12.64 5.39
N ASP A 144 -8.25 13.28 4.32
CA ASP A 144 -8.55 14.67 4.38
C ASP A 144 -9.84 14.82 3.61
N LYS A 145 -10.95 14.93 4.35
CA LYS A 145 -12.26 15.05 3.74
C LYS A 145 -12.36 16.35 2.99
N ARG A 146 -11.55 17.33 3.38
CA ARG A 146 -11.58 18.62 2.73
C ARG A 146 -11.07 18.46 1.32
N HIS A 147 -10.24 17.43 1.07
CA HIS A 147 -9.69 17.23 -0.24
C HIS A 147 -9.64 15.75 -0.51
N LEU A 148 -10.77 15.19 -1.00
CA LEU A 148 -10.82 13.78 -1.30
C LEU A 148 -10.60 13.61 -2.77
N ASP A 149 -10.33 14.73 -3.48
CA ASP A 149 -10.13 14.66 -4.91
C ASP A 149 -8.67 14.65 -5.22
N ARG A 150 -7.82 14.32 -4.22
CA ARG A 150 -6.41 14.27 -4.46
C ARG A 150 -6.13 13.01 -5.21
N LYS A 151 -5.41 13.13 -6.33
CA LYS A 151 -5.09 11.98 -7.15
C LYS A 151 -4.13 11.12 -6.40
N GLU A 152 -3.37 11.72 -5.46
CA GLU A 152 -2.39 10.97 -4.71
C GLU A 152 -3.09 10.08 -3.72
N GLN A 153 -4.35 10.40 -3.37
CA GLN A 153 -5.07 9.59 -2.43
C GLN A 153 -5.99 8.70 -3.22
N ARG A 154 -5.96 8.83 -4.56
CA ARG A 154 -6.81 8.02 -5.39
C ARG A 154 -5.96 6.91 -5.93
N TRP A 155 -6.47 5.65 -5.85
CA TRP A 155 -5.71 4.53 -6.31
C TRP A 155 -6.52 3.82 -7.35
N ASP A 156 -5.83 3.39 -8.44
CA ASP A 156 -6.47 2.68 -9.49
C ASP A 156 -5.94 1.28 -9.45
N PHE A 157 -6.76 0.30 -9.85
CA PHE A 157 -6.33 -1.07 -9.81
C PHE A 157 -6.29 -1.57 -11.22
N VAL A 158 -5.24 -2.33 -11.56
CA VAL A 158 -5.09 -2.85 -12.88
C VAL A 158 -4.87 -4.33 -12.73
N LEU A 159 -5.41 -5.11 -13.67
CA LEU A 159 -5.29 -6.55 -13.60
C LEU A 159 -4.35 -6.96 -14.70
N PRO A 160 -3.67 -8.07 -14.50
CA PRO A 160 -2.72 -8.59 -15.49
C PRO A 160 -3.39 -9.09 -16.73
N VAL A 161 -2.67 -9.00 -17.87
CA VAL A 161 -3.22 -9.46 -19.11
C VAL A 161 -2.36 -10.57 -19.60
N VAL A 162 -2.97 -11.74 -19.87
CA VAL A 162 -2.22 -12.87 -20.34
C VAL A 162 -2.14 -12.81 -21.87
N MET A 1 -16.63 9.94 18.65
CA MET A 1 -16.44 8.50 18.96
C MET A 1 -16.90 7.63 17.83
N ALA A 2 -18.05 7.99 17.21
CA ALA A 2 -18.55 7.23 16.11
C ALA A 2 -18.65 8.15 14.94
N ALA A 3 -18.19 7.68 13.76
CA ALA A 3 -18.24 8.50 12.59
C ALA A 3 -18.21 7.58 11.40
N ALA A 4 -18.72 8.06 10.24
CA ALA A 4 -18.74 7.25 9.06
C ALA A 4 -17.45 7.45 8.34
N MET A 5 -16.34 7.04 8.98
CA MET A 5 -15.05 7.20 8.35
C MET A 5 -14.72 5.90 7.70
N PHE A 6 -15.59 5.51 6.76
CA PHE A 6 -15.42 4.29 6.01
C PHE A 6 -15.54 3.12 6.94
N GLU A 7 -16.71 2.97 7.58
CA GLU A 7 -16.93 1.87 8.50
C GLU A 7 -16.96 0.61 7.69
N LYS A 8 -17.61 0.71 6.52
CA LYS A 8 -17.71 -0.42 5.64
C LYS A 8 -16.40 -0.56 4.91
N SER A 9 -16.04 -1.82 4.56
CA SER A 9 -14.79 -2.05 3.87
C SER A 9 -15.02 -3.15 2.88
N GLU A 10 -14.15 -3.20 1.85
CA GLU A 10 -14.26 -4.20 0.83
C GLU A 10 -12.98 -4.99 0.86
N LYS A 11 -12.93 -6.10 0.09
CA LYS A 11 -11.75 -6.92 0.07
C LYS A 11 -11.00 -6.59 -1.19
N PHE A 12 -9.71 -6.97 -1.21
CA PHE A 12 -8.86 -6.72 -2.35
C PHE A 12 -9.04 -7.87 -3.30
N PRO A 13 -8.75 -7.64 -4.57
CA PRO A 13 -8.85 -8.68 -5.57
C PRO A 13 -7.86 -9.79 -5.36
N GLU A 14 -8.22 -11.00 -5.82
CA GLU A 14 -7.35 -12.13 -5.63
C GLU A 14 -6.57 -12.33 -6.89
N GLY A 15 -5.48 -13.12 -6.80
CA GLY A 15 -4.65 -13.37 -7.95
C GLY A 15 -3.65 -12.28 -8.04
N TRP A 16 -2.92 -12.23 -9.17
CA TRP A 16 -1.93 -11.21 -9.37
C TRP A 16 -2.65 -9.94 -9.72
N PHE A 17 -2.16 -8.78 -9.21
CA PHE A 17 -2.81 -7.54 -9.51
C PHE A 17 -1.79 -6.47 -9.33
N PHE A 18 -2.09 -5.28 -9.88
CA PHE A 18 -1.17 -4.18 -9.79
C PHE A 18 -1.87 -3.06 -9.08
N ILE A 19 -1.14 -2.37 -8.17
CA ILE A 19 -1.70 -1.25 -7.45
C ILE A 19 -1.16 -0.04 -8.13
N LYS A 20 -2.03 0.75 -8.78
CA LYS A 20 -1.58 1.91 -9.51
C LYS A 20 -2.06 3.16 -8.81
N ASN A 21 -1.13 4.12 -8.60
CA ASN A 21 -1.49 5.37 -7.98
C ASN A 21 -1.92 6.27 -9.09
N ASN A 22 -3.12 6.86 -8.97
CA ASN A 22 -3.67 7.72 -10.02
C ASN A 22 -2.84 8.98 -10.20
N SER A 23 -2.00 9.37 -9.21
CA SER A 23 -1.25 10.61 -9.35
C SER A 23 -0.26 10.53 -10.49
N ASN A 24 0.46 9.40 -10.62
CA ASN A 24 1.44 9.29 -11.68
C ASN A 24 1.17 8.11 -12.56
N GLY A 25 0.20 7.25 -12.19
CA GLY A 25 -0.09 6.11 -13.03
C GLY A 25 0.99 5.07 -12.85
N TYR A 26 1.75 5.16 -11.75
CA TYR A 26 2.81 4.20 -11.51
C TYR A 26 2.29 3.19 -10.54
N VAL A 27 3.01 2.06 -10.39
CA VAL A 27 2.55 1.01 -9.50
C VAL A 27 3.57 0.81 -8.42
N LEU A 28 3.12 0.18 -7.30
CA LEU A 28 3.98 -0.06 -6.17
C LEU A 28 5.04 -1.05 -6.54
N MET A 29 6.28 -0.72 -6.15
CA MET A 29 7.41 -1.57 -6.42
C MET A 29 8.31 -1.38 -5.22
N VAL A 30 9.32 -2.26 -5.05
CA VAL A 30 10.24 -2.08 -3.96
C VAL A 30 11.05 -0.85 -4.31
N ASP A 31 11.88 -0.34 -3.39
CA ASP A 31 12.64 0.86 -3.64
C ASP A 31 13.46 0.72 -4.90
N ASN A 32 14.09 -0.45 -5.11
CA ASN A 32 14.90 -0.62 -6.29
C ASN A 32 15.28 -2.08 -6.40
N GLU A 33 14.29 -2.96 -6.63
CA GLU A 33 14.55 -4.39 -6.78
C GLU A 33 15.35 -4.86 -5.59
N SER A 34 14.93 -4.49 -4.38
CA SER A 34 15.65 -4.89 -3.20
C SER A 34 14.96 -6.09 -2.64
N GLN A 35 15.73 -7.18 -2.47
CA GLN A 35 15.18 -8.38 -1.93
C GLN A 35 15.46 -8.36 -0.45
N GLU A 36 16.13 -7.28 0.02
CA GLU A 36 16.44 -7.18 1.42
C GLU A 36 15.28 -6.52 2.11
N SER A 37 15.01 -6.95 3.36
CA SER A 37 13.90 -6.40 4.11
C SER A 37 14.32 -5.05 4.63
N GLY A 38 13.32 -4.17 4.90
CA GLY A 38 13.61 -2.87 5.43
C GLY A 38 13.73 -1.89 4.31
N SER A 39 13.42 -2.30 3.07
CA SER A 39 13.51 -1.39 1.95
C SER A 39 12.16 -0.75 1.81
N PRO A 40 12.16 0.54 1.56
CA PRO A 40 10.91 1.28 1.39
C PRO A 40 10.19 0.93 0.13
N ILE A 41 8.86 1.11 0.14
CA ILE A 41 8.07 0.79 -1.03
C ILE A 41 7.97 2.07 -1.83
N VAL A 42 8.24 2.01 -3.15
CA VAL A 42 8.19 3.20 -3.97
C VAL A 42 7.38 2.91 -5.20
N LEU A 43 7.01 3.97 -5.95
CA LEU A 43 6.21 3.80 -7.14
C LEU A 43 7.14 3.77 -8.32
N ALA A 44 6.80 2.93 -9.33
CA ALA A 44 7.63 2.83 -10.51
C ALA A 44 6.72 2.59 -11.68
N THR A 45 7.16 3.06 -12.88
CA THR A 45 6.38 2.87 -14.09
C THR A 45 6.24 1.39 -14.33
N LEU A 46 5.06 0.98 -14.85
CA LEU A 46 4.82 -0.42 -15.12
C LEU A 46 5.84 -0.91 -16.11
N ARG A 47 6.33 -2.15 -15.89
CA ARG A 47 7.32 -2.71 -16.75
C ARG A 47 6.66 -3.81 -17.54
N THR A 48 7.08 -3.90 -18.82
CA THR A 48 6.55 -4.90 -19.72
C THR A 48 7.01 -6.24 -19.23
N LYS A 49 8.23 -6.28 -18.66
CA LYS A 49 8.78 -7.54 -18.20
C LYS A 49 9.42 -7.29 -16.87
N ASP A 50 9.61 -8.39 -16.09
CA ASP A 50 10.22 -8.28 -14.78
C ASP A 50 9.35 -7.40 -13.93
N TYR A 51 8.02 -7.66 -13.97
CA TYR A 51 7.08 -6.87 -13.22
C TYR A 51 6.61 -7.69 -12.04
N ALA A 52 7.34 -8.76 -11.68
CA ALA A 52 6.96 -9.59 -10.56
C ALA A 52 7.01 -8.76 -9.31
N SER A 53 8.01 -7.85 -9.23
CA SER A 53 8.18 -7.01 -8.08
C SER A 53 7.09 -5.97 -8.06
N GLN A 54 6.34 -5.84 -9.17
CA GLN A 54 5.27 -4.89 -9.22
C GLN A 54 3.99 -5.65 -9.03
N LEU A 55 4.10 -6.99 -8.80
CA LEU A 55 2.91 -7.79 -8.60
C LEU A 55 2.72 -7.98 -7.13
N TRP A 56 1.45 -7.85 -6.70
CA TRP A 56 1.12 -7.98 -5.32
C TRP A 56 0.03 -9.01 -5.23
N ARG A 57 -0.03 -9.74 -4.10
CA ARG A 57 -1.00 -10.78 -3.93
C ARG A 57 -1.66 -10.54 -2.61
N HIS A 58 -3.00 -10.65 -2.59
CA HIS A 58 -3.73 -10.44 -1.37
C HIS A 58 -3.96 -11.79 -0.74
N ASP A 59 -3.31 -12.04 0.41
CA ASP A 59 -3.49 -13.30 1.08
C ASP A 59 -4.77 -13.22 1.85
N PRO A 60 -5.37 -14.37 2.11
CA PRO A 60 -6.63 -14.43 2.85
C PRO A 60 -6.56 -13.83 4.22
N SER A 61 -5.34 -13.66 4.76
CA SER A 61 -5.19 -13.09 6.06
C SER A 61 -5.49 -11.62 5.97
N GLY A 62 -5.43 -11.06 4.73
CA GLY A 62 -5.73 -9.66 4.55
C GLY A 62 -4.47 -8.89 4.32
N TYR A 63 -3.35 -9.57 4.01
CA TYR A 63 -2.11 -8.85 3.81
C TYR A 63 -1.77 -8.88 2.34
N LEU A 64 -0.91 -7.93 1.91
CA LEU A 64 -0.48 -7.86 0.54
C LEU A 64 0.93 -8.36 0.52
N VAL A 65 1.20 -9.37 -0.33
CA VAL A 65 2.53 -9.94 -0.40
C VAL A 65 3.09 -9.64 -1.75
N ASN A 66 4.36 -9.18 -1.78
CA ASN A 66 5.00 -8.89 -3.03
C ASN A 66 5.38 -10.22 -3.62
N LYS A 67 5.02 -10.45 -4.90
CA LYS A 67 5.31 -11.73 -5.53
C LYS A 67 6.79 -11.96 -5.61
N LYS A 68 7.57 -10.91 -5.94
CA LYS A 68 8.99 -11.06 -6.12
C LYS A 68 9.69 -11.21 -4.79
N SER A 69 9.46 -10.25 -3.88
CA SER A 69 10.12 -10.29 -2.61
C SER A 69 9.59 -11.41 -1.78
N GLY A 70 8.25 -11.63 -1.83
CA GLY A 70 7.67 -12.67 -1.02
C GLY A 70 7.49 -12.08 0.34
N GLN A 71 7.75 -10.75 0.42
CA GLN A 71 7.64 -10.04 1.67
C GLN A 71 6.34 -9.31 1.66
N VAL A 72 5.91 -8.78 2.82
CA VAL A 72 4.63 -8.11 2.89
C VAL A 72 4.87 -6.68 3.23
N MET A 73 3.83 -5.84 2.98
CA MET A 73 3.93 -4.43 3.28
C MET A 73 3.88 -4.29 4.77
N ASP A 74 4.68 -3.36 5.33
CA ASP A 74 4.67 -3.19 6.77
C ASP A 74 5.17 -1.79 7.06
N ILE A 75 5.02 -1.35 8.32
CA ILE A 75 5.47 -0.03 8.69
C ILE A 75 6.90 -0.14 9.11
N ALA A 76 7.69 0.90 8.77
CA ALA A 76 9.10 0.92 9.10
C ALA A 76 9.26 1.00 10.60
N LYS A 77 8.43 1.85 11.23
CA LYS A 77 8.51 2.02 12.66
C LYS A 77 7.96 0.79 13.33
N GLY A 78 6.96 0.17 12.69
CA GLY A 78 6.35 -1.00 13.26
C GLY A 78 5.22 -0.50 14.12
N THR A 79 5.17 0.83 14.29
CA THR A 79 4.14 1.45 15.09
C THR A 79 3.52 2.49 14.20
N PRO A 80 2.21 2.43 14.01
CA PRO A 80 1.52 3.39 13.17
C PRO A 80 1.71 4.81 13.62
N LYS A 81 2.07 5.70 12.67
CA LYS A 81 2.27 7.06 12.98
C LYS A 81 1.90 7.81 11.75
N ALA A 82 1.41 9.05 11.90
CA ALA A 82 1.06 9.81 10.73
C ALA A 82 2.33 10.19 10.04
N GLY A 83 2.40 9.94 8.73
CA GLY A 83 3.59 10.27 7.98
C GLY A 83 4.58 9.15 8.10
N VAL A 84 4.19 7.99 8.69
CA VAL A 84 5.13 6.89 8.82
C VAL A 84 5.34 6.30 7.44
N ASP A 85 6.60 5.86 7.17
CA ASP A 85 6.92 5.29 5.87
C ASP A 85 6.57 3.83 5.86
N ILE A 86 6.33 3.30 4.64
CA ILE A 86 5.98 1.90 4.49
C ILE A 86 7.16 1.20 3.88
N VAL A 87 7.57 0.08 4.51
CA VAL A 87 8.71 -0.68 4.03
C VAL A 87 8.28 -2.11 3.96
N GLN A 88 9.05 -2.96 3.22
CA GLN A 88 8.69 -4.35 3.12
C GLN A 88 9.33 -5.09 4.28
N GLN A 89 8.56 -6.03 4.86
CA GLN A 89 9.06 -6.81 5.98
C GLN A 89 8.54 -8.21 5.81
N THR A 90 9.00 -9.13 6.69
CA THR A 90 8.56 -10.51 6.61
C THR A 90 7.15 -10.57 7.12
N GLN A 91 6.50 -11.73 6.90
CA GLN A 91 5.14 -11.91 7.33
C GLN A 91 5.15 -12.30 8.77
N ALA A 92 4.06 -11.96 9.49
CA ALA A 92 3.96 -12.30 10.89
C ALA A 92 3.41 -13.69 10.98
N GLY A 93 3.69 -14.37 12.11
CA GLY A 93 3.19 -15.71 12.30
C GLY A 93 1.83 -15.61 12.91
N SER A 94 1.32 -16.74 13.41
CA SER A 94 0.00 -16.75 14.00
C SER A 94 0.13 -16.45 15.47
N ASN A 95 1.37 -16.08 15.91
CA ASN A 95 1.59 -15.80 17.30
C ASN A 95 1.64 -14.30 17.47
N VAL A 96 1.12 -13.56 16.47
CA VAL A 96 1.12 -12.11 16.56
C VAL A 96 -0.26 -11.70 16.98
N LYS A 97 -0.33 -10.65 17.83
CA LYS A 97 -1.58 -10.16 18.30
C LYS A 97 -2.32 -9.58 17.12
N ASP A 98 -3.66 -9.78 17.08
CA ASP A 98 -4.45 -9.28 15.98
C ASP A 98 -4.56 -7.77 16.10
N ASP A 99 -4.23 -7.22 17.29
CA ASP A 99 -4.32 -5.79 17.48
C ASP A 99 -3.00 -5.19 17.11
N LEU A 100 -2.02 -6.06 16.82
CA LEU A 100 -0.70 -5.60 16.43
C LEU A 100 -0.49 -6.07 15.04
N ASN A 101 -1.56 -6.55 14.41
CA ASN A 101 -1.48 -7.02 13.05
C ASN A 101 -1.74 -5.83 12.18
N PHE A 102 -0.67 -5.21 11.67
CA PHE A 102 -0.81 -4.02 10.87
C PHE A 102 -0.74 -4.36 9.41
N GLN A 103 -0.42 -5.63 9.06
CA GLN A 103 -0.33 -6.01 7.67
C GLN A 103 -1.71 -6.03 7.08
N LYS A 104 -2.76 -6.10 7.93
CA LYS A 104 -4.12 -6.12 7.44
C LYS A 104 -4.45 -4.74 6.91
N PHE A 105 -5.08 -4.69 5.72
CA PHE A 105 -5.47 -3.43 5.13
C PHE A 105 -6.92 -3.52 4.76
N GLY A 106 -7.61 -2.36 4.73
CA GLY A 106 -9.01 -2.35 4.38
C GLY A 106 -9.11 -1.70 3.04
N LEU A 107 -10.26 -1.85 2.35
CA LEU A 107 -10.41 -1.27 1.04
C LEU A 107 -11.64 -0.42 1.04
N SER A 108 -11.46 0.88 0.80
CA SER A 108 -12.58 1.80 0.74
C SER A 108 -13.21 1.63 -0.61
N PRO A 109 -14.53 1.63 -0.65
CA PRO A 109 -15.27 1.50 -1.90
C PRO A 109 -15.11 2.69 -2.79
N TYR A 110 -14.51 3.79 -2.26
CA TYR A 110 -14.33 4.98 -3.04
C TYR A 110 -12.99 4.91 -3.74
N GLY A 111 -12.22 3.81 -3.54
CA GLY A 111 -10.95 3.68 -4.20
C GLY A 111 -9.86 4.21 -3.31
N HIS A 112 -9.95 3.92 -2.00
CA HIS A 112 -8.94 4.37 -1.07
C HIS A 112 -8.52 3.17 -0.28
N ILE A 113 -7.24 3.15 0.16
CA ILE A 113 -6.75 2.04 0.93
C ILE A 113 -6.40 2.57 2.29
N TYR A 114 -6.95 1.92 3.35
CA TYR A 114 -6.70 2.37 4.70
C TYR A 114 -6.31 1.17 5.50
N LEU A 115 -5.90 1.40 6.76
CA LEU A 115 -5.51 0.29 7.59
C LEU A 115 -6.78 -0.26 8.19
N ALA A 116 -6.78 -1.57 8.47
CA ALA A 116 -7.93 -2.19 9.05
C ALA A 116 -8.07 -1.75 10.49
N ASN A 117 -6.95 -1.32 11.13
CA ASN A 117 -7.02 -0.93 12.52
C ASN A 117 -6.97 0.58 12.63
N LYS A 118 -6.47 1.27 11.57
CA LYS A 118 -6.39 2.71 11.62
C LYS A 118 -6.92 3.23 10.33
N PRO A 119 -8.21 3.40 10.27
CA PRO A 119 -8.88 3.91 9.09
C PRO A 119 -8.55 5.34 8.80
N SER A 120 -7.84 6.01 9.75
CA SER A 120 -7.49 7.39 9.56
C SER A 120 -6.24 7.41 8.73
N LEU A 121 -5.40 6.36 8.85
CA LEU A 121 -4.18 6.30 8.10
C LEU A 121 -4.49 5.63 6.80
N ILE A 122 -4.04 6.25 5.68
CA ILE A 122 -4.29 5.68 4.38
C ILE A 122 -3.02 5.74 3.61
N LEU A 123 -2.94 4.95 2.52
CA LEU A 123 -1.74 4.93 1.73
C LEU A 123 -1.77 6.12 0.81
N GLY A 124 -0.62 6.79 0.68
CA GLY A 124 -0.53 7.95 -0.17
C GLY A 124 0.92 8.18 -0.43
N ILE A 125 1.24 9.17 -1.29
CA ILE A 125 2.61 9.45 -1.63
C ILE A 125 2.84 10.91 -1.40
N LYS A 126 4.12 11.30 -1.22
CA LYS A 126 4.46 12.67 -1.01
C LYS A 126 5.12 13.13 -2.28
N GLU A 127 4.94 14.42 -2.63
CA GLU A 127 5.53 14.93 -3.83
C GLU A 127 6.37 16.12 -3.46
N SER A 128 7.50 16.29 -4.17
CA SER A 128 8.39 17.39 -3.90
C SER A 128 9.05 17.73 -5.21
N PHE A 129 9.62 18.94 -5.31
CA PHE A 129 10.28 19.34 -6.52
C PHE A 129 11.53 18.52 -6.70
N PHE A 130 12.11 18.05 -5.57
CA PHE A 130 13.31 17.26 -5.64
C PHE A 130 12.94 15.82 -5.44
N ALA A 131 11.71 15.45 -5.84
CA ALA A 131 11.28 14.09 -5.68
C ALA A 131 10.67 13.68 -6.98
N ARG A 132 11.46 12.97 -7.80
CA ARG A 132 11.00 12.50 -9.08
C ARG A 132 9.88 11.52 -8.85
N ARG A 133 8.98 11.41 -9.86
CA ARG A 133 7.85 10.53 -9.77
C ARG A 133 8.34 9.10 -9.83
N GLU A 134 9.58 8.91 -10.29
CA GLU A 134 10.12 7.58 -10.40
C GLU A 134 10.81 7.29 -9.13
N GLY A 135 10.05 6.83 -8.14
CA GLY A 135 10.62 6.52 -6.86
C GLY A 135 9.80 7.16 -5.77
N LEU A 136 8.57 7.64 -6.07
CA LEU A 136 7.76 8.22 -5.02
C LEU A 136 7.45 7.13 -4.05
N HIS A 137 7.73 7.36 -2.77
CA HIS A 137 7.52 6.36 -1.75
C HIS A 137 6.14 6.51 -1.20
N VAL A 138 5.57 5.38 -0.74
CA VAL A 138 4.26 5.40 -0.16
C VAL A 138 4.45 5.51 1.32
N HIS A 139 3.54 6.26 1.95
CA HIS A 139 3.60 6.48 3.36
C HIS A 139 2.20 6.58 3.85
N LEU A 140 1.99 6.52 5.17
CA LEU A 140 0.66 6.60 5.69
C LEU A 140 0.37 8.04 5.96
N GLN A 141 -0.67 8.57 5.28
CA GLN A 141 -1.04 9.94 5.47
C GLN A 141 -2.44 9.92 6.01
N LEU A 142 -2.76 10.85 6.92
CA LEU A 142 -4.07 10.86 7.49
C LEU A 142 -5.04 11.40 6.47
N VAL A 143 -6.29 10.85 6.51
CA VAL A 143 -7.32 11.26 5.60
C VAL A 143 -7.65 12.70 5.82
N ASP A 144 -8.18 13.36 4.77
CA ASP A 144 -8.55 14.73 4.87
C ASP A 144 -9.76 14.87 4.00
N LYS A 145 -10.95 14.90 4.64
CA LYS A 145 -12.20 15.00 3.93
C LYS A 145 -12.30 16.34 3.27
N ARG A 146 -11.53 17.32 3.75
CA ARG A 146 -11.57 18.65 3.19
C ARG A 146 -11.01 18.60 1.79
N HIS A 147 -10.15 17.59 1.50
CA HIS A 147 -9.56 17.50 0.19
C HIS A 147 -9.59 16.06 -0.24
N LEU A 148 -10.75 15.65 -0.82
CA LEU A 148 -10.91 14.30 -1.29
C LEU A 148 -10.71 14.29 -2.78
N ASP A 149 -10.34 15.46 -3.35
CA ASP A 149 -10.15 15.55 -4.79
C ASP A 149 -8.71 15.29 -5.11
N ARG A 150 -7.97 14.69 -4.17
CA ARG A 150 -6.58 14.40 -4.39
C ARG A 150 -6.51 13.03 -4.97
N LYS A 151 -6.15 12.95 -6.28
CA LYS A 151 -6.04 11.70 -6.97
C LYS A 151 -4.90 10.90 -6.40
N GLU A 152 -3.96 11.55 -5.69
CA GLU A 152 -2.82 10.86 -5.13
C GLU A 152 -3.30 10.00 -3.99
N GLN A 153 -4.50 10.31 -3.44
CA GLN A 153 -5.04 9.54 -2.36
C GLN A 153 -5.96 8.52 -2.95
N ARG A 154 -6.12 8.54 -4.30
CA ARG A 154 -7.00 7.60 -4.93
C ARG A 154 -6.15 6.53 -5.54
N TRP A 155 -6.55 5.25 -5.35
CA TRP A 155 -5.77 4.16 -5.86
C TRP A 155 -6.60 3.40 -6.84
N ASP A 156 -5.95 3.00 -7.96
CA ASP A 156 -6.64 2.23 -8.98
C ASP A 156 -6.01 0.86 -8.98
N PHE A 157 -6.81 -0.17 -9.31
CA PHE A 157 -6.30 -1.52 -9.32
C PHE A 157 -6.39 -2.00 -10.74
N VAL A 158 -5.35 -2.71 -11.20
CA VAL A 158 -5.33 -3.21 -12.54
C VAL A 158 -4.99 -4.67 -12.46
N LEU A 159 -5.60 -5.46 -13.34
CA LEU A 159 -5.35 -6.89 -13.35
C LEU A 159 -4.54 -7.17 -14.59
N PRO A 160 -3.75 -8.21 -14.55
CA PRO A 160 -2.90 -8.58 -15.68
C PRO A 160 -3.68 -9.05 -16.86
N VAL A 161 -3.12 -8.82 -18.07
CA VAL A 161 -3.77 -9.24 -19.28
C VAL A 161 -2.85 -10.20 -19.96
N VAL A 162 -3.36 -11.41 -20.28
CA VAL A 162 -2.53 -12.40 -20.93
C VAL A 162 -2.70 -12.22 -22.44
N MET A 1 -6.63 9.23 17.01
CA MET A 1 -7.62 9.80 16.05
C MET A 1 -8.02 8.76 15.04
N ALA A 2 -9.22 8.19 15.22
CA ALA A 2 -9.70 7.19 14.30
C ALA A 2 -11.19 7.26 14.30
N ALA A 3 -11.80 6.94 13.15
CA ALA A 3 -13.24 6.97 13.05
C ALA A 3 -13.60 6.08 11.91
N ALA A 4 -14.82 5.52 11.92
CA ALA A 4 -15.24 4.66 10.84
C ALA A 4 -15.86 5.51 9.79
N MET A 5 -15.01 6.22 9.01
CA MET A 5 -15.48 7.06 7.95
C MET A 5 -16.01 6.17 6.87
N PHE A 6 -15.42 4.96 6.76
CA PHE A 6 -15.82 4.03 5.75
C PHE A 6 -16.17 2.77 6.45
N GLU A 7 -17.46 2.64 6.85
CA GLU A 7 -17.91 1.45 7.54
C GLU A 7 -17.98 0.31 6.57
N LYS A 8 -18.11 0.62 5.26
CA LYS A 8 -18.19 -0.41 4.26
C LYS A 8 -16.79 -0.88 3.97
N SER A 9 -16.64 -2.18 3.66
CA SER A 9 -15.35 -2.73 3.36
C SER A 9 -15.49 -3.68 2.22
N GLU A 10 -14.41 -3.82 1.42
CA GLU A 10 -14.41 -4.70 0.29
C GLU A 10 -13.12 -5.44 0.33
N LYS A 11 -12.99 -6.45 -0.53
CA LYS A 11 -11.79 -7.25 -0.56
C LYS A 11 -10.97 -6.80 -1.72
N PHE A 12 -9.67 -7.11 -1.65
CA PHE A 12 -8.76 -6.75 -2.70
C PHE A 12 -8.87 -7.81 -3.77
N PRO A 13 -8.50 -7.45 -4.98
CA PRO A 13 -8.55 -8.37 -6.11
C PRO A 13 -7.76 -9.64 -5.86
N GLU A 14 -8.31 -10.78 -6.32
CA GLU A 14 -7.63 -12.04 -6.13
C GLU A 14 -6.76 -12.28 -7.30
N GLY A 15 -5.71 -13.10 -7.08
CA GLY A 15 -4.78 -13.41 -8.13
C GLY A 15 -3.76 -12.32 -8.18
N TRP A 16 -3.07 -12.18 -9.33
CA TRP A 16 -2.06 -11.17 -9.49
C TRP A 16 -2.76 -9.87 -9.78
N PHE A 17 -2.27 -8.76 -9.22
CA PHE A 17 -2.91 -7.50 -9.48
C PHE A 17 -1.88 -6.43 -9.24
N PHE A 18 -2.15 -5.23 -9.78
CA PHE A 18 -1.24 -4.14 -9.64
C PHE A 18 -1.97 -3.03 -8.95
N ILE A 19 -1.28 -2.33 -8.02
CA ILE A 19 -1.90 -1.23 -7.32
C ILE A 19 -1.44 -0.01 -8.05
N LYS A 20 -2.40 0.74 -8.64
CA LYS A 20 -2.05 1.89 -9.42
C LYS A 20 -2.42 3.14 -8.69
N ASN A 21 -1.43 4.06 -8.55
CA ASN A 21 -1.68 5.32 -7.92
C ASN A 21 -2.16 6.20 -9.03
N ASN A 22 -3.43 6.64 -8.96
CA ASN A 22 -4.03 7.45 -10.01
C ASN A 22 -3.28 8.74 -10.21
N SER A 23 -2.75 9.35 -9.14
CA SER A 23 -2.08 10.64 -9.26
C SER A 23 -0.86 10.56 -10.13
N ASN A 24 -0.03 9.51 -9.95
CA ASN A 24 1.19 9.41 -10.72
C ASN A 24 1.00 8.48 -11.87
N GLY A 25 0.01 7.57 -11.81
CA GLY A 25 -0.20 6.64 -12.88
C GLY A 25 0.86 5.57 -12.79
N TYR A 26 1.47 5.42 -11.59
CA TYR A 26 2.50 4.43 -11.39
C TYR A 26 1.96 3.39 -10.46
N VAL A 27 2.72 2.28 -10.27
CA VAL A 27 2.26 1.22 -9.40
C VAL A 27 3.26 1.02 -8.31
N LEU A 28 2.81 0.37 -7.21
CA LEU A 28 3.66 0.13 -6.07
C LEU A 28 4.71 -0.87 -6.44
N MET A 29 5.96 -0.56 -6.05
CA MET A 29 7.07 -1.44 -6.31
C MET A 29 7.98 -1.28 -5.13
N VAL A 30 8.95 -2.20 -4.93
CA VAL A 30 9.86 -2.04 -3.83
C VAL A 30 10.73 -0.85 -4.18
N ASP A 31 11.58 -0.38 -3.23
CA ASP A 31 12.38 0.81 -3.47
C ASP A 31 13.18 0.70 -4.75
N ASN A 32 13.89 -0.42 -4.95
CA ASN A 32 14.67 -0.55 -6.16
C ASN A 32 15.21 -1.94 -6.25
N GLU A 33 14.34 -2.92 -6.60
CA GLU A 33 14.76 -4.31 -6.75
C GLU A 33 15.50 -4.74 -5.51
N SER A 34 14.92 -4.45 -4.32
CA SER A 34 15.55 -4.80 -3.09
C SER A 34 14.89 -6.02 -2.56
N GLN A 35 15.69 -7.09 -2.35
CA GLN A 35 15.14 -8.31 -1.81
C GLN A 35 15.40 -8.26 -0.33
N GLU A 36 16.07 -7.18 0.13
CA GLU A 36 16.36 -7.06 1.53
C GLU A 36 15.14 -6.51 2.23
N SER A 37 14.97 -6.87 3.51
CA SER A 37 13.84 -6.43 4.27
C SER A 37 14.12 -5.04 4.76
N GLY A 38 13.06 -4.22 4.92
CA GLY A 38 13.23 -2.87 5.39
C GLY A 38 13.35 -1.94 4.21
N SER A 39 13.11 -2.46 2.98
CA SER A 39 13.21 -1.62 1.82
C SER A 39 11.89 -0.88 1.68
N PRO A 40 11.96 0.43 1.62
CA PRO A 40 10.76 1.26 1.47
C PRO A 40 9.99 0.95 0.22
N ILE A 41 8.66 1.13 0.27
CA ILE A 41 7.84 0.85 -0.88
C ILE A 41 7.78 2.13 -1.67
N VAL A 42 8.03 2.06 -3.00
CA VAL A 42 8.02 3.27 -3.80
C VAL A 42 7.18 3.02 -5.03
N LEU A 43 6.85 4.10 -5.77
CA LEU A 43 6.04 3.97 -6.96
C LEU A 43 6.97 3.92 -8.14
N ALA A 44 6.59 3.11 -9.15
CA ALA A 44 7.41 2.98 -10.33
C ALA A 44 6.49 2.77 -11.50
N THR A 45 6.94 3.24 -12.69
CA THR A 45 6.15 3.06 -13.91
C THR A 45 6.05 1.59 -14.16
N LEU A 46 4.89 1.15 -14.68
CA LEU A 46 4.68 -0.25 -14.97
C LEU A 46 5.74 -0.69 -15.95
N ARG A 47 6.28 -1.91 -15.73
CA ARG A 47 7.31 -2.42 -16.59
C ARG A 47 6.79 -3.67 -17.23
N THR A 48 7.06 -3.82 -18.54
CA THR A 48 6.60 -4.96 -19.30
C THR A 48 7.26 -6.21 -18.76
N LYS A 49 8.47 -6.08 -18.20
CA LYS A 49 9.18 -7.24 -17.70
C LYS A 49 9.63 -6.95 -16.31
N ASP A 50 9.95 -8.03 -15.54
CA ASP A 50 10.40 -7.88 -14.17
C ASP A 50 9.35 -7.12 -13.40
N TYR A 51 8.07 -7.47 -13.63
CA TYR A 51 6.98 -6.80 -12.96
C TYR A 51 6.54 -7.61 -11.78
N ALA A 52 7.33 -8.63 -11.40
CA ALA A 52 6.98 -9.46 -10.26
C ALA A 52 6.98 -8.60 -9.03
N SER A 53 7.94 -7.66 -8.97
CA SER A 53 8.07 -6.77 -7.83
C SER A 53 6.97 -5.77 -7.86
N GLN A 54 6.25 -5.67 -9.00
CA GLN A 54 5.16 -4.75 -9.10
C GLN A 54 3.89 -5.53 -8.92
N LEU A 55 4.02 -6.85 -8.66
CA LEU A 55 2.85 -7.67 -8.47
C LEU A 55 2.63 -7.87 -7.01
N TRP A 56 1.36 -7.77 -6.59
CA TRP A 56 0.99 -7.91 -5.23
C TRP A 56 -0.11 -8.92 -5.17
N ARG A 57 -0.26 -9.61 -4.01
CA ARG A 57 -1.30 -10.60 -3.89
C ARG A 57 -1.88 -10.40 -2.53
N HIS A 58 -3.15 -10.81 -2.37
CA HIS A 58 -3.83 -10.63 -1.12
C HIS A 58 -3.91 -11.96 -0.44
N ASP A 59 -3.29 -12.08 0.76
CA ASP A 59 -3.34 -13.33 1.48
C ASP A 59 -4.63 -13.33 2.27
N PRO A 60 -5.11 -14.51 2.60
CA PRO A 60 -6.34 -14.67 3.37
C PRO A 60 -6.30 -14.01 4.71
N SER A 61 -5.09 -13.73 5.22
CA SER A 61 -4.96 -13.11 6.51
C SER A 61 -5.36 -11.66 6.39
N GLY A 62 -5.43 -11.14 5.13
CA GLY A 62 -5.84 -9.77 4.94
C GLY A 62 -4.65 -8.91 4.65
N TYR A 63 -3.49 -9.52 4.33
CA TYR A 63 -2.30 -8.73 4.07
C TYR A 63 -1.97 -8.84 2.61
N LEU A 64 -1.16 -7.87 2.10
CA LEU A 64 -0.73 -7.88 0.73
C LEU A 64 0.70 -8.29 0.72
N VAL A 65 1.05 -9.21 -0.20
CA VAL A 65 2.39 -9.72 -0.27
C VAL A 65 2.96 -9.43 -1.62
N ASN A 66 4.26 -9.05 -1.64
CA ASN A 66 4.92 -8.77 -2.88
C ASN A 66 5.47 -10.09 -3.32
N LYS A 67 5.11 -10.55 -4.54
CA LYS A 67 5.55 -11.85 -5.00
C LYS A 67 7.05 -11.92 -5.13
N LYS A 68 7.69 -10.82 -5.59
CA LYS A 68 9.11 -10.83 -5.82
C LYS A 68 9.87 -11.07 -4.54
N SER A 69 9.55 -10.31 -3.49
CA SER A 69 10.28 -10.45 -2.24
C SER A 69 9.61 -11.46 -1.37
N GLY A 70 8.27 -11.62 -1.46
CA GLY A 70 7.60 -12.59 -0.63
C GLY A 70 7.37 -11.93 0.70
N GLN A 71 7.69 -10.62 0.78
CA GLN A 71 7.51 -9.88 2.01
C GLN A 71 6.23 -9.12 1.88
N VAL A 72 5.72 -8.58 3.02
CA VAL A 72 4.46 -7.89 2.99
C VAL A 72 4.70 -6.45 3.34
N MET A 73 3.68 -5.61 3.04
CA MET A 73 3.79 -4.20 3.36
C MET A 73 3.69 -4.06 4.84
N ASP A 74 4.51 -3.18 5.44
CA ASP A 74 4.45 -3.01 6.88
C ASP A 74 4.99 -1.65 7.19
N ILE A 75 4.85 -1.22 8.46
CA ILE A 75 5.34 0.07 8.85
C ILE A 75 6.78 -0.08 9.25
N ALA A 76 7.59 0.94 8.92
CA ALA A 76 9.00 0.91 9.23
C ALA A 76 9.17 0.99 10.72
N LYS A 77 8.39 1.87 11.37
CA LYS A 77 8.47 2.04 12.81
C LYS A 77 7.91 0.84 13.48
N GLY A 78 6.89 0.24 12.87
CA GLY A 78 6.25 -0.92 13.46
C GLY A 78 5.13 -0.37 14.30
N THR A 79 5.12 0.98 14.43
CA THR A 79 4.10 1.64 15.20
C THR A 79 3.46 2.62 14.25
N PRO A 80 2.15 2.57 14.12
CA PRO A 80 1.46 3.46 13.21
C PRO A 80 1.47 4.88 13.66
N LYS A 81 1.92 5.79 12.77
CA LYS A 81 1.97 7.17 13.08
C LYS A 81 1.68 7.88 11.80
N ALA A 82 1.21 9.15 11.89
CA ALA A 82 0.93 9.88 10.69
C ALA A 82 2.24 10.24 10.06
N GLY A 83 2.36 9.99 8.75
CA GLY A 83 3.59 10.32 8.05
C GLY A 83 4.57 9.19 8.20
N VAL A 84 4.15 8.04 8.80
CA VAL A 84 5.08 6.94 8.95
C VAL A 84 5.32 6.33 7.59
N ASP A 85 6.58 5.89 7.33
CA ASP A 85 6.93 5.32 6.04
C ASP A 85 6.54 3.86 6.03
N ILE A 86 6.29 3.33 4.80
CA ILE A 86 5.92 1.95 4.65
C ILE A 86 7.07 1.24 4.01
N VAL A 87 7.49 0.12 4.65
CA VAL A 87 8.60 -0.66 4.14
C VAL A 87 8.15 -2.10 4.12
N GLN A 88 8.84 -2.96 3.34
CA GLN A 88 8.45 -4.34 3.28
C GLN A 88 9.10 -5.06 4.43
N GLN A 89 8.32 -5.96 5.09
CA GLN A 89 8.84 -6.71 6.21
C GLN A 89 8.23 -8.09 6.17
N THR A 90 8.71 -8.99 7.06
CA THR A 90 8.20 -10.34 7.12
C THR A 90 6.76 -10.29 7.53
N GLN A 91 5.96 -11.27 7.06
CA GLN A 91 4.55 -11.31 7.38
C GLN A 91 4.40 -11.66 8.84
N ALA A 92 3.24 -11.27 9.42
CA ALA A 92 2.97 -11.54 10.80
C ALA A 92 2.72 -13.01 10.95
N GLY A 93 3.09 -13.57 12.13
CA GLY A 93 2.89 -14.97 12.38
C GLY A 93 1.56 -15.12 13.04
N SER A 94 1.33 -16.28 13.70
CA SER A 94 0.08 -16.51 14.36
C SER A 94 0.18 -15.98 15.77
N ASN A 95 1.33 -15.34 16.10
CA ASN A 95 1.53 -14.81 17.42
C ASN A 95 1.25 -13.34 17.40
N VAL A 96 0.58 -12.86 16.34
CA VAL A 96 0.26 -11.46 16.24
C VAL A 96 -1.24 -11.34 16.32
N LYS A 97 -1.71 -10.52 17.29
CA LYS A 97 -3.12 -10.33 17.48
C LYS A 97 -3.69 -9.61 16.30
N ASP A 98 -5.03 -9.65 16.20
CA ASP A 98 -5.71 -9.01 15.10
C ASP A 98 -5.67 -7.52 15.32
N ASP A 99 -5.43 -7.10 16.58
CA ASP A 99 -5.40 -5.68 16.88
C ASP A 99 -3.99 -5.22 16.72
N LEU A 100 -3.08 -6.16 16.46
CA LEU A 100 -1.69 -5.84 16.28
C LEU A 100 -1.35 -6.11 14.86
N ASN A 101 -2.38 -6.44 14.06
CA ASN A 101 -2.16 -6.71 12.66
C ASN A 101 -2.28 -5.41 11.93
N PHE A 102 -1.12 -4.80 11.63
CA PHE A 102 -1.10 -3.54 10.94
C PHE A 102 -0.89 -3.81 9.47
N GLN A 103 -0.60 -5.09 9.13
CA GLN A 103 -0.36 -5.45 7.75
C GLN A 103 -1.70 -5.64 7.09
N LYS A 104 -2.78 -5.66 7.92
CA LYS A 104 -4.10 -5.85 7.40
C LYS A 104 -4.59 -4.52 6.89
N PHE A 105 -5.08 -4.51 5.62
CA PHE A 105 -5.55 -3.28 5.02
C PHE A 105 -7.01 -3.44 4.73
N GLY A 106 -7.74 -2.30 4.73
CA GLY A 106 -9.15 -2.30 4.44
C GLY A 106 -9.31 -1.65 3.11
N LEU A 107 -10.38 -2.00 2.38
CA LEU A 107 -10.57 -1.44 1.07
C LEU A 107 -11.98 -0.94 1.00
N SER A 108 -12.14 0.37 0.73
CA SER A 108 -13.47 0.92 0.61
C SER A 108 -13.85 0.82 -0.85
N PRO A 109 -15.13 0.81 -1.13
CA PRO A 109 -15.62 0.74 -2.49
C PRO A 109 -15.34 1.98 -3.27
N TYR A 110 -14.98 3.08 -2.55
CA TYR A 110 -14.69 4.33 -3.18
C TYR A 110 -13.35 4.21 -3.86
N GLY A 111 -12.48 3.30 -3.37
CA GLY A 111 -11.18 3.13 -3.98
C GLY A 111 -10.13 3.64 -3.04
N HIS A 112 -10.50 3.90 -1.77
CA HIS A 112 -9.54 4.39 -0.81
C HIS A 112 -9.02 3.20 -0.05
N ILE A 113 -7.69 3.13 0.12
CA ILE A 113 -7.08 2.04 0.82
C ILE A 113 -6.63 2.58 2.15
N TYR A 114 -7.08 1.93 3.25
CA TYR A 114 -6.71 2.38 4.57
C TYR A 114 -6.35 1.19 5.37
N LEU A 115 -5.91 1.40 6.62
CA LEU A 115 -5.56 0.27 7.44
C LEU A 115 -6.83 -0.18 8.09
N ALA A 116 -6.90 -1.48 8.37
CA ALA A 116 -8.08 -2.03 8.99
C ALA A 116 -8.26 -1.45 10.36
N ASN A 117 -7.14 -1.24 11.09
CA ASN A 117 -7.25 -0.74 12.45
C ASN A 117 -7.06 0.75 12.47
N LYS A 118 -6.62 1.37 11.36
CA LYS A 118 -6.42 2.80 11.35
C LYS A 118 -6.99 3.34 10.08
N PRO A 119 -8.27 3.59 10.10
CA PRO A 119 -8.97 4.16 8.95
C PRO A 119 -8.57 5.57 8.69
N SER A 120 -7.80 6.18 9.62
CA SER A 120 -7.39 7.54 9.47
C SER A 120 -6.09 7.53 8.72
N LEU A 121 -5.40 6.36 8.67
CA LEU A 121 -4.15 6.29 7.97
C LEU A 121 -4.42 5.60 6.66
N ILE A 122 -3.95 6.21 5.56
CA ILE A 122 -4.17 5.63 4.26
C ILE A 122 -2.88 5.73 3.52
N LEU A 123 -2.77 4.98 2.40
CA LEU A 123 -1.57 4.99 1.62
C LEU A 123 -1.56 6.25 0.81
N GLY A 124 -0.39 6.90 0.72
CA GLY A 124 -0.27 8.12 -0.03
C GLY A 124 1.17 8.32 -0.36
N ILE A 125 1.47 9.39 -1.12
CA ILE A 125 2.84 9.67 -1.51
C ILE A 125 3.08 11.13 -1.27
N LYS A 126 4.38 11.52 -1.17
CA LYS A 126 4.71 12.90 -0.94
C LYS A 126 5.34 13.43 -2.20
N GLU A 127 4.79 14.55 -2.72
CA GLU A 127 5.33 15.12 -3.93
C GLU A 127 6.27 16.22 -3.53
N SER A 128 7.46 16.24 -4.18
CA SER A 128 8.44 17.25 -3.87
C SER A 128 9.20 17.48 -5.14
N PHE A 129 9.84 18.66 -5.26
CA PHE A 129 10.60 18.97 -6.44
C PHE A 129 11.83 18.11 -6.46
N PHE A 130 12.29 17.69 -5.26
CA PHE A 130 13.47 16.85 -5.17
C PHE A 130 13.03 15.45 -4.95
N ALA A 131 11.85 15.07 -5.49
CA ALA A 131 11.35 13.75 -5.32
C ALA A 131 10.95 13.26 -6.68
N ARG A 132 11.82 12.40 -7.26
CA ARG A 132 11.56 11.85 -8.57
C ARG A 132 10.30 11.04 -8.49
N ARG A 133 9.45 11.17 -9.53
CA ARG A 133 8.19 10.44 -9.57
C ARG A 133 8.51 8.99 -9.57
N GLU A 134 9.62 8.63 -10.25
CA GLU A 134 10.03 7.25 -10.31
C GLU A 134 10.83 7.00 -9.09
N GLY A 135 10.12 6.66 -8.02
CA GLY A 135 10.76 6.40 -6.76
C GLY A 135 10.01 7.07 -5.66
N LEU A 136 8.78 7.59 -5.92
CA LEU A 136 8.02 8.22 -4.85
C LEU A 136 7.71 7.15 -3.86
N HIS A 137 8.05 7.40 -2.59
CA HIS A 137 7.84 6.43 -1.54
C HIS A 137 6.43 6.51 -1.06
N VAL A 138 5.92 5.36 -0.57
CA VAL A 138 4.59 5.31 -0.05
C VAL A 138 4.72 5.45 1.44
N HIS A 139 3.81 6.23 2.02
CA HIS A 139 3.84 6.46 3.43
C HIS A 139 2.42 6.59 3.86
N LEU A 140 2.15 6.54 5.18
CA LEU A 140 0.79 6.65 5.63
C LEU A 140 0.49 8.09 5.82
N GLN A 141 -0.53 8.57 5.09
CA GLN A 141 -0.93 9.94 5.16
C GLN A 141 -2.28 9.91 5.79
N LEU A 142 -2.57 10.88 6.69
CA LEU A 142 -3.85 10.86 7.34
C LEU A 142 -4.91 11.21 6.32
N VAL A 143 -6.04 10.48 6.42
CA VAL A 143 -7.15 10.64 5.52
C VAL A 143 -7.68 12.05 5.65
N ASP A 144 -7.93 12.69 4.49
CA ASP A 144 -8.43 14.03 4.46
C ASP A 144 -9.76 13.97 3.75
N LYS A 145 -10.83 13.72 4.53
CA LYS A 145 -12.16 13.62 3.98
C LYS A 145 -12.57 14.95 3.38
N ARG A 146 -11.89 16.04 3.81
CA ARG A 146 -12.20 17.35 3.29
C ARG A 146 -11.81 17.44 1.83
N HIS A 147 -10.89 16.56 1.38
CA HIS A 147 -10.47 16.59 0.00
C HIS A 147 -10.36 15.18 -0.48
N LEU A 148 -11.48 14.62 -0.96
CA LEU A 148 -11.49 13.26 -1.46
C LEU A 148 -11.44 13.30 -2.95
N ASP A 149 -11.31 14.52 -3.54
CA ASP A 149 -11.28 14.64 -4.97
C ASP A 149 -9.85 14.67 -5.44
N ARG A 150 -8.91 14.35 -4.54
CA ARG A 150 -7.52 14.33 -4.88
C ARG A 150 -7.23 13.01 -5.52
N LYS A 151 -6.40 13.04 -6.58
CA LYS A 151 -6.03 11.83 -7.27
C LYS A 151 -5.12 11.04 -6.39
N GLU A 152 -4.45 11.74 -5.46
CA GLU A 152 -3.53 11.10 -4.55
C GLU A 152 -4.31 10.28 -3.56
N GLN A 153 -5.57 10.69 -3.31
CA GLN A 153 -6.40 9.99 -2.37
C GLN A 153 -7.13 8.91 -3.11
N ARG A 154 -6.93 8.81 -4.45
CA ARG A 154 -7.63 7.82 -5.23
C ARG A 154 -6.65 6.76 -5.66
N TRP A 155 -7.07 5.48 -5.49
CA TRP A 155 -6.23 4.36 -5.87
C TRP A 155 -7.01 3.53 -6.85
N ASP A 156 -6.30 2.96 -7.83
CA ASP A 156 -6.95 2.14 -8.82
C ASP A 156 -6.24 0.82 -8.82
N PHE A 157 -6.87 -0.22 -9.42
CA PHE A 157 -6.26 -1.52 -9.47
C PHE A 157 -6.27 -1.94 -10.91
N VAL A 158 -5.20 -2.65 -11.31
CA VAL A 158 -5.09 -3.10 -12.68
C VAL A 158 -4.80 -4.57 -12.62
N LEU A 159 -5.36 -5.32 -13.57
CA LEU A 159 -5.14 -6.75 -13.61
C LEU A 159 -4.26 -7.02 -14.80
N PRO A 160 -3.53 -8.11 -14.75
CA PRO A 160 -2.62 -8.49 -15.84
C PRO A 160 -3.31 -8.61 -17.17
N VAL A 161 -2.63 -8.14 -18.23
CA VAL A 161 -3.21 -8.21 -19.55
C VAL A 161 -2.30 -9.07 -20.38
N VAL A 162 -2.87 -10.13 -21.01
CA VAL A 162 -2.07 -11.01 -21.82
C VAL A 162 -2.01 -10.41 -23.24
N MET A 1 -18.59 18.55 -1.86
CA MET A 1 -17.96 18.25 -0.54
C MET A 1 -18.65 17.08 0.10
N ALA A 2 -17.87 16.04 0.46
CA ALA A 2 -18.44 14.87 1.08
C ALA A 2 -17.38 14.30 1.98
N ALA A 3 -17.80 13.56 3.02
CA ALA A 3 -16.86 12.97 3.92
C ALA A 3 -17.42 11.66 4.37
N ALA A 4 -16.54 10.69 4.67
CA ALA A 4 -17.00 9.41 5.10
C ALA A 4 -15.93 8.82 5.97
N MET A 5 -16.35 8.10 7.03
CA MET A 5 -15.41 7.47 7.93
C MET A 5 -15.00 6.17 7.32
N PHE A 6 -15.85 5.66 6.39
CA PHE A 6 -15.59 4.43 5.68
C PHE A 6 -15.87 3.28 6.62
N GLU A 7 -17.10 3.23 7.17
CA GLU A 7 -17.47 2.15 8.07
C GLU A 7 -17.64 0.89 7.26
N LYS A 8 -17.90 1.03 5.95
CA LYS A 8 -18.08 -0.12 5.10
C LYS A 8 -16.73 -0.65 4.72
N SER A 9 -16.62 -1.99 4.60
CA SER A 9 -15.35 -2.60 4.25
C SER A 9 -15.59 -3.46 3.05
N GLU A 10 -14.60 -3.50 2.14
CA GLU A 10 -14.69 -4.30 0.96
C GLU A 10 -13.49 -5.20 0.95
N LYS A 11 -13.46 -6.15 0.00
CA LYS A 11 -12.37 -7.08 -0.08
C LYS A 11 -11.49 -6.68 -1.22
N PHE A 12 -10.23 -7.14 -1.17
CA PHE A 12 -9.27 -6.83 -2.20
C PHE A 12 -9.35 -7.92 -3.24
N PRO A 13 -8.94 -7.62 -4.45
CA PRO A 13 -8.96 -8.60 -5.52
C PRO A 13 -8.01 -9.72 -5.28
N GLU A 14 -8.34 -10.92 -5.82
CA GLU A 14 -7.50 -12.07 -5.61
C GLU A 14 -6.71 -12.31 -6.85
N GLY A 15 -5.59 -13.04 -6.67
CA GLY A 15 -4.73 -13.33 -7.79
C GLY A 15 -3.71 -12.24 -7.88
N TRP A 16 -3.02 -12.18 -9.04
CA TRP A 16 -2.01 -11.16 -9.23
C TRP A 16 -2.73 -9.87 -9.56
N PHE A 17 -2.24 -8.74 -9.02
CA PHE A 17 -2.89 -7.49 -9.29
C PHE A 17 -1.88 -6.41 -9.05
N PHE A 18 -2.18 -5.21 -9.55
CA PHE A 18 -1.29 -4.09 -9.40
C PHE A 18 -2.03 -3.01 -8.67
N ILE A 19 -1.33 -2.33 -7.74
CA ILE A 19 -1.94 -1.25 -7.00
C ILE A 19 -1.43 0.00 -7.64
N LYS A 20 -2.33 0.79 -8.27
CA LYS A 20 -1.91 1.99 -8.95
C LYS A 20 -2.46 3.18 -8.25
N ASN A 21 -1.57 4.17 -7.99
CA ASN A 21 -2.00 5.40 -7.37
C ASN A 21 -2.48 6.26 -8.49
N ASN A 22 -3.74 6.73 -8.41
CA ASN A 22 -4.31 7.53 -9.48
C ASN A 22 -3.54 8.81 -9.72
N SER A 23 -3.02 9.46 -8.64
CA SER A 23 -2.34 10.72 -8.81
C SER A 23 -1.09 10.58 -9.64
N ASN A 24 -0.31 9.51 -9.42
CA ASN A 24 0.92 9.36 -10.14
C ASN A 24 0.72 8.45 -11.32
N GLY A 25 -0.29 7.57 -11.27
CA GLY A 25 -0.52 6.66 -12.36
C GLY A 25 0.57 5.62 -12.32
N TYR A 26 1.25 5.51 -11.16
CA TYR A 26 2.33 4.55 -11.01
C TYR A 26 1.84 3.48 -10.08
N VAL A 27 2.57 2.34 -10.01
CA VAL A 27 2.16 1.25 -9.17
C VAL A 27 3.21 1.04 -8.11
N LEU A 28 2.81 0.35 -7.02
CA LEU A 28 3.70 0.10 -5.92
C LEU A 28 4.74 -0.90 -6.34
N MET A 29 6.01 -0.60 -5.98
CA MET A 29 7.11 -1.47 -6.30
C MET A 29 8.06 -1.34 -5.15
N VAL A 30 9.03 -2.27 -5.00
CA VAL A 30 9.98 -2.13 -3.92
C VAL A 30 10.85 -0.94 -4.28
N ASP A 31 11.76 -0.53 -3.38
CA ASP A 31 12.58 0.65 -3.61
C ASP A 31 13.32 0.56 -4.93
N ASN A 32 13.97 -0.59 -5.19
CA ASN A 32 14.70 -0.72 -6.43
C ASN A 32 15.16 -2.13 -6.57
N GLU A 33 14.23 -3.07 -6.89
CA GLU A 33 14.57 -4.46 -7.07
C GLU A 33 15.35 -4.96 -5.88
N SER A 34 14.84 -4.65 -4.67
CA SER A 34 15.51 -5.07 -3.47
C SER A 34 14.82 -6.30 -2.98
N GLN A 35 15.57 -7.42 -2.93
CA GLN A 35 15.00 -8.65 -2.46
C GLN A 35 15.28 -8.72 -0.98
N GLU A 36 16.00 -7.69 -0.47
CA GLU A 36 16.32 -7.67 0.93
C GLU A 36 15.20 -7.01 1.66
N SER A 37 14.87 -7.54 2.86
CA SER A 37 13.80 -6.99 3.65
C SER A 37 14.30 -5.70 4.26
N GLY A 38 13.35 -4.79 4.59
CA GLY A 38 13.71 -3.54 5.20
C GLY A 38 13.90 -2.49 4.15
N SER A 39 13.55 -2.79 2.87
CA SER A 39 13.71 -1.79 1.84
C SER A 39 12.39 -1.06 1.71
N PRO A 40 12.46 0.23 1.49
CA PRO A 40 11.27 1.06 1.32
C PRO A 40 10.42 0.69 0.15
N ILE A 41 9.11 1.00 0.24
CA ILE A 41 8.21 0.70 -0.86
C ILE A 41 8.09 1.99 -1.63
N VAL A 42 8.27 1.94 -2.98
CA VAL A 42 8.21 3.17 -3.75
C VAL A 42 7.36 2.96 -4.97
N LEU A 43 6.98 4.07 -5.62
CA LEU A 43 6.14 4.02 -6.79
C LEU A 43 7.01 3.92 -8.01
N ALA A 44 6.53 3.16 -9.01
CA ALA A 44 7.27 3.00 -10.23
C ALA A 44 6.25 2.85 -11.32
N THR A 45 6.58 3.33 -12.55
CA THR A 45 5.65 3.21 -13.65
C THR A 45 5.52 1.76 -13.99
N LEU A 46 4.37 1.43 -14.61
CA LEU A 46 4.11 0.06 -14.99
C LEU A 46 5.09 -0.34 -16.04
N ARG A 47 5.60 -1.58 -15.94
CA ARG A 47 6.57 -2.07 -16.89
C ARG A 47 6.10 -3.43 -17.34
N THR A 48 6.42 -3.76 -18.61
CA THR A 48 6.02 -5.04 -19.16
C THR A 48 7.04 -6.06 -18.75
N LYS A 49 8.18 -5.59 -18.19
CA LYS A 49 9.23 -6.49 -17.78
C LYS A 49 9.51 -6.22 -16.33
N ASP A 50 9.88 -7.30 -15.58
CA ASP A 50 10.18 -7.17 -14.17
C ASP A 50 8.97 -6.60 -13.47
N TYR A 51 7.77 -7.11 -13.85
CA TYR A 51 6.55 -6.62 -13.26
C TYR A 51 6.20 -7.46 -12.07
N ALA A 52 7.01 -8.49 -11.77
CA ALA A 52 6.74 -9.35 -10.63
C ALA A 52 6.85 -8.53 -9.37
N SER A 53 7.84 -7.61 -9.34
CA SER A 53 8.04 -6.77 -8.18
C SER A 53 6.95 -5.76 -8.11
N GLN A 54 6.17 -5.61 -9.19
CA GLN A 54 5.08 -4.67 -9.21
C GLN A 54 3.82 -5.44 -8.96
N LEU A 55 3.95 -6.77 -8.76
CA LEU A 55 2.78 -7.60 -8.52
C LEU A 55 2.64 -7.81 -7.05
N TRP A 56 1.37 -7.73 -6.58
CA TRP A 56 1.08 -7.89 -5.19
C TRP A 56 0.03 -8.95 -5.09
N ARG A 57 0.03 -9.68 -3.96
CA ARG A 57 -0.91 -10.75 -3.77
C ARG A 57 -1.59 -10.50 -2.46
N HIS A 58 -2.91 -10.59 -2.44
CA HIS A 58 -3.64 -10.36 -1.22
C HIS A 58 -3.73 -11.66 -0.47
N ASP A 59 -3.01 -11.74 0.65
CA ASP A 59 -3.04 -12.91 1.48
C ASP A 59 -4.38 -12.92 2.14
N PRO A 60 -4.98 -14.09 2.29
CA PRO A 60 -6.31 -14.20 2.91
C PRO A 60 -6.37 -13.66 4.31
N SER A 61 -5.21 -13.51 4.98
CA SER A 61 -5.21 -12.98 6.32
C SER A 61 -5.48 -11.50 6.24
N GLY A 62 -5.30 -10.89 5.03
CA GLY A 62 -5.56 -9.49 4.87
C GLY A 62 -4.29 -8.74 4.61
N TYR A 63 -3.17 -9.44 4.36
CA TYR A 63 -1.91 -8.75 4.12
C TYR A 63 -1.62 -8.80 2.65
N LEU A 64 -0.67 -7.95 2.19
CA LEU A 64 -0.29 -7.93 0.79
C LEU A 64 1.11 -8.42 0.72
N VAL A 65 1.35 -9.40 -0.18
CA VAL A 65 2.67 -9.97 -0.32
C VAL A 65 3.18 -9.63 -1.68
N ASN A 66 4.45 -9.17 -1.76
CA ASN A 66 5.03 -8.84 -3.03
C ASN A 66 5.40 -10.15 -3.66
N LYS A 67 4.98 -10.37 -4.93
CA LYS A 67 5.26 -11.63 -5.59
C LYS A 67 6.75 -11.84 -5.74
N LYS A 68 7.48 -10.78 -6.10
CA LYS A 68 8.90 -10.91 -6.35
C LYS A 68 9.67 -11.05 -5.07
N SER A 69 9.47 -10.10 -4.15
CA SER A 69 10.20 -10.11 -2.91
C SER A 69 9.74 -11.24 -2.06
N GLY A 70 8.41 -11.50 -2.03
CA GLY A 70 7.91 -12.55 -1.18
C GLY A 70 7.77 -11.96 0.18
N GLN A 71 8.03 -10.64 0.27
CA GLN A 71 7.96 -9.94 1.53
C GLN A 71 6.60 -9.29 1.57
N VAL A 72 6.18 -8.81 2.76
CA VAL A 72 4.89 -8.20 2.87
C VAL A 72 5.08 -6.76 3.26
N MET A 73 4.04 -5.94 3.03
CA MET A 73 4.12 -4.54 3.38
C MET A 73 4.09 -4.44 4.88
N ASP A 74 4.90 -3.55 5.45
CA ASP A 74 4.92 -3.42 6.88
C ASP A 74 5.44 -2.05 7.23
N ILE A 75 5.33 -1.66 8.52
CA ILE A 75 5.79 -0.36 8.92
C ILE A 75 7.24 -0.49 9.26
N ALA A 76 8.02 0.57 8.93
CA ALA A 76 9.43 0.57 9.20
C ALA A 76 9.67 0.58 10.68
N LYS A 77 8.88 1.40 11.41
CA LYS A 77 9.02 1.51 12.84
C LYS A 77 8.53 0.25 13.48
N GLY A 78 7.50 -0.36 12.86
CA GLY A 78 6.93 -1.56 13.42
C GLY A 78 5.83 -1.10 14.34
N THR A 79 5.77 0.24 14.54
CA THR A 79 4.78 0.83 15.38
C THR A 79 4.09 1.86 14.52
N PRO A 80 2.79 1.81 14.46
CA PRO A 80 2.04 2.75 13.64
C PRO A 80 2.09 4.15 14.16
N LYS A 81 2.49 5.09 13.29
CA LYS A 81 2.58 6.46 13.68
C LYS A 81 2.09 7.25 12.51
N ALA A 82 1.83 8.54 12.71
CA ALA A 82 1.38 9.37 11.63
C ALA A 82 2.59 9.73 10.83
N GLY A 83 2.53 9.50 9.51
CA GLY A 83 3.66 9.82 8.67
C GLY A 83 4.69 8.73 8.77
N VAL A 84 4.32 7.55 9.31
CA VAL A 84 5.29 6.47 9.42
C VAL A 84 5.56 5.93 8.04
N ASP A 85 6.83 5.53 7.77
CA ASP A 85 7.20 5.03 6.46
C ASP A 85 6.83 3.57 6.37
N ILE A 86 6.65 3.10 5.12
CA ILE A 86 6.29 1.72 4.87
C ILE A 86 7.44 1.06 4.16
N VAL A 87 7.87 -0.10 4.70
CA VAL A 87 8.96 -0.83 4.11
C VAL A 87 8.51 -2.27 4.05
N GLN A 88 9.19 -3.09 3.22
CA GLN A 88 8.79 -4.48 3.11
C GLN A 88 9.50 -5.24 4.20
N GLN A 89 8.75 -6.16 4.86
CA GLN A 89 9.33 -6.96 5.93
C GLN A 89 8.75 -8.33 5.81
N THR A 90 9.23 -9.27 6.65
CA THR A 90 8.73 -10.63 6.61
C THR A 90 7.34 -10.65 7.16
N GLN A 91 6.63 -11.76 6.91
CA GLN A 91 5.27 -11.91 7.36
C GLN A 91 5.31 -12.42 8.77
N ALA A 92 4.22 -12.17 9.53
CA ALA A 92 4.17 -12.62 10.89
C ALA A 92 2.73 -12.94 11.19
N GLY A 93 2.51 -13.76 12.23
CA GLY A 93 1.16 -14.14 12.58
C GLY A 93 1.26 -15.31 13.50
N SER A 94 2.35 -16.10 13.36
CA SER A 94 2.55 -17.26 14.21
C SER A 94 2.72 -16.78 15.62
N ASN A 95 3.51 -15.70 15.81
CA ASN A 95 3.74 -15.19 17.15
C ASN A 95 3.21 -13.78 17.23
N VAL A 96 2.33 -13.40 16.30
CA VAL A 96 1.78 -12.07 16.30
C VAL A 96 0.28 -12.22 16.28
N LYS A 97 -0.40 -11.56 17.25
CA LYS A 97 -1.82 -11.61 17.33
C LYS A 97 -2.39 -11.01 16.08
N ASP A 98 -3.54 -11.54 15.63
CA ASP A 98 -4.17 -11.04 14.43
C ASP A 98 -4.63 -9.62 14.66
N ASP A 99 -4.77 -9.22 15.95
CA ASP A 99 -5.22 -7.88 16.26
C ASP A 99 -4.02 -6.99 16.38
N LEU A 100 -2.84 -7.58 16.22
CA LEU A 100 -1.61 -6.82 16.31
C LEU A 100 -0.96 -6.87 14.97
N ASN A 101 -1.69 -7.44 13.98
CA ASN A 101 -1.15 -7.53 12.65
C ASN A 101 -1.42 -6.22 11.98
N PHE A 102 -0.35 -5.45 11.74
CA PHE A 102 -0.49 -4.15 11.13
C PHE A 102 -0.42 -4.29 9.63
N GLN A 103 -0.09 -5.50 9.14
CA GLN A 103 0.01 -5.70 7.72
C GLN A 103 -1.38 -5.88 7.17
N LYS A 104 -2.38 -6.02 8.06
CA LYS A 104 -3.75 -6.20 7.63
C LYS A 104 -4.26 -4.86 7.16
N PHE A 105 -4.84 -4.83 5.93
CA PHE A 105 -5.34 -3.59 5.37
C PHE A 105 -6.82 -3.74 5.15
N GLY A 106 -7.53 -2.60 5.15
CA GLY A 106 -8.96 -2.59 4.92
C GLY A 106 -9.18 -1.88 3.63
N LEU A 107 -10.33 -2.08 2.98
CA LEU A 107 -10.58 -1.44 1.72
C LEU A 107 -11.94 -0.84 1.76
N SER A 108 -12.04 0.47 1.48
CA SER A 108 -13.33 1.12 1.46
C SER A 108 -13.82 1.08 0.04
N PRO A 109 -15.13 1.19 -0.13
CA PRO A 109 -15.73 1.19 -1.45
C PRO A 109 -15.43 2.45 -2.21
N TYR A 110 -14.84 3.45 -1.52
CA TYR A 110 -14.53 4.71 -2.16
C TYR A 110 -13.16 4.60 -2.80
N GLY A 111 -12.46 3.46 -2.60
CA GLY A 111 -11.16 3.27 -3.20
C GLY A 111 -10.09 3.73 -2.26
N HIS A 112 -10.44 4.02 -0.99
CA HIS A 112 -9.44 4.45 -0.04
C HIS A 112 -8.96 3.23 0.68
N ILE A 113 -7.62 3.13 0.87
CA ILE A 113 -7.05 1.98 1.54
C ILE A 113 -6.54 2.45 2.87
N TYR A 114 -6.97 1.76 3.95
CA TYR A 114 -6.54 2.11 5.28
C TYR A 114 -6.14 0.85 5.96
N LEU A 115 -5.68 0.97 7.23
CA LEU A 115 -5.30 -0.23 7.94
C LEU A 115 -6.55 -0.73 8.59
N ALA A 116 -6.63 -2.05 8.76
CA ALA A 116 -7.79 -2.65 9.37
C ALA A 116 -7.90 -2.20 10.80
N ASN A 117 -6.75 -2.05 11.50
CA ASN A 117 -6.79 -1.68 12.90
C ASN A 117 -6.54 -0.20 13.07
N LYS A 118 -6.14 0.51 11.99
CA LYS A 118 -5.89 1.92 12.12
C LYS A 118 -6.51 2.61 10.95
N PRO A 119 -7.78 2.88 11.06
CA PRO A 119 -8.51 3.58 10.02
C PRO A 119 -8.10 5.01 9.90
N SER A 120 -7.27 5.49 10.87
CA SER A 120 -6.84 6.84 10.85
C SER A 120 -5.61 6.91 9.99
N LEU A 121 -5.00 5.75 9.68
CA LEU A 121 -3.80 5.76 8.86
C LEU A 121 -4.18 5.19 7.54
N ILE A 122 -3.80 5.89 6.45
CA ILE A 122 -4.11 5.44 5.13
C ILE A 122 -2.88 5.56 4.30
N LEU A 123 -2.88 4.93 3.11
CA LEU A 123 -1.73 4.97 2.25
C LEU A 123 -1.72 6.31 1.55
N GLY A 124 -0.52 6.91 1.47
CA GLY A 124 -0.40 8.20 0.83
C GLY A 124 1.02 8.34 0.39
N ILE A 125 1.32 9.39 -0.39
CA ILE A 125 2.66 9.61 -0.88
C ILE A 125 2.99 11.06 -0.70
N LYS A 126 4.31 11.38 -0.70
CA LYS A 126 4.72 12.74 -0.55
C LYS A 126 5.45 13.10 -1.80
N GLU A 127 5.28 14.34 -2.29
CA GLU A 127 5.94 14.74 -3.50
C GLU A 127 6.52 16.10 -3.28
N SER A 128 7.65 16.37 -3.97
CA SER A 128 8.31 17.64 -3.85
C SER A 128 8.96 17.90 -5.17
N PHE A 129 9.66 19.05 -5.29
CA PHE A 129 10.33 19.38 -6.53
C PHE A 129 11.53 18.47 -6.68
N PHE A 130 12.10 18.03 -5.54
CA PHE A 130 13.26 17.17 -5.59
C PHE A 130 12.79 15.77 -5.27
N ALA A 131 11.60 15.41 -5.78
CA ALA A 131 11.07 14.10 -5.53
C ALA A 131 10.73 13.50 -6.85
N ARG A 132 11.61 12.62 -7.34
CA ARG A 132 11.41 11.95 -8.60
C ARG A 132 10.20 11.08 -8.47
N ARG A 133 9.32 11.11 -9.51
CA ARG A 133 8.11 10.31 -9.49
C ARG A 133 8.51 8.88 -9.44
N GLU A 134 9.61 8.54 -10.11
CA GLU A 134 10.08 7.18 -10.13
C GLU A 134 10.92 7.02 -8.90
N GLY A 135 10.24 6.71 -7.79
CA GLY A 135 10.94 6.53 -6.55
C GLY A 135 10.14 7.15 -5.44
N LEU A 136 8.91 7.67 -5.73
CA LEU A 136 8.12 8.24 -4.67
C LEU A 136 7.76 7.13 -3.73
N HIS A 137 8.00 7.34 -2.43
CA HIS A 137 7.74 6.32 -1.45
C HIS A 137 6.37 6.49 -0.90
N VAL A 138 5.81 5.38 -0.39
CA VAL A 138 4.50 5.41 0.20
C VAL A 138 4.71 5.44 1.67
N HIS A 139 3.79 6.13 2.37
CA HIS A 139 3.89 6.25 3.80
C HIS A 139 2.49 6.29 4.30
N LEU A 140 2.33 6.12 5.63
CA LEU A 140 1.01 6.13 6.20
C LEU A 140 0.72 7.54 6.59
N GLN A 141 -0.27 8.14 5.90
CA GLN A 141 -0.64 9.51 6.18
C GLN A 141 -1.91 9.43 6.95
N LEU A 142 -2.09 10.32 7.94
CA LEU A 142 -3.29 10.26 8.72
C LEU A 142 -4.44 10.69 7.86
N VAL A 143 -5.57 9.94 7.97
CA VAL A 143 -6.75 10.19 7.18
C VAL A 143 -7.27 11.57 7.50
N ASP A 144 -7.79 12.24 6.45
CA ASP A 144 -8.34 13.55 6.62
C ASP A 144 -9.60 13.54 5.79
N LYS A 145 -10.73 13.29 6.46
CA LYS A 145 -12.01 13.22 5.80
C LYS A 145 -12.38 14.53 5.17
N ARG A 146 -11.73 15.63 5.61
CA ARG A 146 -12.02 16.92 5.05
C ARG A 146 -11.58 16.96 3.61
N HIS A 147 -10.57 16.15 3.25
CA HIS A 147 -10.09 16.16 1.89
C HIS A 147 -9.94 14.74 1.43
N LEU A 148 -11.05 14.15 0.94
CA LEU A 148 -11.02 12.79 0.44
C LEU A 148 -11.12 12.83 -1.05
N ASP A 149 -11.13 14.06 -1.64
CA ASP A 149 -11.26 14.17 -3.07
C ASP A 149 -9.90 14.35 -3.69
N ARG A 150 -8.84 13.96 -2.96
CA ARG A 150 -7.51 14.08 -3.46
C ARG A 150 -7.24 12.90 -4.33
N LYS A 151 -6.63 13.13 -5.49
CA LYS A 151 -6.32 12.06 -6.42
C LYS A 151 -5.22 11.23 -5.82
N GLU A 152 -4.45 11.81 -4.90
CA GLU A 152 -3.36 11.11 -4.26
C GLU A 152 -3.94 10.10 -3.32
N GLN A 153 -5.16 10.37 -2.81
CA GLN A 153 -5.77 9.45 -1.89
C GLN A 153 -6.61 8.48 -2.67
N ARG A 154 -6.66 8.63 -4.01
CA ARG A 154 -7.45 7.72 -4.81
C ARG A 154 -6.53 6.59 -5.23
N TRP A 155 -7.01 5.35 -5.07
CA TRP A 155 -6.22 4.21 -5.43
C TRP A 155 -7.02 3.39 -6.39
N ASP A 156 -6.35 2.85 -7.43
CA ASP A 156 -7.04 2.05 -8.41
C ASP A 156 -6.33 0.72 -8.45
N PHE A 157 -7.06 -0.33 -8.88
CA PHE A 157 -6.48 -1.64 -8.96
C PHE A 157 -6.51 -2.05 -10.40
N VAL A 158 -5.42 -2.69 -10.86
CA VAL A 158 -5.35 -3.11 -12.24
C VAL A 158 -4.98 -4.56 -12.22
N LEU A 159 -5.54 -5.33 -13.16
CA LEU A 159 -5.26 -6.74 -13.23
C LEU A 159 -4.39 -6.95 -14.44
N PRO A 160 -3.57 -7.99 -14.41
CA PRO A 160 -2.68 -8.29 -15.51
C PRO A 160 -3.39 -8.75 -16.74
N VAL A 161 -2.80 -8.47 -17.92
CA VAL A 161 -3.39 -8.86 -19.16
C VAL A 161 -2.43 -9.80 -19.83
N VAL A 162 -2.92 -11.00 -20.20
CA VAL A 162 -2.07 -11.96 -20.86
C VAL A 162 -2.96 -12.85 -21.72
N MET A 1 -5.77 9.61 16.84
CA MET A 1 -6.75 10.21 15.91
C MET A 1 -7.22 9.19 14.92
N ALA A 2 -8.31 8.46 15.26
CA ALA A 2 -8.82 7.46 14.37
C ALA A 2 -10.28 7.35 14.64
N ALA A 3 -11.07 6.98 13.61
CA ALA A 3 -12.48 6.84 13.77
C ALA A 3 -12.95 5.90 12.71
N ALA A 4 -14.07 5.18 12.96
CA ALA A 4 -14.56 4.25 12.00
C ALA A 4 -15.50 4.99 11.09
N MET A 5 -14.94 5.78 10.16
CA MET A 5 -15.76 6.54 9.24
C MET A 5 -16.03 5.66 8.05
N PHE A 6 -15.30 4.53 7.98
CA PHE A 6 -15.47 3.61 6.88
C PHE A 6 -15.69 2.26 7.48
N GLU A 7 -16.96 1.96 7.83
CA GLU A 7 -17.28 0.68 8.41
C GLU A 7 -17.25 -0.36 7.33
N LYS A 8 -17.38 0.06 6.06
CA LYS A 8 -17.37 -0.86 4.96
C LYS A 8 -15.96 -1.28 4.68
N SER A 9 -15.79 -2.56 4.32
CA SER A 9 -14.47 -3.08 4.03
C SER A 9 -14.65 -4.11 2.96
N GLU A 10 -13.73 -4.12 1.98
CA GLU A 10 -13.80 -5.08 0.90
C GLU A 10 -12.43 -5.65 0.72
N LYS A 11 -12.32 -6.70 -0.11
CA LYS A 11 -11.05 -7.33 -0.35
C LYS A 11 -10.93 -7.54 -1.82
N PHE A 12 -9.70 -7.77 -2.30
CA PHE A 12 -9.47 -7.95 -3.71
C PHE A 12 -9.81 -9.39 -4.05
N PRO A 13 -10.69 -9.57 -5.02
CA PRO A 13 -11.09 -10.90 -5.45
C PRO A 13 -10.04 -11.60 -6.26
N GLU A 14 -9.12 -10.80 -6.86
CA GLU A 14 -8.07 -11.38 -7.66
C GLU A 14 -6.87 -11.57 -6.79
N GLY A 15 -6.01 -12.53 -7.17
CA GLY A 15 -4.83 -12.81 -6.39
C GLY A 15 -3.74 -11.88 -6.86
N TRP A 16 -3.48 -11.87 -8.19
CA TRP A 16 -2.44 -11.02 -8.72
C TRP A 16 -3.10 -9.74 -9.16
N PHE A 17 -2.50 -8.59 -8.81
CA PHE A 17 -3.08 -7.33 -9.21
C PHE A 17 -2.02 -6.29 -9.06
N PHE A 18 -2.22 -5.13 -9.70
CA PHE A 18 -1.27 -4.06 -9.63
C PHE A 18 -1.97 -2.89 -9.01
N ILE A 19 -1.27 -2.18 -8.10
CA ILE A 19 -1.84 -1.02 -7.47
C ILE A 19 -1.20 0.17 -8.10
N LYS A 20 -2.01 1.02 -8.77
CA LYS A 20 -1.49 2.16 -9.46
C LYS A 20 -2.03 3.41 -8.83
N ASN A 21 -1.14 4.37 -8.52
CA ASN A 21 -1.57 5.62 -7.94
C ASN A 21 -1.94 6.51 -9.10
N ASN A 22 -3.16 7.09 -9.06
CA ASN A 22 -3.64 7.91 -10.16
C ASN A 22 -2.82 9.17 -10.31
N SER A 23 -2.16 9.66 -9.25
CA SER A 23 -1.42 10.90 -9.35
C SER A 23 -0.23 10.77 -10.28
N ASN A 24 0.46 9.61 -10.25
CA ASN A 24 1.64 9.46 -11.07
C ASN A 24 1.39 8.45 -12.14
N GLY A 25 0.38 7.56 -11.95
CA GLY A 25 0.13 6.54 -12.94
C GLY A 25 1.20 5.49 -12.80
N TYR A 26 1.81 5.44 -11.60
CA TYR A 26 2.86 4.48 -11.34
C TYR A 26 2.33 3.46 -10.38
N VAL A 27 3.01 2.31 -10.27
CA VAL A 27 2.54 1.25 -9.39
C VAL A 27 3.54 1.05 -8.30
N LEU A 28 3.08 0.40 -7.20
CA LEU A 28 3.93 0.16 -6.06
C LEU A 28 4.99 -0.83 -6.44
N MET A 29 6.24 -0.50 -6.08
CA MET A 29 7.35 -1.36 -6.36
C MET A 29 8.30 -1.20 -5.20
N VAL A 30 9.27 -2.12 -5.04
CA VAL A 30 10.24 -1.99 -3.97
C VAL A 30 11.09 -0.80 -4.35
N ASP A 31 11.75 -0.17 -3.34
CA ASP A 31 12.56 1.01 -3.55
C ASP A 31 13.53 0.83 -4.70
N ASN A 32 14.13 -0.36 -4.81
CA ASN A 32 15.10 -0.58 -5.86
C ASN A 32 15.09 -2.03 -6.24
N GLU A 33 13.91 -2.68 -6.22
CA GLU A 33 13.80 -4.08 -6.59
C GLU A 33 14.62 -4.90 -5.62
N SER A 34 14.53 -4.56 -4.32
CA SER A 34 15.29 -5.29 -3.32
C SER A 34 14.43 -6.41 -2.83
N GLN A 35 14.91 -7.65 -3.01
CA GLN A 35 14.17 -8.79 -2.54
C GLN A 35 14.43 -8.89 -1.07
N GLU A 36 15.43 -8.11 -0.57
CA GLU A 36 15.76 -8.15 0.83
C GLU A 36 14.87 -7.18 1.54
N SER A 37 14.50 -7.53 2.79
CA SER A 37 13.65 -6.68 3.59
C SER A 37 14.46 -5.53 4.11
N GLY A 38 13.76 -4.46 4.55
CA GLY A 38 14.45 -3.31 5.09
C GLY A 38 14.47 -2.20 4.08
N SER A 39 13.67 -2.34 2.98
CA SER A 39 13.66 -1.30 1.99
C SER A 39 12.25 -0.75 1.93
N PRO A 40 12.15 0.53 1.64
CA PRO A 40 10.87 1.21 1.55
C PRO A 40 10.13 0.90 0.29
N ILE A 41 8.81 1.17 0.29
CA ILE A 41 7.99 0.91 -0.87
C ILE A 41 7.93 2.19 -1.66
N VAL A 42 8.18 2.12 -2.99
CA VAL A 42 8.16 3.33 -3.79
C VAL A 42 7.33 3.07 -5.02
N LEU A 43 7.02 4.15 -5.78
CA LEU A 43 6.23 4.01 -6.97
C LEU A 43 7.15 3.98 -8.15
N ALA A 44 6.80 3.16 -9.16
CA ALA A 44 7.61 3.06 -10.35
C ALA A 44 6.71 2.82 -11.51
N THR A 45 7.13 3.28 -12.71
CA THR A 45 6.36 3.10 -13.92
C THR A 45 6.18 1.62 -14.14
N LEU A 46 5.00 1.23 -14.67
CA LEU A 46 4.71 -0.16 -14.94
C LEU A 46 5.71 -0.69 -15.92
N ARG A 47 6.17 -1.94 -15.68
CA ARG A 47 7.15 -2.55 -16.55
C ARG A 47 6.60 -3.87 -16.97
N THR A 48 6.94 -4.28 -18.22
CA THR A 48 6.48 -5.54 -18.74
C THR A 48 7.48 -6.60 -18.34
N LYS A 49 8.62 -6.16 -17.76
CA LYS A 49 9.64 -7.09 -17.36
C LYS A 49 9.84 -6.91 -15.88
N ASP A 50 10.04 -8.04 -15.16
CA ASP A 50 10.23 -8.00 -13.72
C ASP A 50 9.04 -7.31 -13.10
N TYR A 51 7.84 -7.70 -13.55
CA TYR A 51 6.63 -7.10 -13.04
C TYR A 51 6.21 -7.83 -11.80
N ALA A 52 6.97 -8.90 -11.43
CA ALA A 52 6.66 -9.66 -10.24
C ALA A 52 6.81 -8.76 -9.04
N SER A 53 7.82 -7.86 -9.10
CA SER A 53 8.08 -6.96 -8.00
C SER A 53 7.01 -5.92 -7.96
N GLN A 54 6.21 -5.80 -9.03
CA GLN A 54 5.14 -4.84 -9.08
C GLN A 54 3.86 -5.58 -8.84
N LEU A 55 3.96 -6.91 -8.59
CA LEU A 55 2.76 -7.69 -8.35
C LEU A 55 2.58 -7.83 -6.87
N TRP A 56 1.31 -7.63 -6.44
CA TRP A 56 0.98 -7.71 -5.05
C TRP A 56 -0.18 -8.65 -4.94
N ARG A 57 -0.35 -9.29 -3.77
CA ARG A 57 -1.45 -10.20 -3.59
C ARG A 57 -2.04 -9.91 -2.25
N HIS A 58 -3.34 -10.20 -2.11
CA HIS A 58 -4.02 -9.94 -0.87
C HIS A 58 -4.19 -11.25 -0.16
N ASP A 59 -3.55 -11.36 1.03
CA ASP A 59 -3.67 -12.58 1.80
C ASP A 59 -4.97 -12.49 2.57
N PRO A 60 -5.49 -13.64 2.95
CA PRO A 60 -6.74 -13.70 3.71
C PRO A 60 -6.72 -12.94 4.99
N SER A 61 -5.51 -12.72 5.56
CA SER A 61 -5.41 -11.99 6.79
C SER A 61 -5.71 -10.55 6.52
N GLY A 62 -5.61 -10.14 5.23
CA GLY A 62 -5.91 -8.77 4.86
C GLY A 62 -4.63 -8.04 4.59
N TYR A 63 -3.49 -8.76 4.51
CA TYR A 63 -2.24 -8.08 4.24
C TYR A 63 -1.95 -8.19 2.77
N LEU A 64 -1.08 -7.28 2.26
CA LEU A 64 -0.69 -7.31 0.87
C LEU A 64 0.72 -7.78 0.85
N VAL A 65 0.98 -8.79 0.00
CA VAL A 65 2.31 -9.37 -0.07
C VAL A 65 2.85 -9.18 -1.45
N ASN A 66 4.14 -8.78 -1.53
CA ASN A 66 4.77 -8.57 -2.80
C ASN A 66 5.09 -9.95 -3.32
N LYS A 67 4.77 -10.22 -4.60
CA LYS A 67 4.99 -11.52 -5.18
C LYS A 67 6.46 -11.86 -5.19
N LYS A 68 7.32 -10.89 -5.57
CA LYS A 68 8.73 -11.18 -5.69
C LYS A 68 9.40 -11.18 -4.34
N SER A 69 9.20 -10.11 -3.55
CA SER A 69 9.87 -10.02 -2.27
C SER A 69 9.30 -11.07 -1.36
N GLY A 70 7.97 -11.28 -1.41
CA GLY A 70 7.36 -12.25 -0.53
C GLY A 70 7.18 -11.56 0.79
N GLN A 71 7.49 -10.25 0.81
CA GLN A 71 7.37 -9.47 2.02
C GLN A 71 6.07 -8.72 1.93
N VAL A 72 5.55 -8.25 3.07
CA VAL A 72 4.28 -7.56 3.06
C VAL A 72 4.53 -6.10 3.28
N MET A 73 3.50 -5.26 3.02
CA MET A 73 3.64 -3.83 3.23
C MET A 73 3.44 -3.59 4.71
N ASP A 74 4.32 -2.80 5.34
CA ASP A 74 4.15 -2.55 6.76
C ASP A 74 4.73 -1.21 7.09
N ILE A 75 4.56 -0.80 8.35
CA ILE A 75 5.07 0.48 8.79
C ILE A 75 6.48 0.30 9.22
N ALA A 76 7.33 1.31 8.90
CA ALA A 76 8.73 1.26 9.25
C ALA A 76 8.89 1.34 10.74
N LYS A 77 8.11 2.24 11.39
CA LYS A 77 8.21 2.41 12.82
C LYS A 77 7.60 1.22 13.50
N GLY A 78 6.57 0.64 12.88
CA GLY A 78 5.88 -0.47 13.49
C GLY A 78 4.79 0.12 14.31
N THR A 79 4.80 1.47 14.41
CA THR A 79 3.81 2.18 15.17
C THR A 79 3.06 3.00 14.16
N PRO A 80 1.76 2.80 14.06
CA PRO A 80 0.95 3.53 13.11
C PRO A 80 0.75 4.96 13.49
N LYS A 81 1.27 5.88 12.66
CA LYS A 81 1.13 7.28 12.93
C LYS A 81 1.03 7.94 11.60
N ALA A 82 0.64 9.21 11.60
CA ALA A 82 0.52 9.92 10.35
C ALA A 82 1.90 10.27 9.89
N GLY A 83 2.16 10.09 8.58
CA GLY A 83 3.45 10.42 8.03
C GLY A 83 4.42 9.27 8.20
N VAL A 84 3.99 8.12 8.77
CA VAL A 84 4.93 7.01 8.93
C VAL A 84 5.14 6.39 7.57
N ASP A 85 6.44 6.15 7.22
CA ASP A 85 6.78 5.58 5.94
C ASP A 85 6.42 4.12 5.92
N ILE A 86 6.18 3.58 4.69
CA ILE A 86 5.82 2.19 4.52
C ILE A 86 7.03 1.47 3.98
N VAL A 87 7.41 0.36 4.65
CA VAL A 87 8.55 -0.42 4.23
C VAL A 87 8.11 -1.86 4.18
N GLN A 88 8.93 -2.72 3.54
CA GLN A 88 8.59 -4.12 3.45
C GLN A 88 9.39 -4.84 4.49
N GLN A 89 8.77 -5.86 5.14
CA GLN A 89 9.45 -6.60 6.16
C GLN A 89 8.64 -7.83 6.44
N THR A 90 9.20 -8.78 7.22
CA THR A 90 8.48 -10.00 7.54
C THR A 90 7.42 -9.60 8.52
N GLN A 91 6.17 -10.00 8.22
CA GLN A 91 5.06 -9.63 9.05
C GLN A 91 4.23 -10.84 9.36
N ALA A 92 3.40 -10.70 10.42
CA ALA A 92 2.55 -11.77 10.88
C ALA A 92 3.40 -12.80 11.55
N GLY A 93 2.87 -14.04 11.64
CA GLY A 93 3.59 -15.09 12.28
C GLY A 93 2.67 -16.26 12.32
N SER A 94 3.03 -17.29 13.11
CA SER A 94 2.21 -18.47 13.22
C SER A 94 0.93 -18.12 13.92
N ASN A 95 0.95 -17.04 14.74
CA ASN A 95 -0.25 -16.66 15.43
C ASN A 95 -0.09 -15.22 15.86
N VAL A 96 -0.14 -14.29 14.88
CA VAL A 96 -0.04 -12.89 15.20
C VAL A 96 -1.39 -12.43 15.63
N LYS A 97 -1.44 -11.54 16.65
CA LYS A 97 -2.69 -11.04 17.16
C LYS A 97 -3.33 -10.20 16.11
N ASP A 98 -4.68 -10.30 16.01
CA ASP A 98 -5.42 -9.54 15.03
C ASP A 98 -5.48 -8.12 15.51
N ASP A 99 -5.17 -7.89 16.80
CA ASP A 99 -5.21 -6.57 17.35
C ASP A 99 -3.86 -5.95 17.14
N LEU A 100 -2.93 -6.76 16.63
CA LEU A 100 -1.58 -6.29 16.37
C LEU A 100 -1.37 -6.37 14.90
N ASN A 101 -2.48 -6.57 14.16
CA ASN A 101 -2.41 -6.66 12.72
C ASN A 101 -2.44 -5.25 12.20
N PHE A 102 -1.24 -4.72 11.91
CA PHE A 102 -1.13 -3.37 11.42
C PHE A 102 -1.00 -3.39 9.92
N GLN A 103 -0.79 -4.59 9.34
CA GLN A 103 -0.62 -4.68 7.91
C GLN A 103 -1.93 -4.99 7.27
N LYS A 104 -3.00 -5.14 8.09
CA LYS A 104 -4.30 -5.44 7.55
C LYS A 104 -4.82 -4.18 6.89
N PHE A 105 -5.20 -4.29 5.60
CA PHE A 105 -5.69 -3.15 4.87
C PHE A 105 -7.12 -3.40 4.50
N GLY A 106 -7.90 -2.30 4.37
CA GLY A 106 -9.28 -2.40 4.01
C GLY A 106 -9.40 -1.76 2.67
N LEU A 107 -10.24 -2.33 1.79
CA LEU A 107 -10.38 -1.78 0.46
C LEU A 107 -11.70 -1.08 0.40
N SER A 108 -11.68 0.21 0.02
CA SER A 108 -12.89 0.98 -0.08
C SER A 108 -13.35 0.89 -1.51
N PRO A 109 -14.65 0.76 -1.70
CA PRO A 109 -15.23 0.67 -3.04
C PRO A 109 -15.15 1.97 -3.79
N TYR A 110 -14.74 3.05 -3.11
CA TYR A 110 -14.64 4.33 -3.74
C TYR A 110 -13.29 4.45 -4.41
N GLY A 111 -12.44 3.39 -4.29
CA GLY A 111 -11.14 3.44 -4.92
C GLY A 111 -10.15 4.02 -3.94
N HIS A 112 -10.33 3.72 -2.65
CA HIS A 112 -9.42 4.24 -1.64
C HIS A 112 -8.94 3.07 -0.85
N ILE A 113 -7.69 3.15 -0.35
CA ILE A 113 -7.12 2.08 0.43
C ILE A 113 -6.81 2.66 1.78
N TYR A 114 -7.33 2.00 2.85
CA TYR A 114 -7.08 2.48 4.18
C TYR A 114 -6.78 1.29 5.04
N LEU A 115 -6.39 1.53 6.30
CA LEU A 115 -6.11 0.41 7.17
C LEU A 115 -7.43 -0.05 7.72
N ALA A 116 -7.53 -1.34 8.03
CA ALA A 116 -8.75 -1.88 8.56
C ALA A 116 -8.90 -1.45 10.00
N ASN A 117 -7.77 -1.13 10.67
CA ASN A 117 -7.84 -0.74 12.07
C ASN A 117 -7.68 0.75 12.21
N LYS A 118 -7.06 1.41 11.21
CA LYS A 118 -6.87 2.83 11.29
C LYS A 118 -7.31 3.42 9.98
N PRO A 119 -8.59 3.67 9.87
CA PRO A 119 -9.17 4.24 8.67
C PRO A 119 -8.73 5.65 8.43
N SER A 120 -8.03 6.25 9.42
CA SER A 120 -7.58 7.60 9.27
C SER A 120 -6.28 7.57 8.53
N LEU A 121 -5.65 6.37 8.44
CA LEU A 121 -4.39 6.26 7.75
C LEU A 121 -4.66 5.61 6.43
N ILE A 122 -4.15 6.23 5.35
CA ILE A 122 -4.33 5.70 4.03
C ILE A 122 -3.01 5.78 3.34
N LEU A 123 -2.88 5.08 2.21
CA LEU A 123 -1.62 5.08 1.50
C LEU A 123 -1.58 6.32 0.63
N GLY A 124 -0.41 6.97 0.58
CA GLY A 124 -0.27 8.17 -0.22
C GLY A 124 1.19 8.37 -0.46
N ILE A 125 1.53 9.45 -1.22
CA ILE A 125 2.91 9.72 -1.53
C ILE A 125 3.16 11.18 -1.26
N LYS A 126 4.44 11.56 -1.10
CA LYS A 126 4.78 12.94 -0.83
C LYS A 126 5.42 13.48 -2.07
N GLU A 127 4.87 14.60 -2.61
CA GLU A 127 5.43 15.19 -3.80
C GLU A 127 6.36 16.29 -3.36
N SER A 128 7.56 16.33 -3.99
CA SER A 128 8.52 17.34 -3.67
C SER A 128 9.31 17.59 -4.92
N PHE A 129 9.93 18.78 -5.02
CA PHE A 129 10.71 19.12 -6.19
C PHE A 129 11.95 18.26 -6.19
N PHE A 130 12.39 17.82 -4.99
CA PHE A 130 13.58 17.01 -4.90
C PHE A 130 13.15 15.59 -4.70
N ALA A 131 11.99 15.21 -5.27
CA ALA A 131 11.50 13.88 -5.13
C ALA A 131 11.14 13.40 -6.50
N ARG A 132 12.01 12.55 -7.06
CA ARG A 132 11.81 11.99 -8.37
C ARG A 132 10.54 11.18 -8.33
N ARG A 133 9.70 11.34 -9.39
CA ARG A 133 8.45 10.62 -9.48
C ARG A 133 8.75 9.16 -9.52
N GLU A 134 9.88 8.82 -10.17
CA GLU A 134 10.27 7.45 -10.28
C GLU A 134 11.02 7.14 -9.04
N GLY A 135 10.28 6.76 -8.00
CA GLY A 135 10.89 6.45 -6.74
C GLY A 135 10.14 7.12 -5.64
N LEU A 136 8.92 7.68 -5.91
CA LEU A 136 8.17 8.30 -4.84
C LEU A 136 7.81 7.23 -3.86
N HIS A 137 8.13 7.46 -2.58
CA HIS A 137 7.89 6.47 -1.56
C HIS A 137 6.48 6.58 -1.07
N VAL A 138 5.95 5.44 -0.59
CA VAL A 138 4.61 5.41 -0.08
C VAL A 138 4.73 5.59 1.39
N HIS A 139 3.80 6.37 1.96
CA HIS A 139 3.83 6.62 3.37
C HIS A 139 2.42 6.75 3.82
N LEU A 140 2.18 6.69 5.14
CA LEU A 140 0.82 6.79 5.62
C LEU A 140 0.42 8.24 5.59
N GLN A 141 -0.67 8.52 4.87
CA GLN A 141 -1.17 9.86 4.76
C GLN A 141 -2.45 9.84 5.53
N LEU A 142 -2.75 10.89 6.31
CA LEU A 142 -3.97 10.87 7.05
C LEU A 142 -5.09 11.22 6.12
N VAL A 143 -6.19 10.45 6.24
CA VAL A 143 -7.35 10.62 5.41
C VAL A 143 -7.93 11.99 5.64
N ASP A 144 -8.49 12.58 4.57
CA ASP A 144 -9.07 13.88 4.65
C ASP A 144 -10.36 13.79 3.87
N LYS A 145 -11.46 13.55 4.60
CA LYS A 145 -12.76 13.40 3.97
C LYS A 145 -13.17 14.69 3.31
N ARG A 146 -12.57 15.82 3.70
CA ARG A 146 -12.91 17.08 3.12
C ARG A 146 -12.41 17.12 1.70
N HIS A 147 -11.39 16.29 1.39
CA HIS A 147 -10.84 16.29 0.05
C HIS A 147 -10.55 14.86 -0.33
N LEU A 148 -11.59 14.16 -0.84
CA LEU A 148 -11.43 12.79 -1.25
C LEU A 148 -11.28 12.77 -2.75
N ASP A 149 -11.23 13.96 -3.37
CA ASP A 149 -11.12 14.03 -4.81
C ASP A 149 -9.68 14.23 -5.19
N ARG A 150 -8.75 13.87 -4.29
CA ARG A 150 -7.36 14.02 -4.58
C ARG A 150 -6.95 12.81 -5.36
N LYS A 151 -6.26 13.04 -6.50
CA LYS A 151 -5.81 11.94 -7.33
C LYS A 151 -4.74 11.18 -6.60
N GLU A 152 -4.09 11.83 -5.62
CA GLU A 152 -3.04 11.19 -4.85
C GLU A 152 -3.67 10.17 -3.94
N GLN A 153 -4.88 10.50 -3.43
CA GLN A 153 -5.55 9.59 -2.53
C GLN A 153 -6.40 8.67 -3.35
N ARG A 154 -6.42 8.84 -4.70
CA ARG A 154 -7.22 7.99 -5.52
C ARG A 154 -6.33 6.88 -5.99
N TRP A 155 -6.79 5.63 -5.86
CA TRP A 155 -5.98 4.51 -6.27
C TRP A 155 -6.70 3.77 -7.35
N ASP A 156 -5.95 3.36 -8.39
CA ASP A 156 -6.51 2.62 -9.48
C ASP A 156 -5.92 1.24 -9.39
N PHE A 157 -6.62 0.22 -9.93
CA PHE A 157 -6.12 -1.11 -9.84
C PHE A 157 -6.14 -1.69 -11.23
N VAL A 158 -5.11 -2.50 -11.53
CA VAL A 158 -5.02 -3.11 -12.85
C VAL A 158 -4.81 -4.57 -12.62
N LEU A 159 -5.39 -5.39 -13.51
CA LEU A 159 -5.25 -6.82 -13.39
C LEU A 159 -4.35 -7.26 -14.50
N PRO A 160 -3.67 -8.37 -14.30
CA PRO A 160 -2.74 -8.91 -15.30
C PRO A 160 -3.40 -9.19 -16.62
N VAL A 161 -2.68 -8.90 -17.72
CA VAL A 161 -3.22 -9.13 -19.04
C VAL A 161 -2.33 -10.11 -19.71
N VAL A 162 -2.91 -11.23 -20.20
CA VAL A 162 -2.13 -12.23 -20.86
C VAL A 162 -2.05 -11.87 -22.35
N MET A 1 -18.84 14.93 16.03
CA MET A 1 -17.62 14.14 16.38
C MET A 1 -17.80 12.69 16.04
N ALA A 2 -17.10 12.23 15.00
CA ALA A 2 -17.22 10.85 14.61
C ALA A 2 -15.91 10.47 13.97
N ALA A 3 -15.58 9.16 14.01
CA ALA A 3 -14.35 8.71 13.43
C ALA A 3 -14.55 7.29 13.02
N ALA A 4 -13.78 6.84 12.00
CA ALA A 4 -13.90 5.47 11.51
C ALA A 4 -15.26 5.29 10.91
N MET A 5 -15.62 6.17 9.96
CA MET A 5 -16.91 6.07 9.32
C MET A 5 -16.85 4.95 8.31
N PHE A 6 -15.65 4.40 8.08
CA PHE A 6 -15.50 3.33 7.13
C PHE A 6 -15.65 2.05 7.89
N GLU A 7 -16.86 1.79 8.41
CA GLU A 7 -17.12 0.59 9.16
C GLU A 7 -17.13 -0.59 8.21
N LYS A 8 -17.36 -0.33 6.92
CA LYS A 8 -17.38 -1.40 5.94
C LYS A 8 -16.05 -1.40 5.25
N SER A 9 -15.64 -2.59 4.75
CA SER A 9 -14.38 -2.70 4.07
C SER A 9 -14.56 -3.73 3.00
N GLU A 10 -13.99 -3.45 1.81
CA GLU A 10 -14.07 -4.39 0.72
C GLU A 10 -12.82 -5.21 0.76
N LYS A 11 -12.77 -6.28 -0.06
CA LYS A 11 -11.62 -7.13 -0.08
C LYS A 11 -10.85 -6.81 -1.34
N PHE A 12 -9.58 -7.24 -1.37
CA PHE A 12 -8.74 -6.99 -2.51
C PHE A 12 -9.02 -8.07 -3.51
N PRO A 13 -8.74 -7.79 -4.77
CA PRO A 13 -8.97 -8.76 -5.83
C PRO A 13 -8.07 -9.96 -5.71
N GLU A 14 -8.56 -11.12 -6.22
CA GLU A 14 -7.78 -12.33 -6.12
C GLU A 14 -6.89 -12.42 -7.32
N GLY A 15 -5.81 -13.20 -7.16
CA GLY A 15 -4.87 -13.39 -8.24
C GLY A 15 -3.87 -12.28 -8.17
N TRP A 16 -3.06 -12.16 -9.25
CA TRP A 16 -2.05 -11.14 -9.30
C TRP A 16 -2.74 -9.85 -9.63
N PHE A 17 -2.26 -8.71 -9.10
CA PHE A 17 -2.90 -7.46 -9.40
C PHE A 17 -1.88 -6.38 -9.23
N PHE A 18 -2.16 -5.21 -9.84
CA PHE A 18 -1.24 -4.11 -9.77
C PHE A 18 -1.97 -2.97 -9.12
N ILE A 19 -1.26 -2.24 -8.23
CA ILE A 19 -1.86 -1.11 -7.57
C ILE A 19 -1.23 0.09 -8.20
N LYS A 20 -2.05 0.90 -8.91
CA LYS A 20 -1.55 2.05 -9.59
C LYS A 20 -2.03 3.29 -8.90
N ASN A 21 -1.10 4.23 -8.66
CA ASN A 21 -1.45 5.48 -8.03
C ASN A 21 -1.96 6.35 -9.14
N ASN A 22 -3.21 6.85 -9.02
CA ASN A 22 -3.82 7.66 -10.06
C ASN A 22 -3.05 8.94 -10.31
N SER A 23 -2.45 9.54 -9.27
CA SER A 23 -1.77 10.82 -9.44
C SER A 23 -0.60 10.69 -10.36
N ASN A 24 0.21 9.63 -10.21
CA ASN A 24 1.40 9.50 -11.03
C ASN A 24 1.16 8.52 -12.14
N GLY A 25 0.18 7.61 -11.99
CA GLY A 25 -0.07 6.63 -13.03
C GLY A 25 1.01 5.59 -12.95
N TYR A 26 1.69 5.50 -11.79
CA TYR A 26 2.76 4.54 -11.59
C TYR A 26 2.25 3.53 -10.61
N VAL A 27 2.98 2.39 -10.50
CA VAL A 27 2.57 1.35 -9.58
C VAL A 27 3.63 1.27 -8.53
N LEU A 28 3.30 0.69 -7.36
CA LEU A 28 4.27 0.62 -6.30
C LEU A 28 5.13 -0.60 -6.49
N MET A 29 6.41 -0.44 -6.14
CA MET A 29 7.37 -1.49 -6.28
C MET A 29 8.31 -1.32 -5.11
N VAL A 30 9.26 -2.27 -4.92
CA VAL A 30 10.22 -2.12 -3.86
C VAL A 30 11.11 -0.96 -4.25
N ASP A 31 11.88 -0.41 -3.28
CA ASP A 31 12.72 0.75 -3.56
C ASP A 31 13.63 0.46 -4.72
N ASN A 32 14.19 -0.75 -4.79
CA ASN A 32 15.09 -1.07 -5.87
C ASN A 32 15.18 -2.56 -6.00
N GLU A 33 14.01 -3.25 -6.01
CA GLU A 33 13.98 -4.70 -6.13
C GLU A 33 14.85 -5.29 -5.05
N SER A 34 14.67 -4.80 -3.80
CA SER A 34 15.44 -5.29 -2.71
C SER A 34 14.83 -6.57 -2.22
N GLN A 35 15.67 -7.61 -2.09
CA GLN A 35 15.19 -8.87 -1.61
C GLN A 35 15.36 -8.86 -0.12
N GLU A 36 15.93 -7.74 0.40
CA GLU A 36 16.15 -7.62 1.82
C GLU A 36 15.00 -6.82 2.37
N SER A 37 14.67 -7.05 3.66
CA SER A 37 13.57 -6.35 4.28
C SER A 37 14.06 -4.98 4.70
N GLY A 38 13.09 -4.09 5.04
CA GLY A 38 13.44 -2.75 5.47
C GLY A 38 13.62 -1.89 4.26
N SER A 39 13.20 -2.37 3.07
CA SER A 39 13.35 -1.57 1.88
C SER A 39 12.07 -0.82 1.67
N PRO A 40 12.15 0.50 1.59
CA PRO A 40 10.97 1.34 1.38
C PRO A 40 10.23 1.03 0.13
N ILE A 41 8.90 1.24 0.14
CA ILE A 41 8.10 0.97 -1.03
C ILE A 41 8.10 2.24 -1.83
N VAL A 42 8.41 2.15 -3.15
CA VAL A 42 8.45 3.35 -3.98
C VAL A 42 7.67 3.08 -5.23
N LEU A 43 7.26 4.17 -5.92
CA LEU A 43 6.49 4.06 -7.14
C LEU A 43 7.45 3.90 -8.29
N ALA A 44 7.01 3.11 -9.30
CA ALA A 44 7.84 2.87 -10.46
C ALA A 44 6.93 2.73 -11.64
N THR A 45 7.45 3.09 -12.84
CA THR A 45 6.68 2.97 -14.06
C THR A 45 6.38 1.52 -14.28
N LEU A 46 5.19 1.21 -14.83
CA LEU A 46 4.82 -0.16 -15.09
C LEU A 46 5.81 -0.75 -16.05
N ARG A 47 6.20 -2.01 -15.81
CA ARG A 47 7.16 -2.67 -16.66
C ARG A 47 6.54 -3.92 -17.17
N THR A 48 6.91 -4.29 -18.42
CA THR A 48 6.38 -5.50 -19.02
C THR A 48 7.26 -6.65 -18.61
N LYS A 49 8.45 -6.33 -18.07
CA LYS A 49 9.37 -7.36 -17.66
C LYS A 49 9.71 -7.11 -16.21
N ASP A 50 9.96 -8.21 -15.45
CA ASP A 50 10.30 -8.09 -14.04
C ASP A 50 9.17 -7.37 -13.35
N TYR A 51 7.93 -7.72 -13.72
CA TYR A 51 6.77 -7.07 -13.14
C TYR A 51 6.35 -7.83 -11.91
N ALA A 52 7.06 -8.93 -11.58
CA ALA A 52 6.74 -9.71 -10.42
C ALA A 52 6.90 -8.86 -9.19
N SER A 53 7.91 -7.99 -9.21
CA SER A 53 8.19 -7.12 -8.09
C SER A 53 7.08 -6.12 -7.98
N GLN A 54 6.37 -5.87 -9.09
CA GLN A 54 5.29 -4.91 -9.08
C GLN A 54 4.00 -5.66 -8.86
N LEU A 55 4.08 -7.00 -8.66
CA LEU A 55 2.88 -7.77 -8.44
C LEU A 55 2.69 -7.98 -6.98
N TRP A 56 1.42 -7.85 -6.54
CA TRP A 56 1.09 -8.00 -5.17
C TRP A 56 -0.08 -8.93 -5.10
N ARG A 57 -0.27 -9.60 -3.94
CA ARG A 57 -1.36 -10.52 -3.81
C ARG A 57 -1.83 -10.34 -2.41
N HIS A 58 -3.11 -10.63 -2.15
CA HIS A 58 -3.62 -10.44 -0.81
C HIS A 58 -3.83 -11.79 -0.18
N ASP A 59 -3.40 -11.90 1.09
CA ASP A 59 -3.56 -13.11 1.83
C ASP A 59 -4.93 -13.03 2.45
N PRO A 60 -5.48 -14.16 2.82
CA PRO A 60 -6.81 -14.19 3.43
C PRO A 60 -6.88 -13.44 4.72
N SER A 61 -5.70 -13.16 5.34
CA SER A 61 -5.68 -12.43 6.57
C SER A 61 -5.82 -10.96 6.24
N GLY A 62 -5.67 -10.60 4.95
CA GLY A 62 -5.83 -9.21 4.55
C GLY A 62 -4.48 -8.55 4.39
N TYR A 63 -3.39 -9.34 4.37
CA TYR A 63 -2.08 -8.75 4.21
C TYR A 63 -1.71 -8.86 2.75
N LEU A 64 -0.95 -7.85 2.24
CA LEU A 64 -0.52 -7.88 0.85
C LEU A 64 0.89 -8.36 0.83
N VAL A 65 1.17 -9.30 -0.10
CA VAL A 65 2.49 -9.89 -0.19
C VAL A 65 3.04 -9.61 -1.55
N ASN A 66 4.35 -9.25 -1.59
CA ASN A 66 5.00 -8.98 -2.84
C ASN A 66 5.29 -10.32 -3.46
N LYS A 67 4.92 -10.50 -4.74
CA LYS A 67 5.12 -11.77 -5.39
C LYS A 67 6.59 -12.13 -5.46
N LYS A 68 7.46 -11.15 -5.79
CA LYS A 68 8.86 -11.45 -5.94
C LYS A 68 9.55 -11.57 -4.62
N SER A 69 9.38 -10.56 -3.74
CA SER A 69 10.06 -10.58 -2.47
C SER A 69 9.46 -11.63 -1.60
N GLY A 70 8.13 -11.78 -1.63
CA GLY A 70 7.49 -12.76 -0.78
C GLY A 70 7.33 -12.09 0.55
N GLN A 71 7.69 -10.80 0.61
CA GLN A 71 7.59 -10.05 1.83
C GLN A 71 6.30 -9.30 1.80
N VAL A 72 5.88 -8.74 2.95
CA VAL A 72 4.62 -8.05 3.00
C VAL A 72 4.86 -6.61 3.31
N MET A 73 3.84 -5.77 3.00
CA MET A 73 3.96 -4.36 3.26
C MET A 73 3.83 -4.17 4.73
N ASP A 74 4.63 -3.25 5.32
CA ASP A 74 4.53 -3.04 6.74
C ASP A 74 5.09 -1.68 7.06
N ILE A 75 4.90 -1.23 8.31
CA ILE A 75 5.41 0.06 8.70
C ILE A 75 6.85 -0.10 9.07
N ALA A 76 7.66 0.93 8.73
CA ALA A 76 9.07 0.89 9.03
C ALA A 76 9.29 0.99 10.51
N LYS A 77 8.53 1.88 11.17
CA LYS A 77 8.66 2.07 12.60
C LYS A 77 8.09 0.89 13.29
N GLY A 78 7.04 0.30 12.71
CA GLY A 78 6.38 -0.82 13.32
C GLY A 78 5.30 -0.25 14.18
N THR A 79 5.32 1.09 14.29
CA THR A 79 4.33 1.79 15.07
C THR A 79 3.64 2.71 14.11
N PRO A 80 2.31 2.63 14.05
CA PRO A 80 1.56 3.47 13.14
C PRO A 80 1.52 4.91 13.54
N LYS A 81 2.09 5.78 12.68
CA LYS A 81 2.10 7.18 12.95
C LYS A 81 1.77 7.87 11.68
N ALA A 82 1.39 9.13 11.79
CA ALA A 82 1.06 9.87 10.61
C ALA A 82 2.34 10.22 9.94
N GLY A 83 2.43 9.94 8.62
CA GLY A 83 3.63 10.24 7.89
C GLY A 83 4.63 9.13 8.05
N VAL A 84 4.22 7.98 8.67
CA VAL A 84 5.16 6.88 8.83
C VAL A 84 5.41 6.26 7.47
N ASP A 85 6.67 5.85 7.21
CA ASP A 85 7.03 5.26 5.93
C ASP A 85 6.65 3.81 5.92
N ILE A 86 6.43 3.27 4.69
CA ILE A 86 6.07 1.88 4.53
C ILE A 86 7.24 1.18 3.92
N VAL A 87 7.66 0.05 4.54
CA VAL A 87 8.78 -0.72 4.06
C VAL A 87 8.37 -2.15 4.03
N GLN A 88 9.16 -3.02 3.34
CA GLN A 88 8.83 -4.43 3.29
C GLN A 88 9.31 -5.08 4.56
N GLN A 89 8.51 -6.02 5.09
CA GLN A 89 8.88 -6.73 6.30
C GLN A 89 8.44 -8.15 6.16
N THR A 90 8.89 -9.00 7.11
CA THR A 90 8.54 -10.40 7.09
C THR A 90 7.08 -10.52 7.41
N GLN A 91 6.43 -11.55 6.83
CA GLN A 91 5.02 -11.78 7.06
C GLN A 91 4.84 -12.20 8.49
N ALA A 92 3.79 -11.66 9.16
CA ALA A 92 3.54 -12.01 10.54
C ALA A 92 2.23 -12.71 10.59
N GLY A 93 1.60 -12.73 11.78
CA GLY A 93 0.33 -13.38 11.94
C GLY A 93 0.58 -14.71 12.60
N SER A 94 1.85 -15.17 12.59
CA SER A 94 2.17 -16.43 13.21
C SER A 94 2.05 -16.29 14.70
N ASN A 95 2.50 -15.13 15.23
CA ASN A 95 2.42 -14.91 16.65
C ASN A 95 1.85 -13.55 16.89
N VAL A 96 1.14 -13.00 15.88
CA VAL A 96 0.56 -11.70 16.02
C VAL A 96 -0.89 -11.83 15.68
N LYS A 97 -1.77 -11.32 16.58
CA LYS A 97 -3.17 -11.37 16.35
C LYS A 97 -3.45 -10.58 15.10
N ASP A 98 -4.40 -11.06 14.27
CA ASP A 98 -4.71 -10.39 13.03
C ASP A 98 -5.39 -9.08 13.33
N ASP A 99 -5.90 -8.93 14.57
CA ASP A 99 -6.58 -7.72 14.94
C ASP A 99 -5.57 -6.76 15.50
N LEU A 100 -4.33 -7.23 15.65
CA LEU A 100 -3.28 -6.39 16.17
C LEU A 100 -2.22 -6.31 15.13
N ASN A 101 -2.55 -6.82 13.93
CA ASN A 101 -1.59 -6.81 12.84
C ASN A 101 -1.86 -5.59 12.04
N PHE A 102 -0.78 -4.84 11.72
CA PHE A 102 -0.89 -3.62 10.98
C PHE A 102 -0.72 -3.93 9.52
N GLN A 103 -0.35 -5.19 9.17
CA GLN A 103 -0.13 -5.54 7.80
C GLN A 103 -1.48 -5.71 7.14
N LYS A 104 -2.56 -5.74 7.94
CA LYS A 104 -3.89 -5.90 7.41
C LYS A 104 -4.35 -4.57 6.87
N PHE A 105 -4.81 -4.56 5.60
CA PHE A 105 -5.28 -3.34 4.99
C PHE A 105 -6.72 -3.52 4.63
N GLY A 106 -7.47 -2.39 4.55
CA GLY A 106 -8.87 -2.45 4.20
C GLY A 106 -9.01 -1.76 2.89
N LEU A 107 -10.11 -2.04 2.16
CA LEU A 107 -10.29 -1.44 0.86
C LEU A 107 -11.54 -0.62 0.92
N SER A 108 -11.40 0.70 0.66
CA SER A 108 -12.52 1.59 0.66
C SER A 108 -13.18 1.48 -0.69
N PRO A 109 -14.49 1.50 -0.72
CA PRO A 109 -15.25 1.42 -1.97
C PRO A 109 -15.07 2.63 -2.83
N TYR A 110 -14.42 3.68 -2.29
CA TYR A 110 -14.21 4.90 -3.03
C TYR A 110 -12.89 4.81 -3.75
N GLY A 111 -12.18 3.65 -3.64
CA GLY A 111 -10.91 3.51 -4.32
C GLY A 111 -9.79 3.96 -3.43
N HIS A 112 -10.04 4.02 -2.11
CA HIS A 112 -9.01 4.44 -1.18
C HIS A 112 -8.58 3.23 -0.42
N ILE A 113 -7.30 3.20 0.02
CA ILE A 113 -6.79 2.07 0.76
C ILE A 113 -6.44 2.58 2.13
N TYR A 114 -6.99 1.95 3.18
CA TYR A 114 -6.73 2.39 4.53
C TYR A 114 -6.36 1.19 5.32
N LEU A 115 -5.95 1.40 6.60
CA LEU A 115 -5.60 0.27 7.42
C LEU A 115 -6.89 -0.23 7.99
N ALA A 116 -6.95 -1.53 8.26
CA ALA A 116 -8.16 -2.11 8.81
C ALA A 116 -8.30 -1.69 10.25
N ASN A 117 -7.18 -1.32 10.91
CA ASN A 117 -7.25 -0.95 12.31
C ASN A 117 -7.07 0.53 12.46
N LYS A 118 -6.52 1.22 11.44
CA LYS A 118 -6.31 2.64 11.52
C LYS A 118 -6.81 3.24 10.25
N PRO A 119 -8.09 3.51 10.22
CA PRO A 119 -8.74 4.11 9.07
C PRO A 119 -8.30 5.52 8.84
N SER A 120 -7.55 6.10 9.81
CA SER A 120 -7.10 7.44 9.69
C SER A 120 -5.84 7.43 8.88
N LEU A 121 -5.21 6.25 8.72
CA LEU A 121 -4.00 6.17 7.95
C LEU A 121 -4.34 5.51 6.65
N ILE A 122 -3.89 6.14 5.54
CA ILE A 122 -4.16 5.60 4.24
C ILE A 122 -2.88 5.65 3.46
N LEU A 123 -2.83 4.90 2.34
CA LEU A 123 -1.62 4.88 1.54
C LEU A 123 -1.61 6.10 0.67
N GLY A 124 -0.42 6.72 0.55
CA GLY A 124 -0.29 7.90 -0.25
C GLY A 124 1.17 8.11 -0.52
N ILE A 125 1.49 9.19 -1.25
CA ILE A 125 2.88 9.48 -1.57
C ILE A 125 3.12 10.92 -1.24
N LYS A 126 4.42 11.30 -1.09
CA LYS A 126 4.75 12.66 -0.77
C LYS A 126 5.47 13.22 -1.95
N GLU A 127 5.25 14.51 -2.25
CA GLU A 127 5.89 15.14 -3.37
C GLU A 127 7.37 15.21 -3.10
N SER A 128 8.17 15.30 -4.19
CA SER A 128 9.61 15.36 -4.04
C SER A 128 10.03 16.75 -4.44
N PHE A 129 11.24 17.16 -4.00
CA PHE A 129 11.73 18.48 -4.31
C PHE A 129 11.94 18.59 -5.80
N PHE A 130 12.38 17.48 -6.43
CA PHE A 130 12.61 17.51 -7.86
C PHE A 130 11.38 16.97 -8.53
N ALA A 131 10.36 16.67 -7.70
CA ALA A 131 9.10 16.13 -8.17
C ALA A 131 9.34 14.95 -9.09
N ARG A 132 10.26 14.04 -8.68
CA ARG A 132 10.54 12.90 -9.49
C ARG A 132 9.53 11.85 -9.12
N ARG A 133 8.66 11.49 -10.09
CA ARG A 133 7.62 10.51 -9.85
C ARG A 133 8.22 9.13 -9.81
N GLU A 134 9.42 8.96 -10.40
CA GLU A 134 10.05 7.68 -10.41
C GLU A 134 10.91 7.62 -9.19
N GLY A 135 10.31 7.14 -8.09
CA GLY A 135 11.06 7.03 -6.86
C GLY A 135 10.23 7.56 -5.73
N LEU A 136 8.97 7.99 -5.99
CA LEU A 136 8.15 8.49 -4.90
C LEU A 136 7.87 7.32 -4.01
N HIS A 137 8.08 7.52 -2.70
CA HIS A 137 7.88 6.46 -1.74
C HIS A 137 6.49 6.50 -1.23
N VAL A 138 6.03 5.33 -0.73
CA VAL A 138 4.70 5.22 -0.19
C VAL A 138 4.83 5.39 1.29
N HIS A 139 3.88 6.12 1.88
CA HIS A 139 3.92 6.36 3.30
C HIS A 139 2.49 6.46 3.73
N LEU A 140 2.25 6.44 5.05
CA LEU A 140 0.89 6.52 5.51
C LEU A 140 0.56 7.97 5.69
N GLN A 141 -0.43 8.44 4.92
CA GLN A 141 -0.84 9.81 4.99
C GLN A 141 -2.12 9.78 5.76
N LEU A 142 -2.32 10.75 6.68
CA LEU A 142 -3.52 10.74 7.45
C LEU A 142 -4.66 11.13 6.56
N VAL A 143 -5.77 10.39 6.67
CA VAL A 143 -6.94 10.62 5.87
C VAL A 143 -7.48 11.99 6.16
N ASP A 144 -7.97 12.68 5.11
CA ASP A 144 -8.50 13.99 5.25
C ASP A 144 -9.81 13.97 4.54
N LYS A 145 -10.91 13.86 5.30
CA LYS A 145 -12.24 13.83 4.72
C LYS A 145 -12.52 15.14 4.05
N ARG A 146 -11.90 16.21 4.54
CA ARG A 146 -12.09 17.52 3.97
C ARG A 146 -11.47 17.57 2.60
N HIS A 147 -10.55 16.64 2.29
CA HIS A 147 -9.89 16.64 1.00
C HIS A 147 -9.92 15.24 0.45
N LEU A 148 -11.10 14.82 -0.07
CA LEU A 148 -11.21 13.50 -0.63
C LEU A 148 -11.11 13.61 -2.13
N ASP A 149 -10.87 14.85 -2.62
CA ASP A 149 -10.77 15.06 -4.04
C ASP A 149 -9.32 15.05 -4.43
N ARG A 150 -8.49 14.26 -3.71
CA ARG A 150 -7.10 14.17 -4.03
C ARG A 150 -6.90 12.88 -4.77
N LYS A 151 -6.46 12.99 -6.04
CA LYS A 151 -6.24 11.82 -6.86
C LYS A 151 -5.07 11.05 -6.34
N GLU A 152 -4.19 11.70 -5.55
CA GLU A 152 -3.02 11.03 -5.04
C GLU A 152 -3.44 10.06 -3.97
N GLN A 153 -4.66 10.28 -3.41
CA GLN A 153 -5.15 9.39 -2.38
C GLN A 153 -6.04 8.37 -3.04
N ARG A 154 -6.22 8.49 -4.37
CA ARG A 154 -7.08 7.55 -5.06
C ARG A 154 -6.18 6.51 -5.67
N TRP A 155 -6.54 5.23 -5.50
CA TRP A 155 -5.74 4.16 -6.03
C TRP A 155 -6.54 3.40 -7.03
N ASP A 156 -5.90 3.03 -8.16
CA ASP A 156 -6.57 2.27 -9.19
C ASP A 156 -5.99 0.89 -9.16
N PHE A 157 -6.83 -0.13 -9.43
CA PHE A 157 -6.36 -1.49 -9.43
C PHE A 157 -6.43 -1.98 -10.83
N VAL A 158 -5.36 -2.67 -11.27
CA VAL A 158 -5.29 -3.16 -12.62
C VAL A 158 -4.95 -4.62 -12.52
N LEU A 159 -5.52 -5.42 -13.43
CA LEU A 159 -5.25 -6.84 -13.44
C LEU A 159 -4.38 -7.10 -14.63
N PRO A 160 -3.58 -8.15 -14.57
CA PRO A 160 -2.67 -8.50 -15.65
C PRO A 160 -3.38 -8.96 -16.89
N VAL A 161 -2.76 -8.69 -18.05
CA VAL A 161 -3.34 -9.09 -19.31
C VAL A 161 -2.35 -10.00 -19.98
N VAL A 162 -2.82 -11.20 -20.37
CA VAL A 162 -1.92 -12.14 -21.02
C VAL A 162 -2.79 -13.06 -21.90
N MET A 1 -10.35 6.11 22.47
CA MET A 1 -10.21 7.24 21.52
C MET A 1 -10.02 6.74 20.12
N ALA A 2 -11.00 5.98 19.60
CA ALA A 2 -10.89 5.46 18.27
C ALA A 2 -12.29 5.30 17.74
N ALA A 3 -12.45 5.38 16.40
CA ALA A 3 -13.75 5.23 15.81
C ALA A 3 -13.54 4.71 14.43
N ALA A 4 -14.54 4.00 13.88
CA ALA A 4 -14.42 3.46 12.56
C ALA A 4 -15.08 4.44 11.62
N MET A 5 -14.25 5.27 10.95
CA MET A 5 -14.77 6.25 10.01
C MET A 5 -15.37 5.49 8.86
N PHE A 6 -14.70 4.41 8.43
CA PHE A 6 -15.18 3.63 7.32
C PHE A 6 -15.29 2.22 7.81
N GLU A 7 -16.46 1.88 8.37
CA GLU A 7 -16.68 0.54 8.87
C GLU A 7 -16.84 -0.40 7.70
N LYS A 8 -17.24 0.15 6.54
CA LYS A 8 -17.43 -0.69 5.37
C LYS A 8 -16.09 -0.90 4.73
N SER A 9 -15.90 -2.10 4.14
CA SER A 9 -14.65 -2.40 3.50
C SER A 9 -14.96 -3.26 2.31
N GLU A 10 -14.27 -3.00 1.19
CA GLU A 10 -14.47 -3.76 -0.01
C GLU A 10 -13.37 -4.79 -0.05
N LYS A 11 -13.54 -5.84 -0.89
CA LYS A 11 -12.55 -6.88 -0.99
C LYS A 11 -11.58 -6.50 -2.07
N PHE A 12 -10.28 -6.73 -1.80
CA PHE A 12 -9.26 -6.42 -2.76
C PHE A 12 -9.31 -7.48 -3.83
N PRO A 13 -8.84 -7.15 -5.01
CA PRO A 13 -8.82 -8.09 -6.13
C PRO A 13 -8.06 -9.34 -5.82
N GLU A 14 -8.57 -10.49 -6.31
CA GLU A 14 -7.92 -11.75 -6.06
C GLU A 14 -7.00 -12.03 -7.21
N GLY A 15 -5.97 -12.88 -6.97
CA GLY A 15 -5.04 -13.21 -8.02
C GLY A 15 -3.98 -12.15 -8.06
N TRP A 16 -3.24 -12.10 -9.19
CA TRP A 16 -2.19 -11.13 -9.35
C TRP A 16 -2.84 -9.83 -9.73
N PHE A 17 -2.30 -8.69 -9.22
CA PHE A 17 -2.88 -7.42 -9.56
C PHE A 17 -1.82 -6.39 -9.34
N PHE A 18 -2.05 -5.19 -9.93
CA PHE A 18 -1.10 -4.13 -9.81
C PHE A 18 -1.78 -2.98 -9.14
N ILE A 19 -1.06 -2.29 -8.23
CA ILE A 19 -1.63 -1.16 -7.56
C ILE A 19 -1.04 0.04 -8.24
N LYS A 20 -1.88 0.83 -8.94
CA LYS A 20 -1.39 1.97 -9.66
C LYS A 20 -1.93 3.23 -9.05
N ASN A 21 -1.04 4.21 -8.78
CA ASN A 21 -1.49 5.47 -8.23
C ASN A 21 -1.93 6.28 -9.41
N ASN A 22 -3.17 6.78 -9.36
CA ASN A 22 -3.73 7.54 -10.47
C ASN A 22 -2.96 8.81 -10.73
N SER A 23 -2.32 9.40 -9.70
CA SER A 23 -1.63 10.67 -9.90
C SER A 23 -0.38 10.49 -10.73
N ASN A 24 0.34 9.37 -10.53
CA ASN A 24 1.58 9.18 -11.27
C ASN A 24 1.40 8.18 -12.36
N GLY A 25 0.39 7.29 -12.24
CA GLY A 25 0.20 6.29 -13.27
C GLY A 25 1.27 5.25 -13.10
N TYR A 26 1.90 5.23 -11.90
CA TYR A 26 2.97 4.29 -11.63
C TYR A 26 2.42 3.27 -10.68
N VAL A 27 3.13 2.13 -10.51
CA VAL A 27 2.66 1.09 -9.64
C VAL A 27 3.64 0.90 -8.52
N LEU A 28 3.17 0.28 -7.42
CA LEU A 28 4.00 0.04 -6.27
C LEU A 28 5.05 -0.97 -6.59
N MET A 29 6.30 -0.66 -6.19
CA MET A 29 7.40 -1.55 -6.41
C MET A 29 8.28 -1.38 -5.21
N VAL A 30 9.21 -2.32 -4.96
CA VAL A 30 10.12 -2.18 -3.85
C VAL A 30 11.02 -1.00 -4.18
N ASP A 31 11.73 -0.45 -3.17
CA ASP A 31 12.59 0.70 -3.40
C ASP A 31 13.54 0.45 -4.52
N ASN A 32 14.08 -0.77 -4.61
CA ASN A 32 15.02 -1.07 -5.67
C ASN A 32 15.10 -2.57 -5.81
N GLU A 33 13.94 -3.24 -5.93
CA GLU A 33 13.89 -4.69 -6.08
C GLU A 33 14.66 -5.33 -4.95
N SER A 34 14.47 -4.80 -3.72
CA SER A 34 15.16 -5.33 -2.58
C SER A 34 14.52 -6.62 -2.19
N GLN A 35 15.38 -7.64 -1.96
CA GLN A 35 14.88 -8.92 -1.55
C GLN A 35 14.99 -8.96 -0.06
N GLU A 36 15.48 -7.85 0.53
CA GLU A 36 15.64 -7.78 1.96
C GLU A 36 14.50 -6.97 2.52
N SER A 37 14.11 -7.28 3.77
CA SER A 37 13.03 -6.59 4.43
C SER A 37 13.54 -5.26 4.90
N GLY A 38 12.61 -4.30 5.12
CA GLY A 38 12.99 -2.99 5.60
C GLY A 38 13.20 -2.08 4.44
N SER A 39 12.85 -2.53 3.21
CA SER A 39 13.03 -1.70 2.06
C SER A 39 11.74 -0.94 1.82
N PRO A 40 11.83 0.37 1.73
CA PRO A 40 10.65 1.21 1.49
C PRO A 40 9.94 0.89 0.20
N ILE A 41 8.61 1.13 0.18
CA ILE A 41 7.85 0.85 -1.02
C ILE A 41 7.86 2.12 -1.83
N VAL A 42 8.21 2.03 -3.15
CA VAL A 42 8.27 3.23 -3.96
C VAL A 42 7.53 2.99 -5.24
N LEU A 43 7.21 4.10 -5.96
CA LEU A 43 6.49 4.00 -7.20
C LEU A 43 7.49 3.78 -8.30
N ALA A 44 7.06 2.99 -9.32
CA ALA A 44 7.94 2.72 -10.44
C ALA A 44 7.08 2.58 -11.65
N THR A 45 7.63 2.97 -12.83
CA THR A 45 6.91 2.87 -14.07
C THR A 45 6.63 1.42 -14.33
N LEU A 46 5.44 1.12 -14.89
CA LEU A 46 5.07 -0.25 -15.17
C LEU A 46 6.07 -0.84 -16.12
N ARG A 47 6.45 -2.12 -15.87
CA ARG A 47 7.42 -2.78 -16.70
C ARG A 47 6.76 -4.00 -17.26
N THR A 48 7.16 -4.36 -18.50
CA THR A 48 6.60 -5.52 -19.14
C THR A 48 7.42 -6.72 -18.75
N LYS A 49 8.62 -6.45 -18.21
CA LYS A 49 9.51 -7.51 -17.81
C LYS A 49 9.84 -7.28 -16.36
N ASP A 50 10.05 -8.39 -15.59
CA ASP A 50 10.38 -8.28 -14.19
C ASP A 50 9.28 -7.52 -13.49
N TYR A 51 8.02 -7.83 -13.85
CA TYR A 51 6.89 -7.15 -13.27
C TYR A 51 6.43 -7.89 -12.05
N ALA A 52 7.16 -8.97 -11.67
CA ALA A 52 6.80 -9.73 -10.50
C ALA A 52 6.92 -8.86 -9.28
N SER A 53 7.96 -7.99 -9.28
CA SER A 53 8.20 -7.10 -8.17
C SER A 53 7.11 -6.07 -8.13
N GLN A 54 6.37 -5.91 -9.23
CA GLN A 54 5.30 -4.94 -9.27
C GLN A 54 4.01 -5.67 -9.07
N LEU A 55 4.09 -7.00 -8.82
CA LEU A 55 2.88 -7.78 -8.61
C LEU A 55 2.68 -7.95 -7.14
N TRP A 56 1.41 -7.78 -6.73
CA TRP A 56 1.05 -7.90 -5.34
C TRP A 56 -0.10 -8.85 -5.29
N ARG A 57 -0.28 -9.54 -4.15
CA ARG A 57 -1.37 -10.47 -4.04
C ARG A 57 -1.98 -10.27 -2.68
N HIS A 58 -3.28 -10.55 -2.58
CA HIS A 58 -3.98 -10.37 -1.33
C HIS A 58 -4.09 -11.70 -0.66
N ASP A 59 -3.45 -11.83 0.52
CA ASP A 59 -3.52 -13.07 1.25
C ASP A 59 -4.83 -13.07 1.98
N PRO A 60 -5.32 -14.26 2.29
CA PRO A 60 -6.59 -14.41 3.00
C PRO A 60 -6.58 -13.80 4.37
N SER A 61 -5.37 -13.50 4.89
CA SER A 61 -5.28 -12.91 6.20
C SER A 61 -5.61 -11.44 6.07
N GLY A 62 -5.66 -10.92 4.83
CA GLY A 62 -6.01 -9.53 4.63
C GLY A 62 -4.78 -8.71 4.41
N TYR A 63 -3.65 -9.33 4.01
CA TYR A 63 -2.44 -8.57 3.80
C TYR A 63 -2.06 -8.66 2.35
N LEU A 64 -1.24 -7.69 1.88
CA LEU A 64 -0.79 -7.68 0.50
C LEU A 64 0.64 -8.10 0.50
N VAL A 65 0.96 -9.13 -0.30
CA VAL A 65 2.30 -9.66 -0.35
C VAL A 65 2.86 -9.44 -1.72
N ASN A 66 4.14 -9.01 -1.78
CA ASN A 66 4.79 -8.78 -3.05
C ASN A 66 5.07 -10.14 -3.62
N LYS A 67 4.71 -10.37 -4.89
CA LYS A 67 4.93 -11.66 -5.50
C LYS A 67 6.40 -12.00 -5.58
N LYS A 68 7.24 -11.00 -5.91
CA LYS A 68 8.64 -11.26 -6.08
C LYS A 68 9.34 -11.36 -4.75
N SER A 69 9.23 -10.31 -3.94
CA SER A 69 9.93 -10.28 -2.68
C SER A 69 9.31 -11.26 -1.74
N GLY A 70 7.98 -11.40 -1.75
CA GLY A 70 7.34 -12.32 -0.84
C GLY A 70 7.21 -11.60 0.47
N GLN A 71 7.50 -10.30 0.45
CA GLN A 71 7.43 -9.51 1.65
C GLN A 71 6.07 -8.86 1.71
N VAL A 72 5.63 -8.48 2.93
CA VAL A 72 4.32 -7.90 3.11
C VAL A 72 4.51 -6.44 3.38
N MET A 73 3.50 -5.62 2.98
CA MET A 73 3.58 -4.20 3.21
C MET A 73 3.42 -4.00 4.69
N ASP A 74 4.22 -3.08 5.28
CA ASP A 74 4.09 -2.87 6.70
C ASP A 74 4.62 -1.49 7.01
N ILE A 75 4.45 -1.06 8.28
CA ILE A 75 4.92 0.23 8.67
C ILE A 75 6.34 0.08 9.14
N ALA A 76 7.16 1.10 8.84
CA ALA A 76 8.55 1.08 9.22
C ALA A 76 8.65 1.13 10.73
N LYS A 77 7.84 2.01 11.35
CA LYS A 77 7.85 2.15 12.78
C LYS A 77 7.26 0.93 13.41
N GLY A 78 6.27 0.34 12.72
CA GLY A 78 5.59 -0.81 13.26
C GLY A 78 4.45 -0.29 14.08
N THR A 79 4.43 1.05 14.26
CA THR A 79 3.39 1.69 15.01
C THR A 79 2.81 2.73 14.10
N PRO A 80 1.52 2.66 13.84
CA PRO A 80 0.87 3.62 12.95
C PRO A 80 1.01 5.04 13.42
N LYS A 81 1.46 5.93 12.52
CA LYS A 81 1.63 7.30 12.85
C LYS A 81 1.31 8.06 11.61
N ALA A 82 0.89 9.33 11.76
CA ALA A 82 0.59 10.11 10.60
C ALA A 82 1.89 10.49 9.97
N GLY A 83 2.00 10.25 8.65
CA GLY A 83 3.22 10.59 7.95
C GLY A 83 4.20 9.45 8.08
N VAL A 84 3.76 8.29 8.61
CA VAL A 84 4.69 7.17 8.75
C VAL A 84 4.88 6.59 7.36
N ASP A 85 6.11 6.10 7.07
CA ASP A 85 6.38 5.55 5.76
C ASP A 85 6.00 4.09 5.76
N ILE A 86 5.98 3.49 4.54
CA ILE A 86 5.62 2.09 4.41
C ILE A 86 6.82 1.38 3.86
N VAL A 87 7.20 0.27 4.53
CA VAL A 87 8.33 -0.51 4.10
C VAL A 87 7.88 -1.94 4.07
N GLN A 88 8.59 -2.81 3.32
CA GLN A 88 8.18 -4.19 3.24
C GLN A 88 8.81 -4.93 4.40
N GLN A 89 8.02 -5.83 5.04
CA GLN A 89 8.51 -6.58 6.16
C GLN A 89 8.01 -7.99 6.06
N THR A 90 8.58 -8.89 6.89
CA THR A 90 8.21 -10.29 6.88
C THR A 90 6.80 -10.41 7.42
N GLN A 91 6.15 -11.56 7.09
CA GLN A 91 4.79 -11.81 7.55
C GLN A 91 4.79 -11.91 9.05
N ALA A 92 3.65 -11.54 9.67
CA ALA A 92 3.53 -11.60 11.11
C ALA A 92 3.52 -13.04 11.51
N GLY A 93 4.08 -13.34 12.71
CA GLY A 93 4.11 -14.68 13.19
C GLY A 93 2.83 -14.93 13.91
N SER A 94 2.76 -16.05 14.67
CA SER A 94 1.57 -16.38 15.41
C SER A 94 1.60 -15.66 16.73
N ASN A 95 2.66 -14.86 16.97
CA ASN A 95 2.76 -14.15 18.22
C ASN A 95 2.29 -12.73 18.00
N VAL A 96 1.48 -12.51 16.95
CA VAL A 96 0.98 -11.19 16.69
C VAL A 96 -0.51 -11.26 16.85
N LYS A 97 -1.06 -10.41 17.76
CA LYS A 97 -2.46 -10.36 18.00
C LYS A 97 -3.14 -9.88 16.75
N ASP A 98 -4.39 -10.34 16.54
CA ASP A 98 -5.13 -9.93 15.36
C ASP A 98 -5.43 -8.46 15.46
N ASP A 99 -5.34 -7.89 16.67
CA ASP A 99 -5.63 -6.48 16.85
C ASP A 99 -4.34 -5.72 16.69
N LEU A 100 -3.24 -6.45 16.48
CA LEU A 100 -1.96 -5.81 16.31
C LEU A 100 -1.51 -6.09 14.91
N ASN A 101 -2.43 -6.66 14.11
CA ASN A 101 -2.11 -6.95 12.73
C ASN A 101 -2.38 -5.70 11.97
N PHE A 102 -1.30 -4.92 11.71
CA PHE A 102 -1.42 -3.67 11.01
C PHE A 102 -1.24 -3.90 9.53
N GLN A 103 -0.88 -5.13 9.14
CA GLN A 103 -0.67 -5.42 7.74
C GLN A 103 -2.01 -5.49 7.06
N LYS A 104 -3.11 -5.54 7.86
CA LYS A 104 -4.43 -5.59 7.30
C LYS A 104 -4.77 -4.23 6.74
N PHE A 105 -5.41 -4.21 5.55
CA PHE A 105 -5.77 -2.96 4.92
C PHE A 105 -7.22 -3.04 4.57
N GLY A 106 -7.89 -1.87 4.47
CA GLY A 106 -9.28 -1.83 4.13
C GLY A 106 -9.36 -1.18 2.79
N LEU A 107 -10.31 -1.66 1.94
CA LEU A 107 -10.43 -1.10 0.62
C LEU A 107 -11.70 -0.31 0.56
N SER A 108 -11.60 0.97 0.19
CA SER A 108 -12.75 1.82 0.08
C SER A 108 -13.26 1.66 -1.33
N PRO A 109 -14.57 1.59 -1.48
CA PRO A 109 -15.17 1.45 -2.81
C PRO A 109 -14.98 2.67 -3.66
N TYR A 110 -14.47 3.77 -3.06
CA TYR A 110 -14.25 4.99 -3.80
C TYR A 110 -12.88 4.94 -4.42
N GLY A 111 -12.12 3.83 -4.20
CA GLY A 111 -10.80 3.73 -4.80
C GLY A 111 -9.76 4.20 -3.82
N HIS A 112 -10.12 4.30 -2.53
CA HIS A 112 -9.17 4.74 -1.54
C HIS A 112 -8.80 3.54 -0.72
N ILE A 113 -7.54 3.51 -0.21
CA ILE A 113 -7.10 2.38 0.60
C ILE A 113 -6.75 2.94 1.95
N TYR A 114 -7.34 2.35 3.02
CA TYR A 114 -7.06 2.82 4.35
C TYR A 114 -6.68 1.62 5.17
N LEU A 115 -6.40 1.83 6.47
CA LEU A 115 -6.04 0.72 7.31
C LEU A 115 -7.30 0.20 7.92
N ALA A 116 -7.32 -1.11 8.22
CA ALA A 116 -8.49 -1.71 8.81
C ALA A 116 -8.58 -1.27 10.25
N ASN A 117 -7.44 -0.85 10.86
CA ASN A 117 -7.47 -0.45 12.25
C ASN A 117 -7.40 1.04 12.35
N LYS A 118 -6.88 1.72 11.29
CA LYS A 118 -6.77 3.16 11.33
C LYS A 118 -7.30 3.69 10.03
N PRO A 119 -8.58 3.88 9.98
CA PRO A 119 -9.24 4.41 8.80
C PRO A 119 -8.86 5.83 8.53
N SER A 120 -8.14 6.46 9.48
CA SER A 120 -7.73 7.82 9.33
C SER A 120 -6.43 7.81 8.58
N LEU A 121 -5.75 6.65 8.50
CA LEU A 121 -4.49 6.59 7.80
C LEU A 121 -4.76 5.94 6.48
N ILE A 122 -4.27 6.55 5.39
CA ILE A 122 -4.46 6.00 4.08
C ILE A 122 -3.16 6.05 3.36
N LEU A 123 -3.04 5.22 2.30
CA LEU A 123 -1.81 5.15 1.56
C LEU A 123 -1.78 6.28 0.57
N GLY A 124 -0.61 6.93 0.43
CA GLY A 124 -0.48 8.02 -0.49
C GLY A 124 0.99 8.23 -0.71
N ILE A 125 1.34 9.22 -1.56
CA ILE A 125 2.73 9.50 -1.83
C ILE A 125 2.95 10.95 -1.53
N LYS A 126 4.24 11.33 -1.32
CA LYS A 126 4.53 12.71 -1.04
C LYS A 126 5.41 13.22 -2.15
N GLU A 127 5.23 14.50 -2.49
CA GLU A 127 6.00 15.10 -3.55
C GLU A 127 7.39 15.36 -3.04
N SER A 128 8.34 15.61 -3.98
CA SER A 128 9.69 15.86 -3.59
C SER A 128 10.12 17.14 -4.25
N PHE A 129 11.28 17.69 -3.82
CA PHE A 129 11.75 18.94 -4.37
C PHE A 129 12.11 18.77 -5.82
N PHE A 130 12.66 17.60 -6.19
CA PHE A 130 13.03 17.38 -7.58
C PHE A 130 11.85 16.80 -8.29
N ALA A 131 10.76 16.56 -7.53
CA ALA A 131 9.55 15.99 -8.08
C ALA A 131 9.88 14.77 -8.90
N ARG A 132 10.70 13.87 -8.33
CA ARG A 132 11.08 12.68 -9.05
C ARG A 132 9.99 11.66 -8.84
N ARG A 133 9.22 11.37 -9.92
CA ARG A 133 8.14 10.42 -9.82
C ARG A 133 8.68 9.02 -9.79
N GLU A 134 9.95 8.84 -10.23
CA GLU A 134 10.53 7.54 -10.23
C GLU A 134 11.25 7.39 -8.94
N GLY A 135 10.52 6.90 -7.93
CA GLY A 135 11.12 6.71 -6.63
C GLY A 135 10.23 7.30 -5.57
N LEU A 136 9.01 7.79 -5.93
CA LEU A 136 8.15 8.33 -4.90
C LEU A 136 7.78 7.20 -3.99
N HIS A 137 7.96 7.42 -2.68
CA HIS A 137 7.69 6.39 -1.71
C HIS A 137 6.27 6.49 -1.26
N VAL A 138 5.74 5.36 -0.78
CA VAL A 138 4.39 5.33 -0.28
C VAL A 138 4.49 5.55 1.20
N HIS A 139 3.56 6.33 1.74
CA HIS A 139 3.57 6.61 3.15
C HIS A 139 2.13 6.75 3.55
N LEU A 140 1.87 6.78 4.87
CA LEU A 140 0.51 6.90 5.32
C LEU A 140 0.27 8.32 5.67
N GLN A 141 -0.78 8.90 5.07
CA GLN A 141 -1.13 10.27 5.35
C GLN A 141 -2.50 10.21 5.91
N LEU A 142 -2.88 11.21 6.72
CA LEU A 142 -4.19 11.17 7.32
C LEU A 142 -5.22 11.53 6.29
N VAL A 143 -6.32 10.74 6.31
CA VAL A 143 -7.42 10.92 5.40
C VAL A 143 -8.03 12.27 5.63
N ASP A 144 -8.50 12.90 4.54
CA ASP A 144 -9.09 14.20 4.64
C ASP A 144 -10.27 14.17 3.73
N LYS A 145 -11.45 13.92 4.32
CA LYS A 145 -12.69 13.83 3.56
C LYS A 145 -13.02 15.15 2.92
N ARG A 146 -12.43 16.25 3.43
CA ARG A 146 -12.69 17.55 2.87
C ARG A 146 -12.08 17.63 1.49
N HIS A 147 -11.08 16.77 1.22
CA HIS A 147 -10.42 16.79 -0.07
C HIS A 147 -10.30 15.38 -0.54
N LEU A 148 -11.38 14.86 -1.16
CA LEU A 148 -11.38 13.51 -1.67
C LEU A 148 -11.13 13.57 -3.15
N ASP A 149 -10.86 14.79 -3.68
CA ASP A 149 -10.64 14.94 -5.09
C ASP A 149 -9.17 14.87 -5.36
N ARG A 150 -8.40 14.26 -4.45
CA ARG A 150 -7.00 14.14 -4.62
C ARG A 150 -6.76 12.85 -5.34
N LYS A 151 -6.33 12.93 -6.61
CA LYS A 151 -6.09 11.75 -7.40
C LYS A 151 -4.92 10.98 -6.84
N GLU A 152 -4.06 11.66 -6.06
CA GLU A 152 -2.90 11.00 -5.49
C GLU A 152 -3.35 10.13 -4.36
N GLN A 153 -4.58 10.35 -3.85
CA GLN A 153 -5.08 9.52 -2.78
C GLN A 153 -5.97 8.50 -3.39
N ARG A 154 -6.14 8.54 -4.73
CA ARG A 154 -6.98 7.58 -5.40
C ARG A 154 -6.09 6.52 -5.95
N TRP A 155 -6.48 5.24 -5.75
CA TRP A 155 -5.67 4.15 -6.21
C TRP A 155 -6.48 3.39 -7.23
N ASP A 156 -5.80 3.00 -8.33
CA ASP A 156 -6.46 2.25 -9.37
C ASP A 156 -5.86 0.88 -9.35
N PHE A 157 -6.68 -0.15 -9.67
CA PHE A 157 -6.19 -1.50 -9.67
C PHE A 157 -6.20 -1.97 -11.09
N VAL A 158 -5.12 -2.65 -11.50
CA VAL A 158 -5.01 -3.13 -12.85
C VAL A 158 -4.70 -4.59 -12.76
N LEU A 159 -5.24 -5.37 -13.70
CA LEU A 159 -5.01 -6.80 -13.71
C LEU A 159 -4.10 -7.09 -14.87
N PRO A 160 -3.33 -8.15 -14.77
CA PRO A 160 -2.39 -8.53 -15.82
C PRO A 160 -3.08 -9.00 -17.06
N VAL A 161 -2.43 -8.76 -18.22
CA VAL A 161 -2.99 -9.17 -19.47
C VAL A 161 -1.92 -9.92 -20.21
N VAL A 162 -2.34 -10.76 -21.18
CA VAL A 162 -1.39 -11.52 -21.94
C VAL A 162 -0.93 -10.67 -23.13
N MET A 1 -10.14 10.55 16.73
CA MET A 1 -8.79 10.33 16.12
C MET A 1 -8.77 9.08 15.30
N ALA A 2 -9.47 8.03 15.77
CA ALA A 2 -9.52 6.78 15.05
C ALA A 2 -10.19 7.01 13.72
N ALA A 3 -11.27 7.82 13.74
CA ALA A 3 -12.01 8.12 12.52
C ALA A 3 -12.54 6.84 11.95
N ALA A 4 -13.15 6.00 12.80
CA ALA A 4 -13.68 4.74 12.34
C ALA A 4 -15.06 4.98 11.80
N MET A 5 -15.14 5.65 10.63
CA MET A 5 -16.40 5.93 10.01
C MET A 5 -16.54 5.02 8.82
N PHE A 6 -15.64 4.00 8.74
CA PHE A 6 -15.68 3.07 7.66
C PHE A 6 -15.88 1.71 8.25
N GLU A 7 -17.16 1.31 8.37
CA GLU A 7 -17.47 0.02 8.93
C GLU A 7 -17.43 -0.97 7.81
N LYS A 8 -17.84 -0.53 6.61
CA LYS A 8 -17.83 -1.39 5.45
C LYS A 8 -16.45 -1.39 4.87
N SER A 9 -16.05 -2.55 4.31
CA SER A 9 -14.73 -2.68 3.72
C SER A 9 -14.87 -3.60 2.56
N GLU A 10 -14.22 -3.27 1.43
CA GLU A 10 -14.27 -4.10 0.27
C GLU A 10 -13.09 -5.03 0.33
N LYS A 11 -13.05 -6.01 -0.58
CA LYS A 11 -11.97 -6.97 -0.59
C LYS A 11 -11.10 -6.66 -1.76
N PHE A 12 -9.86 -7.17 -1.71
CA PHE A 12 -8.92 -6.95 -2.77
C PHE A 12 -9.09 -8.06 -3.76
N PRO A 13 -8.71 -7.82 -5.00
CA PRO A 13 -8.81 -8.83 -6.03
C PRO A 13 -7.88 -9.98 -5.81
N GLU A 14 -8.29 -11.18 -6.25
CA GLU A 14 -7.47 -12.35 -6.05
C GLU A 14 -6.59 -12.53 -7.25
N GLY A 15 -5.49 -13.26 -7.04
CA GLY A 15 -4.55 -13.51 -8.10
C GLY A 15 -3.57 -12.38 -8.14
N TRP A 16 -2.82 -12.30 -9.25
CA TRP A 16 -1.84 -11.24 -9.42
C TRP A 16 -2.58 -9.98 -9.74
N PHE A 17 -2.12 -8.83 -9.21
CA PHE A 17 -2.78 -7.59 -9.48
C PHE A 17 -1.76 -6.52 -9.28
N PHE A 18 -2.05 -5.32 -9.84
CA PHE A 18 -1.14 -4.22 -9.73
C PHE A 18 -1.86 -3.11 -9.03
N ILE A 19 -1.17 -2.44 -8.07
CA ILE A 19 -1.77 -1.34 -7.37
C ILE A 19 -1.24 -0.11 -8.04
N LYS A 20 -2.13 0.66 -8.69
CA LYS A 20 -1.69 1.82 -9.42
C LYS A 20 -2.22 3.06 -8.74
N ASN A 21 -1.31 4.04 -8.51
CA ASN A 21 -1.72 5.29 -7.92
C ASN A 21 -2.24 6.12 -9.06
N ASN A 22 -3.48 6.63 -8.93
CA ASN A 22 -4.08 7.40 -10.00
C ASN A 22 -3.30 8.65 -10.31
N SER A 23 -2.71 9.30 -9.29
CA SER A 23 -2.01 10.56 -9.51
C SER A 23 -0.78 10.35 -10.35
N ASN A 24 -0.02 9.27 -10.09
CA ASN A 24 1.22 9.08 -10.81
C ASN A 24 1.01 8.15 -11.96
N GLY A 25 -0.01 7.26 -11.88
CA GLY A 25 -0.24 6.32 -12.94
C GLY A 25 0.84 5.27 -12.85
N TYR A 26 1.51 5.19 -11.68
CA TYR A 26 2.58 4.24 -11.48
C TYR A 26 2.08 3.23 -10.50
N VAL A 27 2.85 2.11 -10.34
CA VAL A 27 2.44 1.07 -9.44
C VAL A 27 3.49 0.91 -8.38
N LEU A 28 3.11 0.27 -7.24
CA LEU A 28 4.01 0.09 -6.14
C LEU A 28 5.02 -0.99 -6.45
N MET A 29 6.29 -0.71 -6.07
CA MET A 29 7.35 -1.67 -6.24
C MET A 29 8.29 -1.46 -5.09
N VAL A 30 9.33 -2.31 -4.99
CA VAL A 30 10.31 -2.17 -3.93
C VAL A 30 11.16 -0.97 -4.27
N ASP A 31 11.89 -0.41 -3.28
CA ASP A 31 12.72 0.76 -3.52
C ASP A 31 13.68 0.50 -4.64
N ASN A 32 14.25 -0.72 -4.70
CA ASN A 32 15.20 -1.01 -5.74
C ASN A 32 15.28 -2.50 -5.93
N GLU A 33 14.12 -3.17 -6.14
CA GLU A 33 14.10 -4.61 -6.36
C GLU A 33 14.85 -5.29 -5.24
N SER A 34 14.55 -4.92 -3.99
CA SER A 34 15.24 -5.50 -2.87
C SER A 34 14.37 -6.59 -2.32
N GLN A 35 14.96 -7.79 -2.17
CA GLN A 35 14.21 -8.89 -1.63
C GLN A 35 14.47 -8.89 -0.15
N GLU A 36 15.33 -7.96 0.32
CA GLU A 36 15.63 -7.88 1.73
C GLU A 36 14.61 -6.99 2.37
N SER A 37 14.33 -7.25 3.67
CA SER A 37 13.36 -6.47 4.39
C SER A 37 13.97 -5.15 4.77
N GLY A 38 13.11 -4.15 5.04
CA GLY A 38 13.59 -2.85 5.44
C GLY A 38 13.73 -1.97 4.23
N SER A 39 13.31 -2.47 3.04
CA SER A 39 13.43 -1.67 1.85
C SER A 39 12.13 -0.94 1.67
N PRO A 40 12.18 0.38 1.58
CA PRO A 40 10.99 1.20 1.39
C PRO A 40 10.22 0.87 0.15
N ILE A 41 8.88 1.09 0.19
CA ILE A 41 8.06 0.79 -0.96
C ILE A 41 8.01 2.06 -1.78
N VAL A 42 8.27 1.96 -3.11
CA VAL A 42 8.27 3.16 -3.93
C VAL A 42 7.45 2.90 -5.18
N LEU A 43 7.08 4.00 -5.87
CA LEU A 43 6.28 3.91 -7.07
C LEU A 43 7.19 3.82 -8.26
N ALA A 44 6.72 3.09 -9.29
CA ALA A 44 7.47 2.94 -10.51
C ALA A 44 6.49 2.67 -11.61
N THR A 45 6.84 3.07 -12.85
CA THR A 45 5.94 2.83 -13.96
C THR A 45 5.83 1.36 -14.19
N LEU A 46 4.76 0.96 -14.88
CA LEU A 46 4.51 -0.43 -15.17
C LEU A 46 5.56 -0.90 -16.14
N ARG A 47 6.06 -2.13 -15.91
CA ARG A 47 7.08 -2.70 -16.77
C ARG A 47 6.59 -4.04 -17.22
N THR A 48 6.97 -4.42 -18.45
CA THR A 48 6.57 -5.70 -18.99
C THR A 48 7.60 -6.72 -18.57
N LYS A 49 8.73 -6.25 -18.02
CA LYS A 49 9.78 -7.14 -17.60
C LYS A 49 10.02 -6.87 -16.14
N ASP A 50 10.35 -7.93 -15.36
CA ASP A 50 10.59 -7.78 -13.94
C ASP A 50 9.36 -7.17 -13.33
N TYR A 51 8.18 -7.68 -13.76
CA TYR A 51 6.92 -7.15 -13.28
C TYR A 51 6.54 -7.84 -12.01
N ALA A 52 7.36 -8.81 -11.55
CA ALA A 52 7.07 -9.54 -10.34
C ALA A 52 7.09 -8.58 -9.18
N SER A 53 8.02 -7.61 -9.21
CA SER A 53 8.15 -6.64 -8.14
C SER A 53 6.98 -5.71 -8.20
N GLN A 54 6.30 -5.66 -9.36
CA GLN A 54 5.18 -4.78 -9.52
C GLN A 54 3.93 -5.57 -9.21
N LEU A 55 4.09 -6.86 -8.86
CA LEU A 55 2.93 -7.68 -8.57
C LEU A 55 2.74 -7.80 -7.09
N TRP A 56 1.46 -7.74 -6.67
CA TRP A 56 1.12 -7.82 -5.29
C TRP A 56 0.04 -8.87 -5.16
N ARG A 57 -0.02 -9.51 -3.97
CA ARG A 57 -0.99 -10.54 -3.74
C ARG A 57 -1.56 -10.30 -2.39
N HIS A 58 -2.90 -10.35 -2.25
CA HIS A 58 -3.49 -10.10 -0.97
C HIS A 58 -3.75 -11.43 -0.33
N ASP A 59 -3.27 -11.58 0.93
CA ASP A 59 -3.48 -12.79 1.67
C ASP A 59 -4.87 -12.71 2.23
N PRO A 60 -5.43 -13.83 2.60
CA PRO A 60 -6.78 -13.87 3.16
C PRO A 60 -6.96 -12.99 4.36
N SER A 61 -5.86 -12.74 5.11
CA SER A 61 -5.94 -11.89 6.27
C SER A 61 -6.07 -10.46 5.81
N GLY A 62 -5.75 -10.19 4.52
CA GLY A 62 -5.86 -8.85 3.99
C GLY A 62 -4.50 -8.23 3.91
N TYR A 63 -3.42 -9.03 4.07
CA TYR A 63 -2.09 -8.48 4.01
C TYR A 63 -1.66 -8.54 2.56
N LEU A 64 -0.80 -7.58 2.12
CA LEU A 64 -0.36 -7.57 0.75
C LEU A 64 1.05 -8.07 0.74
N VAL A 65 1.31 -9.06 -0.14
CA VAL A 65 2.62 -9.65 -0.26
C VAL A 65 3.17 -9.33 -1.60
N ASN A 66 4.46 -8.92 -1.65
CA ASN A 66 5.08 -8.60 -2.91
C ASN A 66 5.56 -9.93 -3.44
N LYS A 67 5.20 -10.26 -4.69
CA LYS A 67 5.58 -11.53 -5.25
C LYS A 67 7.08 -11.68 -5.35
N LYS A 68 7.79 -10.60 -5.73
CA LYS A 68 9.22 -10.67 -5.92
C LYS A 68 9.94 -10.97 -4.64
N SER A 69 9.64 -10.22 -3.57
CA SER A 69 10.36 -10.40 -2.33
C SER A 69 9.67 -11.43 -1.49
N GLY A 70 8.34 -11.54 -1.58
CA GLY A 70 7.63 -12.51 -0.76
C GLY A 70 7.42 -11.86 0.58
N GLN A 71 7.82 -10.58 0.71
CA GLN A 71 7.66 -9.87 1.97
C GLN A 71 6.35 -9.14 1.88
N VAL A 72 5.89 -8.58 3.02
CA VAL A 72 4.61 -7.90 3.01
C VAL A 72 4.84 -6.45 3.36
N MET A 73 3.83 -5.62 3.05
CA MET A 73 3.92 -4.20 3.34
C MET A 73 3.81 -4.06 4.83
N ASP A 74 4.61 -3.15 5.41
CA ASP A 74 4.53 -2.96 6.85
C ASP A 74 5.07 -1.60 7.16
N ILE A 75 4.84 -1.13 8.40
CA ILE A 75 5.31 0.17 8.77
C ILE A 75 6.74 0.03 9.21
N ALA A 76 7.55 1.05 8.88
CA ALA A 76 8.95 1.04 9.23
C ALA A 76 9.09 1.16 10.72
N LYS A 77 8.27 2.03 11.33
CA LYS A 77 8.33 2.25 12.76
C LYS A 77 7.77 1.05 13.45
N GLY A 78 6.78 0.39 12.84
CA GLY A 78 6.15 -0.74 13.44
C GLY A 78 5.04 -0.19 14.28
N THR A 79 4.98 1.15 14.37
CA THR A 79 3.96 1.82 15.13
C THR A 79 3.28 2.75 14.16
N PRO A 80 1.98 2.67 14.07
CA PRO A 80 1.24 3.52 13.14
C PRO A 80 1.20 4.95 13.59
N LYS A 81 1.80 5.83 12.77
CA LYS A 81 1.82 7.23 13.09
C LYS A 81 1.51 7.95 11.82
N ALA A 82 1.13 9.22 11.95
CA ALA A 82 0.83 9.99 10.77
C ALA A 82 2.15 10.34 10.14
N GLY A 83 2.25 10.09 8.82
CA GLY A 83 3.47 10.39 8.12
C GLY A 83 4.43 9.24 8.23
N VAL A 84 3.98 8.08 8.80
CA VAL A 84 4.89 6.95 8.92
C VAL A 84 5.12 6.38 7.53
N ASP A 85 6.35 5.88 7.29
CA ASP A 85 6.69 5.34 5.98
C ASP A 85 6.40 3.86 5.97
N ILE A 86 6.23 3.31 4.74
CA ILE A 86 5.94 1.90 4.57
C ILE A 86 7.14 1.25 3.98
N VAL A 87 7.58 0.13 4.62
CA VAL A 87 8.74 -0.60 4.15
C VAL A 87 8.37 -2.04 4.11
N GLN A 88 9.19 -2.87 3.41
CA GLN A 88 8.92 -4.29 3.34
C GLN A 88 9.35 -4.85 4.66
N GLN A 89 8.59 -5.82 5.20
CA GLN A 89 8.94 -6.39 6.46
C GLN A 89 8.38 -7.79 6.48
N THR A 90 8.92 -8.65 7.38
CA THR A 90 8.46 -10.02 7.49
C THR A 90 7.03 -10.00 7.95
N GLN A 91 6.24 -10.98 7.46
CA GLN A 91 4.84 -11.07 7.81
C GLN A 91 4.74 -11.50 9.25
N ALA A 92 3.59 -11.18 9.88
CA ALA A 92 3.39 -11.54 11.26
C ALA A 92 2.27 -12.54 11.29
N GLY A 93 1.56 -12.60 12.43
CA GLY A 93 0.45 -13.52 12.56
C GLY A 93 0.91 -14.71 13.36
N SER A 94 2.25 -14.85 13.53
CA SER A 94 2.79 -15.96 14.29
C SER A 94 2.33 -15.82 15.71
N ASN A 95 2.42 -14.61 16.27
CA ASN A 95 2.02 -14.39 17.64
C ASN A 95 1.23 -13.12 17.72
N VAL A 96 0.68 -12.68 16.57
CA VAL A 96 -0.08 -11.46 16.54
C VAL A 96 -1.42 -11.79 15.96
N LYS A 97 -2.50 -11.35 16.65
CA LYS A 97 -3.82 -11.60 16.17
C LYS A 97 -3.96 -10.92 14.84
N ASP A 98 -4.66 -11.57 13.90
CA ASP A 98 -4.83 -11.02 12.57
C ASP A 98 -5.68 -9.78 12.65
N ASP A 99 -6.45 -9.62 13.76
CA ASP A 99 -7.31 -8.47 13.90
C ASP A 99 -6.55 -7.37 14.57
N LEU A 100 -5.31 -7.68 15.00
CA LEU A 100 -4.50 -6.70 15.66
C LEU A 100 -3.28 -6.50 14.83
N ASN A 101 -3.31 -7.07 13.61
CA ASN A 101 -2.17 -6.95 12.72
C ASN A 101 -2.42 -5.74 11.87
N PHE A 102 -1.46 -4.78 11.93
CA PHE A 102 -1.59 -3.54 11.20
C PHE A 102 -1.30 -3.76 9.74
N GLN A 103 -0.82 -4.97 9.35
CA GLN A 103 -0.51 -5.22 7.97
C GLN A 103 -1.81 -5.38 7.23
N LYS A 104 -2.93 -5.53 7.98
CA LYS A 104 -4.23 -5.69 7.37
C LYS A 104 -4.67 -4.35 6.83
N PHE A 105 -5.11 -4.32 5.55
CA PHE A 105 -5.54 -3.08 4.96
C PHE A 105 -7.01 -3.24 4.62
N GLY A 106 -7.73 -2.09 4.62
CA GLY A 106 -9.14 -2.11 4.31
C GLY A 106 -9.27 -1.41 2.98
N LEU A 107 -10.30 -1.77 2.20
CA LEU A 107 -10.45 -1.16 0.90
C LEU A 107 -11.77 -0.44 0.86
N SER A 108 -11.72 0.87 0.60
CA SER A 108 -12.90 1.67 0.51
C SER A 108 -13.41 1.52 -0.90
N PRO A 109 -14.72 1.42 -1.05
CA PRO A 109 -15.33 1.28 -2.37
C PRO A 109 -15.13 2.50 -3.22
N TYR A 110 -14.64 3.61 -2.62
CA TYR A 110 -14.42 4.82 -3.35
C TYR A 110 -13.04 4.77 -3.97
N GLY A 111 -12.28 3.68 -3.71
CA GLY A 111 -10.95 3.57 -4.30
C GLY A 111 -9.92 4.04 -3.32
N HIS A 112 -10.30 4.24 -2.04
CA HIS A 112 -9.34 4.68 -1.06
C HIS A 112 -8.91 3.47 -0.28
N ILE A 113 -7.62 3.44 0.13
CA ILE A 113 -7.10 2.32 0.88
C ILE A 113 -6.73 2.85 2.24
N TYR A 114 -7.27 2.22 3.30
CA TYR A 114 -6.97 2.65 4.64
C TYR A 114 -6.57 1.45 5.42
N LEU A 115 -6.21 1.64 6.70
CA LEU A 115 -5.83 0.51 7.51
C LEU A 115 -7.09 -0.01 8.12
N ALA A 116 -7.13 -1.33 8.37
CA ALA A 116 -8.31 -1.92 8.97
C ALA A 116 -8.36 -1.56 10.43
N ASN A 117 -7.21 -1.17 11.03
CA ASN A 117 -7.19 -0.85 12.43
C ASN A 117 -7.10 0.65 12.60
N LYS A 118 -6.57 1.37 11.60
CA LYS A 118 -6.45 2.80 11.68
C LYS A 118 -6.98 3.36 10.40
N PRO A 119 -8.27 3.54 10.35
CA PRO A 119 -8.94 4.08 9.19
C PRO A 119 -8.60 5.51 8.92
N SER A 120 -7.89 6.16 9.89
CA SER A 120 -7.54 7.53 9.72
C SER A 120 -6.30 7.60 8.88
N LEU A 121 -5.52 6.48 8.85
CA LEU A 121 -4.31 6.45 8.09
C LEU A 121 -4.62 5.81 6.78
N ILE A 122 -4.17 6.46 5.67
CA ILE A 122 -4.43 5.92 4.36
C ILE A 122 -3.14 5.98 3.59
N LEU A 123 -3.10 5.22 2.47
CA LEU A 123 -1.90 5.17 1.68
C LEU A 123 -1.87 6.38 0.79
N GLY A 124 -0.68 6.97 0.64
CA GLY A 124 -0.53 8.14 -0.20
C GLY A 124 0.93 8.31 -0.46
N ILE A 125 1.29 9.31 -1.29
CA ILE A 125 2.68 9.54 -1.60
C ILE A 125 2.96 10.99 -1.37
N LYS A 126 4.26 11.34 -1.19
CA LYS A 126 4.62 12.71 -0.96
C LYS A 126 5.18 13.23 -2.26
N GLU A 127 4.94 14.52 -2.54
CA GLU A 127 5.41 15.10 -3.77
C GLU A 127 6.39 16.18 -3.42
N SER A 128 7.49 16.27 -4.21
CA SER A 128 8.48 17.28 -3.97
C SER A 128 9.07 17.61 -5.31
N PHE A 129 9.64 18.82 -5.43
CA PHE A 129 10.21 19.25 -6.69
C PHE A 129 11.46 18.44 -6.96
N PHE A 130 12.12 17.97 -5.88
CA PHE A 130 13.33 17.19 -6.06
C PHE A 130 13.00 15.75 -5.84
N ALA A 131 11.76 15.35 -6.17
CA ALA A 131 11.37 13.99 -6.00
C ALA A 131 10.64 13.59 -7.22
N ARG A 132 11.32 12.82 -8.08
CA ARG A 132 10.72 12.35 -9.31
C ARG A 132 9.61 11.42 -8.97
N ARG A 133 8.72 11.21 -9.95
CA ARG A 133 7.61 10.30 -9.76
C ARG A 133 8.19 8.93 -9.80
N GLU A 134 9.46 8.81 -10.26
CA GLU A 134 10.08 7.52 -10.33
C GLU A 134 10.87 7.37 -9.09
N GLY A 135 10.22 6.82 -8.06
CA GLY A 135 10.88 6.60 -6.81
C GLY A 135 10.08 7.21 -5.69
N LEU A 136 8.84 7.70 -5.96
CA LEU A 136 8.07 8.26 -4.88
C LEU A 136 7.71 7.13 -3.96
N HIS A 137 7.89 7.35 -2.65
CA HIS A 137 7.60 6.34 -1.67
C HIS A 137 6.22 6.54 -1.14
N VAL A 138 5.62 5.44 -0.67
CA VAL A 138 4.30 5.51 -0.11
C VAL A 138 4.45 5.69 1.37
N HIS A 139 3.55 6.49 1.95
CA HIS A 139 3.59 6.75 3.36
C HIS A 139 2.18 6.85 3.80
N LEU A 140 1.94 6.76 5.12
CA LEU A 140 0.60 6.83 5.62
C LEU A 140 0.32 8.25 5.98
N GLN A 141 -0.76 8.81 5.40
CA GLN A 141 -1.13 10.16 5.69
C GLN A 141 -2.53 10.09 6.20
N LEU A 142 -2.95 11.10 6.99
CA LEU A 142 -4.27 11.08 7.54
C LEU A 142 -5.25 11.55 6.49
N VAL A 143 -6.48 11.01 6.58
CA VAL A 143 -7.52 11.34 5.63
C VAL A 143 -7.85 12.81 5.75
N ASP A 144 -8.40 13.37 4.65
CA ASP A 144 -8.76 14.75 4.62
C ASP A 144 -10.08 14.79 3.89
N LYS A 145 -11.17 14.89 4.67
CA LYS A 145 -12.51 14.89 4.10
C LYS A 145 -12.72 16.14 3.30
N ARG A 146 -11.92 17.17 3.56
CA ARG A 146 -12.04 18.42 2.84
C ARG A 146 -11.64 18.19 1.41
N HIS A 147 -10.78 17.18 1.17
CA HIS A 147 -10.33 16.91 -0.18
C HIS A 147 -10.23 15.43 -0.37
N LEU A 148 -11.35 14.81 -0.78
CA LEU A 148 -11.36 13.38 -1.01
C LEU A 148 -11.23 13.14 -2.48
N ASP A 149 -11.06 14.23 -3.27
CA ASP A 149 -10.95 14.09 -4.70
C ASP A 149 -9.50 14.14 -5.09
N ARG A 150 -8.60 13.77 -4.16
CA ARG A 150 -7.21 13.78 -4.46
C ARG A 150 -6.89 12.48 -5.15
N LYS A 151 -6.28 12.59 -6.35
CA LYS A 151 -5.95 11.43 -7.11
C LYS A 151 -4.82 10.70 -6.43
N GLU A 152 -4.05 11.43 -5.60
CA GLU A 152 -2.92 10.83 -4.93
C GLU A 152 -3.42 9.95 -3.82
N GLN A 153 -4.66 10.19 -3.35
CA GLN A 153 -5.21 9.37 -2.29
C GLN A 153 -6.17 8.41 -2.93
N ARG A 154 -6.28 8.46 -4.28
CA ARG A 154 -7.19 7.59 -4.97
C ARG A 154 -6.34 6.49 -5.57
N TRP A 155 -6.77 5.22 -5.37
CA TRP A 155 -6.00 4.11 -5.88
C TRP A 155 -6.82 3.33 -6.85
N ASP A 156 -6.15 2.84 -7.92
CA ASP A 156 -6.81 2.05 -8.92
C ASP A 156 -6.13 0.71 -8.94
N PHE A 157 -6.87 -0.33 -9.34
CA PHE A 157 -6.30 -1.67 -9.39
C PHE A 157 -6.34 -2.11 -10.81
N VAL A 158 -5.26 -2.79 -11.25
CA VAL A 158 -5.18 -3.26 -12.61
C VAL A 158 -4.84 -4.71 -12.54
N LEU A 159 -5.39 -5.50 -13.48
CA LEU A 159 -5.13 -6.92 -13.51
C LEU A 159 -4.28 -7.16 -14.71
N PRO A 160 -3.47 -8.20 -14.67
CA PRO A 160 -2.59 -8.54 -15.77
C PRO A 160 -3.32 -9.02 -16.98
N VAL A 161 -2.74 -8.74 -18.17
CA VAL A 161 -3.36 -9.16 -19.40
C VAL A 161 -2.26 -9.49 -20.35
N VAL A 162 -2.48 -10.52 -21.21
CA VAL A 162 -1.47 -10.91 -22.15
C VAL A 162 -1.61 -10.01 -23.39
N MET A 1 -7.96 9.65 16.31
CA MET A 1 -7.40 8.30 16.03
C MET A 1 -8.17 7.24 16.78
N ALA A 2 -9.52 7.29 16.69
CA ALA A 2 -10.33 6.32 17.37
C ALA A 2 -11.61 6.20 16.61
N ALA A 3 -12.24 5.00 16.69
CA ALA A 3 -13.49 4.75 16.01
C ALA A 3 -13.21 4.68 14.54
N ALA A 4 -14.29 4.68 13.72
CA ALA A 4 -14.12 4.61 12.29
C ALA A 4 -15.34 5.23 11.69
N MET A 5 -15.16 5.92 10.54
CA MET A 5 -16.28 6.53 9.87
C MET A 5 -16.47 5.80 8.56
N PHE A 6 -15.61 4.79 8.32
CA PHE A 6 -15.71 4.03 7.10
C PHE A 6 -16.25 2.68 7.47
N GLU A 7 -17.57 2.63 7.71
CA GLU A 7 -18.20 1.38 8.08
C GLU A 7 -18.24 0.48 6.87
N LYS A 8 -18.18 1.08 5.67
CA LYS A 8 -18.20 0.31 4.45
C LYS A 8 -16.84 -0.27 4.23
N SER A 9 -16.80 -1.49 3.68
CA SER A 9 -15.53 -2.14 3.41
C SER A 9 -15.71 -2.95 2.17
N GLU A 10 -14.59 -3.21 1.46
CA GLU A 10 -14.62 -3.98 0.25
C GLU A 10 -13.45 -4.92 0.33
N LYS A 11 -13.41 -5.88 -0.60
CA LYS A 11 -12.34 -6.83 -0.62
C LYS A 11 -11.42 -6.48 -1.75
N PHE A 12 -10.20 -7.02 -1.68
CA PHE A 12 -9.21 -6.76 -2.70
C PHE A 12 -9.38 -7.86 -3.73
N PRO A 13 -8.93 -7.60 -4.95
CA PRO A 13 -9.04 -8.58 -6.01
C PRO A 13 -8.19 -9.78 -5.77
N GLU A 14 -8.64 -10.95 -6.27
CA GLU A 14 -7.89 -12.17 -6.07
C GLU A 14 -7.03 -12.39 -7.26
N GLY A 15 -5.98 -13.21 -7.07
CA GLY A 15 -5.07 -13.49 -8.15
C GLY A 15 -3.97 -12.48 -8.11
N TRP A 16 -3.26 -12.34 -9.24
CA TRP A 16 -2.17 -11.39 -9.33
C TRP A 16 -2.79 -10.07 -9.66
N PHE A 17 -2.26 -8.95 -9.12
CA PHE A 17 -2.84 -7.68 -9.42
C PHE A 17 -1.80 -6.64 -9.19
N PHE A 18 -2.05 -5.43 -9.75
CA PHE A 18 -1.12 -4.35 -9.62
C PHE A 18 -1.84 -3.22 -8.96
N ILE A 19 -1.15 -2.51 -8.04
CA ILE A 19 -1.74 -1.38 -7.37
C ILE A 19 -1.09 -0.19 -7.96
N LYS A 20 -1.87 0.71 -8.60
CA LYS A 20 -1.27 1.87 -9.21
C LYS A 20 -1.89 3.09 -8.62
N ASN A 21 -1.07 4.15 -8.52
CA ASN A 21 -1.55 5.41 -8.01
C ASN A 21 -2.06 6.16 -9.20
N ASN A 22 -3.31 6.66 -9.11
CA ASN A 22 -3.93 7.37 -10.22
C ASN A 22 -3.18 8.65 -10.57
N SER A 23 -2.32 9.18 -9.66
CA SER A 23 -1.62 10.42 -9.95
C SER A 23 -0.72 10.25 -11.14
N ASN A 24 0.07 9.15 -11.20
CA ASN A 24 0.98 8.99 -12.30
C ASN A 24 0.76 7.65 -12.98
N GLY A 25 -0.09 6.78 -12.42
CA GLY A 25 -0.34 5.50 -13.04
C GLY A 25 0.80 4.56 -12.73
N TYR A 26 1.68 4.93 -11.77
CA TYR A 26 2.80 4.09 -11.43
C TYR A 26 2.30 3.08 -10.43
N VAL A 27 2.99 1.92 -10.33
CA VAL A 27 2.56 0.88 -9.43
C VAL A 27 3.56 0.74 -8.32
N LEU A 28 3.09 0.14 -7.20
CA LEU A 28 3.92 -0.07 -6.04
C LEU A 28 5.00 -1.06 -6.38
N MET A 29 6.24 -0.69 -6.02
CA MET A 29 7.37 -1.54 -6.26
C MET A 29 8.31 -1.32 -5.11
N VAL A 30 9.33 -2.20 -4.95
CA VAL A 30 10.29 -2.01 -3.89
C VAL A 30 11.08 -0.77 -4.25
N ASP A 31 11.75 -0.14 -3.26
CA ASP A 31 12.51 1.08 -3.50
C ASP A 31 13.48 0.88 -4.63
N ASN A 32 14.14 -0.29 -4.68
CA ASN A 32 15.10 -0.51 -5.73
C ASN A 32 15.38 -1.99 -5.83
N GLU A 33 14.31 -2.81 -5.90
CA GLU A 33 14.47 -4.25 -6.02
C GLU A 33 15.31 -4.75 -4.87
N SER A 34 14.96 -4.35 -3.63
CA SER A 34 15.71 -4.78 -2.48
C SER A 34 15.04 -5.99 -1.93
N GLN A 35 15.69 -7.16 -2.09
CA GLN A 35 15.14 -8.38 -1.57
C GLN A 35 15.69 -8.55 -0.18
N GLU A 36 16.58 -7.62 0.21
CA GLU A 36 17.18 -7.68 1.52
C GLU A 36 16.25 -7.06 2.51
N SER A 37 15.15 -6.48 1.99
CA SER A 37 14.16 -5.85 2.83
C SER A 37 14.76 -4.60 3.44
N GLY A 38 14.01 -3.98 4.37
CA GLY A 38 14.50 -2.79 5.03
C GLY A 38 14.50 -1.64 4.07
N SER A 39 13.63 -1.69 3.02
CA SER A 39 13.58 -0.61 2.06
C SER A 39 12.15 -0.18 1.96
N PRO A 40 11.96 1.09 1.69
CA PRO A 40 10.63 1.66 1.55
C PRO A 40 9.94 1.26 0.29
N ILE A 41 8.59 1.35 0.29
CA ILE A 41 7.83 0.99 -0.89
C ILE A 41 7.76 2.23 -1.72
N VAL A 42 8.05 2.13 -3.04
CA VAL A 42 8.02 3.30 -3.89
C VAL A 42 7.22 2.98 -5.12
N LEU A 43 6.85 4.03 -5.87
CA LEU A 43 6.07 3.85 -7.07
C LEU A 43 7.02 3.83 -8.24
N ALA A 44 6.71 2.98 -9.24
CA ALA A 44 7.56 2.87 -10.39
C ALA A 44 6.69 2.63 -11.59
N THR A 45 7.18 3.10 -12.78
CA THR A 45 6.44 2.91 -14.02
C THR A 45 6.25 1.42 -14.22
N LEU A 46 5.10 1.06 -14.81
CA LEU A 46 4.82 -0.34 -15.06
C LEU A 46 5.79 -0.86 -16.06
N ARG A 47 6.39 -2.03 -15.74
CA ARG A 47 7.35 -2.64 -16.64
C ARG A 47 7.06 -4.09 -16.66
N THR A 48 7.17 -4.69 -17.86
CA THR A 48 6.93 -6.10 -18.03
C THR A 48 7.98 -6.82 -17.25
N LYS A 49 9.20 -6.24 -17.25
CA LYS A 49 10.31 -6.85 -16.55
C LYS A 49 10.10 -6.61 -15.08
N ASP A 50 10.46 -7.62 -14.25
CA ASP A 50 10.29 -7.51 -12.81
C ASP A 50 8.83 -7.30 -12.53
N TYR A 51 7.97 -8.08 -13.24
CA TYR A 51 6.54 -7.97 -13.05
C TYR A 51 6.20 -8.51 -11.71
N ALA A 52 6.97 -9.51 -11.24
CA ALA A 52 6.72 -10.12 -9.96
C ALA A 52 6.88 -9.10 -8.86
N SER A 53 7.87 -8.21 -9.00
CA SER A 53 8.15 -7.20 -8.00
C SER A 53 7.05 -6.19 -8.02
N GLN A 54 6.32 -6.09 -9.14
CA GLN A 54 5.26 -5.13 -9.24
C GLN A 54 3.95 -5.85 -9.01
N LEU A 55 4.02 -7.15 -8.69
CA LEU A 55 2.82 -7.92 -8.46
C LEU A 55 2.63 -8.08 -6.99
N TRP A 56 1.37 -7.94 -6.54
CA TRP A 56 1.05 -8.04 -5.16
C TRP A 56 -0.02 -9.08 -5.03
N ARG A 57 -0.07 -9.75 -3.86
CA ARG A 57 -1.02 -10.80 -3.65
C ARG A 57 -1.73 -10.53 -2.37
N HIS A 58 -3.07 -10.67 -2.38
CA HIS A 58 -3.84 -10.42 -1.21
C HIS A 58 -3.98 -11.72 -0.46
N ASP A 59 -3.35 -11.80 0.73
CA ASP A 59 -3.43 -13.00 1.51
C ASP A 59 -4.68 -12.92 2.33
N PRO A 60 -5.18 -14.07 2.73
CA PRO A 60 -6.41 -14.14 3.53
C PRO A 60 -6.28 -13.49 4.87
N SER A 61 -5.03 -13.18 5.28
CA SER A 61 -4.80 -12.54 6.55
C SER A 61 -5.30 -11.12 6.45
N GLY A 62 -5.44 -10.61 5.20
CA GLY A 62 -5.95 -9.27 5.00
C GLY A 62 -4.83 -8.36 4.62
N TYR A 63 -3.62 -8.90 4.33
CA TYR A 63 -2.53 -8.02 3.95
C TYR A 63 -2.02 -8.42 2.59
N LEU A 64 -1.28 -7.49 1.95
CA LEU A 64 -0.76 -7.70 0.61
C LEU A 64 0.67 -8.10 0.73
N VAL A 65 1.03 -9.15 -0.06
CA VAL A 65 2.39 -9.66 -0.04
C VAL A 65 2.98 -9.46 -1.40
N ASN A 66 4.25 -9.00 -1.46
CA ASN A 66 4.90 -8.80 -2.72
C ASN A 66 5.29 -10.17 -3.19
N LYS A 67 4.92 -10.54 -4.42
CA LYS A 67 5.22 -11.87 -4.91
C LYS A 67 6.70 -12.08 -5.03
N LYS A 68 7.46 -11.05 -5.44
CA LYS A 68 8.88 -11.23 -5.64
C LYS A 68 9.60 -11.29 -4.32
N SER A 69 9.40 -10.26 -3.48
CA SER A 69 10.08 -10.21 -2.21
C SER A 69 9.52 -11.25 -1.29
N GLY A 70 8.19 -11.44 -1.32
CA GLY A 70 7.58 -12.39 -0.43
C GLY A 70 7.44 -11.69 0.89
N GLN A 71 7.67 -10.36 0.88
CA GLN A 71 7.59 -9.57 2.07
C GLN A 71 6.26 -8.91 2.10
N VAL A 72 5.85 -8.42 3.29
CA VAL A 72 4.57 -7.80 3.45
C VAL A 72 4.80 -6.34 3.70
N MET A 73 3.83 -5.50 3.29
CA MET A 73 3.94 -4.08 3.50
C MET A 73 3.80 -3.85 4.98
N ASP A 74 4.59 -2.93 5.55
CA ASP A 74 4.48 -2.70 6.97
C ASP A 74 5.01 -1.34 7.27
N ILE A 75 4.79 -0.86 8.51
CA ILE A 75 5.26 0.45 8.89
C ILE A 75 6.69 0.31 9.32
N ALA A 76 7.50 1.34 8.97
CA ALA A 76 8.91 1.35 9.31
C ALA A 76 9.06 1.50 10.80
N LYS A 77 8.24 2.39 11.39
CA LYS A 77 8.32 2.63 12.81
C LYS A 77 7.81 1.44 13.55
N GLY A 78 6.82 0.76 12.97
CA GLY A 78 6.23 -0.38 13.62
C GLY A 78 5.11 0.16 14.44
N THR A 79 5.02 1.51 14.49
CA THR A 79 3.99 2.16 15.23
C THR A 79 3.30 3.05 14.25
N PRO A 80 1.99 2.93 14.14
CA PRO A 80 1.24 3.74 13.19
C PRO A 80 1.18 5.19 13.58
N LYS A 81 1.79 6.05 12.74
CA LYS A 81 1.79 7.46 13.01
C LYS A 81 1.47 8.13 11.73
N ALA A 82 1.08 9.41 11.82
CA ALA A 82 0.75 10.15 10.64
C ALA A 82 2.04 10.51 9.98
N GLY A 83 2.14 10.22 8.66
CA GLY A 83 3.34 10.54 7.93
C GLY A 83 4.33 9.41 8.08
N VAL A 84 3.93 8.27 8.70
CA VAL A 84 4.87 7.18 8.86
C VAL A 84 5.10 6.57 7.49
N ASP A 85 6.36 6.14 7.21
CA ASP A 85 6.69 5.58 5.94
C ASP A 85 6.38 4.10 5.95
N ILE A 86 6.14 3.54 4.74
CA ILE A 86 5.83 2.14 4.62
C ILE A 86 7.04 1.47 4.03
N VAL A 87 7.51 0.39 4.71
CA VAL A 87 8.67 -0.33 4.26
C VAL A 87 8.32 -1.79 4.23
N GLN A 88 9.21 -2.60 3.61
CA GLN A 88 8.96 -4.03 3.55
C GLN A 88 9.37 -4.64 4.85
N GLN A 89 8.59 -5.65 5.32
CA GLN A 89 8.90 -6.32 6.56
C GLN A 89 8.50 -7.76 6.39
N THR A 90 8.88 -8.61 7.37
CA THR A 90 8.55 -10.01 7.31
C THR A 90 7.08 -10.16 7.53
N GLN A 91 6.57 -11.38 7.28
CA GLN A 91 5.16 -11.66 7.43
C GLN A 91 4.91 -11.98 8.87
N ALA A 92 3.64 -11.79 9.31
CA ALA A 92 3.28 -12.07 10.68
C ALA A 92 3.25 -13.56 10.85
N GLY A 93 3.53 -14.03 12.08
CA GLY A 93 3.52 -15.45 12.35
C GLY A 93 2.11 -15.83 12.67
N SER A 94 1.92 -17.09 13.13
CA SER A 94 0.61 -17.56 13.45
C SER A 94 0.29 -17.17 14.87
N ASN A 95 1.22 -16.45 15.53
CA ASN A 95 1.00 -16.04 16.90
C ASN A 95 0.52 -14.62 16.90
N VAL A 96 0.15 -14.10 15.72
CA VAL A 96 -0.33 -12.74 15.63
C VAL A 96 -1.79 -12.82 15.29
N LYS A 97 -2.63 -12.19 16.15
CA LYS A 97 -4.04 -12.17 15.94
C LYS A 97 -4.30 -11.37 14.69
N ASP A 98 -5.40 -11.70 13.97
CA ASP A 98 -5.72 -11.00 12.77
C ASP A 98 -6.08 -9.57 13.10
N ASP A 99 -6.44 -9.32 14.38
CA ASP A 99 -6.81 -7.98 14.79
C ASP A 99 -5.58 -7.26 15.27
N LEU A 100 -4.45 -7.98 15.26
CA LEU A 100 -3.20 -7.38 15.69
C LEU A 100 -2.33 -7.27 14.49
N ASN A 101 -2.89 -7.59 13.32
CA ASN A 101 -2.15 -7.50 12.10
C ASN A 101 -2.24 -6.09 11.63
N PHE A 102 -1.09 -5.38 11.67
CA PHE A 102 -1.05 -4.00 11.27
C PHE A 102 -0.87 -3.92 9.78
N GLN A 103 -0.57 -5.06 9.12
CA GLN A 103 -0.38 -5.04 7.70
C GLN A 103 -1.72 -5.16 7.05
N LYS A 104 -2.76 -5.50 7.84
CA LYS A 104 -4.10 -5.64 7.32
C LYS A 104 -4.58 -4.30 6.81
N PHE A 105 -5.11 -4.29 5.57
CA PHE A 105 -5.60 -3.06 4.98
C PHE A 105 -7.06 -3.22 4.69
N GLY A 106 -7.78 -2.08 4.65
CA GLY A 106 -9.19 -2.08 4.36
C GLY A 106 -9.34 -1.42 3.04
N LEU A 107 -10.47 -1.68 2.34
CA LEU A 107 -10.65 -1.08 1.03
C LEU A 107 -11.99 -0.44 1.01
N SER A 108 -12.05 0.83 0.56
CA SER A 108 -13.30 1.53 0.48
C SER A 108 -13.70 1.55 -0.98
N PRO A 109 -14.98 1.68 -1.23
CA PRO A 109 -15.49 1.75 -2.60
C PRO A 109 -15.13 3.02 -3.30
N TYR A 110 -14.56 3.99 -2.54
CA TYR A 110 -14.20 5.25 -3.10
C TYR A 110 -12.85 5.11 -3.76
N GLY A 111 -12.17 3.96 -3.53
CA GLY A 111 -10.87 3.75 -4.15
C GLY A 111 -9.80 4.16 -3.19
N HIS A 112 -10.16 4.39 -1.91
CA HIS A 112 -9.17 4.78 -0.93
C HIS A 112 -8.82 3.56 -0.14
N ILE A 113 -7.51 3.37 0.14
CA ILE A 113 -7.06 2.23 0.89
C ILE A 113 -6.62 2.74 2.23
N TYR A 114 -7.19 2.17 3.32
CA TYR A 114 -6.85 2.60 4.65
C TYR A 114 -6.46 1.38 5.41
N LEU A 115 -6.10 1.56 6.69
CA LEU A 115 -5.74 0.42 7.50
C LEU A 115 -7.01 -0.05 8.12
N ALA A 116 -7.11 -1.37 8.37
CA ALA A 116 -8.30 -1.92 8.96
C ALA A 116 -8.37 -1.51 10.40
N ASN A 117 -7.21 -1.21 11.03
CA ASN A 117 -7.20 -0.86 12.43
C ASN A 117 -7.06 0.63 12.58
N LYS A 118 -6.55 1.32 11.54
CA LYS A 118 -6.37 2.75 11.61
C LYS A 118 -6.95 3.33 10.36
N PRO A 119 -8.23 3.54 10.36
CA PRO A 119 -8.94 4.11 9.22
C PRO A 119 -8.60 5.53 8.96
N SER A 120 -7.86 6.17 9.90
CA SER A 120 -7.50 7.55 9.72
C SER A 120 -6.28 7.60 8.86
N LEU A 121 -5.51 6.48 8.83
CA LEU A 121 -4.30 6.44 8.05
C LEU A 121 -4.63 5.78 6.75
N ILE A 122 -4.20 6.41 5.63
CA ILE A 122 -4.45 5.86 4.34
C ILE A 122 -3.17 5.92 3.57
N LEU A 123 -3.10 5.15 2.46
CA LEU A 123 -1.89 5.12 1.67
C LEU A 123 -1.88 6.34 0.81
N GLY A 124 -0.70 6.99 0.69
CA GLY A 124 -0.59 8.18 -0.11
C GLY A 124 0.85 8.38 -0.42
N ILE A 125 1.16 9.42 -1.23
CA ILE A 125 2.51 9.70 -1.60
C ILE A 125 2.72 11.17 -1.49
N LYS A 126 4.01 11.59 -1.38
CA LYS A 126 4.30 12.99 -1.28
C LYS A 126 4.93 13.36 -2.59
N GLU A 127 4.66 14.60 -3.06
CA GLU A 127 5.21 15.01 -4.32
C GLU A 127 5.77 16.40 -4.16
N SER A 128 6.88 16.67 -4.86
CA SER A 128 7.51 17.95 -4.79
C SER A 128 8.16 18.16 -6.12
N PHE A 129 8.76 19.35 -6.34
CA PHE A 129 9.43 19.64 -7.58
C PHE A 129 10.69 18.83 -7.64
N PHE A 130 11.27 18.53 -6.46
CA PHE A 130 12.49 17.77 -6.41
C PHE A 130 12.14 16.37 -5.99
N ALA A 131 10.98 15.87 -6.47
CA ALA A 131 10.56 14.55 -6.11
C ALA A 131 10.34 13.80 -7.39
N ARG A 132 11.29 12.92 -7.71
CA ARG A 132 11.22 12.11 -8.90
C ARG A 132 10.02 11.22 -8.78
N ARG A 133 9.17 11.21 -9.83
CA ARG A 133 7.97 10.39 -9.83
C ARG A 133 8.38 8.96 -9.76
N GLU A 134 9.49 8.62 -10.42
CA GLU A 134 9.97 7.27 -10.41
C GLU A 134 10.75 7.11 -9.16
N GLY A 135 10.03 6.75 -8.10
CA GLY A 135 10.66 6.57 -6.81
C GLY A 135 9.82 7.22 -5.76
N LEU A 136 8.58 7.68 -6.08
CA LEU A 136 7.76 8.28 -5.04
C LEU A 136 7.46 7.20 -4.04
N HIS A 137 7.73 7.48 -2.76
CA HIS A 137 7.54 6.50 -1.73
C HIS A 137 6.13 6.57 -1.21
N VAL A 138 5.66 5.43 -0.68
CA VAL A 138 4.33 5.37 -0.14
C VAL A 138 4.48 5.57 1.34
N HIS A 139 3.54 6.32 1.91
CA HIS A 139 3.58 6.59 3.32
C HIS A 139 2.16 6.72 3.76
N LEU A 140 1.91 6.72 5.09
CA LEU A 140 0.56 6.82 5.56
C LEU A 140 0.25 8.26 5.77
N GLN A 141 -0.82 8.72 5.12
CA GLN A 141 -1.23 10.10 5.23
C GLN A 141 -2.58 10.06 5.88
N LEU A 142 -2.87 11.03 6.78
CA LEU A 142 -4.15 11.03 7.42
C LEU A 142 -5.17 11.51 6.43
N VAL A 143 -6.41 10.96 6.53
CA VAL A 143 -7.48 11.32 5.63
C VAL A 143 -7.78 12.78 5.78
N ASP A 144 -8.32 13.37 4.69
CA ASP A 144 -8.65 14.76 4.71
C ASP A 144 -9.84 14.89 3.80
N LYS A 145 -11.04 15.00 4.41
CA LYS A 145 -12.27 15.08 3.64
C LYS A 145 -12.34 16.41 2.93
N ARG A 146 -11.53 17.38 3.39
CA ARG A 146 -11.53 18.68 2.77
C ARG A 146 -10.97 18.56 1.38
N HIS A 147 -10.12 17.54 1.15
CA HIS A 147 -9.52 17.37 -0.16
C HIS A 147 -9.61 15.92 -0.54
N LEU A 148 -10.76 15.52 -1.10
CA LEU A 148 -10.94 14.15 -1.53
C LEU A 148 -10.79 14.10 -3.02
N ASP A 149 -10.44 15.25 -3.63
CA ASP A 149 -10.29 15.30 -5.07
C ASP A 149 -8.84 15.15 -5.43
N ARG A 150 -8.04 14.56 -4.52
CA ARG A 150 -6.65 14.38 -4.79
C ARG A 150 -6.49 13.04 -5.43
N LYS A 151 -6.05 13.04 -6.72
CA LYS A 151 -5.87 11.81 -7.46
C LYS A 151 -4.72 11.04 -6.86
N GLU A 152 -3.82 11.71 -6.13
CA GLU A 152 -2.68 11.05 -5.53
C GLU A 152 -3.16 10.22 -4.37
N GLN A 153 -4.38 10.49 -3.87
CA GLN A 153 -4.89 9.72 -2.77
C GLN A 153 -5.87 8.74 -3.34
N ARG A 154 -6.02 8.74 -4.68
CA ARG A 154 -6.93 7.82 -5.31
C ARG A 154 -6.11 6.65 -5.76
N TRP A 155 -6.58 5.42 -5.49
CA TRP A 155 -5.84 4.25 -5.85
C TRP A 155 -6.67 3.45 -6.81
N ASP A 156 -6.00 2.89 -7.85
CA ASP A 156 -6.70 2.08 -8.82
C ASP A 156 -6.01 0.75 -8.83
N PHE A 157 -6.73 -0.29 -9.32
CA PHE A 157 -6.18 -1.61 -9.35
C PHE A 157 -6.18 -2.04 -10.79
N VAL A 158 -5.12 -2.76 -11.20
CA VAL A 158 -5.03 -3.23 -12.55
C VAL A 158 -4.76 -4.69 -12.49
N LEU A 159 -5.32 -5.45 -13.45
CA LEU A 159 -5.12 -6.87 -13.49
C LEU A 159 -4.25 -7.16 -14.67
N PRO A 160 -3.50 -8.25 -14.60
CA PRO A 160 -2.61 -8.62 -15.68
C PRO A 160 -3.32 -9.05 -16.92
N VAL A 161 -2.68 -8.83 -18.08
CA VAL A 161 -3.28 -9.20 -19.34
C VAL A 161 -2.36 -10.20 -19.97
N VAL A 162 -2.92 -11.38 -20.34
CA VAL A 162 -2.12 -12.40 -20.96
C VAL A 162 -2.15 -12.17 -22.47
N MET A 1 -12.75 11.30 19.74
CA MET A 1 -11.33 11.54 19.31
C MET A 1 -10.96 10.63 18.17
N ALA A 2 -11.49 9.38 18.20
CA ALA A 2 -11.18 8.45 17.15
C ALA A 2 -12.47 7.79 16.76
N ALA A 3 -12.66 7.53 15.45
CA ALA A 3 -13.86 6.90 14.99
C ALA A 3 -13.53 6.22 13.71
N ALA A 4 -14.32 5.20 13.34
CA ALA A 4 -14.08 4.48 12.12
C ALA A 4 -14.86 5.15 11.03
N MET A 5 -14.17 5.97 10.21
CA MET A 5 -14.82 6.66 9.12
C MET A 5 -15.31 5.63 8.15
N PHE A 6 -14.48 4.60 7.91
CA PHE A 6 -14.84 3.56 6.98
C PHE A 6 -14.91 2.29 7.77
N GLU A 7 -16.08 2.05 8.40
CA GLU A 7 -16.27 0.86 9.18
C GLU A 7 -16.39 -0.33 8.26
N LYS A 8 -16.75 -0.08 6.99
CA LYS A 8 -16.89 -1.16 6.04
C LYS A 8 -15.64 -1.20 5.21
N SER A 9 -15.25 -2.43 4.78
CA SER A 9 -14.06 -2.58 3.98
C SER A 9 -14.37 -3.58 2.91
N GLU A 10 -13.79 -3.37 1.71
CA GLU A 10 -14.00 -4.29 0.62
C GLU A 10 -12.77 -5.12 0.50
N LYS A 11 -12.89 -6.27 -0.19
CA LYS A 11 -11.78 -7.16 -0.34
C LYS A 11 -11.00 -6.75 -1.56
N PHE A 12 -9.74 -7.22 -1.61
CA PHE A 12 -8.87 -6.93 -2.72
C PHE A 12 -9.15 -7.98 -3.77
N PRO A 13 -8.81 -7.67 -5.00
CA PRO A 13 -9.03 -8.60 -6.10
C PRO A 13 -8.17 -9.83 -5.97
N GLU A 14 -8.69 -10.98 -6.47
CA GLU A 14 -7.96 -12.21 -6.38
C GLU A 14 -7.04 -12.34 -7.55
N GLY A 15 -5.98 -13.14 -7.36
CA GLY A 15 -5.02 -13.35 -8.42
C GLY A 15 -3.98 -12.29 -8.31
N TRP A 16 -3.14 -12.18 -9.35
CA TRP A 16 -2.10 -11.19 -9.39
C TRP A 16 -2.75 -9.88 -9.70
N PHE A 17 -2.26 -8.77 -9.12
CA PHE A 17 -2.86 -7.49 -9.39
C PHE A 17 -1.83 -6.44 -9.17
N PHE A 18 -2.07 -5.25 -9.75
CA PHE A 18 -1.14 -4.16 -9.63
C PHE A 18 -1.86 -3.03 -8.95
N ILE A 19 -1.17 -2.36 -8.02
CA ILE A 19 -1.77 -1.23 -7.33
C ILE A 19 -1.23 -0.02 -8.02
N LYS A 20 -2.12 0.73 -8.70
CA LYS A 20 -1.68 1.89 -9.44
C LYS A 20 -2.17 3.14 -8.78
N ASN A 21 -1.25 4.10 -8.57
CA ASN A 21 -1.61 5.36 -7.98
C ASN A 21 -2.15 6.20 -9.12
N ASN A 22 -3.39 6.69 -9.00
CA ASN A 22 -4.01 7.46 -10.06
C ASN A 22 -3.24 8.71 -10.39
N SER A 23 -2.64 9.39 -9.39
CA SER A 23 -1.96 10.65 -9.65
C SER A 23 -0.77 10.46 -10.53
N ASN A 24 0.04 9.41 -10.28
CA ASN A 24 1.25 9.24 -11.06
C ASN A 24 1.02 8.22 -12.15
N GLY A 25 0.04 7.32 -11.98
CA GLY A 25 -0.20 6.31 -12.99
C GLY A 25 0.88 5.27 -12.86
N TYR A 26 1.56 5.24 -11.70
CA TYR A 26 2.63 4.30 -11.46
C TYR A 26 2.12 3.27 -10.50
N VAL A 27 2.85 2.14 -10.35
CA VAL A 27 2.40 1.08 -9.48
C VAL A 27 3.41 0.89 -8.39
N LEU A 28 2.96 0.24 -7.28
CA LEU A 28 3.80 -0.01 -6.15
C LEU A 28 4.87 -1.00 -6.52
N MET A 29 6.12 -0.66 -6.14
CA MET A 29 7.24 -1.52 -6.40
C MET A 29 8.16 -1.33 -5.23
N VAL A 30 9.14 -2.26 -5.03
CA VAL A 30 10.08 -2.08 -3.96
C VAL A 30 10.92 -0.89 -4.33
N ASP A 31 11.68 -0.33 -3.36
CA ASP A 31 12.50 0.86 -3.60
C ASP A 31 13.34 0.68 -4.86
N ASN A 32 13.91 -0.52 -5.06
CA ASN A 32 14.73 -0.73 -6.22
C ASN A 32 14.87 -2.21 -6.42
N GLU A 33 13.73 -2.94 -6.43
CA GLU A 33 13.74 -4.38 -6.62
C GLU A 33 14.63 -4.99 -5.56
N SER A 34 14.47 -4.51 -4.31
CA SER A 34 15.26 -5.01 -3.22
C SER A 34 14.56 -6.20 -2.65
N GLN A 35 15.30 -7.31 -2.51
CA GLN A 35 14.73 -8.51 -1.95
C GLN A 35 15.03 -8.48 -0.48
N GLU A 36 15.76 -7.43 -0.03
CA GLU A 36 16.09 -7.35 1.37
C GLU A 36 14.97 -6.62 2.07
N SER A 37 14.65 -7.05 3.31
CA SER A 37 13.59 -6.45 4.07
C SER A 37 14.07 -5.13 4.60
N GLY A 38 13.11 -4.22 4.90
CA GLY A 38 13.47 -2.93 5.44
C GLY A 38 13.59 -1.95 4.30
N SER A 39 13.21 -2.37 3.07
CA SER A 39 13.30 -1.47 1.95
C SER A 39 11.97 -0.80 1.81
N PRO A 40 11.98 0.49 1.57
CA PRO A 40 10.75 1.25 1.42
C PRO A 40 10.02 0.92 0.16
N ILE A 41 8.69 1.13 0.17
CA ILE A 41 7.88 0.84 -1.00
C ILE A 41 7.82 2.11 -1.79
N VAL A 42 8.09 2.04 -3.12
CA VAL A 42 8.08 3.23 -3.92
C VAL A 42 7.27 2.96 -5.16
N LEU A 43 6.87 4.05 -5.86
CA LEU A 43 6.09 3.91 -7.06
C LEU A 43 7.01 3.87 -8.24
N ALA A 44 6.67 3.02 -9.22
CA ALA A 44 7.47 2.90 -10.41
C ALA A 44 6.53 2.66 -11.55
N THR A 45 6.91 3.11 -12.77
CA THR A 45 6.06 2.89 -13.92
C THR A 45 5.94 1.43 -14.17
N LEU A 46 4.84 1.04 -14.83
CA LEU A 46 4.59 -0.34 -15.13
C LEU A 46 5.67 -0.82 -16.06
N ARG A 47 6.13 -2.07 -15.80
CA ARG A 47 7.17 -2.65 -16.62
C ARG A 47 6.68 -3.98 -17.10
N THR A 48 7.10 -4.36 -18.32
CA THR A 48 6.70 -5.62 -18.89
C THR A 48 7.67 -6.66 -18.43
N LYS A 49 8.81 -6.21 -17.85
CA LYS A 49 9.81 -7.14 -17.39
C LYS A 49 10.00 -6.90 -15.91
N ASP A 50 10.25 -8.00 -15.15
CA ASP A 50 10.46 -7.88 -13.72
C ASP A 50 9.24 -7.25 -13.11
N TYR A 51 8.04 -7.64 -13.61
CA TYR A 51 6.82 -7.07 -13.12
C TYR A 51 6.38 -7.83 -11.90
N ALA A 52 7.12 -8.91 -11.55
CA ALA A 52 6.78 -9.71 -10.39
C ALA A 52 6.91 -8.85 -9.17
N SER A 53 7.90 -7.94 -9.17
CA SER A 53 8.14 -7.08 -8.04
C SER A 53 7.04 -6.04 -7.98
N GLN A 54 6.27 -5.92 -9.07
CA GLN A 54 5.20 -4.95 -9.11
C GLN A 54 3.92 -5.70 -8.88
N LEU A 55 4.01 -7.03 -8.65
CA LEU A 55 2.81 -7.82 -8.42
C LEU A 55 2.63 -8.00 -6.95
N TRP A 56 1.36 -7.86 -6.51
CA TRP A 56 1.05 -7.99 -5.13
C TRP A 56 -0.04 -9.01 -5.01
N ARG A 57 -0.06 -9.72 -3.88
CA ARG A 57 -1.05 -10.75 -3.66
C ARG A 57 -1.61 -10.55 -2.31
N HIS A 58 -2.95 -10.53 -2.19
CA HIS A 58 -3.55 -10.31 -0.90
C HIS A 58 -3.80 -11.65 -0.28
N ASP A 59 -3.34 -11.81 0.97
CA ASP A 59 -3.55 -13.04 1.70
C ASP A 59 -4.91 -12.91 2.32
N PRO A 60 -5.51 -14.03 2.69
CA PRO A 60 -6.82 -14.04 3.32
C PRO A 60 -6.91 -13.21 4.57
N SER A 61 -5.76 -13.02 5.26
CA SER A 61 -5.76 -12.23 6.46
C SER A 61 -5.92 -10.78 6.07
N GLY A 62 -5.64 -10.45 4.78
CA GLY A 62 -5.78 -9.09 4.33
C GLY A 62 -4.44 -8.46 4.17
N TYR A 63 -3.35 -9.26 4.24
CA TYR A 63 -2.02 -8.71 4.09
C TYR A 63 -1.65 -8.81 2.64
N LEU A 64 -0.87 -7.84 2.13
CA LEU A 64 -0.45 -7.86 0.75
C LEU A 64 0.97 -8.33 0.73
N VAL A 65 1.25 -9.35 -0.10
CA VAL A 65 2.57 -9.91 -0.19
C VAL A 65 3.12 -9.64 -1.56
N ASN A 66 4.39 -9.20 -1.63
CA ASN A 66 5.01 -8.93 -2.89
C ASN A 66 5.34 -10.28 -3.47
N LYS A 67 4.97 -10.50 -4.74
CA LYS A 67 5.20 -11.79 -5.37
C LYS A 67 6.67 -12.11 -5.44
N LYS A 68 7.52 -11.12 -5.78
CA LYS A 68 8.92 -11.38 -5.94
C LYS A 68 9.62 -11.43 -4.61
N SER A 69 9.45 -10.38 -3.79
CA SER A 69 10.14 -10.32 -2.53
C SER A 69 9.61 -11.39 -1.62
N GLY A 70 8.27 -11.61 -1.63
CA GLY A 70 7.71 -12.59 -0.74
C GLY A 70 7.52 -11.90 0.58
N GLN A 71 7.88 -10.59 0.61
CA GLN A 71 7.76 -9.81 1.81
C GLN A 71 6.41 -9.16 1.75
N VAL A 72 5.96 -8.58 2.88
CA VAL A 72 4.66 -7.97 2.92
C VAL A 72 4.83 -6.52 3.26
N MET A 73 3.78 -5.73 2.99
CA MET A 73 3.82 -4.32 3.31
C MET A 73 3.78 -4.20 4.80
N ASP A 74 4.58 -3.27 5.37
CA ASP A 74 4.59 -3.11 6.80
C ASP A 74 5.02 -1.71 7.09
N ILE A 75 4.89 -1.30 8.37
CA ILE A 75 5.28 0.03 8.75
C ILE A 75 6.70 -0.06 9.24
N ALA A 76 7.49 0.99 8.94
CA ALA A 76 8.89 1.02 9.34
C ALA A 76 8.97 1.09 10.83
N LYS A 77 8.10 1.93 11.44
CA LYS A 77 8.10 2.10 12.88
C LYS A 77 7.53 0.88 13.51
N GLY A 78 6.56 0.25 12.82
CA GLY A 78 5.91 -0.91 13.37
C GLY A 78 4.73 -0.40 14.13
N THR A 79 4.67 0.94 14.28
CA THR A 79 3.59 1.58 14.97
C THR A 79 2.97 2.52 13.98
N PRO A 80 1.68 2.40 13.77
CA PRO A 80 1.00 3.25 12.80
C PRO A 80 0.84 4.67 13.28
N LYS A 81 1.42 5.62 12.51
CA LYS A 81 1.32 7.00 12.86
C LYS A 81 1.08 7.74 11.60
N ALA A 82 0.60 8.98 11.73
CA ALA A 82 0.37 9.78 10.56
C ALA A 82 1.71 10.23 10.09
N GLY A 83 1.98 10.06 8.79
CA GLY A 83 3.25 10.46 8.27
C GLY A 83 4.25 9.36 8.50
N VAL A 84 3.79 8.13 8.83
CA VAL A 84 4.72 7.04 9.03
C VAL A 84 5.08 6.50 7.66
N ASP A 85 6.31 5.94 7.52
CA ASP A 85 6.76 5.43 6.24
C ASP A 85 6.38 3.98 6.14
N ILE A 86 6.18 3.50 4.89
CA ILE A 86 5.81 2.12 4.64
C ILE A 86 6.99 1.43 4.03
N VAL A 87 7.39 0.28 4.62
CA VAL A 87 8.52 -0.47 4.12
C VAL A 87 8.11 -1.91 4.05
N GLN A 88 8.84 -2.73 3.26
CA GLN A 88 8.50 -4.12 3.16
C GLN A 88 9.18 -4.84 4.30
N GLN A 89 8.49 -5.85 4.89
CA GLN A 89 9.07 -6.56 6.00
C GLN A 89 8.49 -7.95 6.01
N THR A 90 8.94 -8.78 6.98
CA THR A 90 8.46 -10.13 7.09
C THR A 90 7.08 -10.07 7.70
N GLN A 91 6.23 -11.06 7.33
CA GLN A 91 4.87 -11.09 7.85
C GLN A 91 4.91 -11.59 9.26
N ALA A 92 3.87 -11.23 10.04
CA ALA A 92 3.79 -11.64 11.41
C ALA A 92 2.81 -12.77 11.50
N GLY A 93 2.11 -12.86 12.64
CA GLY A 93 1.14 -13.92 12.83
C GLY A 93 1.80 -15.01 13.61
N SER A 94 3.12 -14.87 13.86
CA SER A 94 3.85 -15.86 14.62
C SER A 94 3.36 -15.84 16.04
N ASN A 95 3.08 -14.65 16.59
CA ASN A 95 2.61 -14.57 17.95
C ASN A 95 1.82 -13.31 18.12
N VAL A 96 1.15 -12.85 17.04
CA VAL A 96 0.36 -11.66 17.13
C VAL A 96 -0.96 -11.97 16.48
N LYS A 97 -2.06 -11.34 16.98
CA LYS A 97 -3.35 -11.58 16.42
C LYS A 97 -3.42 -10.96 15.07
N ASP A 98 -4.34 -11.48 14.24
CA ASP A 98 -4.53 -10.97 12.90
C ASP A 98 -5.31 -9.69 13.00
N ASP A 99 -6.04 -9.52 14.12
CA ASP A 99 -6.85 -8.33 14.30
C ASP A 99 -5.97 -7.29 14.92
N LEU A 100 -4.78 -7.72 15.38
CA LEU A 100 -3.86 -6.80 15.99
C LEU A 100 -2.72 -6.63 15.04
N ASN A 101 -2.89 -7.15 13.82
CA ASN A 101 -1.86 -7.04 12.82
C ASN A 101 -2.16 -5.82 12.01
N PHE A 102 -1.12 -4.97 11.80
CA PHE A 102 -1.28 -3.75 11.07
C PHE A 102 -1.09 -4.01 9.60
N GLN A 103 -0.67 -5.25 9.24
CA GLN A 103 -0.45 -5.57 7.85
C GLN A 103 -1.78 -5.65 7.15
N LYS A 104 -2.88 -5.79 7.92
CA LYS A 104 -4.19 -5.90 7.33
C LYS A 104 -4.60 -4.55 6.78
N PHE A 105 -5.02 -4.54 5.49
CA PHE A 105 -5.44 -3.30 4.85
C PHE A 105 -6.84 -3.52 4.35
N GLY A 106 -7.58 -2.40 4.16
CA GLY A 106 -8.93 -2.48 3.67
C GLY A 106 -9.08 -1.41 2.65
N LEU A 107 -10.13 -1.47 1.81
CA LEU A 107 -10.30 -0.46 0.82
C LEU A 107 -11.77 -0.23 0.62
N SER A 108 -12.12 1.00 0.20
CA SER A 108 -13.50 1.35 -0.04
C SER A 108 -13.70 1.40 -1.53
N PRO A 109 -14.95 1.30 -1.96
CA PRO A 109 -15.31 1.34 -3.37
C PRO A 109 -14.91 2.64 -4.03
N TYR A 110 -14.60 3.67 -3.23
CA TYR A 110 -14.23 4.95 -3.78
C TYR A 110 -12.83 4.86 -4.33
N GLY A 111 -12.11 3.76 -4.04
CA GLY A 111 -10.76 3.61 -4.56
C GLY A 111 -9.78 4.12 -3.55
N HIS A 112 -10.15 4.07 -2.25
CA HIS A 112 -9.24 4.54 -1.22
C HIS A 112 -8.81 3.34 -0.43
N ILE A 113 -7.50 3.25 -0.15
CA ILE A 113 -6.97 2.13 0.59
C ILE A 113 -6.61 2.66 1.95
N TYR A 114 -7.14 1.99 3.01
CA TYR A 114 -6.88 2.43 4.35
C TYR A 114 -6.54 1.22 5.15
N LEU A 115 -6.24 1.42 6.45
CA LEU A 115 -5.90 0.29 7.29
C LEU A 115 -7.20 -0.18 7.85
N ALA A 116 -7.30 -1.51 8.06
CA ALA A 116 -8.52 -2.07 8.60
C ALA A 116 -8.64 -1.70 10.05
N ASN A 117 -7.50 -1.41 10.72
CA ASN A 117 -7.55 -1.08 12.13
C ASN A 117 -7.42 0.41 12.31
N LYS A 118 -6.90 1.12 11.29
CA LYS A 118 -6.75 2.55 11.40
C LYS A 118 -7.24 3.14 10.12
N PRO A 119 -8.54 3.31 10.03
CA PRO A 119 -9.18 3.86 8.85
C PRO A 119 -8.81 5.30 8.61
N SER A 120 -8.17 5.94 9.61
CA SER A 120 -7.79 7.31 9.47
C SER A 120 -6.55 7.37 8.64
N LEU A 121 -5.77 6.26 8.62
CA LEU A 121 -4.53 6.24 7.87
C LEU A 121 -4.83 5.61 6.55
N ILE A 122 -4.36 6.27 5.46
CA ILE A 122 -4.58 5.76 4.13
C ILE A 122 -3.28 5.83 3.41
N LEU A 123 -3.18 5.08 2.28
CA LEU A 123 -1.97 5.07 1.52
C LEU A 123 -1.95 6.29 0.64
N GLY A 124 -0.75 6.87 0.49
CA GLY A 124 -0.61 8.05 -0.33
C GLY A 124 0.85 8.21 -0.60
N ILE A 125 1.22 9.32 -1.27
CA ILE A 125 2.62 9.55 -1.58
C ILE A 125 2.90 10.99 -1.27
N LYS A 126 4.20 11.33 -1.11
CA LYS A 126 4.57 12.69 -0.81
C LYS A 126 5.41 13.17 -1.95
N GLU A 127 5.25 14.45 -2.33
CA GLU A 127 6.01 15.00 -3.43
C GLU A 127 7.44 15.13 -2.99
N SER A 128 8.37 15.06 -3.97
CA SER A 128 9.78 15.16 -3.66
C SER A 128 10.22 16.52 -4.09
N PHE A 129 11.44 16.92 -3.64
CA PHE A 129 11.95 18.22 -3.98
C PHE A 129 12.20 18.30 -5.47
N PHE A 130 12.66 17.18 -6.07
CA PHE A 130 12.93 17.17 -7.48
C PHE A 130 11.70 16.63 -8.16
N ALA A 131 10.65 16.36 -7.36
CA ALA A 131 9.41 15.83 -7.88
C ALA A 131 9.66 14.65 -8.77
N ARG A 132 10.47 13.69 -8.30
CA ARG A 132 10.77 12.52 -9.08
C ARG A 132 9.65 11.55 -8.83
N ARG A 133 8.87 11.23 -9.89
CA ARG A 133 7.77 10.32 -9.76
C ARG A 133 8.27 8.91 -9.71
N GLU A 134 9.49 8.67 -10.24
CA GLU A 134 10.04 7.35 -10.23
C GLU A 134 10.82 7.23 -8.97
N GLY A 135 10.12 6.81 -7.91
CA GLY A 135 10.77 6.66 -6.64
C GLY A 135 9.92 7.25 -5.56
N LEU A 136 8.68 7.71 -5.88
CA LEU A 136 7.83 8.27 -4.85
C LEU A 136 7.49 7.14 -3.92
N HIS A 137 7.78 7.34 -2.62
CA HIS A 137 7.54 6.31 -1.64
C HIS A 137 6.15 6.44 -1.11
N VAL A 138 5.63 5.30 -0.61
CA VAL A 138 4.30 5.28 -0.03
C VAL A 138 4.44 5.85 1.34
N HIS A 139 3.51 6.73 1.69
CA HIS A 139 3.54 7.39 2.96
C HIS A 139 2.13 7.35 3.47
N LEU A 140 1.94 7.12 4.80
CA LEU A 140 0.59 7.08 5.30
C LEU A 140 0.19 8.48 5.60
N GLN A 141 -0.99 8.87 5.09
CA GLN A 141 -1.50 10.20 5.30
C GLN A 141 -2.85 10.02 5.90
N LEU A 142 -3.31 11.00 6.69
CA LEU A 142 -4.61 10.87 7.28
C LEU A 142 -5.62 11.30 6.26
N VAL A 143 -6.85 10.75 6.38
CA VAL A 143 -7.90 11.07 5.43
C VAL A 143 -8.19 12.54 5.48
N ASP A 144 -8.44 13.12 4.29
CA ASP A 144 -8.74 14.52 4.20
C ASP A 144 -10.02 14.61 3.44
N LYS A 145 -11.15 14.49 4.16
CA LYS A 145 -12.46 14.57 3.53
C LYS A 145 -12.67 15.94 2.96
N ARG A 146 -11.90 16.93 3.47
CA ARG A 146 -12.00 18.28 3.00
C ARG A 146 -11.41 18.35 1.61
N HIS A 147 -10.55 17.37 1.28
CA HIS A 147 -9.90 17.37 -0.02
C HIS A 147 -9.98 15.98 -0.56
N LEU A 148 -11.13 15.66 -1.20
CA LEU A 148 -11.32 14.35 -1.76
C LEU A 148 -10.98 14.42 -3.22
N ASP A 149 -10.49 15.60 -3.69
CA ASP A 149 -10.15 15.73 -5.08
C ASP A 149 -8.67 15.49 -5.23
N ARG A 150 -8.09 14.68 -4.32
CA ARG A 150 -6.69 14.38 -4.39
C ARG A 150 -6.56 13.04 -5.05
N LYS A 151 -6.06 13.05 -6.30
CA LYS A 151 -5.89 11.82 -7.05
C LYS A 151 -4.78 11.03 -6.44
N GLU A 152 -3.90 11.72 -5.69
CA GLU A 152 -2.77 11.05 -5.07
C GLU A 152 -3.26 10.15 -3.98
N GLN A 153 -4.49 10.40 -3.48
CA GLN A 153 -5.02 9.56 -2.44
C GLN A 153 -5.98 8.60 -3.07
N ARG A 154 -6.09 8.63 -4.42
CA ARG A 154 -6.98 7.73 -5.11
C ARG A 154 -6.12 6.61 -5.64
N TRP A 155 -6.61 5.36 -5.49
CA TRP A 155 -5.86 4.23 -5.94
C TRP A 155 -6.70 3.44 -6.88
N ASP A 156 -6.05 2.90 -7.94
CA ASP A 156 -6.76 2.11 -8.91
C ASP A 156 -6.09 0.76 -8.92
N PHE A 157 -6.82 -0.28 -9.33
CA PHE A 157 -6.26 -1.61 -9.37
C PHE A 157 -6.28 -2.05 -10.80
N VAL A 158 -5.20 -2.71 -11.23
CA VAL A 158 -5.10 -3.18 -12.59
C VAL A 158 -4.76 -4.63 -12.54
N LEU A 159 -5.29 -5.41 -13.50
CA LEU A 159 -5.03 -6.82 -13.54
C LEU A 159 -4.14 -7.05 -14.72
N PRO A 160 -3.34 -8.10 -14.66
CA PRO A 160 -2.42 -8.43 -15.73
C PRO A 160 -3.10 -8.89 -16.98
N VAL A 161 -2.47 -8.62 -18.13
CA VAL A 161 -3.04 -9.01 -19.41
C VAL A 161 -2.04 -9.91 -20.06
N VAL A 162 -2.47 -11.11 -20.46
CA VAL A 162 -1.57 -12.04 -21.11
C VAL A 162 -1.62 -11.77 -22.62
N MET A 1 -11.47 5.54 19.63
CA MET A 1 -12.67 5.73 20.50
C MET A 1 -13.69 4.64 20.25
N ALA A 2 -13.25 3.51 19.63
CA ALA A 2 -14.14 2.41 19.36
C ALA A 2 -15.15 2.85 18.32
N ALA A 3 -14.67 3.55 17.27
CA ALA A 3 -15.56 4.00 16.24
C ALA A 3 -14.74 4.08 14.97
N ALA A 4 -15.41 3.92 13.82
CA ALA A 4 -14.72 3.98 12.56
C ALA A 4 -15.62 4.66 11.59
N MET A 5 -15.08 5.68 10.88
CA MET A 5 -15.84 6.40 9.91
C MET A 5 -16.14 5.44 8.79
N PHE A 6 -15.15 4.59 8.48
CA PHE A 6 -15.30 3.63 7.43
C PHE A 6 -15.34 2.28 8.07
N GLU A 7 -16.49 1.94 8.70
CA GLU A 7 -16.63 0.66 9.37
C GLU A 7 -16.77 -0.41 8.32
N LYS A 8 -17.21 -0.03 7.10
CA LYS A 8 -17.37 -0.99 6.05
C LYS A 8 -16.03 -1.30 5.46
N SER A 9 -15.79 -2.58 5.13
CA SER A 9 -14.53 -2.98 4.55
C SER A 9 -14.83 -3.88 3.40
N GLU A 10 -13.99 -3.81 2.35
CA GLU A 10 -14.16 -4.64 1.19
C GLU A 10 -12.87 -5.34 0.97
N LYS A 11 -12.86 -6.31 0.03
CA LYS A 11 -11.67 -7.06 -0.25
C LYS A 11 -11.59 -7.22 -1.74
N PHE A 12 -10.39 -7.56 -2.23
CA PHE A 12 -10.19 -7.73 -3.64
C PHE A 12 -10.46 -9.17 -3.97
N PRO A 13 -11.39 -9.42 -4.87
CA PRO A 13 -11.71 -10.78 -5.28
C PRO A 13 -10.63 -11.40 -6.12
N GLU A 14 -9.84 -10.54 -6.79
CA GLU A 14 -8.76 -11.03 -7.62
C GLU A 14 -7.57 -11.27 -6.73
N GLY A 15 -6.61 -12.09 -7.21
CA GLY A 15 -5.45 -12.40 -6.42
C GLY A 15 -4.32 -11.52 -6.87
N TRP A 16 -3.92 -11.64 -8.15
CA TRP A 16 -2.82 -10.84 -8.66
C TRP A 16 -3.40 -9.54 -9.15
N PHE A 17 -2.71 -8.41 -8.86
CA PHE A 17 -3.19 -7.14 -9.31
C PHE A 17 -2.07 -6.17 -9.21
N PHE A 18 -2.22 -5.02 -9.91
CA PHE A 18 -1.19 -4.01 -9.89
C PHE A 18 -1.83 -2.78 -9.32
N ILE A 19 -1.09 -2.07 -8.44
CA ILE A 19 -1.62 -0.87 -7.84
C ILE A 19 -0.95 0.27 -8.54
N LYS A 20 -1.75 1.11 -9.23
CA LYS A 20 -1.18 2.21 -9.98
C LYS A 20 -1.69 3.50 -9.40
N ASN A 21 -0.77 4.45 -9.11
CA ASN A 21 -1.17 5.73 -8.59
C ASN A 21 -1.49 6.57 -9.80
N ASN A 22 -2.70 7.16 -9.82
CA ASN A 22 -3.13 7.96 -10.97
C ASN A 22 -2.30 9.22 -11.11
N SER A 23 -1.56 9.64 -10.06
CA SER A 23 -0.78 10.87 -10.15
C SER A 23 0.28 10.76 -11.21
N ASN A 24 0.99 9.61 -11.27
CA ASN A 24 2.05 9.48 -12.24
C ASN A 24 1.83 8.27 -13.11
N GLY A 25 0.82 7.44 -12.79
CA GLY A 25 0.57 6.27 -13.60
C GLY A 25 1.63 5.24 -13.32
N TYR A 26 2.27 5.31 -12.14
CA TYR A 26 3.31 4.36 -11.81
C TYR A 26 2.71 3.39 -10.84
N VAL A 27 3.37 2.21 -10.66
CA VAL A 27 2.83 1.20 -9.78
C VAL A 27 3.78 1.00 -8.64
N LEU A 28 3.25 0.39 -7.54
CA LEU A 28 4.04 0.14 -6.36
C LEU A 28 5.07 -0.91 -6.66
N MET A 29 6.32 -0.62 -6.27
CA MET A 29 7.41 -1.54 -6.47
C MET A 29 8.31 -1.35 -5.28
N VAL A 30 9.27 -2.29 -5.06
CA VAL A 30 10.20 -2.13 -3.97
C VAL A 30 11.06 -0.94 -4.32
N ASP A 31 11.80 -0.37 -3.33
CA ASP A 31 12.62 0.81 -3.58
C ASP A 31 13.54 0.57 -4.75
N ASN A 32 14.12 -0.63 -4.86
CA ASN A 32 15.03 -0.88 -5.95
C ASN A 32 15.25 -2.37 -6.05
N GLU A 33 14.14 -3.15 -6.16
CA GLU A 33 14.24 -4.60 -6.28
C GLU A 33 15.07 -5.12 -5.13
N SER A 34 14.74 -4.68 -3.91
CA SER A 34 15.48 -5.12 -2.74
C SER A 34 14.88 -6.39 -2.27
N GLN A 35 15.74 -7.40 -2.03
CA GLN A 35 15.28 -8.66 -1.53
C GLN A 35 15.43 -8.61 -0.04
N GLU A 36 15.98 -7.47 0.47
CA GLU A 36 16.16 -7.33 1.89
C GLU A 36 14.96 -6.62 2.45
N SER A 37 14.66 -6.88 3.74
CA SER A 37 13.53 -6.26 4.39
C SER A 37 13.92 -4.89 4.82
N GLY A 38 12.91 -4.01 5.02
CA GLY A 38 13.18 -2.66 5.46
C GLY A 38 13.36 -1.78 4.27
N SER A 39 13.08 -2.30 3.06
CA SER A 39 13.24 -1.50 1.87
C SER A 39 11.93 -0.77 1.65
N PRO A 40 11.99 0.54 1.56
CA PRO A 40 10.79 1.36 1.34
C PRO A 40 10.07 1.00 0.07
N ILE A 41 8.73 1.17 0.09
CA ILE A 41 7.95 0.87 -1.09
C ILE A 41 7.91 2.13 -1.90
N VAL A 42 8.23 2.05 -3.22
CA VAL A 42 8.25 3.24 -4.04
C VAL A 42 7.48 2.98 -5.30
N LEU A 43 7.15 4.06 -6.04
CA LEU A 43 6.41 3.93 -7.27
C LEU A 43 7.40 3.86 -8.41
N ALA A 44 7.09 3.01 -9.41
CA ALA A 44 7.97 2.86 -10.54
C ALA A 44 7.11 2.65 -11.75
N THR A 45 7.62 3.06 -12.93
CA THR A 45 6.88 2.89 -14.17
C THR A 45 6.66 1.42 -14.38
N LEU A 46 5.51 1.07 -14.99
CA LEU A 46 5.19 -0.32 -15.23
C LEU A 46 6.22 -0.88 -16.18
N ARG A 47 6.67 -2.12 -15.91
CA ARG A 47 7.66 -2.74 -16.74
C ARG A 47 7.13 -4.08 -17.14
N THR A 48 7.40 -4.44 -18.42
CA THR A 48 6.98 -5.72 -18.95
C THR A 48 7.74 -6.77 -18.22
N LYS A 49 9.00 -6.45 -17.88
CA LYS A 49 9.85 -7.40 -17.20
C LYS A 49 9.74 -7.13 -15.74
N ASP A 50 10.01 -8.18 -14.91
CA ASP A 50 9.94 -8.04 -13.48
C ASP A 50 8.55 -7.65 -13.07
N TYR A 51 7.52 -8.33 -13.67
CA TYR A 51 6.15 -8.03 -13.35
C TYR A 51 5.90 -8.45 -11.93
N ALA A 52 6.63 -9.48 -11.48
CA ALA A 52 6.46 -10.01 -10.13
C ALA A 52 6.76 -8.96 -9.11
N SER A 53 7.78 -8.12 -9.36
CA SER A 53 8.16 -7.11 -8.39
C SER A 53 7.10 -6.04 -8.34
N GLN A 54 6.24 -5.99 -9.37
CA GLN A 54 5.21 -4.98 -9.39
C GLN A 54 3.89 -5.67 -9.16
N LEU A 55 3.94 -6.97 -8.82
CA LEU A 55 2.71 -7.71 -8.58
C LEU A 55 2.50 -7.81 -7.10
N TRP A 56 1.24 -7.60 -6.67
CA TRP A 56 0.91 -7.64 -5.29
C TRP A 56 -0.22 -8.63 -5.14
N ARG A 57 -0.25 -9.32 -3.99
CA ARG A 57 -1.27 -10.30 -3.73
C ARG A 57 -1.93 -9.96 -2.45
N HIS A 58 -3.28 -9.90 -2.46
CA HIS A 58 -4.01 -9.57 -1.27
C HIS A 58 -4.31 -10.87 -0.56
N ASP A 59 -3.73 -11.05 0.65
CA ASP A 59 -3.97 -12.27 1.38
C ASP A 59 -5.30 -12.15 2.07
N PRO A 60 -5.88 -13.27 2.44
CA PRO A 60 -7.16 -13.29 3.15
C PRO A 60 -7.11 -12.52 4.44
N SER A 61 -5.88 -12.34 4.97
CA SER A 61 -5.70 -11.63 6.21
C SER A 61 -5.68 -10.15 5.90
N GLY A 62 -5.77 -9.79 4.61
CA GLY A 62 -5.78 -8.40 4.23
C GLY A 62 -4.37 -7.90 4.08
N TYR A 63 -3.39 -8.81 3.90
CA TYR A 63 -2.01 -8.40 3.78
C TYR A 63 -1.65 -8.40 2.32
N LEU A 64 -0.90 -7.36 1.88
CA LEU A 64 -0.49 -7.31 0.49
C LEU A 64 0.90 -7.85 0.44
N VAL A 65 1.06 -8.94 -0.33
CA VAL A 65 2.35 -9.59 -0.43
C VAL A 65 2.93 -9.27 -1.77
N ASN A 66 4.24 -8.91 -1.79
CA ASN A 66 4.91 -8.63 -3.03
C ASN A 66 5.35 -9.97 -3.54
N LYS A 67 4.97 -10.32 -4.78
CA LYS A 67 5.31 -11.62 -5.32
C LYS A 67 6.81 -11.82 -5.40
N LYS A 68 7.54 -10.78 -5.81
CA LYS A 68 8.97 -10.90 -6.01
C LYS A 68 9.70 -11.18 -4.72
N SER A 69 9.43 -10.38 -3.67
CA SER A 69 10.13 -10.57 -2.42
C SER A 69 9.42 -11.57 -1.56
N GLY A 70 8.08 -11.66 -1.68
CA GLY A 70 7.35 -12.60 -0.86
C GLY A 70 7.13 -11.94 0.47
N GLN A 71 7.55 -10.66 0.58
CA GLN A 71 7.40 -9.94 1.81
C GLN A 71 6.13 -9.17 1.72
N VAL A 72 5.66 -8.60 2.85
CA VAL A 72 4.39 -7.91 2.83
C VAL A 72 4.64 -6.47 3.18
N MET A 73 3.65 -5.61 2.86
CA MET A 73 3.76 -4.21 3.17
C MET A 73 3.67 -4.08 4.66
N ASP A 74 4.51 -3.21 5.25
CA ASP A 74 4.47 -3.05 6.68
C ASP A 74 4.98 -1.67 7.01
N ILE A 75 4.89 -1.28 8.29
CA ILE A 75 5.35 0.02 8.68
C ILE A 75 6.78 -0.09 9.11
N ALA A 76 7.58 0.94 8.78
CA ALA A 76 8.98 0.94 9.13
C ALA A 76 9.13 1.03 10.62
N LYS A 77 8.30 1.88 11.26
CA LYS A 77 8.37 2.05 12.69
C LYS A 77 7.81 0.82 13.36
N GLY A 78 6.82 0.19 12.72
CA GLY A 78 6.20 -0.97 13.29
C GLY A 78 5.06 -0.46 14.11
N THR A 79 5.00 0.88 14.24
CA THR A 79 3.94 1.52 14.99
C THR A 79 3.32 2.49 14.03
N PRO A 80 2.01 2.42 13.87
CA PRO A 80 1.33 3.30 12.95
C PRO A 80 1.26 4.73 13.43
N LYS A 81 1.84 5.64 12.62
CA LYS A 81 1.84 7.03 12.95
C LYS A 81 1.52 7.76 11.71
N ALA A 82 1.11 9.02 11.86
CA ALA A 82 0.77 9.80 10.69
C ALA A 82 2.07 10.18 10.05
N GLY A 83 2.17 9.94 8.74
CA GLY A 83 3.38 10.27 8.02
C GLY A 83 4.38 9.15 8.17
N VAL A 84 3.97 7.98 8.73
CA VAL A 84 4.92 6.89 8.88
C VAL A 84 5.18 6.30 7.51
N ASP A 85 6.44 5.88 7.27
CA ASP A 85 6.81 5.33 5.98
C ASP A 85 6.44 3.87 5.94
N ILE A 86 6.21 3.37 4.69
CA ILE A 86 5.84 1.99 4.50
C ILE A 86 7.01 1.28 3.87
N VAL A 87 7.43 0.16 4.49
CA VAL A 87 8.55 -0.60 3.99
C VAL A 87 8.11 -2.04 3.97
N GLN A 88 8.81 -2.89 3.19
CA GLN A 88 8.44 -4.29 3.13
C GLN A 88 9.09 -4.99 4.29
N GLN A 89 8.35 -5.93 4.92
CA GLN A 89 8.88 -6.67 6.04
C GLN A 89 8.26 -8.04 6.00
N THR A 90 8.78 -8.95 6.86
CA THR A 90 8.27 -10.30 6.93
C THR A 90 6.85 -10.23 7.44
N GLN A 91 6.02 -11.20 6.99
CA GLN A 91 4.63 -11.23 7.40
C GLN A 91 4.56 -11.60 8.86
N ALA A 92 3.45 -11.21 9.52
CA ALA A 92 3.27 -11.51 10.91
C ALA A 92 2.99 -12.97 11.04
N GLY A 93 3.44 -13.57 12.17
CA GLY A 93 3.20 -14.96 12.41
C GLY A 93 1.92 -15.08 13.19
N SER A 94 1.73 -16.23 13.85
CA SER A 94 0.53 -16.45 14.62
C SER A 94 0.77 -15.96 16.03
N ASN A 95 1.94 -15.31 16.26
CA ASN A 95 2.26 -14.82 17.57
C ASN A 95 2.02 -13.34 17.60
N VAL A 96 1.27 -12.82 16.61
CA VAL A 96 0.98 -11.41 16.56
C VAL A 96 -0.49 -11.26 16.82
N LYS A 97 -0.84 -10.40 17.81
CA LYS A 97 -2.20 -10.16 18.15
C LYS A 97 -2.90 -9.58 16.96
N ASP A 98 -4.21 -9.86 16.84
CA ASP A 98 -4.97 -9.35 15.71
C ASP A 98 -5.08 -7.85 15.82
N ASP A 99 -4.83 -7.30 17.03
CA ASP A 99 -4.91 -5.88 17.22
C ASP A 99 -3.56 -5.28 16.96
N LEU A 100 -2.57 -6.15 16.67
CA LEU A 100 -1.23 -5.69 16.41
C LEU A 100 -0.93 -6.02 14.98
N ASN A 101 -1.95 -6.51 14.26
CA ASN A 101 -1.77 -6.85 12.88
C ASN A 101 -2.03 -5.59 12.10
N PHE A 102 -0.93 -4.91 11.72
CA PHE A 102 -1.05 -3.65 11.01
C PHE A 102 -0.93 -3.89 9.54
N GLN A 103 -0.59 -5.13 9.11
CA GLN A 103 -0.44 -5.41 7.71
C GLN A 103 -1.82 -5.55 7.10
N LYS A 104 -2.87 -5.59 7.96
CA LYS A 104 -4.22 -5.71 7.48
C LYS A 104 -4.67 -4.36 6.96
N PHE A 105 -5.12 -4.33 5.69
CA PHE A 105 -5.57 -3.08 5.10
C PHE A 105 -7.02 -3.25 4.75
N GLY A 106 -7.77 -2.12 4.73
CA GLY A 106 -9.17 -2.17 4.40
C GLY A 106 -9.33 -1.52 3.07
N LEU A 107 -10.28 -2.03 2.25
CA LEU A 107 -10.49 -1.48 0.95
C LEU A 107 -11.85 -0.84 0.94
N SER A 108 -11.90 0.46 0.56
CA SER A 108 -13.17 1.14 0.50
C SER A 108 -13.72 0.94 -0.89
N PRO A 109 -15.02 1.09 -1.03
CA PRO A 109 -15.66 0.94 -2.33
C PRO A 109 -15.33 2.07 -3.27
N TYR A 110 -14.65 3.10 -2.75
CA TYR A 110 -14.28 4.23 -3.56
C TYR A 110 -12.93 3.97 -4.17
N GLY A 111 -12.29 2.84 -3.79
CA GLY A 111 -11.00 2.50 -4.35
C GLY A 111 -9.91 3.04 -3.47
N HIS A 112 -10.28 3.62 -2.30
CA HIS A 112 -9.27 4.14 -1.40
C HIS A 112 -8.89 3.03 -0.48
N ILE A 113 -7.59 2.99 -0.10
CA ILE A 113 -7.12 1.95 0.79
C ILE A 113 -6.75 2.60 2.08
N TYR A 114 -7.31 2.07 3.20
CA TYR A 114 -7.02 2.63 4.50
C TYR A 114 -6.64 1.48 5.38
N LEU A 115 -6.27 1.78 6.64
CA LEU A 115 -5.91 0.72 7.55
C LEU A 115 -7.20 0.18 8.09
N ALA A 116 -7.21 -1.11 8.43
CA ALA A 116 -8.40 -1.71 8.98
C ALA A 116 -8.51 -1.32 10.44
N ASN A 117 -7.39 -0.86 11.05
CA ASN A 117 -7.43 -0.51 12.44
C ASN A 117 -7.45 0.99 12.57
N LYS A 118 -6.92 1.72 11.56
CA LYS A 118 -6.88 3.16 11.63
C LYS A 118 -7.37 3.67 10.30
N PRO A 119 -8.66 3.79 10.17
CA PRO A 119 -9.30 4.26 8.94
C PRO A 119 -8.97 5.69 8.62
N SER A 120 -8.31 6.39 9.57
CA SER A 120 -7.96 7.76 9.36
C SER A 120 -6.64 7.78 8.67
N LEU A 121 -5.97 6.61 8.56
CA LEU A 121 -4.69 6.56 7.90
C LEU A 121 -4.92 5.89 6.59
N ILE A 122 -4.40 6.50 5.50
CA ILE A 122 -4.56 5.94 4.19
C ILE A 122 -3.25 6.03 3.49
N LEU A 123 -3.13 5.34 2.34
CA LEU A 123 -1.90 5.34 1.61
C LEU A 123 -1.83 6.62 0.83
N GLY A 124 -0.64 7.24 0.80
CA GLY A 124 -0.47 8.48 0.08
C GLY A 124 0.98 8.63 -0.24
N ILE A 125 1.33 9.73 -0.94
CA ILE A 125 2.71 9.96 -1.32
C ILE A 125 3.02 11.40 -1.02
N LYS A 126 4.32 11.74 -1.09
CA LYS A 126 4.74 13.09 -0.85
C LYS A 126 5.36 13.57 -2.12
N GLU A 127 4.79 14.64 -2.71
CA GLU A 127 5.32 15.16 -3.95
C GLU A 127 6.02 16.45 -3.64
N SER A 128 7.20 16.64 -4.26
CA SER A 128 7.96 17.83 -4.07
C SER A 128 8.74 18.05 -5.33
N PHE A 129 9.41 19.20 -5.44
CA PHE A 129 10.18 19.50 -6.63
C PHE A 129 11.38 18.59 -6.69
N PHE A 130 11.87 18.15 -5.50
CA PHE A 130 13.03 17.30 -5.46
C PHE A 130 12.59 15.88 -5.27
N ALA A 131 11.34 15.57 -5.67
CA ALA A 131 10.83 14.24 -5.53
C ALA A 131 10.38 13.80 -6.89
N ARG A 132 11.31 13.15 -7.62
CA ARG A 132 11.00 12.65 -8.94
C ARG A 132 9.95 11.59 -8.81
N ARG A 133 9.14 11.42 -9.88
CA ARG A 133 8.08 10.44 -9.87
C ARG A 133 8.68 9.06 -9.89
N GLU A 134 9.98 8.97 -10.21
CA GLU A 134 10.63 7.69 -10.26
C GLU A 134 11.22 7.43 -8.93
N GLY A 135 10.40 6.90 -8.02
CA GLY A 135 10.88 6.61 -6.70
C GLY A 135 9.99 7.24 -5.68
N LEU A 136 8.77 7.71 -6.08
CA LEU A 136 7.89 8.30 -5.09
C LEU A 136 7.51 7.21 -4.14
N HIS A 137 7.79 7.42 -2.84
CA HIS A 137 7.53 6.42 -1.85
C HIS A 137 6.14 6.61 -1.32
N VAL A 138 5.55 5.51 -0.84
CA VAL A 138 4.24 5.57 -0.27
C VAL A 138 4.41 5.60 1.21
N HIS A 139 3.52 6.33 1.87
CA HIS A 139 3.59 6.46 3.31
C HIS A 139 2.18 6.60 3.78
N LEU A 140 1.95 6.47 5.10
CA LEU A 140 0.61 6.59 5.60
C LEU A 140 0.36 8.04 5.83
N GLN A 141 -0.78 8.52 5.31
CA GLN A 141 -1.12 9.91 5.43
C GLN A 141 -2.51 9.91 5.96
N LEU A 142 -2.84 10.90 6.82
CA LEU A 142 -4.16 10.94 7.38
C LEU A 142 -5.14 11.29 6.29
N VAL A 143 -6.31 10.62 6.36
CA VAL A 143 -7.36 10.79 5.40
C VAL A 143 -7.84 12.21 5.43
N ASP A 144 -7.91 12.83 4.23
CA ASP A 144 -8.33 14.19 4.11
C ASP A 144 -9.48 14.18 3.16
N LYS A 145 -10.71 14.06 3.70
CA LYS A 145 -11.90 14.03 2.88
C LYS A 145 -12.08 15.38 2.24
N ARG A 146 -11.45 16.42 2.82
CA ARG A 146 -11.55 17.75 2.29
C ARG A 146 -10.81 17.83 0.99
N HIS A 147 -9.89 16.88 0.72
CA HIS A 147 -9.13 16.91 -0.51
C HIS A 147 -9.24 15.56 -1.17
N LEU A 148 -10.40 15.29 -1.82
CA LEU A 148 -10.60 14.03 -2.49
C LEU A 148 -10.45 14.26 -3.97
N ASP A 149 -10.08 15.50 -4.36
CA ASP A 149 -9.93 15.82 -5.76
C ASP A 149 -8.48 15.72 -6.13
N ARG A 150 -7.70 14.96 -5.33
CA ARG A 150 -6.30 14.81 -5.60
C ARG A 150 -6.12 13.52 -6.31
N LYS A 151 -5.48 13.56 -7.49
CA LYS A 151 -5.26 12.37 -8.27
C LYS A 151 -4.27 11.48 -7.55
N GLU A 152 -3.45 12.07 -6.65
CA GLU A 152 -2.48 11.29 -5.91
C GLU A 152 -3.19 10.51 -4.84
N GLN A 153 -4.43 10.95 -4.48
CA GLN A 153 -5.18 10.24 -3.46
C GLN A 153 -6.05 9.24 -4.17
N ARG A 154 -6.02 9.24 -5.52
CA ARG A 154 -6.82 8.31 -6.26
C ARG A 154 -5.93 7.18 -6.68
N TRP A 155 -6.41 5.94 -6.49
CA TRP A 155 -5.63 4.79 -6.83
C TRP A 155 -6.36 4.04 -7.90
N ASP A 156 -5.61 3.57 -8.92
CA ASP A 156 -6.19 2.82 -9.99
C ASP A 156 -5.66 1.42 -9.86
N PHE A 157 -6.47 0.41 -10.22
CA PHE A 157 -6.03 -0.95 -10.11
C PHE A 157 -6.04 -1.54 -11.48
N VAL A 158 -5.00 -2.34 -11.79
CA VAL A 158 -4.91 -2.94 -13.09
C VAL A 158 -4.75 -4.41 -12.87
N LEU A 159 -5.32 -5.21 -13.78
CA LEU A 159 -5.24 -6.65 -13.65
C LEU A 159 -4.33 -7.14 -14.74
N PRO A 160 -3.71 -8.29 -14.52
CA PRO A 160 -2.80 -8.88 -15.49
C PRO A 160 -3.45 -9.14 -16.82
N VAL A 161 -2.69 -8.90 -17.91
CA VAL A 161 -3.22 -9.11 -19.23
C VAL A 161 -2.35 -10.14 -19.89
N VAL A 162 -2.96 -11.23 -20.39
CA VAL A 162 -2.20 -12.26 -21.04
C VAL A 162 -3.13 -12.99 -22.01
N MET A 1 -9.53 15.65 13.67
CA MET A 1 -9.38 15.92 12.21
C MET A 1 -9.74 14.71 11.39
N ALA A 2 -9.95 13.55 12.05
CA ALA A 2 -10.30 12.36 11.33
C ALA A 2 -11.13 11.52 12.26
N ALA A 3 -11.96 10.63 11.68
CA ALA A 3 -12.79 9.78 12.48
C ALA A 3 -12.99 8.51 11.71
N ALA A 4 -13.29 7.41 12.43
CA ALA A 4 -13.49 6.14 11.76
C ALA A 4 -14.95 6.05 11.41
N MET A 5 -15.24 6.17 10.09
CA MET A 5 -16.62 6.08 9.64
C MET A 5 -16.67 5.07 8.54
N PHE A 6 -15.56 4.32 8.34
CA PHE A 6 -15.52 3.33 7.29
C PHE A 6 -15.64 1.99 7.94
N GLU A 7 -16.84 1.68 8.46
CA GLU A 7 -17.06 0.40 9.10
C GLU A 7 -17.12 -0.67 8.04
N LYS A 8 -17.48 -0.28 6.80
CA LYS A 8 -17.56 -1.23 5.72
C LYS A 8 -16.20 -1.33 5.10
N SER A 9 -15.87 -2.54 4.58
CA SER A 9 -14.59 -2.73 3.96
C SER A 9 -14.79 -3.71 2.85
N GLU A 10 -14.15 -3.46 1.69
CA GLU A 10 -14.27 -4.34 0.57
C GLU A 10 -13.02 -5.18 0.53
N LYS A 11 -13.01 -6.21 -0.34
CA LYS A 11 -11.86 -7.08 -0.43
C LYS A 11 -11.05 -6.63 -1.60
N PHE A 12 -9.77 -7.05 -1.58
CA PHE A 12 -8.85 -6.72 -2.64
C PHE A 12 -8.93 -7.81 -3.66
N PRO A 13 -8.53 -7.51 -4.88
CA PRO A 13 -8.54 -8.49 -5.96
C PRO A 13 -7.74 -9.71 -5.66
N GLU A 14 -8.20 -10.88 -6.15
CA GLU A 14 -7.49 -12.11 -5.90
C GLU A 14 -6.63 -12.41 -7.06
N GLY A 15 -5.58 -13.21 -6.81
CA GLY A 15 -4.66 -13.59 -7.86
C GLY A 15 -3.62 -12.51 -7.96
N TRP A 16 -2.92 -12.47 -9.10
CA TRP A 16 -1.89 -11.48 -9.32
C TRP A 16 -2.58 -10.21 -9.75
N PHE A 17 -2.08 -9.04 -9.27
CA PHE A 17 -2.70 -7.80 -9.64
C PHE A 17 -1.69 -6.72 -9.37
N PHE A 18 -1.95 -5.53 -9.93
CA PHE A 18 -1.04 -4.43 -9.77
C PHE A 18 -1.79 -3.33 -9.07
N ILE A 19 -1.11 -2.66 -8.11
CA ILE A 19 -1.71 -1.57 -7.40
C ILE A 19 -1.08 -0.33 -7.96
N LYS A 20 -1.90 0.56 -8.55
CA LYS A 20 -1.34 1.76 -9.13
C LYS A 20 -1.96 2.94 -8.48
N ASN A 21 -1.15 4.02 -8.37
CA ASN A 21 -1.64 5.24 -7.79
C ASN A 21 -2.15 6.05 -8.95
N ASN A 22 -3.43 6.46 -8.89
CA ASN A 22 -4.05 7.18 -9.99
C ASN A 22 -3.32 8.48 -10.29
N SER A 23 -2.55 9.04 -9.33
CA SER A 23 -1.88 10.30 -9.59
C SER A 23 -0.88 10.16 -10.70
N ASN A 24 -0.05 9.09 -10.69
CA ASN A 24 0.96 8.94 -11.70
C ASN A 24 0.67 7.74 -12.57
N GLY A 25 -0.17 6.80 -12.09
CA GLY A 25 -0.46 5.63 -12.88
C GLY A 25 0.66 4.65 -12.65
N TYR A 26 1.57 4.97 -11.70
CA TYR A 26 2.68 4.11 -11.40
C TYR A 26 2.19 3.09 -10.43
N VAL A 27 2.94 1.95 -10.32
CA VAL A 27 2.51 0.88 -9.44
C VAL A 27 3.51 0.73 -8.34
N LEU A 28 3.08 0.09 -7.23
CA LEU A 28 3.93 -0.12 -6.08
C LEU A 28 5.02 -1.07 -6.46
N MET A 29 6.26 -0.70 -6.08
CA MET A 29 7.40 -1.53 -6.36
C MET A 29 8.33 -1.33 -5.19
N VAL A 30 9.31 -2.23 -5.00
CA VAL A 30 10.26 -2.05 -3.93
C VAL A 30 11.06 -0.83 -4.27
N ASP A 31 11.77 -0.24 -3.27
CA ASP A 31 12.55 0.96 -3.48
C ASP A 31 13.42 0.83 -4.71
N ASN A 32 14.06 -0.33 -4.89
CA ASN A 32 14.92 -0.49 -6.04
C ASN A 32 15.22 -1.95 -6.22
N GLU A 33 14.16 -2.78 -6.36
CA GLU A 33 14.35 -4.21 -6.55
C GLU A 33 15.21 -4.75 -5.44
N SER A 34 14.86 -4.41 -4.19
CA SER A 34 15.63 -4.86 -3.06
C SER A 34 14.97 -6.07 -2.51
N GLN A 35 15.75 -7.15 -2.37
CA GLN A 35 15.22 -8.37 -1.83
C GLN A 35 15.44 -8.33 -0.35
N GLU A 36 16.11 -7.26 0.14
CA GLU A 36 16.36 -7.15 1.55
C GLU A 36 15.20 -6.44 2.18
N SER A 37 14.82 -6.88 3.40
CA SER A 37 13.70 -6.30 4.09
C SER A 37 14.10 -4.96 4.63
N GLY A 38 13.11 -4.13 4.99
CA GLY A 38 13.39 -2.82 5.54
C GLY A 38 13.51 -1.84 4.42
N SER A 39 13.21 -2.27 3.17
CA SER A 39 13.30 -1.38 2.04
C SER A 39 11.96 -0.73 1.90
N PRO A 40 11.95 0.57 1.68
CA PRO A 40 10.71 1.31 1.53
C PRO A 40 9.99 0.98 0.25
N ILE A 41 8.66 1.16 0.24
CA ILE A 41 7.88 0.87 -0.94
C ILE A 41 7.82 2.14 -1.73
N VAL A 42 8.11 2.07 -3.05
CA VAL A 42 8.08 3.27 -3.86
C VAL A 42 7.26 2.99 -5.09
N LEU A 43 6.87 4.07 -5.81
CA LEU A 43 6.07 3.92 -7.00
C LEU A 43 6.99 3.93 -8.18
N ALA A 44 6.68 3.06 -9.16
CA ALA A 44 7.48 2.98 -10.35
C ALA A 44 6.55 2.69 -11.48
N THR A 45 6.85 3.23 -12.69
CA THR A 45 6.01 2.97 -13.83
C THR A 45 6.05 1.51 -14.12
N LEU A 46 5.00 1.02 -14.80
CA LEU A 46 4.91 -0.38 -15.14
C LEU A 46 6.08 -0.75 -16.00
N ARG A 47 6.67 -1.93 -15.72
CA ARG A 47 7.80 -2.39 -16.46
C ARG A 47 7.43 -3.69 -17.13
N THR A 48 7.96 -3.90 -18.35
CA THR A 48 7.68 -5.11 -19.09
C THR A 48 8.49 -6.22 -18.48
N LYS A 49 9.51 -5.85 -17.68
CA LYS A 49 10.36 -6.84 -17.06
C LYS A 49 10.21 -6.70 -15.58
N ASP A 50 10.46 -7.81 -14.84
CA ASP A 50 10.35 -7.80 -13.40
C ASP A 50 8.93 -7.48 -13.03
N TYR A 51 7.96 -8.19 -13.65
CA TYR A 51 6.56 -7.96 -13.36
C TYR A 51 6.29 -8.44 -11.97
N ALA A 52 7.03 -9.47 -11.52
CA ALA A 52 6.83 -10.04 -10.21
C ALA A 52 7.07 -9.01 -9.13
N SER A 53 8.08 -8.14 -9.34
CA SER A 53 8.41 -7.14 -8.35
C SER A 53 7.28 -6.15 -8.26
N GLN A 54 6.48 -6.04 -9.34
CA GLN A 54 5.39 -5.09 -9.34
C GLN A 54 4.11 -5.85 -9.13
N LEU A 55 4.20 -7.17 -8.85
CA LEU A 55 3.02 -7.95 -8.63
C LEU A 55 2.80 -8.12 -7.17
N TRP A 56 1.53 -7.98 -6.76
CA TRP A 56 1.16 -8.10 -5.38
C TRP A 56 0.02 -9.06 -5.32
N ARG A 57 -0.18 -9.68 -4.13
CA ARG A 57 -1.24 -10.63 -3.99
C ARG A 57 -1.84 -10.36 -2.65
N HIS A 58 -3.13 -10.72 -2.48
CA HIS A 58 -3.81 -10.46 -1.24
C HIS A 58 -4.03 -11.76 -0.53
N ASP A 59 -3.42 -11.89 0.67
CA ASP A 59 -3.58 -13.09 1.45
C ASP A 59 -4.93 -12.99 2.11
N PRO A 60 -5.52 -14.13 2.42
CA PRO A 60 -6.83 -14.17 3.06
C PRO A 60 -6.86 -13.50 4.40
N SER A 61 -5.68 -13.30 5.02
CA SER A 61 -5.62 -12.66 6.30
C SER A 61 -5.88 -11.20 6.10
N GLY A 62 -5.71 -10.71 4.85
CA GLY A 62 -5.96 -9.31 4.57
C GLY A 62 -4.66 -8.59 4.37
N TYR A 63 -3.55 -9.31 4.08
CA TYR A 63 -2.28 -8.64 3.91
C TYR A 63 -1.90 -8.71 2.45
N LEU A 64 -1.07 -7.74 2.00
CA LEU A 64 -0.62 -7.70 0.63
C LEU A 64 0.79 -8.21 0.64
N VAL A 65 1.09 -9.16 -0.29
CA VAL A 65 2.41 -9.74 -0.34
C VAL A 65 2.98 -9.45 -1.69
N ASN A 66 4.28 -9.05 -1.73
CA ASN A 66 4.93 -8.78 -2.99
C ASN A 66 5.31 -10.12 -3.54
N LYS A 67 4.98 -10.38 -4.81
CA LYS A 67 5.27 -11.67 -5.40
C LYS A 67 6.76 -11.92 -5.46
N LYS A 68 7.56 -10.89 -5.79
CA LYS A 68 8.98 -11.08 -5.94
C LYS A 68 9.65 -11.21 -4.61
N SER A 69 9.42 -10.23 -3.71
CA SER A 69 10.06 -10.24 -2.43
C SER A 69 9.49 -11.36 -1.61
N GLY A 70 8.16 -11.58 -1.68
CA GLY A 70 7.56 -12.61 -0.88
C GLY A 70 7.35 -12.01 0.47
N GLN A 71 7.65 -10.69 0.56
CA GLN A 71 7.51 -9.97 1.79
C GLN A 71 6.22 -9.21 1.72
N VAL A 72 5.75 -8.69 2.87
CA VAL A 72 4.48 -8.00 2.90
C VAL A 72 4.74 -6.57 3.25
N MET A 73 3.72 -5.72 2.96
CA MET A 73 3.83 -4.31 3.27
C MET A 73 3.73 -4.19 4.76
N ASP A 74 4.56 -3.32 5.37
CA ASP A 74 4.51 -3.17 6.80
C ASP A 74 4.99 -1.79 7.13
N ILE A 75 4.82 -1.36 8.39
CA ILE A 75 5.26 -0.05 8.78
C ILE A 75 6.70 -0.17 9.17
N ALA A 76 7.48 0.89 8.88
CA ALA A 76 8.89 0.90 9.18
C ALA A 76 9.09 0.88 10.67
N LYS A 77 8.28 1.67 11.40
CA LYS A 77 8.39 1.73 12.83
C LYS A 77 7.74 0.53 13.43
N GLY A 78 6.69 0.03 12.77
CA GLY A 78 5.96 -1.10 13.29
C GLY A 78 4.87 -0.54 14.13
N THR A 79 4.96 0.79 14.38
CA THR A 79 3.97 1.49 15.17
C THR A 79 3.35 2.47 14.23
N PRO A 80 2.04 2.39 14.06
CA PRO A 80 1.34 3.29 13.16
C PRO A 80 1.29 4.70 13.64
N LYS A 81 1.71 5.64 12.76
CA LYS A 81 1.70 7.02 13.11
C LYS A 81 1.40 7.75 11.84
N ALA A 82 0.92 8.99 11.93
CA ALA A 82 0.62 9.73 10.74
C ALA A 82 1.94 10.14 10.14
N GLY A 83 2.08 9.92 8.83
CA GLY A 83 3.31 10.28 8.15
C GLY A 83 4.31 9.17 8.29
N VAL A 84 3.91 7.99 8.85
CA VAL A 84 4.86 6.90 8.99
C VAL A 84 5.10 6.30 7.62
N ASP A 85 6.37 5.89 7.34
CA ASP A 85 6.71 5.33 6.05
C ASP A 85 6.36 3.87 6.04
N ILE A 86 6.13 3.33 4.81
CA ILE A 86 5.79 1.94 4.64
C ILE A 86 6.97 1.25 4.00
N VAL A 87 7.41 0.13 4.61
CA VAL A 87 8.53 -0.61 4.09
C VAL A 87 8.12 -2.05 4.02
N GLN A 88 8.85 -2.87 3.23
CA GLN A 88 8.51 -4.26 3.12
C GLN A 88 9.15 -4.97 4.29
N GLN A 89 8.45 -5.96 4.86
CA GLN A 89 8.98 -6.67 6.00
C GLN A 89 8.43 -8.07 5.99
N THR A 90 8.91 -8.91 6.93
CA THR A 90 8.47 -10.28 7.03
C THR A 90 7.04 -10.28 7.48
N GLN A 91 6.27 -11.30 7.03
CA GLN A 91 4.88 -11.41 7.39
C GLN A 91 4.79 -11.79 8.83
N ALA A 92 3.64 -11.47 9.47
CA ALA A 92 3.44 -11.80 10.85
C ALA A 92 2.14 -12.56 10.93
N GLY A 93 1.49 -12.49 12.11
CA GLY A 93 0.25 -13.19 12.32
C GLY A 93 0.55 -14.50 12.96
N SER A 94 1.83 -14.74 13.30
CA SER A 94 2.20 -15.98 13.93
C SER A 94 2.24 -15.77 15.41
N ASN A 95 2.97 -14.72 15.86
CA ASN A 95 3.07 -14.47 17.29
C ASN A 95 2.21 -13.30 17.63
N VAL A 96 1.42 -12.81 16.66
CA VAL A 96 0.55 -11.68 16.93
C VAL A 96 -0.79 -12.02 16.36
N LYS A 97 -1.87 -11.52 17.01
CA LYS A 97 -3.19 -11.76 16.55
C LYS A 97 -3.36 -11.11 15.21
N ASP A 98 -4.11 -11.78 14.30
CA ASP A 98 -4.32 -11.25 12.98
C ASP A 98 -5.18 -10.02 13.06
N ASP A 99 -5.95 -9.86 14.16
CA ASP A 99 -6.83 -8.73 14.29
C ASP A 99 -6.04 -7.60 14.88
N LEU A 100 -4.81 -7.89 15.31
CA LEU A 100 -3.96 -6.88 15.88
C LEU A 100 -2.82 -6.67 14.94
N ASN A 101 -2.94 -7.26 13.75
CA ASN A 101 -1.90 -7.13 12.76
C ASN A 101 -2.20 -5.89 11.97
N PHE A 102 -1.17 -5.02 11.83
CA PHE A 102 -1.33 -3.78 11.12
C PHE A 102 -1.11 -4.02 9.66
N GLN A 103 -0.66 -5.24 9.26
CA GLN A 103 -0.41 -5.52 7.88
C GLN A 103 -1.73 -5.69 7.19
N LYS A 104 -2.83 -5.79 7.97
CA LYS A 104 -4.14 -5.96 7.39
C LYS A 104 -4.62 -4.62 6.90
N PHE A 105 -5.05 -4.58 5.62
CA PHE A 105 -5.51 -3.34 5.02
C PHE A 105 -6.96 -3.53 4.65
N GLY A 106 -7.70 -2.39 4.60
CA GLY A 106 -9.10 -2.44 4.25
C GLY A 106 -9.24 -1.70 2.95
N LEU A 107 -10.28 -2.02 2.17
CA LEU A 107 -10.46 -1.38 0.89
C LEU A 107 -11.73 -0.57 0.94
N SER A 108 -11.60 0.75 0.68
CA SER A 108 -12.75 1.61 0.69
C SER A 108 -13.39 1.52 -0.67
N PRO A 109 -14.71 1.53 -0.72
CA PRO A 109 -15.45 1.46 -1.98
C PRO A 109 -15.12 2.61 -2.90
N TYR A 110 -14.56 3.70 -2.33
CA TYR A 110 -14.23 4.86 -3.13
C TYR A 110 -12.89 4.65 -3.79
N GLY A 111 -12.21 3.51 -3.50
CA GLY A 111 -10.93 3.25 -4.11
C GLY A 111 -9.83 3.69 -3.20
N HIS A 112 -10.16 4.02 -1.93
CA HIS A 112 -9.15 4.45 -1.00
C HIS A 112 -8.72 3.22 -0.23
N ILE A 113 -7.44 3.18 0.16
CA ILE A 113 -6.94 2.04 0.91
C ILE A 113 -6.60 2.55 2.28
N TYR A 114 -7.17 1.92 3.33
CA TYR A 114 -6.89 2.35 4.69
C TYR A 114 -6.52 1.13 5.45
N LEU A 115 -6.16 1.33 6.74
CA LEU A 115 -5.80 0.18 7.55
C LEU A 115 -7.08 -0.35 8.11
N ALA A 116 -7.12 -1.66 8.37
CA ALA A 116 -8.30 -2.28 8.90
C ALA A 116 -8.50 -1.82 10.33
N ASN A 117 -7.41 -1.47 11.05
CA ASN A 117 -7.53 -1.06 12.43
C ASN A 117 -7.38 0.43 12.55
N LYS A 118 -6.86 1.11 11.51
CA LYS A 118 -6.69 2.54 11.59
C LYS A 118 -7.20 3.12 10.32
N PRO A 119 -8.49 3.35 10.28
CA PRO A 119 -9.14 3.95 9.12
C PRO A 119 -8.74 5.37 8.91
N SER A 120 -8.00 5.95 9.90
CA SER A 120 -7.59 7.31 9.80
C SER A 120 -6.30 7.34 9.04
N LEU A 121 -5.63 6.16 8.90
CA LEU A 121 -4.39 6.12 8.19
C LEU A 121 -4.66 5.47 6.86
N ILE A 122 -4.18 6.12 5.77
CA ILE A 122 -4.40 5.59 4.45
C ILE A 122 -3.10 5.67 3.71
N LEU A 123 -3.01 4.92 2.59
CA LEU A 123 -1.80 4.90 1.80
C LEU A 123 -1.79 6.11 0.91
N GLY A 124 -0.61 6.76 0.77
CA GLY A 124 -0.51 7.92 -0.07
C GLY A 124 0.94 8.16 -0.34
N ILE A 125 1.24 9.19 -1.17
CA ILE A 125 2.61 9.50 -1.51
C ILE A 125 2.80 10.98 -1.31
N LYS A 126 4.07 11.41 -1.16
CA LYS A 126 4.34 12.81 -0.96
C LYS A 126 4.88 13.34 -2.26
N GLU A 127 4.53 14.61 -2.57
CA GLU A 127 4.97 15.22 -3.79
C GLU A 127 5.89 16.34 -3.42
N SER A 128 7.05 16.40 -4.08
CA SER A 128 8.01 17.44 -3.81
C SER A 128 8.77 17.67 -5.07
N PHE A 129 9.33 18.89 -5.23
CA PHE A 129 10.07 19.21 -6.42
C PHE A 129 11.36 18.42 -6.41
N PHE A 130 11.84 18.06 -5.20
CA PHE A 130 13.07 17.31 -5.10
C PHE A 130 12.71 15.88 -4.83
N ALA A 131 11.57 15.42 -5.37
CA ALA A 131 11.16 14.07 -5.17
C ALA A 131 10.85 13.51 -6.52
N ARG A 132 11.75 12.63 -7.00
CA ARG A 132 11.58 12.00 -8.29
C ARG A 132 10.28 11.24 -8.27
N ARG A 133 9.46 11.46 -9.32
CA ARG A 133 8.18 10.80 -9.43
C ARG A 133 8.41 9.33 -9.54
N GLU A 134 9.50 8.95 -10.22
CA GLU A 134 9.82 7.57 -10.38
C GLU A 134 10.60 7.21 -9.17
N GLY A 135 9.88 6.84 -8.11
CA GLY A 135 10.51 6.49 -6.88
C GLY A 135 9.78 7.13 -5.74
N LEU A 136 8.57 7.71 -5.97
CA LEU A 136 7.84 8.29 -4.86
C LEU A 136 7.52 7.18 -3.90
N HIS A 137 7.85 7.40 -2.62
CA HIS A 137 7.64 6.39 -1.61
C HIS A 137 6.25 6.47 -1.11
N VAL A 138 5.75 5.31 -0.61
CA VAL A 138 4.42 5.25 -0.08
C VAL A 138 4.56 5.42 1.40
N HIS A 139 3.65 6.22 1.98
CA HIS A 139 3.68 6.47 3.38
C HIS A 139 2.27 6.63 3.82
N LEU A 140 2.02 6.57 5.13
CA LEU A 140 0.67 6.68 5.62
C LEU A 140 0.33 8.12 5.82
N GLN A 141 -0.82 8.52 5.27
CA GLN A 141 -1.29 9.87 5.40
C GLN A 141 -2.58 9.76 6.15
N LEU A 142 -2.93 10.80 6.92
CA LEU A 142 -4.17 10.72 7.65
C LEU A 142 -5.28 11.05 6.70
N VAL A 143 -6.37 10.27 6.80
CA VAL A 143 -7.52 10.43 5.95
C VAL A 143 -8.10 11.81 6.15
N ASP A 144 -8.44 12.48 5.03
CA ASP A 144 -9.01 13.79 5.09
C ASP A 144 -10.23 13.75 4.23
N LYS A 145 -11.40 13.52 4.87
CA LYS A 145 -12.64 13.45 4.14
C LYS A 145 -12.95 14.79 3.53
N ARG A 146 -12.31 15.85 4.06
CA ARG A 146 -12.52 17.18 3.55
C ARG A 146 -11.89 17.28 2.19
N HIS A 147 -10.92 16.41 1.89
CA HIS A 147 -10.25 16.46 0.61
C HIS A 147 -10.21 15.07 0.06
N LEU A 148 -11.30 14.65 -0.60
CA LEU A 148 -11.37 13.33 -1.18
C LEU A 148 -11.11 13.46 -2.65
N ASP A 149 -10.76 14.68 -3.11
CA ASP A 149 -10.50 14.90 -4.51
C ASP A 149 -9.03 14.79 -4.77
N ARG A 150 -8.29 14.13 -3.86
CA ARG A 150 -6.88 13.96 -4.04
C ARG A 150 -6.69 12.67 -4.76
N LYS A 151 -6.30 12.76 -6.05
CA LYS A 151 -6.10 11.57 -6.86
C LYS A 151 -4.93 10.79 -6.33
N GLU A 152 -4.04 11.45 -5.56
CA GLU A 152 -2.88 10.78 -5.02
C GLU A 152 -3.32 9.86 -3.90
N GLN A 153 -4.55 10.08 -3.37
CA GLN A 153 -5.03 9.23 -2.32
C GLN A 153 -5.98 8.26 -2.93
N ARG A 154 -6.18 8.35 -4.28
CA ARG A 154 -7.06 7.43 -4.95
C ARG A 154 -6.22 6.33 -5.50
N TRP A 155 -6.66 5.07 -5.31
CA TRP A 155 -5.89 3.96 -5.78
C TRP A 155 -6.72 3.18 -6.75
N ASP A 156 -6.06 2.65 -7.80
CA ASP A 156 -6.75 1.86 -8.79
C ASP A 156 -6.04 0.54 -8.86
N PHE A 157 -6.69 -0.47 -9.47
CA PHE A 157 -6.09 -1.78 -9.54
C PHE A 157 -6.11 -2.20 -10.98
N VAL A 158 -5.06 -2.94 -11.39
CA VAL A 158 -4.96 -3.39 -12.75
C VAL A 158 -4.66 -4.86 -12.68
N LEU A 159 -5.21 -5.64 -13.61
CA LEU A 159 -4.99 -7.06 -13.62
C LEU A 159 -4.07 -7.34 -14.78
N PRO A 160 -3.30 -8.40 -14.68
CA PRO A 160 -2.36 -8.78 -15.72
C PRO A 160 -3.03 -9.26 -16.96
N VAL A 161 -2.36 -9.04 -18.13
CA VAL A 161 -2.89 -9.45 -19.40
C VAL A 161 -4.18 -8.72 -19.65
N VAL A 162 -4.08 -7.41 -19.95
CA VAL A 162 -5.27 -6.63 -20.20
C VAL A 162 -5.70 -6.88 -21.64
N MET A 1 -10.92 14.16 16.83
CA MET A 1 -9.55 14.05 16.25
C MET A 1 -9.62 13.59 14.82
N ALA A 2 -10.29 12.44 14.59
CA ALA A 2 -10.41 11.91 13.26
C ALA A 2 -11.66 11.09 13.22
N ALA A 3 -12.26 10.96 12.01
CA ALA A 3 -13.46 10.19 11.87
C ALA A 3 -13.47 9.65 10.48
N ALA A 4 -14.17 8.51 10.27
CA ALA A 4 -14.23 7.92 8.97
C ALA A 4 -15.64 7.43 8.78
N MET A 5 -16.13 7.52 7.53
CA MET A 5 -17.47 7.08 7.22
C MET A 5 -17.34 5.89 6.31
N PHE A 6 -16.11 5.37 6.17
CA PHE A 6 -15.87 4.24 5.32
C PHE A 6 -16.15 2.99 6.11
N GLU A 7 -17.41 2.84 6.57
CA GLU A 7 -17.78 1.69 7.36
C GLU A 7 -17.88 0.49 6.45
N LYS A 8 -18.10 0.72 5.14
CA LYS A 8 -18.22 -0.37 4.20
C LYS A 8 -16.83 -0.87 3.89
N SER A 9 -16.69 -2.21 3.78
CA SER A 9 -15.40 -2.79 3.49
C SER A 9 -15.58 -3.67 2.29
N GLU A 10 -14.53 -3.71 1.44
CA GLU A 10 -14.56 -4.52 0.25
C GLU A 10 -13.33 -5.37 0.29
N LYS A 11 -13.24 -6.33 -0.64
CA LYS A 11 -12.10 -7.22 -0.67
C LYS A 11 -11.24 -6.80 -1.80
N PHE A 12 -9.96 -7.23 -1.75
CA PHE A 12 -9.02 -6.89 -2.78
C PHE A 12 -9.09 -7.96 -3.83
N PRO A 13 -8.67 -7.62 -5.04
CA PRO A 13 -8.67 -8.57 -6.15
C PRO A 13 -7.87 -9.81 -5.87
N GLU A 14 -8.32 -10.95 -6.40
CA GLU A 14 -7.60 -12.19 -6.18
C GLU A 14 -6.70 -12.41 -7.35
N GLY A 15 -5.68 -13.28 -7.17
CA GLY A 15 -4.76 -13.55 -8.25
C GLY A 15 -3.72 -12.47 -8.26
N TRP A 16 -3.03 -12.33 -9.41
CA TRP A 16 -2.00 -11.34 -9.55
C TRP A 16 -2.70 -10.03 -9.87
N PHE A 17 -2.18 -8.90 -9.32
CA PHE A 17 -2.81 -7.63 -9.60
C PHE A 17 -1.80 -6.58 -9.31
N PHE A 18 -2.07 -5.36 -9.82
CA PHE A 18 -1.16 -4.26 -9.62
C PHE A 18 -1.90 -3.18 -8.91
N ILE A 19 -1.23 -2.53 -7.95
CA ILE A 19 -1.83 -1.43 -7.22
C ILE A 19 -1.12 -0.21 -7.70
N LYS A 20 -1.86 0.75 -8.30
CA LYS A 20 -1.22 1.92 -8.81
C LYS A 20 -1.90 3.12 -8.22
N ASN A 21 -1.11 4.20 -8.06
CA ASN A 21 -1.65 5.44 -7.53
C ASN A 21 -2.23 6.16 -8.72
N ASN A 22 -3.47 6.64 -8.60
CA ASN A 22 -4.11 7.34 -9.71
C ASN A 22 -3.36 8.60 -10.03
N SER A 23 -2.78 9.26 -9.01
CA SER A 23 -2.10 10.53 -9.21
C SER A 23 -0.89 10.39 -10.08
N ASN A 24 -0.13 9.28 -9.95
CA ASN A 24 1.08 9.15 -10.73
C ASN A 24 0.89 8.11 -11.81
N GLY A 25 -0.08 7.18 -11.62
CA GLY A 25 -0.28 6.15 -12.61
C GLY A 25 0.85 5.17 -12.50
N TYR A 26 1.54 5.16 -11.33
CA TYR A 26 2.65 4.27 -11.12
C TYR A 26 2.22 3.23 -10.14
N VAL A 27 2.88 2.05 -10.19
CA VAL A 27 2.50 0.95 -9.32
C VAL A 27 3.53 0.78 -8.25
N LEU A 28 3.10 0.13 -7.14
CA LEU A 28 3.97 -0.10 -6.01
C LEU A 28 5.00 -1.14 -6.35
N MET A 29 6.26 -0.85 -6.00
CA MET A 29 7.34 -1.79 -6.19
C MET A 29 8.30 -1.59 -5.07
N VAL A 30 9.34 -2.42 -4.99
CA VAL A 30 10.32 -2.28 -3.93
C VAL A 30 11.19 -1.12 -4.32
N ASP A 31 11.83 -0.44 -3.34
CA ASP A 31 12.65 0.73 -3.63
C ASP A 31 13.67 0.45 -4.72
N ASN A 32 14.17 -0.78 -4.80
CA ASN A 32 15.16 -1.09 -5.81
C ASN A 32 15.24 -2.58 -5.97
N GLU A 33 14.07 -3.26 -6.04
CA GLU A 33 14.04 -4.70 -6.21
C GLU A 33 14.86 -5.33 -5.12
N SER A 34 14.61 -4.93 -3.85
CA SER A 34 15.36 -5.47 -2.76
C SER A 34 14.71 -6.74 -2.34
N GLN A 35 15.49 -7.85 -2.41
CA GLN A 35 14.98 -9.13 -2.01
C GLN A 35 15.05 -9.17 -0.52
N GLU A 36 15.77 -8.18 0.07
CA GLU A 36 15.91 -8.14 1.51
C GLU A 36 14.82 -7.26 2.05
N SER A 37 14.27 -7.64 3.22
CA SER A 37 13.22 -6.88 3.83
C SER A 37 13.83 -5.69 4.52
N GLY A 38 12.97 -4.72 4.92
CA GLY A 38 13.45 -3.55 5.61
C GLY A 38 13.66 -2.43 4.62
N SER A 39 13.21 -2.62 3.36
CA SER A 39 13.39 -1.57 2.38
C SER A 39 12.06 -0.92 2.17
N PRO A 40 12.08 0.37 1.87
CA PRO A 40 10.85 1.12 1.64
C PRO A 40 10.16 0.77 0.35
N ILE A 41 8.83 1.02 0.32
CA ILE A 41 8.04 0.70 -0.85
C ILE A 41 7.98 1.96 -1.67
N VAL A 42 8.23 1.87 -3.01
CA VAL A 42 8.21 3.05 -3.83
C VAL A 42 7.36 2.79 -5.04
N LEU A 43 6.96 3.88 -5.73
CA LEU A 43 6.13 3.77 -6.90
C LEU A 43 7.03 3.80 -8.11
N ALA A 44 6.63 3.06 -9.16
CA ALA A 44 7.42 3.03 -10.37
C ALA A 44 6.48 2.79 -11.53
N THR A 45 6.87 3.30 -12.73
CA THR A 45 6.07 3.12 -13.91
C THR A 45 5.96 1.64 -14.17
N LEU A 46 4.78 1.21 -14.68
CA LEU A 46 4.57 -0.19 -14.97
C LEU A 46 5.57 -0.63 -16.01
N ARG A 47 6.11 -1.85 -15.83
CA ARG A 47 7.09 -2.37 -16.76
C ARG A 47 6.63 -3.71 -17.21
N THR A 48 6.99 -4.07 -18.46
CA THR A 48 6.60 -5.35 -19.02
C THR A 48 7.60 -6.37 -18.57
N LYS A 49 8.70 -5.91 -17.95
CA LYS A 49 9.73 -6.81 -17.49
C LYS A 49 9.93 -6.56 -16.02
N ASP A 50 10.25 -7.63 -15.26
CA ASP A 50 10.46 -7.51 -13.83
C ASP A 50 9.21 -6.94 -13.21
N TYR A 51 8.03 -7.39 -13.70
CA TYR A 51 6.79 -6.89 -13.20
C TYR A 51 6.38 -7.71 -12.00
N ALA A 52 7.16 -8.77 -11.68
CA ALA A 52 6.85 -9.59 -10.54
C ALA A 52 6.96 -8.77 -9.29
N SER A 53 7.94 -7.84 -9.27
CA SER A 53 8.15 -7.00 -8.12
C SER A 53 7.06 -5.98 -8.05
N GLN A 54 6.29 -5.83 -9.15
CA GLN A 54 5.21 -4.89 -9.17
C GLN A 54 3.95 -5.65 -8.98
N LEU A 55 4.06 -6.99 -8.78
CA LEU A 55 2.87 -7.80 -8.59
C LEU A 55 2.68 -7.99 -7.11
N TRP A 56 1.40 -7.88 -6.71
CA TRP A 56 1.04 -8.02 -5.33
C TRP A 56 -0.07 -9.02 -5.26
N ARG A 57 -0.26 -9.63 -4.07
CA ARG A 57 -1.30 -10.61 -3.93
C ARG A 57 -1.89 -10.36 -2.59
N HIS A 58 -3.15 -10.78 -2.40
CA HIS A 58 -3.82 -10.54 -1.16
C HIS A 58 -3.97 -11.87 -0.46
N ASP A 59 -3.28 -12.03 0.69
CA ASP A 59 -3.38 -13.25 1.44
C ASP A 59 -4.72 -13.27 2.10
N PRO A 60 -5.23 -14.45 2.38
CA PRO A 60 -6.52 -14.60 3.04
C PRO A 60 -6.54 -14.02 4.42
N SER A 61 -5.35 -13.78 4.99
CA SER A 61 -5.27 -13.23 6.31
C SER A 61 -5.59 -11.76 6.21
N GLY A 62 -5.53 -11.19 4.98
CA GLY A 62 -5.84 -9.80 4.80
C GLY A 62 -4.59 -9.00 4.62
N TYR A 63 -3.47 -9.62 4.19
CA TYR A 63 -2.24 -8.86 4.02
C TYR A 63 -1.87 -8.83 2.57
N LEU A 64 -1.11 -7.78 2.17
CA LEU A 64 -0.65 -7.64 0.80
C LEU A 64 0.75 -8.18 0.78
N VAL A 65 1.04 -9.05 -0.20
CA VAL A 65 2.37 -9.65 -0.27
C VAL A 65 2.93 -9.39 -1.64
N ASN A 66 4.23 -9.04 -1.69
CA ASN A 66 4.88 -8.80 -2.95
C ASN A 66 5.17 -10.16 -3.53
N LYS A 67 4.79 -10.38 -4.80
CA LYS A 67 4.98 -11.67 -5.41
C LYS A 67 6.44 -12.04 -5.48
N LYS A 68 7.30 -11.09 -5.87
CA LYS A 68 8.70 -11.40 -6.04
C LYS A 68 9.42 -11.40 -4.72
N SER A 69 9.26 -10.34 -3.92
CA SER A 69 9.97 -10.25 -2.68
C SER A 69 9.43 -11.27 -1.73
N GLY A 70 8.09 -11.47 -1.71
CA GLY A 70 7.52 -12.43 -0.80
C GLY A 70 7.36 -11.76 0.52
N GLN A 71 7.71 -10.44 0.56
CA GLN A 71 7.60 -9.69 1.79
C GLN A 71 6.26 -9.01 1.75
N VAL A 72 5.79 -8.51 2.92
CA VAL A 72 4.49 -7.88 2.96
C VAL A 72 4.69 -6.44 3.32
N MET A 73 3.66 -5.62 3.02
CA MET A 73 3.73 -4.20 3.32
C MET A 73 3.60 -4.06 4.81
N ASP A 74 4.41 -3.16 5.42
CA ASP A 74 4.32 -3.00 6.85
C ASP A 74 4.85 -1.63 7.19
N ILE A 75 4.73 -1.24 8.47
CA ILE A 75 5.19 0.05 8.89
C ILE A 75 6.62 -0.09 9.34
N ALA A 76 7.44 0.94 9.04
CA ALA A 76 8.84 0.92 9.39
C ALA A 76 8.98 1.00 10.88
N LYS A 77 8.21 1.90 11.52
CA LYS A 77 8.29 2.07 12.95
C LYS A 77 7.67 0.89 13.63
N GLY A 78 6.64 0.32 12.99
CA GLY A 78 5.94 -0.80 13.59
C GLY A 78 4.82 -0.19 14.37
N THR A 79 4.83 1.15 14.46
CA THR A 79 3.81 1.87 15.18
C THR A 79 3.09 2.69 14.13
N PRO A 80 1.80 2.48 13.98
CA PRO A 80 1.03 3.19 12.98
C PRO A 80 0.71 4.60 13.37
N LYS A 81 1.39 5.57 12.72
CA LYS A 81 1.16 6.96 12.99
C LYS A 81 1.15 7.64 11.68
N ALA A 82 0.66 8.88 11.68
CA ALA A 82 0.62 9.63 10.47
C ALA A 82 2.03 10.02 10.16
N GLY A 83 2.42 9.90 8.88
CA GLY A 83 3.75 10.26 8.48
C GLY A 83 4.70 9.10 8.66
N VAL A 84 4.21 7.90 9.04
CA VAL A 84 5.12 6.77 9.18
C VAL A 84 5.35 6.19 7.81
N ASP A 85 6.64 5.94 7.47
CA ASP A 85 6.99 5.39 6.18
C ASP A 85 6.58 3.95 6.12
N ILE A 86 6.29 3.47 4.88
CA ILE A 86 5.89 2.09 4.68
C ILE A 86 7.06 1.36 4.11
N VAL A 87 7.43 0.22 4.74
CA VAL A 87 8.54 -0.57 4.28
C VAL A 87 8.07 -1.99 4.22
N GLN A 88 8.80 -2.86 3.48
CA GLN A 88 8.39 -4.24 3.39
C GLN A 88 9.04 -4.99 4.51
N GLN A 89 8.26 -5.90 5.15
CA GLN A 89 8.78 -6.68 6.25
C GLN A 89 8.25 -8.07 6.09
N THR A 90 8.81 -9.02 6.87
CA THR A 90 8.37 -10.40 6.79
C THR A 90 7.03 -10.50 7.45
N GLN A 91 6.19 -11.41 6.94
CA GLN A 91 4.86 -11.60 7.48
C GLN A 91 4.99 -12.25 8.82
N ALA A 92 3.96 -12.07 9.68
CA ALA A 92 3.98 -12.66 10.99
C ALA A 92 2.56 -12.92 11.37
N GLY A 93 2.35 -13.86 12.30
CA GLY A 93 1.01 -14.18 12.72
C GLY A 93 1.10 -15.27 13.75
N SER A 94 2.14 -16.11 13.66
CA SER A 94 2.30 -17.20 14.61
C SER A 94 2.54 -16.60 15.97
N ASN A 95 3.37 -15.53 16.05
CA ASN A 95 3.66 -14.92 17.32
C ASN A 95 3.10 -13.52 17.34
N VAL A 96 2.17 -13.22 16.41
CA VAL A 96 1.59 -11.90 16.37
C VAL A 96 0.11 -12.07 16.33
N LYS A 97 -0.61 -11.39 17.26
CA LYS A 97 -2.03 -11.46 17.32
C LYS A 97 -2.58 -10.88 16.04
N ASP A 98 -3.72 -11.44 15.58
CA ASP A 98 -4.33 -10.96 14.35
C ASP A 98 -4.79 -9.54 14.55
N ASP A 99 -4.98 -9.12 15.82
CA ASP A 99 -5.44 -7.78 16.10
C ASP A 99 -4.25 -6.88 16.25
N LEU A 100 -3.05 -7.47 16.15
CA LEU A 100 -1.83 -6.70 16.27
C LEU A 100 -1.15 -6.73 14.95
N ASN A 101 -1.84 -7.29 13.95
CA ASN A 101 -1.28 -7.36 12.62
C ASN A 101 -1.50 -6.03 11.98
N PHE A 102 -0.41 -5.37 11.57
CA PHE A 102 -0.52 -4.07 10.97
C PHE A 102 -0.48 -4.20 9.47
N GLN A 103 -0.18 -5.41 8.96
CA GLN A 103 -0.10 -5.60 7.53
C GLN A 103 -1.50 -5.75 6.98
N LYS A 104 -2.53 -5.76 7.87
CA LYS A 104 -3.89 -5.87 7.42
C LYS A 104 -4.31 -4.55 6.85
N PHE A 105 -5.07 -4.59 5.74
CA PHE A 105 -5.53 -3.37 5.11
C PHE A 105 -7.00 -3.51 4.83
N GLY A 106 -7.71 -2.37 4.83
CA GLY A 106 -9.12 -2.36 4.56
C GLY A 106 -9.30 -1.68 3.23
N LEU A 107 -10.38 -2.02 2.51
CA LEU A 107 -10.59 -1.42 1.21
C LEU A 107 -12.00 -0.89 1.19
N SER A 108 -12.15 0.42 0.91
CA SER A 108 -13.47 1.00 0.84
C SER A 108 -13.91 0.95 -0.60
N PRO A 109 -15.20 1.02 -0.81
CA PRO A 109 -15.77 1.02 -2.16
C PRO A 109 -15.34 2.19 -2.99
N TYR A 110 -14.86 3.27 -2.31
CA TYR A 110 -14.43 4.45 -3.02
C TYR A 110 -13.06 4.21 -3.60
N GLY A 111 -12.40 3.10 -3.20
CA GLY A 111 -11.09 2.80 -3.73
C GLY A 111 -10.04 3.30 -2.79
N HIS A 112 -10.43 3.78 -1.59
CA HIS A 112 -9.45 4.25 -0.65
C HIS A 112 -8.96 3.06 0.11
N ILE A 113 -7.63 2.96 0.29
CA ILE A 113 -7.05 1.85 1.01
C ILE A 113 -6.58 2.39 2.32
N TYR A 114 -7.08 1.81 3.44
CA TYR A 114 -6.70 2.27 4.75
C TYR A 114 -6.27 1.08 5.53
N LEU A 115 -5.87 1.30 6.78
CA LEU A 115 -5.44 0.20 7.62
C LEU A 115 -6.68 -0.36 8.25
N ALA A 116 -6.67 -1.67 8.49
CA ALA A 116 -7.81 -2.31 9.10
C ALA A 116 -7.89 -1.92 10.55
N ASN A 117 -6.74 -1.55 11.16
CA ASN A 117 -6.73 -1.18 12.56
C ASN A 117 -6.77 0.32 12.70
N LYS A 118 -6.34 1.05 11.66
CA LYS A 118 -6.34 2.49 11.72
C LYS A 118 -6.92 2.99 10.44
N PRO A 119 -8.22 3.07 10.40
CA PRO A 119 -8.95 3.54 9.23
C PRO A 119 -8.68 4.97 8.90
N SER A 120 -8.02 5.70 9.83
CA SER A 120 -7.74 7.08 9.58
C SER A 120 -6.45 7.17 8.83
N LEU A 121 -5.67 6.06 8.80
CA LEU A 121 -4.41 6.06 8.10
C LEU A 121 -4.64 5.44 6.76
N ILE A 122 -4.14 6.10 5.71
CA ILE A 122 -4.30 5.59 4.38
C ILE A 122 -2.98 5.69 3.70
N LEU A 123 -2.83 4.97 2.56
CA LEU A 123 -1.59 4.99 1.84
C LEU A 123 -1.61 6.18 0.92
N GLY A 124 -0.45 6.84 0.77
CA GLY A 124 -0.35 8.00 -0.08
C GLY A 124 1.09 8.18 -0.38
N ILE A 125 1.45 9.25 -1.11
CA ILE A 125 2.82 9.49 -1.46
C ILE A 125 3.10 10.95 -1.26
N LYS A 126 4.40 11.31 -1.13
CA LYS A 126 4.74 12.70 -0.94
C LYS A 126 5.03 13.26 -2.30
N GLU A 127 4.64 14.55 -2.51
CA GLU A 127 4.86 15.17 -3.79
C GLU A 127 5.74 16.36 -3.55
N SER A 128 6.84 16.44 -4.32
CA SER A 128 7.76 17.54 -4.19
C SER A 128 8.38 17.73 -5.53
N PHE A 129 8.89 18.96 -5.80
CA PHE A 129 9.51 19.24 -7.06
C PHE A 129 10.82 18.50 -7.12
N PHE A 130 11.42 18.23 -5.94
CA PHE A 130 12.68 17.54 -5.90
C PHE A 130 12.41 16.12 -5.51
N ALA A 131 11.27 15.57 -5.98
CA ALA A 131 10.93 14.21 -5.66
C ALA A 131 10.59 13.54 -6.95
N ARG A 132 11.52 12.69 -7.40
CA ARG A 132 11.34 11.95 -8.64
C ARG A 132 10.12 11.07 -8.48
N ARG A 133 9.23 11.12 -9.49
CA ARG A 133 8.02 10.34 -9.47
C ARG A 133 8.38 8.88 -9.47
N GLU A 134 9.47 8.56 -10.21
CA GLU A 134 9.91 7.20 -10.28
C GLU A 134 10.75 6.97 -9.07
N GLY A 135 10.07 6.61 -7.97
CA GLY A 135 10.76 6.37 -6.74
C GLY A 135 10.00 6.99 -5.61
N LEU A 136 8.77 7.51 -5.86
CA LEU A 136 8.00 8.09 -4.76
C LEU A 136 7.67 6.98 -3.82
N HIS A 137 8.01 7.18 -2.54
CA HIS A 137 7.77 6.17 -1.53
C HIS A 137 6.40 6.34 -0.96
N VAL A 138 5.85 5.23 -0.43
CA VAL A 138 4.55 5.28 0.17
C VAL A 138 4.74 5.89 1.53
N HIS A 139 3.84 6.81 1.86
CA HIS A 139 3.90 7.52 3.11
C HIS A 139 2.54 7.43 3.71
N LEU A 140 2.44 7.18 5.03
CA LEU A 140 1.14 7.10 5.64
C LEU A 140 0.62 8.48 5.80
N GLN A 141 -0.65 8.68 5.40
CA GLN A 141 -1.25 9.98 5.49
C GLN A 141 -2.59 9.76 6.10
N LEU A 142 -3.15 10.80 6.75
CA LEU A 142 -4.43 10.65 7.37
C LEU A 142 -5.47 11.12 6.40
N VAL A 143 -6.68 10.54 6.52
CA VAL A 143 -7.76 10.89 5.63
C VAL A 143 -8.14 12.33 5.85
N ASP A 144 -8.70 12.94 4.80
CA ASP A 144 -9.11 14.32 4.88
C ASP A 144 -10.38 14.37 4.08
N LYS A 145 -11.52 14.35 4.80
CA LYS A 145 -12.82 14.35 4.16
C LYS A 145 -13.05 15.67 3.49
N ARG A 146 -12.31 16.71 3.91
CA ARG A 146 -12.46 18.02 3.32
C ARG A 146 -11.96 17.97 1.90
N HIS A 147 -11.04 17.03 1.61
CA HIS A 147 -10.49 16.93 0.27
C HIS A 147 -10.38 15.48 -0.08
N LEU A 148 -11.49 14.93 -0.62
CA LEU A 148 -11.50 13.54 -1.03
C LEU A 148 -11.32 13.47 -2.52
N ASP A 149 -11.08 14.65 -3.15
CA ASP A 149 -10.92 14.69 -4.58
C ASP A 149 -9.46 14.66 -4.91
N ARG A 150 -8.62 14.17 -3.97
CA ARG A 150 -7.21 14.11 -4.22
C ARG A 150 -6.94 12.79 -4.88
N LYS A 151 -6.30 12.85 -6.07
CA LYS A 151 -6.01 11.65 -6.82
C LYS A 151 -4.97 10.84 -6.08
N GLU A 152 -4.20 11.51 -5.21
CA GLU A 152 -3.16 10.82 -4.48
C GLU A 152 -3.79 9.93 -3.43
N GLN A 153 -5.06 10.23 -3.07
CA GLN A 153 -5.73 9.42 -2.08
C GLN A 153 -6.56 8.41 -2.81
N ARG A 154 -6.53 8.45 -4.16
CA ARG A 154 -7.31 7.51 -4.94
C ARG A 154 -6.38 6.46 -5.44
N TRP A 155 -6.80 5.17 -5.29
CA TRP A 155 -5.98 4.08 -5.73
C TRP A 155 -6.73 3.32 -6.78
N ASP A 156 -6.01 2.91 -7.84
CA ASP A 156 -6.62 2.16 -8.90
C ASP A 156 -5.99 0.79 -8.90
N PHE A 157 -6.79 -0.23 -9.29
CA PHE A 157 -6.29 -1.57 -9.33
C PHE A 157 -6.27 -1.98 -10.76
N VAL A 158 -5.18 -2.66 -11.19
CA VAL A 158 -5.07 -3.07 -12.56
C VAL A 158 -4.76 -4.54 -12.54
N LEU A 159 -5.32 -5.28 -13.52
CA LEU A 159 -5.09 -6.69 -13.59
C LEU A 159 -4.20 -6.93 -14.78
N PRO A 160 -3.47 -8.03 -14.75
CA PRO A 160 -2.54 -8.36 -15.83
C PRO A 160 -3.21 -8.47 -17.16
N VAL A 161 -2.51 -7.98 -18.22
CA VAL A 161 -3.07 -8.04 -19.54
C VAL A 161 -1.93 -8.30 -20.48
N VAL A 162 -2.19 -9.10 -21.54
CA VAL A 162 -1.14 -9.41 -22.49
C VAL A 162 -1.10 -8.28 -23.52
N MET A 1 -10.91 10.06 19.44
CA MET A 1 -11.86 10.99 18.77
C MET A 1 -12.91 10.23 18.01
N ALA A 2 -12.47 9.28 17.17
CA ALA A 2 -13.40 8.50 16.39
C ALA A 2 -12.73 7.21 16.06
N ALA A 3 -13.53 6.16 15.79
CA ALA A 3 -12.97 4.88 15.46
C ALA A 3 -13.90 4.24 14.47
N ALA A 4 -13.32 3.42 13.56
CA ALA A 4 -14.12 2.74 12.55
C ALA A 4 -14.79 3.76 11.71
N MET A 5 -13.98 4.61 11.03
CA MET A 5 -14.53 5.63 10.17
C MET A 5 -15.15 4.94 9.00
N PHE A 6 -14.61 3.75 8.67
CA PHE A 6 -15.11 3.00 7.56
C PHE A 6 -15.24 1.58 8.01
N GLU A 7 -16.42 1.23 8.55
CA GLU A 7 -16.65 -0.13 9.02
C GLU A 7 -16.78 -1.03 7.83
N LYS A 8 -17.18 -0.47 6.67
CA LYS A 8 -17.34 -1.26 5.48
C LYS A 8 -16.00 -1.43 4.84
N SER A 9 -15.73 -2.62 4.27
CA SER A 9 -14.48 -2.86 3.62
C SER A 9 -14.74 -3.79 2.47
N GLU A 10 -14.09 -3.52 1.32
CA GLU A 10 -14.25 -4.35 0.16
C GLU A 10 -13.12 -5.33 0.13
N LYS A 11 -13.19 -6.30 -0.79
CA LYS A 11 -12.17 -7.29 -0.89
C LYS A 11 -11.41 -7.03 -2.16
N PHE A 12 -10.21 -7.61 -2.25
CA PHE A 12 -9.37 -7.42 -3.42
C PHE A 12 -9.69 -8.54 -4.37
N PRO A 13 -9.42 -8.31 -5.64
CA PRO A 13 -9.68 -9.32 -6.67
C PRO A 13 -8.76 -10.50 -6.57
N GLU A 14 -9.22 -11.65 -7.11
CA GLU A 14 -8.44 -12.86 -7.06
C GLU A 14 -7.32 -12.76 -8.07
N GLY A 15 -6.27 -13.57 -7.88
CA GLY A 15 -5.15 -13.55 -8.79
C GLY A 15 -4.25 -12.43 -8.36
N TRP A 16 -3.31 -12.05 -9.23
CA TRP A 16 -2.41 -10.98 -8.89
C TRP A 16 -3.06 -9.71 -9.38
N PHE A 17 -2.42 -8.56 -9.08
CA PHE A 17 -2.99 -7.31 -9.49
C PHE A 17 -1.94 -6.27 -9.28
N PHE A 18 -2.17 -5.09 -9.89
CA PHE A 18 -1.22 -4.01 -9.79
C PHE A 18 -1.91 -2.88 -9.09
N ILE A 19 -1.21 -2.25 -8.12
CA ILE A 19 -1.79 -1.13 -7.43
C ILE A 19 -1.20 0.08 -8.09
N LYS A 20 -2.04 0.88 -8.76
CA LYS A 20 -1.55 2.02 -9.49
C LYS A 20 -2.08 3.28 -8.84
N ASN A 21 -1.17 4.25 -8.60
CA ASN A 21 -1.59 5.50 -8.02
C ASN A 21 -1.99 6.37 -9.18
N ASN A 22 -3.21 6.94 -9.11
CA ASN A 22 -3.74 7.75 -10.19
C ASN A 22 -2.95 9.02 -10.41
N SER A 23 -2.17 9.50 -9.41
CA SER A 23 -1.46 10.76 -9.59
C SER A 23 -0.35 10.62 -10.60
N ASN A 24 0.37 9.48 -10.62
CA ASN A 24 1.47 9.34 -11.54
C ASN A 24 1.20 8.23 -12.50
N GLY A 25 0.24 7.33 -12.19
CA GLY A 25 -0.02 6.23 -13.08
C GLY A 25 1.07 5.21 -12.89
N TYR A 26 1.75 5.28 -11.73
CA TYR A 26 2.83 4.38 -11.43
C TYR A 26 2.29 3.36 -10.48
N VAL A 27 3.01 2.22 -10.32
CA VAL A 27 2.54 1.17 -9.45
C VAL A 27 3.55 0.96 -8.36
N LEU A 28 3.08 0.33 -7.25
CA LEU A 28 3.92 0.07 -6.11
C LEU A 28 4.98 -0.93 -6.47
N MET A 29 6.23 -0.61 -6.09
CA MET A 29 7.34 -1.47 -6.35
C MET A 29 8.26 -1.32 -5.16
N VAL A 30 9.21 -2.25 -4.97
CA VAL A 30 10.14 -2.12 -3.87
C VAL A 30 11.02 -0.93 -4.23
N ASP A 31 11.75 -0.38 -3.24
CA ASP A 31 12.58 0.80 -3.46
C ASP A 31 13.43 0.64 -4.70
N ASN A 32 14.05 -0.53 -4.89
CA ASN A 32 14.88 -0.72 -6.05
C ASN A 32 15.19 -2.18 -6.18
N GLU A 33 14.14 -3.02 -6.38
CA GLU A 33 14.35 -4.45 -6.54
C GLU A 33 15.14 -4.98 -5.38
N SER A 34 14.73 -4.59 -4.15
CA SER A 34 15.43 -5.03 -2.97
C SER A 34 14.74 -6.24 -2.45
N GLN A 35 15.51 -7.33 -2.30
CA GLN A 35 14.96 -8.56 -1.78
C GLN A 35 15.18 -8.54 -0.30
N GLU A 36 15.86 -7.48 0.19
CA GLU A 36 16.12 -7.38 1.61
C GLU A 36 14.95 -6.69 2.25
N SER A 37 14.66 -7.05 3.51
CA SER A 37 13.56 -6.46 4.23
C SER A 37 14.00 -5.14 4.78
N GLY A 38 13.03 -4.24 5.05
CA GLY A 38 13.34 -2.95 5.61
C GLY A 38 13.49 -1.95 4.50
N SER A 39 13.19 -2.34 3.25
CA SER A 39 13.31 -1.40 2.16
C SER A 39 11.98 -0.74 2.00
N PRO A 40 12.00 0.55 1.71
CA PRO A 40 10.77 1.31 1.54
C PRO A 40 10.05 0.97 0.27
N ILE A 41 8.73 1.19 0.27
CA ILE A 41 7.93 0.89 -0.91
C ILE A 41 7.91 2.15 -1.73
N VAL A 42 8.19 2.06 -3.05
CA VAL A 42 8.21 3.26 -3.87
C VAL A 42 7.39 2.99 -5.11
N LEU A 43 7.05 4.08 -5.83
CA LEU A 43 6.27 3.95 -7.03
C LEU A 43 7.20 3.89 -8.21
N ALA A 44 6.84 3.08 -9.21
CA ALA A 44 7.66 2.95 -10.38
C ALA A 44 6.77 2.75 -11.57
N THR A 45 7.22 3.21 -12.76
CA THR A 45 6.45 3.05 -13.97
C THR A 45 6.27 1.59 -14.22
N LEU A 46 5.09 1.20 -14.76
CA LEU A 46 4.82 -0.19 -15.03
C LEU A 46 5.82 -0.71 -16.01
N ARG A 47 6.29 -1.96 -15.78
CA ARG A 47 7.27 -2.56 -16.63
C ARG A 47 6.63 -3.75 -17.28
N THR A 48 7.01 -4.00 -18.55
CA THR A 48 6.47 -5.11 -19.28
C THR A 48 7.21 -6.35 -18.89
N LYS A 49 8.42 -6.17 -18.34
CA LYS A 49 9.24 -7.29 -17.95
C LYS A 49 9.67 -7.07 -16.53
N ASP A 50 9.87 -8.18 -15.77
CA ASP A 50 10.30 -8.09 -14.39
C ASP A 50 9.28 -7.30 -13.61
N TYR A 51 7.98 -7.58 -13.86
CA TYR A 51 6.93 -6.86 -13.19
C TYR A 51 6.47 -7.66 -12.00
N ALA A 52 7.21 -8.73 -11.64
CA ALA A 52 6.85 -9.55 -10.50
C ALA A 52 6.91 -8.72 -9.25
N SER A 53 7.90 -7.82 -9.18
CA SER A 53 8.09 -6.98 -8.02
C SER A 53 7.00 -5.94 -7.98
N GLN A 54 6.29 -5.78 -9.12
CA GLN A 54 5.23 -4.81 -9.18
C GLN A 54 3.94 -5.54 -9.00
N LEU A 55 4.02 -6.88 -8.79
CA LEU A 55 2.82 -7.67 -8.60
C LEU A 55 2.60 -7.85 -7.14
N TRP A 56 1.33 -7.67 -6.73
CA TRP A 56 0.96 -7.79 -5.36
C TRP A 56 -0.19 -8.75 -5.30
N ARG A 57 -0.42 -9.36 -4.12
CA ARG A 57 -1.49 -10.30 -4.00
C ARG A 57 -2.07 -10.06 -2.65
N HIS A 58 -3.34 -10.48 -2.45
CA HIS A 58 -3.99 -10.25 -1.20
C HIS A 58 -4.17 -11.57 -0.52
N ASP A 59 -3.50 -11.76 0.64
CA ASP A 59 -3.63 -13.01 1.36
C ASP A 59 -4.98 -12.98 2.03
N PRO A 60 -5.52 -14.14 2.28
CA PRO A 60 -6.81 -14.25 2.93
C PRO A 60 -6.84 -13.69 4.31
N SER A 61 -5.63 -13.48 4.90
CA SER A 61 -5.56 -12.92 6.22
C SER A 61 -5.87 -11.47 6.12
N GLY A 62 -5.74 -10.89 4.89
CA GLY A 62 -6.07 -9.50 4.71
C GLY A 62 -4.80 -8.70 4.51
N TYR A 63 -3.68 -9.34 4.13
CA TYR A 63 -2.45 -8.58 3.97
C TYR A 63 -2.04 -8.58 2.51
N LEU A 64 -1.26 -7.55 2.12
CA LEU A 64 -0.77 -7.42 0.76
C LEU A 64 0.59 -8.03 0.76
N VAL A 65 0.87 -8.90 -0.24
CA VAL A 65 2.14 -9.55 -0.32
C VAL A 65 2.74 -9.30 -1.67
N ASN A 66 4.06 -9.00 -1.70
CA ASN A 66 4.72 -8.77 -2.95
C ASN A 66 4.98 -10.12 -3.55
N LYS A 67 4.62 -10.31 -4.82
CA LYS A 67 4.79 -11.61 -5.45
C LYS A 67 6.25 -12.01 -5.53
N LYS A 68 7.14 -11.06 -5.86
CA LYS A 68 8.53 -11.40 -6.03
C LYS A 68 9.22 -11.66 -4.73
N SER A 69 9.10 -10.74 -3.75
CA SER A 69 9.81 -10.92 -2.51
C SER A 69 9.03 -11.80 -1.58
N GLY A 70 7.69 -11.80 -1.67
CA GLY A 70 6.92 -12.63 -0.78
C GLY A 70 6.80 -11.91 0.53
N GLN A 71 7.32 -10.67 0.57
CA GLN A 71 7.27 -9.89 1.78
C GLN A 71 5.99 -9.11 1.75
N VAL A 72 5.60 -8.55 2.91
CA VAL A 72 4.35 -7.84 2.99
C VAL A 72 4.62 -6.41 3.32
N MET A 73 3.62 -5.55 3.03
CA MET A 73 3.75 -4.14 3.32
C MET A 73 3.64 -3.99 4.81
N ASP A 74 4.46 -3.08 5.39
CA ASP A 74 4.40 -2.89 6.83
C ASP A 74 4.89 -1.51 7.11
N ILE A 75 4.71 -1.06 8.37
CA ILE A 75 5.15 0.26 8.74
C ILE A 75 6.55 0.15 9.26
N ALA A 76 7.39 1.16 8.95
CA ALA A 76 8.76 1.14 9.40
C ALA A 76 8.81 1.25 10.90
N LYS A 77 7.96 2.14 11.46
CA LYS A 77 7.92 2.34 12.89
C LYS A 77 7.30 1.13 13.53
N GLY A 78 6.33 0.52 12.83
CA GLY A 78 5.65 -0.63 13.37
C GLY A 78 4.48 -0.09 14.12
N THR A 79 4.43 1.25 14.26
CA THR A 79 3.35 1.89 14.95
C THR A 79 2.78 2.90 14.01
N PRO A 80 1.50 2.79 13.68
CA PRO A 80 0.87 3.72 12.76
C PRO A 80 0.93 5.14 13.22
N LYS A 81 1.41 6.04 12.34
CA LYS A 81 1.51 7.42 12.68
C LYS A 81 1.29 8.16 11.41
N ALA A 82 0.79 9.41 11.50
CA ALA A 82 0.61 10.17 10.30
C ALA A 82 1.97 10.56 9.84
N GLY A 83 2.24 10.37 8.54
CA GLY A 83 3.53 10.71 8.01
C GLY A 83 4.49 9.58 8.28
N VAL A 84 3.97 8.37 8.60
CA VAL A 84 4.86 7.25 8.83
C VAL A 84 5.20 6.67 7.47
N ASP A 85 6.42 6.09 7.34
CA ASP A 85 6.85 5.54 6.07
C ASP A 85 6.45 4.08 6.02
N ILE A 86 6.25 3.56 4.78
CA ILE A 86 5.87 2.18 4.59
C ILE A 86 7.03 1.45 4.01
N VAL A 87 7.40 0.32 4.65
CA VAL A 87 8.52 -0.48 4.20
C VAL A 87 8.07 -1.91 4.13
N GLN A 88 8.81 -2.76 3.39
CA GLN A 88 8.41 -4.15 3.28
C GLN A 88 9.06 -4.92 4.41
N GLN A 89 8.31 -5.88 4.99
CA GLN A 89 8.84 -6.68 6.07
C GLN A 89 8.25 -8.06 5.94
N THR A 90 8.76 -9.00 6.77
CA THR A 90 8.28 -10.37 6.74
C THR A 90 6.89 -10.39 7.32
N GLN A 91 6.07 -11.35 6.85
CA GLN A 91 4.71 -11.47 7.32
C GLN A 91 4.74 -11.98 8.74
N ALA A 92 3.65 -11.71 9.50
CA ALA A 92 3.59 -12.14 10.87
C ALA A 92 2.17 -12.46 11.17
N GLY A 93 1.94 -13.22 12.25
CA GLY A 93 0.59 -13.59 12.62
C GLY A 93 0.68 -14.73 13.58
N SER A 94 1.78 -15.51 13.49
CA SER A 94 1.97 -16.63 14.39
C SER A 94 2.12 -16.12 15.79
N ASN A 95 2.86 -15.00 15.96
CA ASN A 95 3.06 -14.45 17.28
C ASN A 95 2.56 -13.05 17.32
N VAL A 96 1.69 -12.68 16.35
CA VAL A 96 1.16 -11.34 16.31
C VAL A 96 -0.34 -11.47 16.26
N LYS A 97 -1.04 -10.75 17.16
CA LYS A 97 -2.48 -10.79 17.18
C LYS A 97 -3.00 -10.16 15.93
N ASP A 98 -4.25 -10.49 15.59
CA ASP A 98 -4.85 -9.93 14.41
C ASP A 98 -5.26 -8.52 14.74
N ASP A 99 -5.34 -8.19 16.05
CA ASP A 99 -5.72 -6.85 16.45
C ASP A 99 -4.48 -6.03 16.54
N LEU A 100 -3.32 -6.71 16.49
CA LEU A 100 -2.06 -6.02 16.56
C LEU A 100 -1.41 -6.19 15.22
N ASN A 101 -2.19 -6.67 14.24
CA ASN A 101 -1.67 -6.88 12.93
C ASN A 101 -1.94 -5.62 12.14
N PHE A 102 -0.84 -4.95 11.73
CA PHE A 102 -0.97 -3.71 11.01
C PHE A 102 -0.84 -3.96 9.53
N GLN A 103 -0.51 -5.21 9.11
CA GLN A 103 -0.34 -5.49 7.71
C GLN A 103 -1.71 -5.68 7.09
N LYS A 104 -2.76 -5.72 7.93
CA LYS A 104 -4.11 -5.88 7.42
C LYS A 104 -4.56 -4.54 6.90
N PHE A 105 -5.02 -4.51 5.63
CA PHE A 105 -5.47 -3.27 5.03
C PHE A 105 -6.90 -3.42 4.65
N GLY A 106 -7.63 -2.29 4.61
CA GLY A 106 -9.03 -2.31 4.25
C GLY A 106 -9.13 -1.64 2.92
N LEU A 107 -10.12 -2.07 2.10
CA LEU A 107 -10.26 -1.52 0.78
C LEU A 107 -11.55 -0.73 0.74
N SER A 108 -11.44 0.57 0.40
CA SER A 108 -12.60 1.42 0.31
C SER A 108 -13.15 1.27 -1.08
N PRO A 109 -14.46 1.22 -1.20
CA PRO A 109 -15.11 1.09 -2.50
C PRO A 109 -14.98 2.32 -3.34
N TYR A 110 -14.47 3.43 -2.74
CA TYR A 110 -14.32 4.66 -3.47
C TYR A 110 -12.97 4.67 -4.14
N GLY A 111 -12.16 3.60 -3.94
CA GLY A 111 -10.86 3.55 -4.57
C GLY A 111 -9.83 4.10 -3.62
N HIS A 112 -9.97 3.80 -2.32
CA HIS A 112 -9.02 4.28 -1.35
C HIS A 112 -8.59 3.09 -0.54
N ILE A 113 -7.33 3.11 -0.05
CA ILE A 113 -6.83 2.01 0.73
C ILE A 113 -6.49 2.56 2.09
N TYR A 114 -7.04 1.96 3.16
CA TYR A 114 -6.77 2.43 4.49
C TYR A 114 -6.39 1.25 5.32
N LEU A 115 -6.03 1.49 6.58
CA LEU A 115 -5.65 0.38 7.44
C LEU A 115 -6.92 -0.12 8.05
N ALA A 116 -6.95 -1.43 8.35
CA ALA A 116 -8.13 -2.01 8.95
C ALA A 116 -8.25 -1.56 10.38
N ASN A 117 -7.12 -1.19 11.03
CA ASN A 117 -7.17 -0.79 12.41
C ASN A 117 -7.07 0.71 12.51
N LYS A 118 -6.54 1.38 11.46
CA LYS A 118 -6.41 2.81 11.49
C LYS A 118 -6.96 3.32 10.19
N PRO A 119 -8.25 3.49 10.16
CA PRO A 119 -8.94 3.98 8.97
C PRO A 119 -8.62 5.40 8.65
N SER A 120 -7.91 6.10 9.57
CA SER A 120 -7.57 7.47 9.33
C SER A 120 -6.28 7.50 8.56
N LEU A 121 -5.54 6.37 8.56
CA LEU A 121 -4.28 6.33 7.84
C LEU A 121 -4.57 5.69 6.51
N ILE A 122 -4.09 6.33 5.43
CA ILE A 122 -4.31 5.79 4.11
C ILE A 122 -3.03 5.86 3.35
N LEU A 123 -2.94 5.10 2.25
CA LEU A 123 -1.73 5.07 1.46
C LEU A 123 -1.71 6.28 0.58
N GLY A 124 -0.51 6.85 0.39
CA GLY A 124 -0.36 8.02 -0.44
C GLY A 124 1.11 8.19 -0.69
N ILE A 125 1.48 9.32 -1.33
CA ILE A 125 2.88 9.57 -1.62
C ILE A 125 3.13 11.03 -1.35
N LYS A 126 4.43 11.39 -1.16
CA LYS A 126 4.75 12.77 -0.92
C LYS A 126 5.34 13.32 -2.18
N GLU A 127 4.94 14.54 -2.54
CA GLU A 127 5.42 15.16 -3.74
C GLU A 127 6.37 16.23 -3.33
N SER A 128 7.56 16.24 -3.96
CA SER A 128 8.56 17.22 -3.65
C SER A 128 9.34 17.46 -4.91
N PHE A 129 9.96 18.65 -5.03
CA PHE A 129 10.73 18.97 -6.21
C PHE A 129 11.97 18.12 -6.21
N PHE A 130 12.41 17.68 -5.00
CA PHE A 130 13.60 16.87 -4.89
C PHE A 130 13.19 15.44 -4.73
N ALA A 131 11.99 15.09 -5.24
CA ALA A 131 11.51 13.75 -5.14
C ALA A 131 11.07 13.35 -6.51
N ARG A 132 11.94 12.59 -7.19
CA ARG A 132 11.66 12.11 -8.51
C ARG A 132 10.44 11.25 -8.46
N ARG A 133 9.55 11.40 -9.49
CA ARG A 133 8.32 10.63 -9.55
C ARG A 133 8.67 9.18 -9.66
N GLU A 134 9.89 8.88 -10.14
CA GLU A 134 10.31 7.52 -10.27
C GLU A 134 11.04 7.20 -9.02
N GLY A 135 10.28 6.76 -8.01
CA GLY A 135 10.88 6.43 -6.75
C GLY A 135 10.10 7.08 -5.63
N LEU A 136 8.90 7.64 -5.91
CA LEU A 136 8.13 8.24 -4.85
C LEU A 136 7.77 7.15 -3.90
N HIS A 137 8.10 7.35 -2.61
CA HIS A 137 7.86 6.35 -1.61
C HIS A 137 6.46 6.48 -1.09
N VAL A 138 5.93 5.34 -0.60
CA VAL A 138 4.61 5.33 -0.05
C VAL A 138 4.72 5.95 1.31
N HIS A 139 3.80 6.85 1.60
CA HIS A 139 3.80 7.56 2.84
C HIS A 139 2.39 7.56 3.32
N LEU A 140 2.15 7.31 4.61
CA LEU A 140 0.80 7.29 5.09
C LEU A 140 0.39 8.70 5.37
N GLN A 141 -0.80 9.08 4.87
CA GLN A 141 -1.31 10.40 5.07
C GLN A 141 -2.66 10.22 5.67
N LEU A 142 -3.12 11.21 6.45
CA LEU A 142 -4.42 11.08 7.07
C LEU A 142 -5.45 11.50 6.05
N VAL A 143 -6.65 10.90 6.17
CA VAL A 143 -7.72 11.20 5.24
C VAL A 143 -8.08 12.66 5.35
N ASP A 144 -8.58 13.22 4.23
CA ASP A 144 -8.98 14.60 4.20
C ASP A 144 -10.23 14.62 3.38
N LYS A 145 -11.39 14.57 4.07
CA LYS A 145 -12.67 14.54 3.39
C LYS A 145 -12.93 15.89 2.78
N ARG A 146 -12.25 16.93 3.29
CA ARG A 146 -12.45 18.27 2.78
C ARG A 146 -11.83 18.35 1.41
N HIS A 147 -10.91 17.42 1.08
CA HIS A 147 -10.26 17.45 -0.20
C HIS A 147 -10.08 16.02 -0.65
N LEU A 148 -11.15 15.48 -1.30
CA LEU A 148 -11.11 14.12 -1.79
C LEU A 148 -10.77 14.15 -3.25
N ASP A 149 -10.47 15.36 -3.78
CA ASP A 149 -10.17 15.48 -5.19
C ASP A 149 -8.69 15.29 -5.39
N ARG A 150 -8.01 14.71 -4.39
CA ARG A 150 -6.60 14.47 -4.49
C ARG A 150 -6.43 13.16 -5.19
N LYS A 151 -5.96 13.22 -6.45
CA LYS A 151 -5.76 12.03 -7.24
C LYS A 151 -4.66 11.19 -6.62
N GLU A 152 -3.80 11.82 -5.77
CA GLU A 152 -2.73 11.09 -5.14
C GLU A 152 -3.29 10.21 -4.06
N GLN A 153 -4.53 10.52 -3.60
CA GLN A 153 -5.14 9.72 -2.57
C GLN A 153 -6.05 8.75 -3.26
N ARG A 154 -6.14 8.81 -4.60
CA ARG A 154 -7.00 7.92 -5.32
C ARG A 154 -6.14 6.81 -5.84
N TRP A 155 -6.60 5.55 -5.65
CA TRP A 155 -5.83 4.42 -6.09
C TRP A 155 -6.64 3.66 -7.08
N ASP A 156 -5.97 3.18 -8.15
CA ASP A 156 -6.63 2.42 -9.17
C ASP A 156 -6.01 1.06 -9.16
N PHE A 157 -6.71 0.05 -9.73
CA PHE A 157 -6.18 -1.29 -9.74
C PHE A 157 -6.23 -1.78 -11.14
N VAL A 158 -5.20 -2.55 -11.53
CA VAL A 158 -5.13 -3.09 -12.86
C VAL A 158 -4.86 -4.55 -12.70
N LEU A 159 -5.46 -5.38 -13.57
CA LEU A 159 -5.29 -6.80 -13.49
C LEU A 159 -4.38 -7.20 -14.62
N PRO A 160 -3.62 -8.25 -14.42
CA PRO A 160 -2.71 -8.75 -15.43
C PRO A 160 -3.40 -9.34 -16.62
N VAL A 161 -2.75 -9.25 -17.79
CA VAL A 161 -3.33 -9.78 -19.00
C VAL A 161 -2.39 -10.85 -19.48
N VAL A 162 -2.93 -12.07 -19.69
CA VAL A 162 -2.11 -13.16 -20.16
C VAL A 162 -2.08 -13.09 -21.70
#